data_8DAW
#
_entry.id   8DAW
#
_cell.length_a   1.00
_cell.length_b   1.00
_cell.length_c   1.00
_cell.angle_alpha   90.00
_cell.angle_beta   90.00
_cell.angle_gamma   90.00
#
_symmetry.space_group_name_H-M   'P 1'
#
loop_
_entity.id
_entity.type
_entity.pdbx_description
1 polymer 'Cell division control protein 48'
2 polymer 'Nuclear protein localization protein 4'
3 polymer 'Ubiquitin fusion degradation protein 1'
4 polymer Ubiquitin
5 non-polymer "ADENOSINE-5'-TRIPHOSPHATE"
6 non-polymer "ADENOSINE-5'-DIPHOSPHATE"
7 non-polymer 'ZINC ION'
#
loop_
_entity_poly.entity_id
_entity_poly.type
_entity_poly.pdbx_seq_one_letter_code
_entity_poly.pdbx_strand_id
1 'polypeptide(L)'
;GSHMGEEHKPLLDASGVDPREEDKTATAILRRKKKDNMLLVDDAINDDNSVIAINSNTMDKLELFRGDTVLVKGKKRKDT
VLIVLIDDELEDGACRINRVVRNNLRIRLGDLVTIHPCPDIKYATRISVLPIADTIEGITGNLFDVFLKPYFVEAYRPVR
KGDHFVVRGGMRQVEFKVVDVEPEEYAVVAQDTIIHWEGEPINREDEENNMNEVGYDDIGGCRKQMAQIREMVELPLRHP
QLFKAIGIKPPRGVLMYGPPGTGKTLMARAVANETGAFFFLINGPEVMSKMAGESESNLRKAFEEAEKNAPAIIFIDEID
SIAPKRDKTNGEVERRVVSQLLTLMDGMKARSNVVVIAATNRPNSIDPALRRFGRFDREVDIGIPDATGRLEVLRIHTKN
MKLADDVDLEALAAETHGYVGADIASLCSEAAMQQIREKMDLIDLDEDEIDAEVLDSLGVTMDNFRFALGNSNPSALRET
VVESVNVTWDDVGGLDEIKEELKETVEYPVLHPDQYTKFGLSPSKGVLFYGPPGTGKTLLAKAVATEVSANFISVKGPEL
LSMWYGESESNIRDIFDKARAAAPTVVFLDELDSIAKARGGSLGDAGGASDRVVNQLLTEMDGMNAKKNVFVIGATNRPD
QIDPAILRPGRLDQLIYVPLPDENARLSILNAQLRKTPLEPGLELTAIAKATQGFSGADLLYIVQRAAKYAIKDSIEAHR
QHEAEKEVKVEGEDVEMTDEGAKAEQEPEVDPVPYITKEHFAEAMKTAKRSVSDAELRRYEAYSQQMKASRGQFSNFNFN
DAPLGTTATDNANSNNSAPSGAGAAFGSNAEEDDDLYS
;
A,B,C,D,E,F
2 'polypeptide(L)'
;GSHMLIRFRSKNGTHRVSCQENDLFGTVIEKLVGNLDPNADVDTFTVCEKPGQGIHAVSELADRTVMDLGLKHGDMLILN
YSDKPANEKDGVNVEIGSVGIDSKGIRQHRYGPLRIKELAVDEELEKEDGLIPRQKSKLCKHGDRGMCEYCSPLPPWDKE
YHEKNKIKHISFHSYLKKLNENANKKENGSSYISPLSEPDFRINKRCHNGHEPWPRGICSKCQPSAITLQQQEFRMVDHV
EFQKSEIINEFIQAWRYTGMQRFGYMYGSYSKYDNTPLGIKAVVEAIYEPPQHDEQDGLTMDVEQVKNEMLQIDRQAQEM
GLSRIGLIFTDLSDAGAGDGSVFCKRHKDSFFLSSLEVIMAARHQTRHPNVSKYSEQGFFSSKFVTCVISGNLEGEIDIS
SYQVSTEAEALVTADMISGSTFPSMAYINDTTDERYVPEIFYMKSNEYGITVKENAKPAFPVDYLLVTLTHGFPNTDTET
NSKFVSSTGFPWSNRQAMGQSQDYQELKKYLFNVASSGDFNLLHEKISNFHLLLYINSLQILSPDEWKLLIESAVKNEWE
ESLLKLVSSAGWQTLVMILQESG
;
G
3 'polypeptide(L)'
;GSMFSGFSSFGGGNGFVNMPQTFEEFFRCYPIAMMNDRIRKDDANFGGKIFLPPSALSKLSMLNIRYPMLFKLTANETGR
VTHGGVLEFIAEEGRVYLPQWMMETLGIQPGSLLQISSTDVPLGQFVKLEPQSVDFLDISDPKAVLENVLRNFSTLTVDD
VIEISYNGKTFKIKILEVKPESSSKSICVIETDLVTDFAPPVGYVEPDYKALKAQQDKEKKNSFGKGQVLDPSVLGQGSM
STRIDYAGIANSSRNKLSKFVGQGQNISGKAPKAEPKQDIKDMKITFDGEPAKLDLPEGQLFFGFPMVLPKEDEESAAGS
KSSEQNFQGQGISLRKSNKRKTKSDHDSSKSKAPKSPEVIEID
;
H
4 'polypeptide(L)' MQIFVKTLTGKTITLEVESSDTIDNVKSKIQDKEGIPPDQQRLIFAGKQLEDGRTLSDYNIQKESTLHLVLRLRGG I,J,K,L
#
loop_
_chem_comp.id
_chem_comp.type
_chem_comp.name
_chem_comp.formula
ADP non-polymer ADENOSINE-5'-DIPHOSPHATE 'C10 H15 N5 O10 P2'
ATP non-polymer ADENOSINE-5'-TRIPHOSPHATE 'C10 H16 N5 O13 P3'
ZN non-polymer 'ZINC ION' 'Zn 2'
#
# COMPACT_ATOMS: atom_id res chain seq x y z
N ASP A 36 -60.24 9.21 -31.61
CA ASP A 36 -60.17 8.41 -32.83
C ASP A 36 -59.43 8.91 -34.08
N ASN A 37 -58.65 9.99 -33.92
CA ASN A 37 -57.88 10.50 -35.03
C ASN A 37 -56.81 9.51 -35.49
N MET A 38 -56.45 8.54 -34.65
CA MET A 38 -55.49 7.53 -35.05
C MET A 38 -56.00 6.74 -36.24
N LEU A 39 -55.11 6.41 -37.17
CA LEU A 39 -55.45 5.70 -38.38
C LEU A 39 -54.65 4.41 -38.46
N LEU A 40 -55.23 3.41 -39.13
CA LEU A 40 -54.62 2.08 -39.21
C LEU A 40 -53.59 2.04 -40.32
N VAL A 41 -52.40 1.52 -39.99
CA VAL A 41 -51.32 1.39 -40.96
C VAL A 41 -51.63 0.21 -41.88
N ASP A 42 -51.53 0.43 -43.18
CA ASP A 42 -51.78 -0.59 -44.18
C ASP A 42 -50.68 -0.74 -45.22
N ASP A 43 -50.46 -1.98 -45.67
CA ASP A 43 -49.45 -2.22 -46.70
C ASP A 43 -49.83 -1.50 -47.98
N ALA A 44 -48.82 -1.00 -48.69
CA ALA A 44 -49.02 -0.26 -49.93
C ALA A 44 -48.23 -0.92 -51.05
N ILE A 45 -48.89 -1.14 -52.19
CA ILE A 45 -48.20 -1.69 -53.35
C ILE A 45 -47.25 -0.66 -53.94
N ASN A 46 -47.66 0.61 -53.97
CA ASN A 46 -46.83 1.66 -54.55
C ASN A 46 -45.55 1.84 -53.74
N ASP A 47 -44.47 2.17 -54.44
CA ASP A 47 -43.16 2.36 -53.83
C ASP A 47 -42.81 3.83 -53.65
N ASP A 48 -43.74 4.74 -53.91
CA ASP A 48 -43.44 6.16 -53.78
C ASP A 48 -43.15 6.51 -52.33
N ASN A 49 -42.18 7.39 -52.13
CA ASN A 49 -41.71 7.77 -50.80
C ASN A 49 -42.27 9.08 -50.30
N SER A 50 -43.15 9.74 -51.07
CA SER A 50 -43.70 11.02 -50.65
C SER A 50 -45.19 11.14 -50.96
N VAL A 51 -45.90 10.02 -51.11
CA VAL A 51 -47.31 10.01 -51.44
C VAL A 51 -48.03 9.08 -50.47
N ILE A 52 -49.09 9.59 -49.85
CA ILE A 52 -49.98 8.78 -49.02
C ILE A 52 -51.39 8.95 -49.56
N ALA A 53 -52.01 7.86 -49.99
CA ALA A 53 -53.33 7.89 -50.58
C ALA A 53 -54.36 7.49 -49.52
N ILE A 54 -55.40 8.32 -49.36
CA ILE A 54 -56.46 8.07 -48.39
C ILE A 54 -57.79 8.52 -48.99
N ASN A 55 -58.87 7.98 -48.45
CA ASN A 55 -60.20 8.34 -48.91
C ASN A 55 -60.55 9.75 -48.42
N SER A 56 -61.47 10.39 -49.14
CA SER A 56 -61.90 11.73 -48.74
C SER A 56 -62.56 11.71 -47.37
N ASN A 57 -63.20 10.61 -47.01
CA ASN A 57 -63.79 10.51 -45.68
C ASN A 57 -62.72 10.53 -44.59
N THR A 58 -61.51 10.06 -44.91
CA THR A 58 -60.41 10.18 -43.95
C THR A 58 -60.12 11.65 -43.67
N MET A 59 -60.11 12.48 -44.70
CA MET A 59 -59.99 13.93 -44.48
C MET A 59 -61.18 14.46 -43.70
N ASP A 60 -62.39 13.96 -44.02
CA ASP A 60 -63.58 14.43 -43.33
C ASP A 60 -63.51 14.15 -41.83
N LYS A 61 -62.90 13.02 -41.45
CA LYS A 61 -62.76 12.72 -40.02
C LYS A 61 -61.98 13.81 -39.31
N LEU A 62 -60.86 14.24 -39.89
CA LEU A 62 -60.08 15.34 -39.38
C LEU A 62 -60.40 16.66 -40.06
N GLU A 63 -61.37 16.67 -40.97
CA GLU A 63 -61.73 17.87 -41.73
C GLU A 63 -60.51 18.43 -42.47
N LEU A 64 -59.67 17.53 -42.98
CA LEU A 64 -58.51 17.94 -43.75
C LEU A 64 -58.93 18.46 -45.12
N PHE A 65 -58.10 19.31 -45.70
CA PHE A 65 -58.37 19.94 -46.99
C PHE A 65 -57.33 19.46 -48.00
N ARG A 66 -57.80 19.22 -49.22
CA ARG A 66 -56.92 18.70 -50.26
C ARG A 66 -55.81 19.68 -50.57
N GLY A 67 -54.63 19.14 -50.89
CA GLY A 67 -53.47 19.94 -51.24
C GLY A 67 -52.55 20.29 -50.10
N ASP A 68 -52.67 19.62 -48.95
CA ASP A 68 -51.83 19.88 -47.80
C ASP A 68 -51.23 18.57 -47.30
N THR A 69 -49.98 18.63 -46.86
CA THR A 69 -49.32 17.47 -46.28
C THR A 69 -49.87 17.21 -44.88
N VAL A 70 -49.66 15.99 -44.41
CA VAL A 70 -50.10 15.56 -43.09
C VAL A 70 -48.94 14.95 -42.34
N LEU A 71 -48.96 15.10 -41.02
CA LEU A 71 -47.95 14.56 -40.11
C LEU A 71 -48.46 13.26 -39.53
N VAL A 72 -47.73 12.18 -39.77
CA VAL A 72 -48.04 10.86 -39.22
C VAL A 72 -46.98 10.53 -38.19
N LYS A 73 -47.42 10.28 -36.96
CA LYS A 73 -46.53 9.96 -35.85
C LYS A 73 -46.85 8.57 -35.35
N GLY A 74 -45.82 7.73 -35.20
CA GLY A 74 -46.01 6.35 -34.78
C GLY A 74 -45.63 6.11 -33.34
N LYS A 75 -44.46 5.50 -33.13
CA LYS A 75 -44.01 5.13 -31.80
C LYS A 75 -42.53 5.47 -31.66
N LYS A 76 -42.08 5.59 -30.41
CA LYS A 76 -40.69 5.92 -30.11
C LYS A 76 -40.26 7.22 -30.78
N ARG A 77 -41.13 8.23 -30.70
CA ARG A 77 -40.81 9.56 -31.22
C ARG A 77 -40.40 9.50 -32.68
N LYS A 78 -41.14 8.73 -33.47
CA LYS A 78 -40.91 8.63 -34.91
C LYS A 78 -42.08 9.28 -35.63
N ASP A 79 -41.77 10.18 -36.56
CA ASP A 79 -42.80 10.93 -37.27
C ASP A 79 -42.31 11.25 -38.67
N THR A 80 -43.28 11.55 -39.54
CA THR A 80 -42.98 11.90 -40.93
C THR A 80 -44.09 12.79 -41.47
N VAL A 81 -43.81 13.45 -42.59
CA VAL A 81 -44.76 14.31 -43.26
C VAL A 81 -44.94 13.81 -44.68
N LEU A 82 -46.19 13.58 -45.08
CA LEU A 82 -46.50 12.99 -46.38
C LEU A 82 -47.53 13.82 -47.13
N ILE A 83 -47.37 13.89 -48.45
CA ILE A 83 -48.34 14.56 -49.31
C ILE A 83 -49.53 13.64 -49.51
N VAL A 84 -50.72 14.17 -49.23
CA VAL A 84 -51.96 13.38 -49.25
C VAL A 84 -52.56 13.41 -50.65
N LEU A 85 -53.07 12.26 -51.07
CA LEU A 85 -53.83 12.14 -52.31
C LEU A 85 -55.14 11.44 -52.01
N ILE A 86 -56.13 11.68 -52.87
CA ILE A 86 -57.46 11.10 -52.74
C ILE A 86 -57.52 9.87 -53.63
N ASP A 87 -57.82 8.72 -53.04
CA ASP A 87 -57.98 7.46 -53.76
C ASP A 87 -59.27 6.82 -53.27
N ASP A 88 -60.36 7.04 -54.00
CA ASP A 88 -61.67 6.55 -53.57
C ASP A 88 -61.71 5.03 -53.45
N GLU A 89 -60.80 4.32 -54.13
CA GLU A 89 -60.78 2.86 -54.02
C GLU A 89 -60.54 2.43 -52.58
N LEU A 90 -59.61 3.08 -51.90
CA LEU A 90 -59.34 2.75 -50.50
C LEU A 90 -60.58 2.97 -49.66
N GLU A 91 -60.89 1.99 -48.82
CA GLU A 91 -62.03 2.11 -47.92
C GLU A 91 -61.72 3.13 -46.82
N ASP A 92 -62.78 3.72 -46.27
CA ASP A 92 -62.61 4.76 -45.27
C ASP A 92 -61.79 4.25 -44.10
N GLY A 93 -60.79 5.04 -43.69
CA GLY A 93 -59.86 4.63 -42.66
C GLY A 93 -58.70 3.81 -43.14
N ALA A 94 -58.58 3.57 -44.44
CA ALA A 94 -57.48 2.81 -45.01
C ALA A 94 -56.50 3.76 -45.68
N CYS A 95 -55.21 3.55 -45.44
CA CYS A 95 -54.16 4.39 -45.97
C CYS A 95 -53.28 3.59 -46.93
N ARG A 96 -52.35 4.29 -47.58
CA ARG A 96 -51.45 3.70 -48.58
C ARG A 96 -50.08 4.35 -48.40
N ILE A 97 -49.22 3.70 -47.62
CA ILE A 97 -47.86 4.16 -47.38
C ILE A 97 -46.91 3.03 -47.74
N ASN A 98 -45.85 3.37 -48.48
CA ASN A 98 -44.88 2.37 -48.91
C ASN A 98 -44.19 1.76 -47.69
N ARG A 99 -43.54 0.61 -47.92
CA ARG A 99 -42.85 -0.09 -46.84
C ARG A 99 -41.66 0.70 -46.32
N VAL A 100 -41.04 1.51 -47.18
CA VAL A 100 -39.84 2.24 -46.76
C VAL A 100 -40.18 3.25 -45.67
N VAL A 101 -41.30 3.97 -45.82
CA VAL A 101 -41.69 4.95 -44.81
C VAL A 101 -42.00 4.28 -43.49
N ARG A 102 -42.71 3.14 -43.54
CA ARG A 102 -42.99 2.40 -42.31
C ARG A 102 -41.72 1.94 -41.64
N ASN A 103 -40.76 1.42 -42.42
CA ASN A 103 -39.49 0.99 -41.85
C ASN A 103 -38.75 2.15 -41.22
N ASN A 104 -38.78 3.32 -41.87
CA ASN A 104 -38.15 4.50 -41.29
C ASN A 104 -38.81 4.89 -39.98
N LEU A 105 -40.14 4.83 -39.93
CA LEU A 105 -40.88 5.14 -38.71
C LEU A 105 -40.74 4.05 -37.65
N ARG A 106 -40.17 2.89 -38.01
CA ARG A 106 -40.01 1.78 -37.07
C ARG A 106 -41.37 1.20 -36.68
N ILE A 107 -42.24 1.01 -37.67
CA ILE A 107 -43.59 0.52 -37.45
C ILE A 107 -43.87 -0.61 -38.43
N ARG A 108 -44.85 -1.44 -38.07
CA ARG A 108 -45.26 -2.59 -38.88
C ARG A 108 -46.68 -2.37 -39.40
N LEU A 109 -47.11 -3.30 -40.26
CA LEU A 109 -48.43 -3.24 -40.84
C LEU A 109 -49.49 -3.42 -39.76
N GLY A 110 -50.61 -2.71 -39.91
CA GLY A 110 -51.70 -2.81 -38.98
C GLY A 110 -51.55 -1.97 -37.72
N ASP A 111 -50.51 -1.17 -37.62
CA ASP A 111 -50.33 -0.31 -36.46
C ASP A 111 -51.27 0.88 -36.52
N LEU A 112 -51.43 1.56 -35.38
CA LEU A 112 -52.21 2.79 -35.28
C LEU A 112 -51.25 3.96 -35.16
N VAL A 113 -51.38 4.92 -36.08
CA VAL A 113 -50.52 6.09 -36.12
C VAL A 113 -51.38 7.34 -36.03
N THR A 114 -50.93 8.31 -35.25
CA THR A 114 -51.66 9.56 -35.10
C THR A 114 -51.42 10.45 -36.31
N ILE A 115 -52.50 10.97 -36.89
CA ILE A 115 -52.43 11.81 -38.08
C ILE A 115 -52.91 13.20 -37.71
N HIS A 116 -52.11 14.21 -38.04
CA HIS A 116 -52.40 15.60 -37.76
C HIS A 116 -52.22 16.42 -39.03
N PRO A 117 -52.90 17.58 -39.12
CA PRO A 117 -52.70 18.45 -40.29
C PRO A 117 -51.30 19.05 -40.31
N CYS A 118 -51.03 19.90 -41.31
CA CYS A 118 -49.74 20.57 -41.45
C CYS A 118 -49.98 22.06 -41.64
N PRO A 119 -50.51 22.74 -40.62
CA PRO A 119 -50.78 24.17 -40.76
C PRO A 119 -49.52 25.01 -41.00
N ASP A 120 -48.38 24.55 -40.51
CA ASP A 120 -47.12 25.30 -40.63
C ASP A 120 -46.25 24.79 -41.76
N ILE A 121 -46.87 24.39 -42.87
CA ILE A 121 -46.11 23.89 -44.02
C ILE A 121 -45.11 24.96 -44.45
N LYS A 122 -43.86 24.55 -44.61
CA LYS A 122 -42.77 25.46 -44.96
C LYS A 122 -41.87 24.78 -45.97
N TYR A 123 -41.21 25.60 -46.79
CA TYR A 123 -40.28 25.10 -47.79
C TYR A 123 -38.85 25.10 -47.23
N ALA A 124 -37.99 24.30 -47.87
CA ALA A 124 -36.61 24.14 -47.44
C ALA A 124 -35.70 25.09 -48.21
N THR A 125 -34.79 25.75 -47.48
CA THR A 125 -33.85 26.69 -48.06
C THR A 125 -32.47 26.08 -48.27
N ARG A 126 -32.00 25.24 -47.34
CA ARG A 126 -30.70 24.60 -47.48
C ARG A 126 -30.78 23.21 -46.83
N ILE A 127 -30.60 22.17 -47.64
CA ILE A 127 -30.64 20.80 -47.16
C ILE A 127 -29.32 20.13 -47.49
N SER A 128 -28.77 19.43 -46.50
CA SER A 128 -27.52 18.70 -46.66
C SER A 128 -27.82 17.22 -46.50
N VAL A 129 -27.42 16.43 -47.50
CA VAL A 129 -27.67 14.99 -47.49
C VAL A 129 -26.43 14.30 -48.06
N LEU A 130 -26.10 13.14 -47.51
CA LEU A 130 -24.97 12.34 -47.94
C LEU A 130 -25.43 10.94 -48.34
N PRO A 131 -24.66 10.26 -49.19
CA PRO A 131 -25.06 8.91 -49.61
C PRO A 131 -24.58 7.83 -48.66
N ILE A 132 -24.95 6.58 -48.94
CA ILE A 132 -24.53 5.43 -48.14
C ILE A 132 -23.65 4.56 -49.04
N ALA A 133 -22.43 4.29 -48.58
CA ALA A 133 -21.48 3.56 -49.41
C ALA A 133 -21.96 2.16 -49.79
N ASP A 134 -22.46 1.39 -48.82
CA ASP A 134 -22.92 0.04 -49.13
C ASP A 134 -24.08 0.04 -50.11
N THR A 135 -24.84 1.13 -50.20
CA THR A 135 -25.92 1.24 -51.17
C THR A 135 -25.45 1.63 -52.56
N ILE A 136 -24.22 2.12 -52.69
CA ILE A 136 -23.68 2.52 -53.99
C ILE A 136 -22.69 1.49 -54.52
N GLU A 137 -22.64 0.31 -53.93
CA GLU A 137 -21.72 -0.72 -54.39
C GLU A 137 -22.10 -1.18 -55.79
N GLY A 138 -21.09 -1.37 -56.63
CA GLY A 138 -21.28 -1.83 -57.99
C GLY A 138 -21.39 -0.73 -59.02
N ILE A 139 -21.68 0.50 -58.61
CA ILE A 139 -21.74 1.65 -59.51
C ILE A 139 -21.00 2.81 -58.84
N THR A 140 -20.07 3.40 -59.57
CA THR A 140 -19.30 4.54 -59.09
C THR A 140 -19.86 5.83 -59.70
N GLY A 141 -19.16 6.93 -59.45
CA GLY A 141 -19.57 8.22 -59.98
C GLY A 141 -20.47 8.98 -59.03
N ASN A 142 -20.75 10.23 -59.42
CA ASN A 142 -21.56 11.15 -58.61
C ASN A 142 -22.98 11.13 -59.16
N LEU A 143 -23.87 10.42 -58.47
CA LEU A 143 -25.28 10.35 -58.84
C LEU A 143 -26.11 11.46 -58.19
N PHE A 144 -25.49 12.29 -57.34
CA PHE A 144 -26.24 13.39 -56.75
C PHE A 144 -26.76 14.34 -57.83
N ASP A 145 -25.91 14.68 -58.80
CA ASP A 145 -26.35 15.53 -59.90
C ASP A 145 -27.42 14.83 -60.73
N VAL A 146 -27.29 13.52 -60.91
CA VAL A 146 -28.28 12.77 -61.69
C VAL A 146 -29.64 12.81 -61.01
N PHE A 147 -29.66 12.78 -59.68
CA PHE A 147 -30.91 12.74 -58.93
C PHE A 147 -31.45 14.12 -58.59
N LEU A 148 -30.63 15.16 -58.65
CA LEU A 148 -31.07 16.48 -58.22
C LEU A 148 -32.28 16.95 -59.03
N LYS A 149 -32.17 16.93 -60.36
CA LYS A 149 -33.22 17.46 -61.20
C LYS A 149 -34.42 16.51 -61.27
N PRO A 150 -34.24 15.25 -61.70
CA PRO A 150 -35.40 14.40 -61.91
C PRO A 150 -36.25 14.18 -60.66
N TYR A 151 -35.62 14.10 -59.50
CA TYR A 151 -36.34 13.77 -58.27
C TYR A 151 -36.94 14.99 -57.58
N PHE A 152 -36.40 16.18 -57.79
CA PHE A 152 -36.88 17.41 -57.19
C PHE A 152 -37.24 18.44 -58.27
N VAL A 153 -37.93 17.99 -59.32
CA VAL A 153 -38.36 18.90 -60.39
C VAL A 153 -39.72 19.43 -59.96
N GLU A 154 -39.69 20.48 -59.15
CA GLU A 154 -40.91 21.12 -58.63
C GLU A 154 -41.79 20.14 -57.86
N ALA A 155 -41.20 19.03 -57.39
CA ALA A 155 -41.99 18.03 -56.68
C ALA A 155 -42.48 18.56 -55.34
N TYR A 156 -41.66 19.37 -54.66
CA TYR A 156 -42.00 19.90 -53.34
C TYR A 156 -42.31 18.75 -52.37
N ARG A 157 -41.42 17.77 -52.34
CA ARG A 157 -41.59 16.62 -51.45
C ARG A 157 -41.26 17.03 -50.03
N PRO A 158 -42.18 16.89 -49.06
CA PRO A 158 -41.83 17.25 -47.68
C PRO A 158 -40.69 16.40 -47.17
N VAL A 159 -39.81 17.01 -46.39
CA VAL A 159 -38.61 16.35 -45.89
C VAL A 159 -38.51 16.58 -44.39
N ARG A 160 -37.86 15.66 -43.69
CA ARG A 160 -37.64 15.79 -42.26
C ARG A 160 -36.28 15.19 -41.92
N LYS A 161 -35.73 15.64 -40.80
CA LYS A 161 -34.42 15.16 -40.35
C LYS A 161 -34.43 13.65 -40.20
N GLY A 162 -33.38 13.01 -40.71
CA GLY A 162 -33.20 11.59 -40.54
C GLY A 162 -33.98 10.72 -41.50
N ASP A 163 -34.74 11.30 -42.42
CA ASP A 163 -35.52 10.51 -43.35
C ASP A 163 -34.60 9.78 -44.34
N HIS A 164 -35.08 8.65 -44.83
CA HIS A 164 -34.41 7.87 -45.86
C HIS A 164 -35.26 7.89 -47.12
N PHE A 165 -34.65 8.31 -48.23
CA PHE A 165 -35.33 8.39 -49.51
C PHE A 165 -34.54 7.63 -50.56
N VAL A 166 -35.24 6.86 -51.39
CA VAL A 166 -34.64 5.99 -52.39
C VAL A 166 -34.88 6.59 -53.77
N VAL A 167 -33.82 6.68 -54.56
CA VAL A 167 -33.89 7.17 -55.93
C VAL A 167 -33.20 6.17 -56.84
N ARG A 168 -33.70 6.08 -58.08
CA ARG A 168 -33.19 5.12 -59.05
C ARG A 168 -32.12 5.79 -59.91
N GLY A 169 -30.92 5.22 -59.89
CA GLY A 169 -29.84 5.70 -60.73
C GLY A 169 -29.22 4.58 -61.54
N GLY A 170 -29.20 4.73 -62.85
CA GLY A 170 -28.67 3.67 -63.70
C GLY A 170 -29.37 2.36 -63.42
N MET A 171 -28.59 1.31 -63.20
CA MET A 171 -29.11 0.00 -62.84
C MET A 171 -29.20 -0.29 -61.35
N ARG A 172 -29.32 0.75 -60.52
CA ARG A 172 -29.35 0.60 -59.07
C ARG A 172 -30.45 1.48 -58.48
N GLN A 173 -30.88 1.12 -57.27
CA GLN A 173 -31.83 1.90 -56.49
C GLN A 173 -31.13 2.24 -55.17
N VAL A 174 -30.67 3.49 -55.05
CA VAL A 174 -29.82 3.90 -53.94
C VAL A 174 -30.63 4.73 -52.96
N GLU A 175 -30.47 4.46 -51.67
CA GLU A 175 -31.17 5.17 -50.61
C GLU A 175 -30.20 6.11 -49.90
N PHE A 176 -30.60 7.37 -49.75
CA PHE A 176 -29.84 8.38 -49.04
C PHE A 176 -30.60 8.82 -47.80
N LYS A 177 -29.88 9.49 -46.90
CA LYS A 177 -30.42 9.93 -45.62
C LYS A 177 -30.39 11.45 -45.54
N VAL A 178 -31.36 12.00 -44.81
CA VAL A 178 -31.50 13.44 -44.64
C VAL A 178 -30.62 13.85 -43.46
N VAL A 179 -29.42 14.33 -43.76
CA VAL A 179 -28.49 14.73 -42.69
C VAL A 179 -28.99 15.97 -41.99
N ASP A 180 -29.39 17.00 -42.75
CA ASP A 180 -29.82 18.24 -42.14
C ASP A 180 -30.71 19.00 -43.11
N VAL A 181 -31.61 19.80 -42.55
CA VAL A 181 -32.56 20.61 -43.32
C VAL A 181 -32.73 21.95 -42.61
N GLU A 182 -32.83 23.03 -43.40
CA GLU A 182 -33.11 24.35 -42.87
C GLU A 182 -34.02 25.06 -43.86
N PRO A 183 -35.03 25.81 -43.38
CA PRO A 183 -35.34 26.09 -41.97
C PRO A 183 -36.04 24.92 -41.27
N GLU A 184 -36.01 24.94 -39.94
CA GLU A 184 -36.60 23.87 -39.15
C GLU A 184 -38.12 24.05 -39.06
N GLU A 185 -38.81 22.98 -38.70
CA GLU A 185 -38.18 21.69 -38.37
C GLU A 185 -38.03 20.60 -39.44
N TYR A 186 -39.00 20.52 -40.35
CA TYR A 186 -38.98 19.53 -41.43
C TYR A 186 -38.97 20.17 -42.80
N ALA A 187 -39.87 21.11 -43.07
CA ALA A 187 -39.87 21.87 -44.31
C ALA A 187 -40.14 20.99 -45.54
N VAL A 188 -40.22 21.64 -46.70
CA VAL A 188 -40.48 20.96 -47.96
C VAL A 188 -39.35 21.27 -48.93
N VAL A 189 -39.07 20.33 -49.81
CA VAL A 189 -37.94 20.45 -50.74
C VAL A 189 -38.35 21.31 -51.93
N ALA A 190 -38.15 22.61 -51.82
CA ALA A 190 -38.43 23.51 -52.93
C ALA A 190 -37.30 23.44 -53.96
N GLN A 191 -37.63 23.84 -55.18
CA GLN A 191 -36.63 23.80 -56.26
C GLN A 191 -35.48 24.75 -55.95
N ASP A 192 -35.78 25.93 -55.41
CA ASP A 192 -34.73 26.89 -55.07
C ASP A 192 -33.87 26.41 -53.90
N THR A 193 -34.29 25.36 -53.20
CA THR A 193 -33.51 24.85 -52.08
C THR A 193 -32.12 24.43 -52.55
N ILE A 194 -31.11 24.79 -51.77
CA ILE A 194 -29.73 24.47 -52.09
C ILE A 194 -29.39 23.15 -51.43
N ILE A 195 -28.93 22.19 -52.24
CA ILE A 195 -28.67 20.83 -51.78
C ILE A 195 -27.16 20.63 -51.69
N HIS A 196 -26.70 20.16 -50.53
CA HIS A 196 -25.28 19.95 -50.26
C HIS A 196 -25.01 18.46 -50.12
N TRP A 197 -23.84 18.04 -50.63
CA TRP A 197 -23.44 16.64 -50.62
C TRP A 197 -21.97 16.50 -50.27
N GLU A 198 -21.43 17.46 -49.52
CA GLU A 198 -20.01 17.48 -49.18
C GLU A 198 -19.81 16.70 -47.88
N GLY A 199 -19.32 15.47 -48.01
CA GLY A 199 -19.12 14.62 -46.86
C GLY A 199 -18.80 13.20 -47.29
N GLU A 200 -18.74 12.32 -46.29
CA GLU A 200 -18.44 10.91 -46.54
C GLU A 200 -19.65 10.04 -46.22
N PRO A 201 -19.82 8.92 -46.91
CA PRO A 201 -20.94 8.02 -46.59
C PRO A 201 -20.80 7.42 -45.19
N ILE A 202 -21.95 7.13 -44.58
CA ILE A 202 -22.01 6.58 -43.23
C ILE A 202 -22.69 5.22 -43.31
N ASN A 203 -22.14 4.26 -42.56
CA ASN A 203 -22.70 2.91 -42.55
C ASN A 203 -24.17 2.93 -42.14
N ARG A 204 -24.85 1.83 -42.42
CA ARG A 204 -26.26 1.70 -42.07
C ARG A 204 -26.44 1.00 -40.72
N GLU A 205 -25.87 -0.19 -40.57
CA GLU A 205 -25.99 -0.95 -39.34
C GLU A 205 -25.37 -0.24 -38.13
N ASP A 206 -24.50 0.75 -38.37
CA ASP A 206 -23.93 1.50 -37.25
C ASP A 206 -25.02 2.19 -36.44
N GLU A 207 -26.01 2.77 -37.11
CA GLU A 207 -27.11 3.38 -36.38
C GLU A 207 -27.89 2.32 -35.59
N GLU A 208 -28.08 1.14 -36.18
CA GLU A 208 -28.82 0.09 -35.48
C GLU A 208 -28.09 -0.35 -34.22
N ASN A 209 -26.77 -0.49 -34.29
CA ASN A 209 -26.01 -0.97 -33.14
C ASN A 209 -25.69 0.12 -32.14
N ASN A 210 -26.08 1.36 -32.40
CA ASN A 210 -25.80 2.44 -31.46
C ASN A 210 -26.45 2.22 -30.10
N MET A 211 -27.48 1.39 -30.03
CA MET A 211 -28.19 1.12 -28.78
C MET A 211 -29.05 2.31 -28.38
N ASN A 212 -28.99 3.39 -29.16
CA ASN A 212 -29.78 4.58 -28.86
C ASN A 212 -31.26 4.39 -29.15
N GLU A 213 -31.62 3.34 -29.88
CA GLU A 213 -33.01 3.09 -30.28
C GLU A 213 -33.43 1.72 -29.72
N VAL A 214 -34.02 1.74 -28.54
CA VAL A 214 -34.56 0.53 -27.91
C VAL A 214 -35.82 0.92 -27.14
N GLY A 215 -36.96 0.34 -27.51
CA GLY A 215 -38.21 0.63 -26.88
C GLY A 215 -38.62 -0.43 -25.87
N TYR A 216 -39.87 -0.32 -25.42
CA TYR A 216 -40.41 -1.31 -24.48
C TYR A 216 -40.42 -2.71 -25.08
N ASP A 217 -40.42 -2.83 -26.40
CA ASP A 217 -40.51 -4.14 -27.04
C ASP A 217 -39.25 -4.97 -26.84
N ASP A 218 -38.11 -4.35 -26.52
CA ASP A 218 -36.84 -5.04 -26.39
C ASP A 218 -36.60 -5.58 -24.99
N ILE A 219 -37.65 -5.75 -24.19
CA ILE A 219 -37.52 -6.25 -22.83
C ILE A 219 -38.71 -7.15 -22.53
N GLY A 220 -38.46 -8.22 -21.79
CA GLY A 220 -39.53 -9.12 -21.39
C GLY A 220 -39.22 -9.73 -20.04
N GLY A 221 -40.29 -10.12 -19.33
CA GLY A 221 -40.15 -10.71 -18.03
C GLY A 221 -40.00 -9.74 -16.88
N CYS A 222 -40.09 -8.44 -17.13
CA CYS A 222 -39.99 -7.42 -16.08
C CYS A 222 -41.19 -6.49 -16.14
N ARG A 223 -42.38 -7.08 -16.26
CA ARG A 223 -43.60 -6.28 -16.38
C ARG A 223 -43.81 -5.43 -15.13
N LYS A 224 -43.67 -6.03 -13.95
CA LYS A 224 -43.93 -5.30 -12.71
C LYS A 224 -42.90 -4.19 -12.51
N GLN A 225 -41.62 -4.53 -12.62
CA GLN A 225 -40.57 -3.52 -12.42
C GLN A 225 -40.64 -2.45 -13.50
N MET A 226 -40.88 -2.86 -14.75
CA MET A 226 -40.99 -1.89 -15.82
C MET A 226 -42.15 -0.92 -15.57
N ALA A 227 -43.30 -1.45 -15.12
CA ALA A 227 -44.43 -0.59 -14.82
C ALA A 227 -44.10 0.36 -13.68
N GLN A 228 -43.43 -0.14 -12.63
CA GLN A 228 -43.08 0.74 -11.52
C GLN A 228 -42.16 1.86 -11.97
N ILE A 229 -41.15 1.53 -12.79
CA ILE A 229 -40.24 2.55 -13.27
C ILE A 229 -40.97 3.56 -14.14
N ARG A 230 -41.87 3.08 -15.01
CA ARG A 230 -42.65 4.01 -15.82
C ARG A 230 -43.45 4.95 -14.94
N GLU A 231 -44.11 4.41 -13.92
CA GLU A 231 -44.92 5.27 -13.05
C GLU A 231 -44.06 6.29 -12.32
N MET A 232 -42.86 5.89 -11.90
CA MET A 232 -41.99 6.79 -11.13
C MET A 232 -41.22 7.77 -12.00
N VAL A 233 -41.15 7.56 -13.31
CA VAL A 233 -40.38 8.43 -14.20
C VAL A 233 -41.30 9.29 -15.08
N GLU A 234 -42.21 8.65 -15.80
CA GLU A 234 -43.07 9.39 -16.72
C GLU A 234 -43.83 10.51 -16.02
N LEU A 235 -44.46 10.18 -14.89
CA LEU A 235 -45.34 11.14 -14.24
C LEU A 235 -44.61 12.44 -13.88
N PRO A 236 -43.44 12.42 -13.25
CA PRO A 236 -42.74 13.69 -13.02
C PRO A 236 -42.46 14.46 -14.30
N LEU A 237 -42.14 13.77 -15.39
CA LEU A 237 -41.75 14.43 -16.62
C LEU A 237 -42.93 14.74 -17.53
N ARG A 238 -43.75 13.73 -17.83
CA ARG A 238 -44.85 13.93 -18.77
C ARG A 238 -45.92 14.84 -18.21
N HIS A 239 -46.28 14.66 -16.94
CA HIS A 239 -47.38 15.39 -16.31
C HIS A 239 -46.94 15.94 -14.97
N PRO A 240 -46.01 16.89 -14.96
CA PRO A 240 -45.61 17.53 -13.70
C PRO A 240 -46.74 18.29 -13.04
N GLN A 241 -47.76 18.70 -13.78
CA GLN A 241 -48.83 19.50 -13.21
C GLN A 241 -49.62 18.74 -12.15
N LEU A 242 -49.60 17.41 -12.17
CA LEU A 242 -50.33 16.65 -11.16
C LEU A 242 -49.80 16.95 -9.77
N PHE A 243 -48.48 16.95 -9.60
CA PHE A 243 -47.91 17.15 -8.28
C PHE A 243 -48.15 18.57 -7.79
N LYS A 244 -48.07 19.56 -8.68
CA LYS A 244 -48.42 20.92 -8.29
C LYS A 244 -49.88 21.02 -7.89
N ALA A 245 -50.77 20.34 -8.63
CA ALA A 245 -52.18 20.38 -8.30
C ALA A 245 -52.45 19.77 -6.93
N ILE A 246 -51.80 18.64 -6.62
CA ILE A 246 -52.02 17.98 -5.34
C ILE A 246 -51.12 18.55 -4.24
N GLY A 247 -50.19 19.43 -4.57
CA GLY A 247 -49.33 20.04 -3.57
C GLY A 247 -48.33 19.09 -2.99
N ILE A 248 -47.35 18.66 -3.80
CA ILE A 248 -46.31 17.76 -3.33
C ILE A 248 -45.10 17.95 -4.23
N LYS A 249 -43.91 17.76 -3.66
CA LYS A 249 -42.69 17.74 -4.45
C LYS A 249 -42.51 16.35 -5.05
N PRO A 250 -42.46 16.21 -6.37
CA PRO A 250 -42.36 14.87 -6.94
C PRO A 250 -41.06 14.22 -6.53
N PRO A 251 -41.07 12.90 -6.37
CA PRO A 251 -39.83 12.20 -6.00
C PRO A 251 -38.79 12.28 -7.11
N ARG A 252 -37.53 12.21 -6.71
CA ARG A 252 -36.41 12.31 -7.63
C ARG A 252 -35.47 11.12 -7.59
N GLY A 253 -35.24 10.55 -6.41
CA GLY A 253 -34.26 9.48 -6.27
C GLY A 253 -34.83 8.09 -6.49
N VAL A 254 -34.46 7.49 -7.62
CA VAL A 254 -34.86 6.13 -7.95
C VAL A 254 -33.61 5.27 -8.01
N LEU A 255 -33.63 4.14 -7.32
CA LEU A 255 -32.48 3.26 -7.21
C LEU A 255 -32.94 1.85 -7.54
N MET A 256 -32.54 1.34 -8.70
CA MET A 256 -32.85 -0.03 -9.11
C MET A 256 -31.61 -0.88 -8.93
N TYR A 257 -31.72 -1.97 -8.18
CA TYR A 257 -30.61 -2.88 -7.96
C TYR A 257 -31.04 -4.31 -8.23
N GLY A 258 -30.08 -5.12 -8.64
CA GLY A 258 -30.33 -6.50 -8.96
C GLY A 258 -29.06 -7.26 -9.29
N PRO A 259 -29.18 -8.55 -9.57
CA PRO A 259 -28.00 -9.35 -9.87
C PRO A 259 -27.32 -8.83 -11.12
N PRO A 260 -26.01 -9.05 -11.25
CA PRO A 260 -25.29 -8.53 -12.42
C PRO A 260 -25.81 -9.13 -13.71
N GLY A 261 -25.76 -8.34 -14.77
CA GLY A 261 -26.25 -8.80 -16.07
C GLY A 261 -27.72 -9.13 -16.07
N THR A 262 -28.54 -8.31 -15.42
CA THR A 262 -29.97 -8.52 -15.35
C THR A 262 -30.76 -7.59 -16.24
N GLY A 263 -30.10 -6.65 -16.92
CA GLY A 263 -30.78 -5.73 -17.81
C GLY A 263 -31.07 -4.36 -17.24
N LYS A 264 -30.45 -3.98 -16.12
CA LYS A 264 -30.73 -2.69 -15.51
C LYS A 264 -30.44 -1.56 -16.48
N THR A 265 -29.25 -1.56 -17.08
CA THR A 265 -28.89 -0.52 -18.04
C THR A 265 -29.84 -0.52 -19.22
N LEU A 266 -30.16 -1.71 -19.74
CA LEU A 266 -31.05 -1.79 -20.89
C LEU A 266 -32.43 -1.24 -20.54
N MET A 267 -32.96 -1.58 -19.37
CA MET A 267 -34.26 -1.07 -18.97
C MET A 267 -34.22 0.46 -18.84
N ALA A 268 -33.16 0.98 -18.24
CA ALA A 268 -33.04 2.44 -18.10
C ALA A 268 -33.03 3.11 -19.47
N ARG A 269 -32.23 2.57 -20.40
CA ARG A 269 -32.16 3.15 -21.73
C ARG A 269 -33.52 3.07 -22.43
N ALA A 270 -34.22 1.94 -22.29
CA ALA A 270 -35.50 1.78 -22.93
C ALA A 270 -36.50 2.79 -22.41
N VAL A 271 -36.56 2.96 -21.09
CA VAL A 271 -37.52 3.92 -20.53
C VAL A 271 -37.15 5.34 -20.93
N ALA A 272 -35.85 5.65 -20.98
CA ALA A 272 -35.44 6.98 -21.40
C ALA A 272 -35.85 7.26 -22.83
N ASN A 273 -35.63 6.30 -23.73
CA ASN A 273 -36.02 6.50 -25.11
C ASN A 273 -37.54 6.61 -25.26
N GLU A 274 -38.29 5.78 -24.54
CA GLU A 274 -39.74 5.83 -24.61
C GLU A 274 -40.26 7.18 -24.13
N THR A 275 -39.68 7.70 -23.04
CA THR A 275 -40.07 9.02 -22.57
C THR A 275 -39.79 10.09 -23.63
N GLY A 276 -38.65 9.98 -24.31
CA GLY A 276 -38.25 10.95 -25.30
C GLY A 276 -37.55 12.18 -24.76
N ALA A 277 -37.34 12.26 -23.44
CA ALA A 277 -36.67 13.41 -22.87
C ALA A 277 -35.16 13.30 -23.07
N PHE A 278 -34.47 14.41 -22.77
CA PHE A 278 -33.02 14.43 -22.91
C PHE A 278 -32.39 13.40 -21.98
N PHE A 279 -31.30 12.80 -22.44
CA PHE A 279 -30.63 11.73 -21.71
C PHE A 279 -29.16 12.07 -21.49
N PHE A 280 -28.61 11.58 -20.38
CA PHE A 280 -27.21 11.77 -20.07
C PHE A 280 -26.79 10.67 -19.11
N LEU A 281 -25.71 9.96 -19.44
CA LEU A 281 -25.26 8.81 -18.68
C LEU A 281 -23.91 9.10 -18.04
N ILE A 282 -23.70 8.55 -16.85
CA ILE A 282 -22.44 8.62 -16.14
C ILE A 282 -22.06 7.21 -15.71
N ASN A 283 -20.82 6.82 -15.99
CA ASN A 283 -20.31 5.51 -15.61
C ASN A 283 -19.42 5.64 -14.39
N GLY A 284 -19.65 4.78 -13.40
CA GLY A 284 -18.82 4.79 -12.21
C GLY A 284 -17.37 4.50 -12.52
N PRO A 285 -17.11 3.45 -13.30
CA PRO A 285 -15.72 3.18 -13.70
C PRO A 285 -15.09 4.33 -14.47
N GLU A 286 -15.85 4.99 -15.34
CA GLU A 286 -15.31 6.09 -16.12
C GLU A 286 -14.93 7.27 -15.22
N VAL A 287 -15.86 7.70 -14.38
CA VAL A 287 -15.60 8.85 -13.52
C VAL A 287 -14.48 8.54 -12.54
N MET A 288 -14.51 7.35 -11.93
CA MET A 288 -13.49 6.99 -10.96
C MET A 288 -12.11 6.81 -11.58
N SER A 289 -12.02 6.70 -12.89
CA SER A 289 -10.75 6.44 -13.55
C SER A 289 -9.92 7.70 -13.78
N LYS A 290 -10.49 8.88 -13.58
CA LYS A 290 -9.79 10.12 -13.82
C LYS A 290 -9.29 10.72 -12.51
N MET A 291 -8.17 11.43 -12.58
CA MET A 291 -7.55 11.97 -11.39
C MET A 291 -8.52 12.91 -10.66
N ALA A 292 -8.16 13.26 -9.44
CA ALA A 292 -9.01 14.12 -8.62
C ALA A 292 -9.30 15.43 -9.34
N GLY A 293 -10.34 16.12 -8.86
CA GLY A 293 -10.73 17.38 -9.45
C GLY A 293 -11.47 17.19 -10.76
N GLU A 294 -10.85 16.51 -11.72
CA GLU A 294 -11.52 16.27 -13.00
C GLU A 294 -12.86 15.59 -12.79
N SER A 295 -12.95 14.68 -11.82
CA SER A 295 -14.21 13.99 -11.56
C SER A 295 -15.29 14.99 -11.15
N GLU A 296 -14.97 15.89 -10.22
CA GLU A 296 -15.94 16.88 -9.77
C GLU A 296 -16.34 17.80 -10.91
N SER A 297 -15.37 18.19 -11.74
CA SER A 297 -15.69 19.04 -12.88
C SER A 297 -16.66 18.35 -13.82
N ASN A 298 -16.42 17.07 -14.12
CA ASN A 298 -17.32 16.35 -15.01
C ASN A 298 -18.71 16.22 -14.40
N LEU A 299 -18.78 15.92 -13.11
CA LEU A 299 -20.09 15.80 -12.46
C LEU A 299 -20.84 17.12 -12.51
N ARG A 300 -20.17 18.21 -12.20
CA ARG A 300 -20.82 19.51 -12.23
C ARG A 300 -21.29 19.85 -13.64
N LYS A 301 -20.45 19.59 -14.64
CA LYS A 301 -20.85 19.88 -16.01
C LYS A 301 -22.06 19.05 -16.41
N ALA A 302 -22.08 17.77 -16.05
CA ALA A 302 -23.21 16.92 -16.38
C ALA A 302 -24.49 17.44 -15.74
N PHE A 303 -24.43 17.76 -14.45
CA PHE A 303 -25.63 18.26 -13.77
C PHE A 303 -26.10 19.56 -14.37
N GLU A 304 -25.18 20.49 -14.64
CA GLU A 304 -25.57 21.78 -15.20
C GLU A 304 -26.18 21.62 -16.58
N GLU A 305 -25.56 20.80 -17.43
CA GLU A 305 -26.11 20.58 -18.77
C GLU A 305 -27.49 19.94 -18.69
N ALA A 306 -27.66 18.95 -17.81
CA ALA A 306 -28.96 18.32 -17.66
C ALA A 306 -30.00 19.34 -17.23
N GLU A 307 -29.65 20.21 -16.29
CA GLU A 307 -30.58 21.24 -15.84
C GLU A 307 -30.93 22.18 -16.99
N LYS A 308 -29.95 22.48 -17.84
CA LYS A 308 -30.21 23.39 -18.96
C LYS A 308 -31.28 22.86 -19.89
N ASN A 309 -31.23 21.56 -20.19
CA ASN A 309 -32.08 20.96 -21.22
C ASN A 309 -33.23 20.17 -20.62
N ALA A 310 -33.81 20.64 -19.52
CA ALA A 310 -34.94 19.94 -18.92
C ALA A 310 -36.11 19.91 -19.91
N PRO A 311 -36.91 18.83 -19.93
CA PRO A 311 -36.79 17.65 -19.06
C PRO A 311 -35.63 16.75 -19.46
N ALA A 312 -34.95 16.19 -18.45
CA ALA A 312 -33.79 15.35 -18.69
C ALA A 312 -33.74 14.24 -17.66
N ILE A 313 -33.02 13.18 -17.98
CA ILE A 313 -32.83 12.05 -17.08
C ILE A 313 -31.34 11.81 -16.93
N ILE A 314 -30.88 11.70 -15.69
CA ILE A 314 -29.49 11.43 -15.37
C ILE A 314 -29.40 9.99 -14.89
N PHE A 315 -28.55 9.21 -15.54
CA PHE A 315 -28.39 7.79 -15.23
C PHE A 315 -26.98 7.54 -14.73
N ILE A 316 -26.85 6.64 -13.76
CA ILE A 316 -25.57 6.28 -13.19
C ILE A 316 -25.41 4.77 -13.26
N ASP A 317 -24.16 4.32 -13.31
CA ASP A 317 -23.84 2.90 -13.39
C ASP A 317 -22.83 2.54 -12.30
N GLU A 318 -23.02 1.39 -11.68
CA GLU A 318 -22.14 0.91 -10.62
C GLU A 318 -21.88 2.03 -9.60
N ILE A 319 -22.96 2.66 -9.16
CA ILE A 319 -22.84 3.75 -8.20
C ILE A 319 -22.11 3.30 -6.95
N ASP A 320 -22.05 1.99 -6.69
CA ASP A 320 -21.30 1.50 -5.54
C ASP A 320 -19.82 1.83 -5.67
N SER A 321 -19.28 1.73 -6.88
CA SER A 321 -17.84 1.96 -7.05
C SER A 321 -17.47 3.38 -6.65
N ILE A 322 -18.27 4.37 -7.04
CA ILE A 322 -17.95 5.75 -6.72
C ILE A 322 -18.31 6.07 -5.27
N ALA A 323 -19.34 5.44 -4.73
CA ALA A 323 -19.80 5.69 -3.37
C ALA A 323 -19.98 4.36 -2.65
N PRO A 324 -18.88 3.65 -2.39
CA PRO A 324 -18.96 2.35 -1.72
C PRO A 324 -19.23 2.52 -0.23
N LYS A 325 -19.25 1.39 0.46
CA LYS A 325 -19.42 1.41 1.92
C LYS A 325 -18.21 2.08 2.56
N ARG A 326 -18.45 3.16 3.30
CA ARG A 326 -17.36 3.90 3.91
C ARG A 326 -16.56 3.05 4.90
N ASP A 327 -17.18 2.01 5.46
CA ASP A 327 -16.51 1.20 6.46
C ASP A 327 -15.28 0.45 5.95
N LYS A 328 -15.16 0.24 4.64
CA LYS A 328 -14.04 -0.50 4.06
C LYS A 328 -13.11 0.36 3.24
N THR A 329 -13.58 1.46 2.66
CA THR A 329 -12.76 2.37 1.88
C THR A 329 -12.60 3.67 2.67
N ASN A 330 -11.40 3.89 3.20
CA ASN A 330 -11.07 5.09 3.96
C ASN A 330 -10.28 6.09 3.14
N GLY A 331 -10.14 5.88 1.83
CA GLY A 331 -9.40 6.81 1.01
C GLY A 331 -10.12 8.14 0.89
N GLU A 332 -9.32 9.20 0.70
CA GLU A 332 -9.87 10.55 0.65
C GLU A 332 -10.56 10.86 -0.68
N VAL A 333 -10.08 10.25 -1.77
CA VAL A 333 -10.63 10.56 -3.09
C VAL A 333 -12.10 10.17 -3.16
N GLU A 334 -12.43 8.96 -2.72
CA GLU A 334 -13.82 8.53 -2.73
C GLU A 334 -14.65 9.38 -1.78
N ARG A 335 -14.08 9.79 -0.64
CA ARG A 335 -14.80 10.65 0.28
C ARG A 335 -15.19 11.96 -0.39
N ARG A 336 -14.24 12.61 -1.07
CA ARG A 336 -14.55 13.86 -1.73
C ARG A 336 -15.54 13.66 -2.87
N VAL A 337 -15.42 12.56 -3.62
CA VAL A 337 -16.35 12.32 -4.72
C VAL A 337 -17.76 12.15 -4.19
N VAL A 338 -17.93 11.35 -3.14
CA VAL A 338 -19.28 11.12 -2.61
C VAL A 338 -19.83 12.39 -1.98
N SER A 339 -18.96 13.18 -1.33
CA SER A 339 -19.43 14.44 -0.76
C SER A 339 -19.90 15.38 -1.86
N GLN A 340 -19.17 15.46 -2.97
CA GLN A 340 -19.58 16.30 -4.08
C GLN A 340 -20.90 15.82 -4.66
N LEU A 341 -21.07 14.50 -4.80
CA LEU A 341 -22.34 13.97 -5.30
C LEU A 341 -23.49 14.33 -4.37
N LEU A 342 -23.27 14.19 -3.06
CA LEU A 342 -24.31 14.55 -2.09
C LEU A 342 -24.67 16.02 -2.19
N THR A 343 -23.66 16.88 -2.28
CA THR A 343 -23.91 18.31 -2.36
C THR A 343 -24.69 18.65 -3.63
N LEU A 344 -24.31 18.05 -4.76
CA LEU A 344 -25.03 18.29 -6.00
C LEU A 344 -26.48 17.82 -5.91
N MET A 345 -26.70 16.63 -5.33
CA MET A 345 -28.06 16.14 -5.18
C MET A 345 -28.89 17.07 -4.31
N ASP A 346 -28.33 17.51 -3.19
CA ASP A 346 -29.07 18.40 -2.30
C ASP A 346 -29.35 19.75 -2.96
N GLY A 347 -28.39 20.27 -3.71
CA GLY A 347 -28.54 21.59 -4.31
C GLY A 347 -29.46 21.64 -5.50
N MET A 348 -29.96 20.49 -5.97
CA MET A 348 -30.89 20.49 -7.07
C MET A 348 -32.10 21.35 -6.74
N LYS A 349 -32.50 22.21 -7.69
CA LYS A 349 -33.57 23.15 -7.41
C LYS A 349 -34.88 22.43 -7.17
N ALA A 350 -35.77 23.08 -6.43
CA ALA A 350 -37.01 22.44 -6.01
C ALA A 350 -37.83 21.97 -7.21
N ARG A 351 -38.08 22.86 -8.16
CA ARG A 351 -38.89 22.55 -9.33
C ARG A 351 -37.98 22.38 -10.53
N SER A 352 -37.83 21.14 -10.99
CA SER A 352 -37.00 20.84 -12.15
C SER A 352 -37.29 19.45 -12.66
N ASN A 353 -37.58 19.32 -13.95
CA ASN A 353 -37.96 18.05 -14.55
C ASN A 353 -36.71 17.22 -14.84
N VAL A 354 -36.06 16.79 -13.78
CA VAL A 354 -34.88 15.94 -13.86
C VAL A 354 -35.06 14.78 -12.89
N VAL A 355 -34.78 13.57 -13.35
CA VAL A 355 -34.92 12.36 -12.56
C VAL A 355 -33.58 11.63 -12.57
N VAL A 356 -33.12 11.21 -11.39
CA VAL A 356 -31.85 10.54 -11.23
C VAL A 356 -32.10 9.06 -11.00
N ILE A 357 -31.40 8.21 -11.73
CA ILE A 357 -31.51 6.77 -11.60
C ILE A 357 -30.13 6.18 -11.38
N ALA A 358 -30.03 5.24 -10.45
CA ALA A 358 -28.76 4.61 -10.11
C ALA A 358 -28.91 3.10 -10.18
N ALA A 359 -27.79 2.42 -10.39
CA ALA A 359 -27.75 0.97 -10.49
C ALA A 359 -26.65 0.43 -9.58
N THR A 360 -26.93 -0.69 -8.93
CA THR A 360 -25.94 -1.33 -8.07
C THR A 360 -26.35 -2.78 -7.85
N ASN A 361 -25.37 -3.66 -7.74
CA ASN A 361 -25.67 -5.07 -7.52
C ASN A 361 -26.09 -5.32 -6.07
N ARG A 362 -25.39 -4.70 -5.13
CA ARG A 362 -25.67 -4.90 -3.71
C ARG A 362 -26.46 -3.72 -3.18
N PRO A 363 -27.70 -3.91 -2.71
CA PRO A 363 -28.46 -2.76 -2.22
C PRO A 363 -27.80 -2.05 -1.04
N ASN A 364 -27.11 -2.79 -0.18
CA ASN A 364 -26.48 -2.22 0.99
C ASN A 364 -25.05 -1.77 0.75
N SER A 365 -24.47 -2.07 -0.41
CA SER A 365 -23.08 -1.72 -0.67
C SER A 365 -22.89 -0.21 -0.68
N ILE A 366 -23.81 0.53 -1.29
CA ILE A 366 -23.63 1.97 -1.43
C ILE A 366 -23.59 2.61 -0.05
N ASP A 367 -23.01 3.81 -0.01
CA ASP A 367 -22.91 4.55 1.24
C ASP A 367 -24.31 4.80 1.78
N PRO A 368 -24.59 4.48 3.06
CA PRO A 368 -25.96 4.65 3.57
C PRO A 368 -26.46 6.08 3.47
N ALA A 369 -25.59 7.07 3.45
CA ALA A 369 -26.04 8.46 3.42
C ALA A 369 -26.93 8.73 2.21
N LEU A 370 -26.74 7.99 1.12
CA LEU A 370 -27.52 8.23 -0.08
C LEU A 370 -28.97 7.75 0.05
N ARG A 371 -29.28 6.94 1.05
CA ARG A 371 -30.58 6.30 1.15
C ARG A 371 -31.58 7.10 1.99
N ARG A 372 -31.18 8.22 2.57
CA ARG A 372 -32.09 8.99 3.39
C ARG A 372 -33.05 9.80 2.53
N PHE A 373 -34.10 10.31 3.17
CA PHE A 373 -35.10 11.11 2.47
C PHE A 373 -34.43 12.26 1.73
N GLY A 374 -35.06 12.69 0.64
CA GLY A 374 -34.49 13.71 -0.20
C GLY A 374 -33.39 13.20 -1.11
N ARG A 375 -33.15 11.91 -1.14
CA ARG A 375 -32.13 11.29 -1.97
C ARG A 375 -32.72 9.99 -2.51
N PHE A 376 -31.86 9.09 -3.00
CA PHE A 376 -32.36 7.82 -3.51
C PHE A 376 -33.18 7.13 -2.44
N ASP A 377 -34.50 7.05 -2.65
CA ASP A 377 -35.40 6.41 -1.70
C ASP A 377 -36.33 5.45 -2.41
N ARG A 378 -36.68 5.74 -3.67
CA ARG A 378 -37.52 4.83 -4.43
C ARG A 378 -36.70 3.62 -4.85
N GLU A 379 -36.66 2.60 -3.99
CA GLU A 379 -35.84 1.43 -4.25
C GLU A 379 -36.64 0.37 -5.01
N VAL A 380 -35.99 -0.26 -5.97
CA VAL A 380 -36.59 -1.30 -6.80
C VAL A 380 -35.61 -2.46 -6.89
N ASP A 381 -36.13 -3.68 -6.81
CA ASP A 381 -35.34 -4.89 -6.91
C ASP A 381 -35.77 -5.67 -8.13
N ILE A 382 -34.80 -6.16 -8.89
CA ILE A 382 -35.04 -6.93 -10.11
C ILE A 382 -34.53 -8.34 -9.88
N GLY A 383 -35.43 -9.31 -9.99
CA GLY A 383 -35.10 -10.70 -9.74
C GLY A 383 -34.91 -11.49 -11.03
N ILE A 384 -34.43 -12.72 -10.86
CA ILE A 384 -34.20 -13.57 -12.03
C ILE A 384 -35.54 -13.88 -12.70
N PRO A 385 -35.65 -13.74 -14.02
CA PRO A 385 -36.94 -13.96 -14.66
C PRO A 385 -37.42 -15.39 -14.51
N ASP A 386 -38.74 -15.56 -14.45
CA ASP A 386 -39.35 -16.87 -14.34
C ASP A 386 -39.46 -17.49 -15.74
N ALA A 387 -40.22 -18.59 -15.85
CA ALA A 387 -40.32 -19.29 -17.13
C ALA A 387 -40.82 -18.38 -18.24
N THR A 388 -41.89 -17.62 -17.96
CA THR A 388 -42.41 -16.71 -18.97
C THR A 388 -41.38 -15.66 -19.34
N GLY A 389 -40.68 -15.11 -18.34
CA GLY A 389 -39.65 -14.13 -18.62
C GLY A 389 -38.54 -14.70 -19.48
N ARG A 390 -38.09 -15.91 -19.16
CA ARG A 390 -37.05 -16.54 -19.97
C ARG A 390 -37.54 -16.76 -21.40
N LEU A 391 -38.78 -17.21 -21.55
CA LEU A 391 -39.32 -17.41 -22.89
C LEU A 391 -39.33 -16.12 -23.68
N GLU A 392 -39.79 -15.02 -23.05
CA GLU A 392 -39.83 -13.75 -23.75
C GLU A 392 -38.43 -13.28 -24.12
N VAL A 393 -37.46 -13.42 -23.21
CA VAL A 393 -36.10 -13.00 -23.49
C VAL A 393 -35.53 -13.79 -24.65
N LEU A 394 -35.73 -15.11 -24.64
CA LEU A 394 -35.23 -15.95 -25.71
C LEU A 394 -35.89 -15.59 -27.04
N ARG A 395 -37.18 -15.30 -27.01
CA ARG A 395 -37.86 -14.86 -28.23
C ARG A 395 -37.25 -13.57 -28.76
N ILE A 396 -36.98 -12.62 -27.86
CA ILE A 396 -36.42 -11.34 -28.29
C ILE A 396 -35.04 -11.54 -28.93
N HIS A 397 -34.16 -12.27 -28.25
CA HIS A 397 -32.81 -12.47 -28.78
C HIS A 397 -32.84 -13.28 -30.07
N THR A 398 -33.64 -14.36 -30.10
CA THR A 398 -33.67 -15.25 -31.26
C THR A 398 -34.64 -14.71 -32.32
N LYS A 399 -34.36 -13.48 -32.76
CA LYS A 399 -35.17 -12.81 -33.77
C LYS A 399 -34.43 -12.58 -35.07
N ASN A 400 -33.12 -12.76 -35.10
CA ASN A 400 -32.33 -12.52 -36.30
C ASN A 400 -31.50 -13.71 -36.75
N MET A 401 -31.22 -14.66 -35.86
CA MET A 401 -30.44 -15.84 -36.25
C MET A 401 -31.25 -16.74 -37.17
N LYS A 402 -30.55 -17.53 -37.98
CA LYS A 402 -31.18 -18.50 -38.87
C LYS A 402 -31.62 -19.70 -38.04
N LEU A 403 -32.73 -19.52 -37.32
CA LEU A 403 -33.29 -20.61 -36.54
C LEU A 403 -33.68 -21.76 -37.47
N ALA A 404 -33.30 -22.98 -37.10
CA ALA A 404 -33.68 -24.14 -37.88
C ALA A 404 -35.18 -24.37 -37.80
N ASP A 405 -35.67 -25.27 -38.67
CA ASP A 405 -37.09 -25.54 -38.72
C ASP A 405 -37.60 -26.07 -37.38
N ASP A 406 -36.85 -26.99 -36.77
CA ASP A 406 -37.26 -27.65 -35.53
C ASP A 406 -36.63 -26.91 -34.36
N VAL A 407 -37.41 -26.06 -33.70
CA VAL A 407 -36.99 -25.37 -32.49
C VAL A 407 -38.16 -25.38 -31.52
N ASP A 408 -37.85 -25.62 -30.24
CA ASP A 408 -38.85 -25.83 -29.20
C ASP A 408 -38.57 -24.91 -28.02
N LEU A 409 -38.41 -23.62 -28.31
CA LEU A 409 -38.01 -22.63 -27.31
C LEU A 409 -38.74 -22.83 -25.98
N GLU A 410 -39.95 -23.37 -26.02
CA GLU A 410 -40.66 -23.65 -24.78
C GLU A 410 -39.89 -24.64 -23.91
N ALA A 411 -39.33 -25.69 -24.53
CA ALA A 411 -38.55 -26.66 -23.77
C ALA A 411 -37.31 -26.00 -23.17
N LEU A 412 -36.63 -25.14 -23.92
CA LEU A 412 -35.47 -24.45 -23.39
C LEU A 412 -35.86 -23.57 -22.21
N ALA A 413 -36.98 -22.86 -22.32
CA ALA A 413 -37.46 -22.04 -21.22
C ALA A 413 -37.74 -22.90 -20.00
N ALA A 414 -38.37 -24.05 -20.19
CA ALA A 414 -38.69 -24.92 -19.06
C ALA A 414 -37.44 -25.46 -18.40
N GLU A 415 -36.45 -25.87 -19.19
CA GLU A 415 -35.25 -26.49 -18.63
C GLU A 415 -34.37 -25.46 -17.92
N THR A 416 -34.15 -24.31 -18.56
CA THR A 416 -33.20 -23.32 -18.07
C THR A 416 -33.81 -22.60 -16.88
N HIS A 417 -33.24 -22.84 -15.70
CA HIS A 417 -33.63 -22.15 -14.47
C HIS A 417 -32.41 -21.46 -13.87
N GLY A 418 -32.61 -20.25 -13.37
CA GLY A 418 -31.52 -19.48 -12.80
C GLY A 418 -30.68 -18.74 -13.82
N TYR A 419 -31.15 -18.62 -15.06
CA TYR A 419 -30.43 -17.91 -16.10
C TYR A 419 -30.98 -16.49 -16.22
N VAL A 420 -30.13 -15.49 -16.05
CA VAL A 420 -30.49 -14.11 -16.31
C VAL A 420 -30.37 -13.87 -17.81
N GLY A 421 -30.84 -12.71 -18.28
CA GLY A 421 -30.85 -12.44 -19.70
C GLY A 421 -29.48 -12.55 -20.33
N ALA A 422 -28.45 -12.06 -19.66
CA ALA A 422 -27.10 -12.10 -20.22
C ALA A 422 -26.67 -13.54 -20.50
N ASP A 423 -26.95 -14.44 -19.55
CA ASP A 423 -26.60 -15.84 -19.78
C ASP A 423 -27.39 -16.42 -20.94
N ILE A 424 -28.63 -15.99 -21.15
CA ILE A 424 -29.40 -16.48 -22.29
C ILE A 424 -28.75 -16.02 -23.58
N ALA A 425 -28.32 -14.76 -23.64
CA ALA A 425 -27.63 -14.28 -24.84
C ALA A 425 -26.36 -15.08 -25.07
N SER A 426 -25.60 -15.35 -24.00
CA SER A 426 -24.39 -16.14 -24.15
C SER A 426 -24.71 -17.55 -24.65
N LEU A 427 -25.80 -18.12 -24.16
CA LEU A 427 -26.21 -19.46 -24.61
C LEU A 427 -26.52 -19.46 -26.09
N CYS A 428 -27.26 -18.45 -26.56
CA CYS A 428 -27.54 -18.36 -27.99
C CYS A 428 -26.26 -18.23 -28.80
N SER A 429 -25.34 -17.38 -28.32
CA SER A 429 -24.07 -17.21 -29.03
C SER A 429 -23.30 -18.52 -29.10
N GLU A 430 -23.27 -19.26 -27.99
CA GLU A 430 -22.52 -20.52 -27.97
C GLU A 430 -23.17 -21.55 -28.88
N ALA A 431 -24.50 -21.60 -28.92
CA ALA A 431 -25.17 -22.52 -29.83
C ALA A 431 -24.83 -22.18 -31.28
N ALA A 432 -24.84 -20.89 -31.61
CA ALA A 432 -24.45 -20.49 -32.97
C ALA A 432 -23.02 -20.90 -33.26
N MET A 433 -22.13 -20.75 -32.27
CA MET A 433 -20.74 -21.15 -32.46
C MET A 433 -20.63 -22.65 -32.72
N GLN A 434 -21.40 -23.45 -31.99
CA GLN A 434 -21.39 -24.90 -32.22
C GLN A 434 -21.89 -25.22 -33.63
N GLN A 435 -22.93 -24.52 -34.08
CA GLN A 435 -23.40 -24.73 -35.44
C GLN A 435 -22.32 -24.40 -36.45
N ILE A 436 -21.58 -23.32 -36.22
CA ILE A 436 -20.46 -22.97 -37.10
C ILE A 436 -19.42 -24.07 -37.08
N ARG A 437 -19.14 -24.63 -35.90
CA ARG A 437 -18.21 -25.75 -35.82
C ARG A 437 -18.67 -26.89 -36.71
N GLU A 438 -19.95 -27.24 -36.64
CA GLU A 438 -20.45 -28.33 -37.45
C GLU A 438 -20.32 -28.02 -38.93
N LYS A 439 -20.64 -26.80 -39.34
CA LYS A 439 -20.68 -26.46 -40.76
C LYS A 439 -19.33 -26.09 -41.34
N MET A 440 -18.30 -25.90 -40.52
CA MET A 440 -17.02 -25.43 -41.05
C MET A 440 -16.38 -26.44 -41.98
N ASP A 441 -16.62 -27.74 -41.75
CA ASP A 441 -15.95 -28.77 -42.54
C ASP A 441 -16.17 -28.58 -44.03
N LEU A 442 -17.33 -28.05 -44.42
CA LEU A 442 -17.60 -27.86 -45.85
C LEU A 442 -16.65 -26.84 -46.47
N ILE A 443 -16.28 -25.81 -45.71
CA ILE A 443 -15.53 -24.69 -46.25
C ILE A 443 -14.06 -24.86 -45.89
N ASP A 444 -13.21 -24.03 -46.51
CA ASP A 444 -11.80 -23.94 -46.18
C ASP A 444 -11.53 -22.54 -45.63
N LEU A 445 -10.90 -22.48 -44.46
CA LEU A 445 -10.67 -21.19 -43.80
C LEU A 445 -9.47 -20.45 -44.36
N ASP A 446 -8.59 -21.13 -45.09
CA ASP A 446 -7.41 -20.46 -45.62
C ASP A 446 -7.80 -19.36 -46.61
N GLU A 447 -8.77 -19.65 -47.48
CA GLU A 447 -9.20 -18.66 -48.45
C GLU A 447 -9.91 -17.50 -47.75
N ASP A 448 -9.81 -16.32 -48.36
CA ASP A 448 -10.36 -15.11 -47.76
C ASP A 448 -11.85 -14.92 -48.04
N GLU A 449 -12.46 -15.81 -48.83
CA GLU A 449 -13.86 -15.69 -49.18
C GLU A 449 -14.56 -17.02 -48.94
N ILE A 450 -15.84 -16.93 -48.55
CA ILE A 450 -16.68 -18.09 -48.30
C ILE A 450 -17.88 -18.00 -49.23
N ASP A 451 -18.15 -19.10 -49.94
CA ASP A 451 -19.25 -19.10 -50.90
C ASP A 451 -20.59 -18.88 -50.19
N ALA A 452 -21.40 -17.99 -50.76
CA ALA A 452 -22.68 -17.67 -50.16
C ALA A 452 -23.61 -18.88 -50.12
N GLU A 453 -23.36 -19.89 -50.96
CA GLU A 453 -24.19 -21.08 -50.93
C GLU A 453 -24.12 -21.74 -49.56
N VAL A 454 -22.92 -21.82 -48.98
CA VAL A 454 -22.78 -22.38 -47.63
C VAL A 454 -23.54 -21.51 -46.64
N LEU A 455 -23.37 -20.19 -46.74
CA LEU A 455 -24.06 -19.28 -45.83
C LEU A 455 -25.57 -19.53 -45.85
N ASP A 456 -26.12 -19.80 -47.03
CA ASP A 456 -27.55 -20.05 -47.12
C ASP A 456 -27.97 -21.26 -46.30
N SER A 457 -27.05 -22.20 -46.09
CA SER A 457 -27.38 -23.44 -45.37
C SER A 457 -27.24 -23.31 -43.86
N LEU A 458 -26.71 -22.20 -43.35
CA LEU A 458 -26.53 -22.06 -41.92
C LEU A 458 -27.86 -22.10 -41.20
N GLY A 459 -27.92 -22.89 -40.12
CA GLY A 459 -29.12 -22.96 -39.31
C GLY A 459 -28.80 -23.60 -37.98
N VAL A 460 -29.52 -23.17 -36.95
CA VAL A 460 -29.28 -23.64 -35.59
C VAL A 460 -30.37 -24.64 -35.22
N THR A 461 -29.97 -25.88 -34.96
CA THR A 461 -30.89 -26.96 -34.63
C THR A 461 -31.00 -27.12 -33.12
N MET A 462 -31.95 -27.98 -32.72
CA MET A 462 -32.20 -28.17 -31.29
C MET A 462 -30.98 -28.77 -30.60
N ASP A 463 -30.27 -29.69 -31.27
CA ASP A 463 -29.10 -30.31 -30.66
C ASP A 463 -28.05 -29.26 -30.32
N ASN A 464 -27.92 -28.23 -31.16
CA ASN A 464 -26.96 -27.17 -30.87
C ASN A 464 -27.32 -26.46 -29.57
N PHE A 465 -28.61 -26.15 -29.39
CA PHE A 465 -29.04 -25.53 -28.14
C PHE A 465 -28.80 -26.44 -26.95
N ARG A 466 -29.07 -27.74 -27.13
CA ARG A 466 -28.86 -28.68 -26.04
C ARG A 466 -27.39 -28.70 -25.62
N PHE A 467 -26.49 -28.78 -26.60
CA PHE A 467 -25.06 -28.79 -26.28
C PHE A 467 -24.63 -27.48 -25.62
N ALA A 468 -25.09 -26.35 -26.16
CA ALA A 468 -24.71 -25.08 -25.57
C ALA A 468 -25.19 -24.97 -24.13
N LEU A 469 -26.42 -25.41 -23.86
CA LEU A 469 -26.91 -25.44 -22.50
C LEU A 469 -26.03 -26.32 -21.63
N GLY A 470 -25.65 -27.48 -22.15
CA GLY A 470 -24.75 -28.35 -21.42
C GLY A 470 -23.43 -27.67 -21.10
N ASN A 471 -22.99 -26.75 -21.94
CA ASN A 471 -21.74 -26.02 -21.74
C ASN A 471 -21.97 -24.59 -21.28
N SER A 472 -22.98 -24.39 -20.43
CA SER A 472 -23.28 -23.07 -19.87
C SER A 472 -22.74 -22.98 -18.44
N ASN A 473 -22.90 -21.81 -17.85
CA ASN A 473 -22.43 -21.57 -16.48
C ASN A 473 -23.23 -20.45 -15.82
N PRO A 474 -24.44 -20.73 -15.34
CA PRO A 474 -25.18 -19.71 -14.60
C PRO A 474 -24.47 -19.35 -13.31
N SER A 475 -24.63 -18.09 -12.90
CA SER A 475 -23.96 -17.58 -11.70
C SER A 475 -24.89 -16.88 -10.72
N ALA A 476 -26.07 -16.43 -11.14
CA ALA A 476 -26.94 -15.70 -10.24
C ALA A 476 -27.39 -16.57 -9.07
N LEU A 477 -27.72 -17.84 -9.34
CA LEU A 477 -28.31 -18.68 -8.31
C LEU A 477 -27.37 -18.93 -7.14
N ARG A 478 -26.08 -18.67 -7.29
CA ARG A 478 -25.13 -18.92 -6.22
C ARG A 478 -25.28 -17.91 -5.08
N GLU A 479 -26.05 -16.85 -5.26
CA GLU A 479 -26.27 -15.85 -4.23
C GLU A 479 -27.77 -15.70 -3.99
N THR A 480 -28.13 -15.29 -2.78
CA THR A 480 -29.53 -15.10 -2.43
C THR A 480 -30.19 -14.07 -3.35
N VAL A 481 -31.12 -14.51 -4.18
CA VAL A 481 -31.81 -13.64 -5.13
C VAL A 481 -33.29 -13.97 -5.11
N VAL A 482 -34.12 -12.94 -5.21
CA VAL A 482 -35.56 -13.13 -5.16
C VAL A 482 -36.05 -13.72 -6.48
N GLU A 483 -36.81 -14.80 -6.40
CA GLU A 483 -37.40 -15.42 -7.57
C GLU A 483 -38.83 -15.85 -7.25
N SER A 484 -39.64 -15.93 -8.29
CA SER A 484 -41.04 -16.30 -8.13
C SER A 484 -41.21 -17.81 -8.22
N VAL A 485 -42.23 -18.32 -7.53
CA VAL A 485 -42.55 -19.75 -7.52
C VAL A 485 -44.03 -19.91 -7.82
N ASN A 486 -44.38 -21.05 -8.42
CA ASN A 486 -45.74 -21.30 -8.89
C ASN A 486 -46.21 -22.69 -8.48
N VAL A 487 -46.01 -23.03 -7.20
CA VAL A 487 -46.41 -24.32 -6.66
C VAL A 487 -47.74 -24.15 -5.94
N THR A 488 -48.69 -25.04 -6.22
CA THR A 488 -50.02 -25.01 -5.63
C THR A 488 -50.18 -26.14 -4.62
N TRP A 489 -51.31 -26.12 -3.91
CA TRP A 489 -51.56 -27.13 -2.88
C TRP A 489 -51.62 -28.53 -3.47
N ASP A 490 -51.85 -28.66 -4.77
CA ASP A 490 -51.91 -29.99 -5.38
C ASP A 490 -50.59 -30.72 -5.23
N ASP A 491 -49.47 -30.03 -5.42
CA ASP A 491 -48.17 -30.66 -5.26
C ASP A 491 -47.96 -31.18 -3.84
N VAL A 492 -48.61 -30.56 -2.87
CA VAL A 492 -48.48 -30.98 -1.48
C VAL A 492 -49.26 -32.27 -1.28
N GLY A 493 -48.57 -33.34 -0.89
CA GLY A 493 -49.21 -34.62 -0.69
C GLY A 493 -49.82 -34.79 0.69
N GLY A 494 -50.95 -34.14 0.93
CA GLY A 494 -51.68 -34.33 2.17
C GLY A 494 -51.43 -33.25 3.20
N LEU A 495 -51.59 -33.59 4.48
CA LEU A 495 -51.46 -32.64 5.57
C LEU A 495 -52.51 -31.53 5.47
N ASP A 496 -53.77 -31.96 5.33
CA ASP A 496 -54.84 -31.00 5.09
C ASP A 496 -55.02 -30.05 6.27
N GLU A 497 -54.97 -30.56 7.49
CA GLU A 497 -55.17 -29.70 8.66
C GLU A 497 -54.08 -28.64 8.74
N ILE A 498 -52.83 -29.03 8.45
CA ILE A 498 -51.75 -28.06 8.43
C ILE A 498 -51.99 -27.03 7.33
N LYS A 499 -52.52 -27.48 6.20
CA LYS A 499 -52.84 -26.55 5.11
C LYS A 499 -53.84 -25.50 5.58
N GLU A 500 -54.92 -25.94 6.23
CA GLU A 500 -55.93 -24.99 6.70
C GLU A 500 -55.37 -24.05 7.75
N GLU A 501 -54.56 -24.59 8.67
CA GLU A 501 -53.96 -23.74 9.70
C GLU A 501 -53.07 -22.68 9.07
N LEU A 502 -52.24 -23.08 8.11
CA LEU A 502 -51.36 -22.14 7.45
C LEU A 502 -52.14 -21.10 6.66
N LYS A 503 -53.22 -21.52 5.99
CA LYS A 503 -54.08 -20.57 5.30
C LYS A 503 -54.61 -19.53 6.27
N GLU A 504 -55.23 -19.98 7.36
CA GLU A 504 -55.78 -19.04 8.33
C GLU A 504 -54.70 -18.14 8.90
N THR A 505 -53.47 -18.64 9.00
CA THR A 505 -52.40 -17.85 9.60
C THR A 505 -51.91 -16.76 8.66
N VAL A 506 -51.76 -17.06 7.37
CA VAL A 506 -51.06 -16.18 6.44
C VAL A 506 -52.02 -15.50 5.46
N GLU A 507 -52.88 -16.28 4.80
CA GLU A 507 -53.66 -15.73 3.69
C GLU A 507 -54.57 -14.60 4.16
N TYR A 508 -55.27 -14.80 5.28
CA TYR A 508 -56.23 -13.79 5.72
C TYR A 508 -55.60 -12.41 5.91
N PRO A 509 -54.50 -12.26 6.65
CA PRO A 509 -53.89 -10.93 6.77
C PRO A 509 -53.36 -10.39 5.46
N VAL A 510 -53.08 -11.26 4.48
CA VAL A 510 -52.57 -10.77 3.21
C VAL A 510 -53.71 -10.29 2.32
N LEU A 511 -54.90 -10.89 2.44
CA LEU A 511 -56.02 -10.55 1.58
C LEU A 511 -57.23 -10.02 2.32
N HIS A 512 -57.22 -10.02 3.66
CA HIS A 512 -58.33 -9.45 4.42
C HIS A 512 -57.80 -8.65 5.61
N PRO A 513 -56.86 -7.72 5.39
CA PRO A 513 -56.34 -6.92 6.51
C PRO A 513 -57.41 -6.07 7.17
N ASP A 514 -58.50 -5.76 6.48
CA ASP A 514 -59.54 -4.94 7.07
C ASP A 514 -60.13 -5.60 8.31
N GLN A 515 -60.34 -6.92 8.26
CA GLN A 515 -60.89 -7.61 9.42
C GLN A 515 -59.96 -7.52 10.61
N TYR A 516 -58.66 -7.73 10.38
CA TYR A 516 -57.70 -7.65 11.48
C TYR A 516 -57.65 -6.24 12.06
N THR A 517 -57.69 -5.22 11.20
CA THR A 517 -57.70 -3.84 11.70
C THR A 517 -58.96 -3.59 12.51
N LYS A 518 -60.12 -4.07 12.05
CA LYS A 518 -61.36 -3.85 12.76
C LYS A 518 -61.34 -4.51 14.14
N PHE A 519 -60.87 -5.77 14.20
CA PHE A 519 -60.77 -6.46 15.47
C PHE A 519 -59.56 -6.03 16.29
N GLY A 520 -58.57 -5.42 15.65
CA GLY A 520 -57.39 -4.93 16.35
C GLY A 520 -56.29 -5.95 16.53
N LEU A 521 -56.52 -7.21 16.18
CA LEU A 521 -55.48 -8.22 16.33
C LEU A 521 -54.40 -8.04 15.26
N SER A 522 -53.15 -8.04 15.70
CA SER A 522 -52.04 -7.92 14.77
C SER A 522 -51.75 -9.27 14.12
N PRO A 523 -51.24 -9.28 12.89
CA PRO A 523 -50.96 -10.55 12.21
C PRO A 523 -49.62 -11.12 12.66
N SER A 524 -49.60 -12.41 12.98
CA SER A 524 -48.36 -13.09 13.30
C SER A 524 -47.54 -13.32 12.04
N LYS A 525 -46.22 -13.45 12.21
CA LYS A 525 -45.33 -13.62 11.08
C LYS A 525 -44.37 -14.79 11.29
N GLY A 526 -44.09 -15.12 12.54
CA GLY A 526 -43.08 -16.12 12.84
C GLY A 526 -43.61 -17.54 12.91
N VAL A 527 -43.34 -18.31 11.85
CA VAL A 527 -43.77 -19.71 11.75
C VAL A 527 -42.53 -20.58 11.63
N LEU A 528 -42.52 -21.70 12.36
CA LEU A 528 -41.38 -22.61 12.38
C LEU A 528 -41.88 -24.03 12.24
N PHE A 529 -41.46 -24.71 11.18
CA PHE A 529 -41.77 -26.12 10.98
C PHE A 529 -40.68 -26.97 11.61
N TYR A 530 -41.10 -28.06 12.26
CA TYR A 530 -40.15 -29.01 12.82
C TYR A 530 -40.66 -30.42 12.59
N GLY A 531 -39.75 -31.34 12.27
CA GLY A 531 -40.11 -32.71 12.02
C GLY A 531 -39.00 -33.46 11.29
N PRO A 532 -39.28 -34.71 10.93
CA PRO A 532 -38.27 -35.50 10.23
C PRO A 532 -37.85 -34.91 8.90
N PRO A 533 -36.60 -35.11 8.50
CA PRO A 533 -36.13 -34.54 7.23
C PRO A 533 -36.83 -35.17 6.03
N GLY A 534 -36.86 -34.40 4.95
CA GLY A 534 -37.45 -34.89 3.72
C GLY A 534 -38.94 -35.17 3.83
N THR A 535 -39.66 -34.38 4.63
CA THR A 535 -41.08 -34.59 4.84
C THR A 535 -41.94 -33.55 4.13
N GLY A 536 -41.36 -32.74 3.26
CA GLY A 536 -42.14 -31.80 2.47
C GLY A 536 -42.29 -30.43 3.12
N LYS A 537 -41.17 -29.81 3.49
CA LYS A 537 -41.18 -28.48 4.09
C LYS A 537 -40.91 -27.38 3.07
N THR A 538 -39.86 -27.53 2.27
CA THR A 538 -39.55 -26.51 1.26
C THR A 538 -40.69 -26.37 0.27
N LEU A 539 -41.30 -27.49 -0.13
CA LEU A 539 -42.44 -27.43 -1.03
C LEU A 539 -43.62 -26.70 -0.37
N LEU A 540 -43.82 -26.93 0.93
CA LEU A 540 -44.86 -26.19 1.64
C LEU A 540 -44.59 -24.69 1.62
N ALA A 541 -43.34 -24.30 1.87
CA ALA A 541 -43.01 -22.88 1.85
C ALA A 541 -43.24 -22.29 0.45
N LYS A 542 -42.85 -23.02 -0.59
CA LYS A 542 -43.08 -22.53 -1.94
C LYS A 542 -44.57 -22.39 -2.23
N ALA A 543 -45.37 -23.36 -1.79
CA ALA A 543 -46.81 -23.27 -1.99
C ALA A 543 -47.38 -22.05 -1.29
N VAL A 544 -46.93 -21.79 -0.06
CA VAL A 544 -47.40 -20.62 0.68
C VAL A 544 -47.04 -19.35 -0.09
N ALA A 545 -45.80 -19.27 -0.57
CA ALA A 545 -45.39 -18.09 -1.33
C ALA A 545 -46.21 -17.93 -2.61
N THR A 546 -46.62 -19.05 -3.21
CA THR A 546 -47.39 -18.97 -4.46
C THR A 546 -48.82 -18.52 -4.21
N GLU A 547 -49.43 -18.98 -3.11
CA GLU A 547 -50.84 -18.68 -2.88
C GLU A 547 -51.07 -17.18 -2.77
N VAL A 548 -50.21 -16.47 -2.04
CA VAL A 548 -50.36 -15.03 -1.87
C VAL A 548 -49.67 -14.23 -2.96
N SER A 549 -49.07 -14.89 -3.95
CA SER A 549 -48.36 -14.21 -5.04
C SER A 549 -47.25 -13.32 -4.48
N ALA A 550 -46.30 -13.97 -3.82
CA ALA A 550 -45.17 -13.29 -3.21
C ALA A 550 -43.87 -13.87 -3.76
N ASN A 551 -42.79 -13.10 -3.62
CA ASN A 551 -41.49 -13.48 -4.15
C ASN A 551 -40.76 -14.32 -3.11
N PHE A 552 -40.62 -15.61 -3.39
CA PHE A 552 -39.94 -16.51 -2.47
C PHE A 552 -38.45 -16.19 -2.41
N ILE A 553 -37.87 -16.25 -1.22
CA ILE A 553 -36.45 -16.06 -1.02
C ILE A 553 -35.91 -17.25 -0.24
N SER A 554 -34.83 -17.84 -0.74
CA SER A 554 -34.23 -19.04 -0.16
C SER A 554 -32.90 -18.68 0.50
N VAL A 555 -32.72 -19.11 1.74
CA VAL A 555 -31.46 -18.93 2.44
C VAL A 555 -31.13 -20.19 3.22
N LYS A 556 -30.23 -21.00 2.69
CA LYS A 556 -29.86 -22.25 3.34
C LYS A 556 -28.91 -21.99 4.50
N GLY A 557 -28.81 -22.98 5.39
CA GLY A 557 -27.93 -22.90 6.54
C GLY A 557 -26.47 -22.66 6.21
N PRO A 558 -25.92 -23.31 5.20
CA PRO A 558 -24.53 -23.00 4.81
C PRO A 558 -24.34 -21.54 4.46
N GLU A 559 -25.33 -20.88 3.86
CA GLU A 559 -25.22 -19.45 3.61
C GLU A 559 -25.08 -18.68 4.90
N LEU A 560 -25.88 -19.03 5.91
CA LEU A 560 -25.76 -18.37 7.21
C LEU A 560 -24.39 -18.61 7.82
N LEU A 561 -23.88 -19.84 7.72
CA LEU A 561 -22.56 -20.13 8.26
C LEU A 561 -21.49 -19.31 7.56
N SER A 562 -21.57 -19.22 6.23
CA SER A 562 -20.59 -18.42 5.49
C SER A 562 -20.67 -16.96 5.89
N MET A 563 -21.90 -16.44 6.07
CA MET A 563 -22.06 -15.07 6.55
C MET A 563 -21.42 -14.90 7.93
N TRP A 564 -21.61 -15.90 8.80
CA TRP A 564 -21.01 -15.85 10.14
C TRP A 564 -19.50 -15.77 10.06
N TYR A 565 -18.90 -16.60 9.19
CA TYR A 565 -17.45 -16.58 9.02
C TYR A 565 -16.96 -15.43 8.15
N GLY A 566 -17.87 -14.71 7.50
CA GLY A 566 -17.51 -13.53 6.74
C GLY A 566 -17.08 -13.79 5.32
N GLU A 567 -16.93 -15.06 4.91
CA GLU A 567 -16.51 -15.35 3.54
C GLU A 567 -17.57 -14.90 2.55
N SER A 568 -18.85 -15.13 2.87
CA SER A 568 -19.93 -14.76 1.97
C SER A 568 -20.01 -13.25 1.81
N GLU A 569 -20.42 -12.82 0.61
CA GLU A 569 -20.54 -11.40 0.33
C GLU A 569 -21.74 -10.79 1.05
N SER A 570 -22.94 -11.27 0.72
CA SER A 570 -24.16 -10.68 1.27
C SER A 570 -24.32 -11.02 2.75
N ASN A 571 -24.89 -10.08 3.49
CA ASN A 571 -25.19 -10.25 4.90
C ASN A 571 -26.69 -10.30 5.13
N ILE A 572 -27.09 -10.75 6.32
CA ILE A 572 -28.50 -10.92 6.62
C ILE A 572 -29.24 -9.59 6.49
N ARG A 573 -28.59 -8.48 6.85
CA ARG A 573 -29.21 -7.18 6.65
C ARG A 573 -29.57 -6.97 5.18
N ASP A 574 -28.69 -7.38 4.28
CA ASP A 574 -29.00 -7.28 2.85
C ASP A 574 -30.21 -8.14 2.50
N ILE A 575 -30.29 -9.34 3.06
CA ILE A 575 -31.41 -10.23 2.77
C ILE A 575 -32.72 -9.56 3.17
N PHE A 576 -32.77 -9.01 4.38
CA PHE A 576 -34.02 -8.41 4.83
C PHE A 576 -34.33 -7.10 4.11
N ASP A 577 -33.30 -6.33 3.72
CA ASP A 577 -33.57 -5.14 2.93
C ASP A 577 -34.18 -5.51 1.58
N LYS A 578 -33.64 -6.55 0.93
CA LYS A 578 -34.23 -7.02 -0.32
C LYS A 578 -35.65 -7.49 -0.10
N ALA A 579 -35.90 -8.21 1.01
CA ALA A 579 -37.26 -8.65 1.30
C ALA A 579 -38.20 -7.47 1.44
N ARG A 580 -37.77 -6.42 2.15
CA ARG A 580 -38.61 -5.24 2.30
C ARG A 580 -38.89 -4.61 0.94
N ALA A 581 -37.85 -4.46 0.11
CA ALA A 581 -38.03 -3.79 -1.17
C ALA A 581 -38.90 -4.61 -2.12
N ALA A 582 -38.93 -5.93 -1.94
CA ALA A 582 -39.71 -6.82 -2.80
C ALA A 582 -41.02 -7.25 -2.15
N ALA A 583 -41.49 -6.52 -1.14
CA ALA A 583 -42.67 -6.95 -0.42
C ALA A 583 -43.86 -7.05 -1.37
N PRO A 584 -44.74 -8.04 -1.19
CA PRO A 584 -44.69 -9.09 -0.16
C PRO A 584 -43.68 -10.17 -0.50
N THR A 585 -43.14 -10.84 0.52
CA THR A 585 -42.13 -11.86 0.32
C THR A 585 -42.27 -12.94 1.37
N VAL A 586 -41.71 -14.11 1.07
CA VAL A 586 -41.63 -15.22 2.01
C VAL A 586 -40.18 -15.65 2.07
N VAL A 587 -39.52 -15.38 3.19
CA VAL A 587 -38.13 -15.77 3.40
C VAL A 587 -38.12 -17.15 4.02
N PHE A 588 -37.15 -17.98 3.61
CA PHE A 588 -37.03 -19.35 4.10
C PHE A 588 -35.67 -19.51 4.76
N LEU A 589 -35.66 -20.16 5.93
CA LEU A 589 -34.43 -20.40 6.69
C LEU A 589 -34.32 -21.90 6.94
N ASP A 590 -33.50 -22.56 6.12
CA ASP A 590 -33.30 -24.00 6.22
C ASP A 590 -32.22 -24.32 7.23
N GLU A 591 -32.41 -25.43 7.95
CA GLU A 591 -31.43 -25.89 8.94
C GLU A 591 -31.04 -24.77 9.88
N LEU A 592 -32.05 -24.11 10.44
CA LEU A 592 -31.80 -22.99 11.35
C LEU A 592 -31.03 -23.42 12.58
N ASP A 593 -31.03 -24.72 12.91
CA ASP A 593 -30.25 -25.21 14.04
C ASP A 593 -28.76 -25.32 13.73
N SER A 594 -28.37 -25.21 12.46
CA SER A 594 -26.96 -25.29 12.10
C SER A 594 -26.16 -24.14 12.69
N ILE A 595 -26.82 -23.06 13.11
CA ILE A 595 -26.14 -21.92 13.71
C ILE A 595 -26.41 -21.89 15.20
N ALA A 596 -26.69 -23.05 15.78
CA ALA A 596 -26.95 -23.16 17.21
C ALA A 596 -26.25 -24.38 17.80
N SER A 610 -22.61 -20.63 17.51
CA SER A 610 -22.56 -19.25 17.05
C SER A 610 -23.72 -18.45 17.63
N ASP A 611 -23.46 -17.18 17.94
CA ASP A 611 -24.47 -16.30 18.52
C ASP A 611 -24.59 -14.95 17.83
N ARG A 612 -23.55 -14.48 17.13
CA ARG A 612 -23.64 -13.18 16.47
C ARG A 612 -24.72 -13.18 15.39
N VAL A 613 -24.78 -14.24 14.58
CA VAL A 613 -25.81 -14.29 13.53
C VAL A 613 -27.19 -14.36 14.14
N VAL A 614 -27.35 -15.11 15.25
CA VAL A 614 -28.65 -15.19 15.90
C VAL A 614 -29.05 -13.82 16.43
N ASN A 615 -28.11 -13.10 17.03
CA ASN A 615 -28.42 -11.76 17.53
C ASN A 615 -28.81 -10.82 16.39
N GLN A 616 -28.07 -10.86 15.28
CA GLN A 616 -28.40 -10.01 14.15
C GLN A 616 -29.78 -10.36 13.59
N LEU A 617 -30.08 -11.66 13.50
CA LEU A 617 -31.39 -12.07 13.01
C LEU A 617 -32.50 -11.58 13.93
N LEU A 618 -32.30 -11.70 15.23
CA LEU A 618 -33.30 -11.21 16.17
C LEU A 618 -33.52 -9.72 16.00
N THR A 619 -32.41 -8.96 15.90
CA THR A 619 -32.53 -7.51 15.74
C THR A 619 -33.30 -7.17 14.47
N GLU A 620 -32.91 -7.77 13.34
CA GLU A 620 -33.57 -7.43 12.08
C GLU A 620 -35.04 -7.82 12.10
N MET A 621 -35.35 -9.01 12.62
CA MET A 621 -36.74 -9.46 12.64
C MET A 621 -37.60 -8.58 13.54
N ASP A 622 -37.10 -8.25 14.74
CA ASP A 622 -37.88 -7.41 15.64
C ASP A 622 -38.06 -6.01 15.04
N GLY A 623 -37.02 -5.48 14.40
CA GLY A 623 -37.14 -4.19 13.76
C GLY A 623 -38.16 -4.16 12.64
N MET A 624 -38.46 -5.31 12.04
CA MET A 624 -39.46 -5.35 10.99
C MET A 624 -40.81 -4.92 11.54
N ASN A 625 -41.56 -4.17 10.72
CA ASN A 625 -42.89 -3.72 11.09
C ASN A 625 -43.90 -4.80 10.72
N ALA A 626 -44.73 -5.18 11.70
CA ALA A 626 -45.68 -6.27 11.48
C ALA A 626 -46.63 -5.96 10.34
N LYS A 627 -47.07 -4.70 10.23
CA LYS A 627 -48.04 -4.34 9.20
C LYS A 627 -47.51 -4.68 7.81
N LYS A 628 -46.20 -4.59 7.60
CA LYS A 628 -45.63 -4.97 6.31
C LYS A 628 -45.88 -6.45 6.04
N ASN A 629 -46.11 -6.79 4.78
CA ASN A 629 -46.41 -8.17 4.39
C ASN A 629 -45.10 -8.93 4.15
N VAL A 630 -44.42 -9.20 5.25
CA VAL A 630 -43.17 -9.96 5.24
C VAL A 630 -43.33 -11.14 6.18
N PHE A 631 -42.94 -12.33 5.73
CA PHE A 631 -43.08 -13.55 6.49
C PHE A 631 -41.79 -14.35 6.46
N VAL A 632 -41.47 -14.99 7.58
CA VAL A 632 -40.27 -15.80 7.72
C VAL A 632 -40.69 -17.21 8.10
N ILE A 633 -40.19 -18.20 7.37
CA ILE A 633 -40.52 -19.60 7.59
C ILE A 633 -39.21 -20.32 7.89
N GLY A 634 -39.07 -20.81 9.11
CA GLY A 634 -37.89 -21.55 9.53
C GLY A 634 -38.15 -23.05 9.54
N ALA A 635 -37.08 -23.80 9.28
CA ALA A 635 -37.15 -25.25 9.28
C ALA A 635 -35.98 -25.81 10.08
N THR A 636 -36.21 -26.95 10.74
CA THR A 636 -35.17 -27.58 11.53
C THR A 636 -35.63 -28.98 11.92
N ASN A 637 -34.71 -29.94 11.85
CA ASN A 637 -34.97 -31.30 12.28
C ASN A 637 -34.71 -31.52 13.76
N ARG A 638 -34.10 -30.54 14.44
CA ARG A 638 -33.72 -30.66 15.83
C ARG A 638 -34.19 -29.40 16.56
N PRO A 639 -35.48 -29.29 16.86
CA PRO A 639 -36.02 -28.10 17.51
C PRO A 639 -35.73 -28.02 19.01
N ASP A 640 -34.46 -28.24 19.37
CA ASP A 640 -34.04 -28.18 20.76
C ASP A 640 -32.83 -27.26 20.92
N GLN A 641 -31.93 -27.26 19.93
CA GLN A 641 -30.74 -26.43 20.00
C GLN A 641 -31.03 -24.96 19.73
N ILE A 642 -32.19 -24.64 19.16
CA ILE A 642 -32.51 -23.24 18.86
C ILE A 642 -32.49 -22.43 20.14
N ASP A 643 -31.86 -21.26 20.09
CA ASP A 643 -31.79 -20.41 21.27
C ASP A 643 -33.19 -20.01 21.70
N PRO A 644 -33.48 -19.99 23.01
CA PRO A 644 -34.84 -19.64 23.45
C PRO A 644 -35.30 -18.28 22.95
N ALA A 645 -34.39 -17.34 22.77
CA ALA A 645 -34.78 -15.98 22.37
C ALA A 645 -35.59 -16.01 21.09
N ILE A 646 -35.25 -16.91 20.16
CA ILE A 646 -35.95 -16.94 18.87
C ILE A 646 -37.42 -17.25 19.05
N LEU A 647 -37.79 -17.94 20.12
CA LEU A 647 -39.15 -18.41 20.31
C LEU A 647 -40.03 -17.41 21.05
N ARG A 648 -39.52 -16.21 21.34
CA ARG A 648 -40.33 -15.20 21.99
C ARG A 648 -41.49 -14.67 21.14
N PRO A 649 -42.56 -14.20 21.77
CA PRO A 649 -43.67 -13.64 21.00
C PRO A 649 -43.21 -12.46 20.16
N GLY A 650 -43.85 -12.30 19.00
CA GLY A 650 -43.38 -11.36 18.00
C GLY A 650 -42.23 -11.88 17.16
N ARG A 651 -41.98 -13.18 17.20
CA ARG A 651 -40.87 -13.81 16.50
C ARG A 651 -41.34 -15.18 16.07
N LEU A 652 -40.40 -16.10 15.85
CA LEU A 652 -40.77 -17.44 15.40
C LEU A 652 -41.42 -18.18 16.56
N ASP A 653 -42.68 -17.83 16.84
CA ASP A 653 -43.43 -18.40 17.95
C ASP A 653 -44.35 -19.54 17.52
N GLN A 654 -44.92 -19.46 16.32
CA GLN A 654 -45.76 -20.55 15.85
C GLN A 654 -44.91 -21.79 15.60
N LEU A 655 -45.27 -22.90 16.24
CA LEU A 655 -44.60 -24.18 16.05
C LEU A 655 -45.53 -25.13 15.33
N ILE A 656 -45.06 -25.73 14.24
CA ILE A 656 -45.86 -26.65 13.45
C ILE A 656 -45.09 -27.95 13.30
N TYR A 657 -45.68 -29.05 13.77
CA TYR A 657 -45.07 -30.37 13.63
C TYR A 657 -45.42 -30.94 12.26
N VAL A 658 -44.42 -31.49 11.58
CA VAL A 658 -44.58 -32.09 10.26
C VAL A 658 -44.51 -33.60 10.42
N PRO A 659 -45.62 -34.33 10.31
CA PRO A 659 -45.57 -35.78 10.44
C PRO A 659 -45.22 -36.46 9.12
N LEU A 660 -44.88 -37.74 9.22
CA LEU A 660 -44.54 -38.51 8.04
C LEU A 660 -45.79 -38.74 7.18
N PRO A 661 -45.63 -38.90 5.87
CA PRO A 661 -46.79 -39.06 5.01
C PRO A 661 -47.57 -40.33 5.34
N ASP A 662 -48.89 -40.23 5.16
CA ASP A 662 -49.78 -41.37 5.32
C ASP A 662 -49.86 -42.16 4.02
N GLU A 663 -50.52 -43.32 4.08
CA GLU A 663 -50.64 -44.17 2.90
C GLU A 663 -51.22 -43.40 1.72
N ASN A 664 -52.31 -42.65 1.97
CA ASN A 664 -52.87 -41.82 0.91
C ASN A 664 -51.87 -40.77 0.46
N ALA A 665 -51.15 -40.16 1.40
CA ALA A 665 -50.13 -39.19 1.05
C ALA A 665 -49.03 -39.83 0.23
N ARG A 666 -48.59 -41.04 0.61
CA ARG A 666 -47.56 -41.73 -0.16
C ARG A 666 -48.04 -42.01 -1.58
N LEU A 667 -49.28 -42.48 -1.73
CA LEU A 667 -49.81 -42.75 -3.05
C LEU A 667 -49.87 -41.48 -3.89
N SER A 668 -50.34 -40.39 -3.30
CA SER A 668 -50.42 -39.12 -4.03
C SER A 668 -49.05 -38.65 -4.44
N ILE A 669 -48.06 -38.78 -3.55
CA ILE A 669 -46.70 -38.35 -3.86
C ILE A 669 -46.12 -39.18 -5.00
N LEU A 670 -46.34 -40.50 -4.97
CA LEU A 670 -45.87 -41.35 -6.05
C LEU A 670 -46.52 -40.96 -7.37
N ASN A 671 -47.82 -40.68 -7.34
CA ASN A 671 -48.49 -40.21 -8.55
C ASN A 671 -47.88 -38.90 -9.04
N ALA A 672 -47.57 -38.00 -8.12
CA ALA A 672 -46.99 -36.72 -8.50
C ALA A 672 -45.63 -36.90 -9.17
N GLN A 673 -44.80 -37.81 -8.66
CA GLN A 673 -43.54 -38.09 -9.33
C GLN A 673 -43.78 -38.66 -10.72
N LEU A 674 -44.72 -39.59 -10.85
CA LEU A 674 -44.98 -40.26 -12.13
C LEU A 674 -46.00 -39.43 -12.91
N ARG A 675 -45.50 -38.35 -13.50
CA ARG A 675 -46.29 -37.51 -14.40
C ARG A 675 -45.77 -37.50 -15.82
N LYS A 676 -44.46 -37.62 -16.03
CA LYS A 676 -43.87 -37.65 -17.35
C LYS A 676 -43.32 -39.02 -17.74
N THR A 677 -43.17 -39.93 -16.78
CA THR A 677 -42.60 -41.24 -17.06
C THR A 677 -43.71 -42.22 -17.38
N PRO A 678 -43.74 -42.82 -18.57
CA PRO A 678 -44.77 -43.83 -18.85
C PRO A 678 -44.63 -45.04 -17.94
N LEU A 679 -45.77 -45.64 -17.61
CA LEU A 679 -45.82 -46.76 -16.67
C LEU A 679 -46.43 -47.97 -17.35
N GLU A 680 -46.10 -49.14 -16.83
CA GLU A 680 -46.69 -50.37 -17.32
C GLU A 680 -48.20 -50.33 -17.10
N PRO A 681 -49.02 -50.58 -18.11
CA PRO A 681 -50.48 -50.57 -17.89
C PRO A 681 -50.87 -51.56 -16.81
N GLY A 682 -51.83 -51.15 -15.98
CA GLY A 682 -52.29 -51.97 -14.88
C GLY A 682 -51.43 -51.92 -13.64
N LEU A 683 -50.35 -51.16 -13.65
CA LEU A 683 -49.49 -51.05 -12.47
C LEU A 683 -50.27 -50.44 -11.32
N GLU A 684 -50.18 -51.06 -10.15
CA GLU A 684 -50.90 -50.62 -8.95
C GLU A 684 -49.88 -50.19 -7.90
N LEU A 685 -49.99 -48.95 -7.46
CA LEU A 685 -49.08 -48.38 -6.47
C LEU A 685 -49.60 -48.54 -5.04
N THR A 686 -50.82 -49.07 -4.86
CA THR A 686 -51.35 -49.23 -3.52
C THR A 686 -50.50 -50.21 -2.71
N ALA A 687 -50.05 -51.29 -3.35
CA ALA A 687 -49.19 -52.25 -2.64
C ALA A 687 -47.88 -51.59 -2.21
N ILE A 688 -47.28 -50.79 -3.09
CA ILE A 688 -46.05 -50.10 -2.74
C ILE A 688 -46.29 -49.15 -1.57
N ALA A 689 -47.40 -48.40 -1.60
CA ALA A 689 -47.71 -47.50 -0.51
C ALA A 689 -47.89 -48.25 0.80
N LYS A 690 -48.59 -49.39 0.76
CA LYS A 690 -48.82 -50.17 1.98
C LYS A 690 -47.53 -50.78 2.50
N ALA A 691 -46.60 -51.13 1.62
CA ALA A 691 -45.34 -51.72 2.05
C ALA A 691 -44.30 -50.67 2.45
N THR A 692 -44.62 -49.39 2.35
CA THR A 692 -43.69 -48.30 2.64
C THR A 692 -44.10 -47.53 3.90
N GLN A 693 -44.57 -48.26 4.91
CA GLN A 693 -44.91 -47.62 6.18
C GLN A 693 -43.66 -46.98 6.79
N GLY A 694 -43.80 -45.74 7.24
CA GLY A 694 -42.69 -45.03 7.85
C GLY A 694 -41.72 -44.41 6.87
N PHE A 695 -41.99 -44.47 5.57
CA PHE A 695 -41.10 -43.88 4.58
C PHE A 695 -41.32 -42.38 4.49
N SER A 696 -40.36 -41.71 3.88
CA SER A 696 -40.39 -40.27 3.66
C SER A 696 -40.47 -39.97 2.17
N GLY A 697 -40.81 -38.73 1.85
CA GLY A 697 -40.92 -38.34 0.45
C GLY A 697 -39.64 -38.55 -0.32
N ALA A 698 -38.50 -38.21 0.30
CA ALA A 698 -37.21 -38.38 -0.37
C ALA A 698 -36.96 -39.85 -0.68
N ASP A 699 -37.28 -40.74 0.27
CA ASP A 699 -37.06 -42.17 0.04
C ASP A 699 -37.92 -42.67 -1.11
N LEU A 700 -39.18 -42.25 -1.18
CA LEU A 700 -40.04 -42.65 -2.28
C LEU A 700 -39.51 -42.14 -3.61
N LEU A 701 -39.04 -40.88 -3.63
CA LEU A 701 -38.46 -40.34 -4.86
C LEU A 701 -37.25 -41.15 -5.27
N TYR A 702 -36.39 -41.52 -4.32
CA TYR A 702 -35.22 -42.32 -4.64
C TYR A 702 -35.61 -43.70 -5.16
N ILE A 703 -36.68 -44.26 -4.60
CA ILE A 703 -37.20 -45.54 -5.10
C ILE A 703 -37.59 -45.40 -6.57
N VAL A 704 -38.32 -44.33 -6.89
CA VAL A 704 -38.72 -44.09 -8.28
C VAL A 704 -37.48 -43.94 -9.16
N GLN A 705 -36.49 -43.20 -8.66
CA GLN A 705 -35.28 -42.97 -9.45
C GLN A 705 -34.54 -44.27 -9.75
N ARG A 706 -34.39 -45.13 -8.73
CA ARG A 706 -33.69 -46.39 -8.96
C ARG A 706 -34.47 -47.30 -9.89
N ALA A 707 -35.80 -47.31 -9.78
CA ALA A 707 -36.60 -48.11 -10.71
C ALA A 707 -36.42 -47.61 -12.13
N ALA A 708 -36.43 -46.28 -12.32
CA ALA A 708 -36.22 -45.72 -13.64
C ALA A 708 -34.83 -46.06 -14.16
N LYS A 709 -33.83 -46.03 -13.29
CA LYS A 709 -32.48 -46.38 -13.71
C LYS A 709 -32.40 -47.83 -14.16
N TYR A 710 -33.04 -48.74 -13.43
CA TYR A 710 -33.05 -50.14 -13.83
C TYR A 710 -33.75 -50.31 -15.17
N ALA A 711 -34.88 -49.63 -15.36
CA ALA A 711 -35.57 -49.72 -16.64
C ALA A 711 -34.71 -49.20 -17.77
N ILE A 712 -33.99 -48.10 -17.53
CA ILE A 712 -33.11 -47.53 -18.55
C ILE A 712 -31.99 -48.50 -18.89
N LYS A 713 -31.40 -49.13 -17.87
CA LYS A 713 -30.34 -50.10 -18.12
C LYS A 713 -30.86 -51.28 -18.95
N ASP A 714 -32.05 -51.78 -18.60
CA ASP A 714 -32.64 -52.86 -19.37
C ASP A 714 -32.88 -52.44 -20.81
N SER A 715 -33.37 -51.22 -21.01
CA SER A 715 -33.58 -50.72 -22.38
C SER A 715 -32.26 -50.64 -23.13
N ILE A 716 -31.20 -50.17 -22.47
CA ILE A 716 -29.89 -50.09 -23.10
C ILE A 716 -29.44 -51.47 -23.56
N GLU A 717 -29.53 -52.46 -22.67
CA GLU A 717 -29.07 -53.79 -23.03
C GLU A 717 -29.90 -54.38 -24.15
N ALA A 718 -31.22 -54.22 -24.09
CA ALA A 718 -32.08 -54.76 -25.13
C ALA A 718 -31.78 -54.11 -26.49
N HIS A 719 -31.61 -52.79 -26.50
CA HIS A 719 -31.31 -52.09 -27.75
C HIS A 719 -29.96 -52.51 -28.31
N ARG A 720 -28.96 -52.65 -27.44
CA ARG A 720 -27.64 -53.05 -27.90
C ARG A 720 -27.66 -54.46 -28.48
N GLN A 721 -28.35 -55.38 -27.81
CA GLN A 721 -28.44 -56.75 -28.30
C GLN A 721 -29.36 -56.83 -29.51
N ASP A 751 -36.42 -48.50 -29.37
CA ASP A 751 -36.63 -48.77 -27.96
C ASP A 751 -38.01 -49.39 -27.74
N PRO A 752 -38.12 -50.70 -27.91
CA PRO A 752 -39.42 -51.36 -27.73
C PRO A 752 -39.99 -51.25 -26.33
N VAL A 753 -39.15 -51.00 -25.32
CA VAL A 753 -39.61 -50.92 -23.94
C VAL A 753 -39.15 -49.60 -23.34
N PRO A 754 -39.81 -48.49 -23.65
CA PRO A 754 -39.41 -47.18 -23.10
C PRO A 754 -40.02 -46.85 -21.74
N TYR A 755 -40.67 -47.79 -21.08
CA TYR A 755 -41.32 -47.52 -19.79
C TYR A 755 -40.87 -48.51 -18.73
N ILE A 756 -41.40 -48.36 -17.51
CA ILE A 756 -41.04 -49.20 -16.38
C ILE A 756 -42.07 -50.30 -16.24
N THR A 757 -41.65 -51.43 -15.67
CA THR A 757 -42.50 -52.59 -15.48
C THR A 757 -42.43 -53.05 -14.02
N LYS A 758 -43.13 -54.15 -13.73
CA LYS A 758 -43.27 -54.61 -12.35
C LYS A 758 -41.94 -55.02 -11.75
N GLU A 759 -41.08 -55.67 -12.54
CA GLU A 759 -39.84 -56.22 -11.99
C GLU A 759 -38.95 -55.12 -11.44
N HIS A 760 -38.90 -53.96 -12.11
CA HIS A 760 -38.09 -52.85 -11.62
C HIS A 760 -38.59 -52.38 -10.27
N PHE A 761 -39.90 -52.25 -10.11
CA PHE A 761 -40.45 -51.85 -8.81
C PHE A 761 -40.18 -52.92 -7.76
N ALA A 762 -40.22 -54.20 -8.16
CA ALA A 762 -39.90 -55.27 -7.22
C ALA A 762 -38.47 -55.14 -6.70
N GLU A 763 -37.52 -54.94 -7.63
CA GLU A 763 -36.14 -54.73 -7.21
C GLU A 763 -36.02 -53.50 -6.32
N ALA A 764 -36.71 -52.43 -6.69
CA ALA A 764 -36.61 -51.19 -5.92
C ALA A 764 -37.12 -51.39 -4.49
N MET A 765 -38.26 -52.06 -4.33
CA MET A 765 -38.79 -52.28 -3.00
C MET A 765 -37.91 -53.24 -2.21
N LYS A 766 -37.32 -54.23 -2.89
CA LYS A 766 -36.37 -55.12 -2.22
C LYS A 766 -35.15 -54.35 -1.74
N THR A 767 -34.77 -53.29 -2.45
CA THR A 767 -33.67 -52.41 -2.05
C THR A 767 -34.14 -51.24 -1.21
N ALA A 768 -35.26 -51.38 -0.50
CA ALA A 768 -35.84 -50.31 0.28
C ALA A 768 -35.19 -50.23 1.66
N LYS A 769 -35.45 -49.12 2.35
CA LYS A 769 -34.92 -48.86 3.68
C LYS A 769 -35.71 -47.69 4.26
N ARG A 770 -35.27 -47.21 5.43
CA ARG A 770 -35.87 -46.05 6.07
C ARG A 770 -34.76 -45.08 6.45
N SER A 771 -34.92 -43.81 6.07
CA SER A 771 -33.93 -42.79 6.39
C SER A 771 -33.99 -42.34 7.84
N VAL A 772 -35.05 -42.67 8.56
CA VAL A 772 -35.24 -42.26 9.94
C VAL A 772 -35.43 -43.50 10.80
N SER A 773 -34.66 -43.60 11.88
CA SER A 773 -34.79 -44.71 12.80
C SER A 773 -36.04 -44.54 13.67
N ASP A 774 -36.51 -45.67 14.21
CA ASP A 774 -37.70 -45.63 15.06
C ASP A 774 -37.46 -44.81 16.32
N ALA A 775 -36.23 -44.83 16.85
CA ALA A 775 -35.92 -44.02 18.01
C ALA A 775 -36.12 -42.54 17.73
N GLU A 776 -35.69 -42.08 16.56
CA GLU A 776 -35.89 -40.68 16.19
C GLU A 776 -37.38 -40.35 16.06
N LEU A 777 -38.16 -41.27 15.50
CA LEU A 777 -39.60 -41.05 15.41
C LEU A 777 -40.22 -40.93 16.79
N ARG A 778 -39.80 -41.79 17.72
CA ARG A 778 -40.31 -41.71 19.09
C ARG A 778 -39.93 -40.38 19.73
N ARG A 779 -38.69 -39.93 19.51
CA ARG A 779 -38.26 -38.65 20.05
C ARG A 779 -39.09 -37.50 19.46
N TYR A 780 -39.35 -37.55 18.15
CA TYR A 780 -40.17 -36.51 17.53
C TYR A 780 -41.57 -36.49 18.13
N GLU A 781 -42.17 -37.66 18.29
CA GLU A 781 -43.51 -37.73 18.87
C GLU A 781 -43.51 -37.19 20.30
N ALA A 782 -42.51 -37.58 21.09
CA ALA A 782 -42.43 -37.10 22.47
C ALA A 782 -42.29 -35.58 22.51
N TYR A 783 -41.44 -35.03 21.64
CA TYR A 783 -41.27 -33.57 21.62
C TYR A 783 -42.54 -32.87 21.20
N SER A 784 -43.24 -33.41 20.20
CA SER A 784 -44.49 -32.80 19.76
C SER A 784 -45.53 -32.83 20.87
N GLN A 785 -45.65 -33.95 21.57
CA GLN A 785 -46.59 -34.01 22.69
C GLN A 785 -46.19 -33.07 23.80
N GLN A 786 -44.89 -32.94 24.07
CA GLN A 786 -44.42 -32.01 25.09
C GLN A 786 -44.81 -30.58 24.73
N MET A 787 -44.60 -30.19 23.47
CA MET A 787 -45.01 -28.86 23.05
C MET A 787 -46.51 -28.68 23.16
N LYS A 788 -47.28 -29.72 22.83
CA LYS A 788 -48.73 -29.65 22.97
C LYS A 788 -49.12 -29.41 24.42
N ALA A 789 -48.48 -30.10 25.35
CA ALA A 789 -48.77 -29.94 26.77
C ALA A 789 -47.89 -28.85 27.38
N LYS B 24 -14.11 -35.07 -30.96
CA LYS B 24 -14.47 -35.55 -32.29
C LYS B 24 -14.51 -34.40 -33.29
N THR B 25 -15.56 -33.59 -33.21
CA THR B 25 -15.74 -32.46 -34.11
C THR B 25 -15.31 -31.14 -33.50
N ALA B 26 -15.16 -31.06 -32.17
CA ALA B 26 -14.74 -29.82 -31.54
C ALA B 26 -13.40 -29.33 -32.07
N THR B 27 -12.55 -30.25 -32.54
CA THR B 27 -11.26 -29.89 -33.13
C THR B 27 -11.34 -29.82 -34.65
N ALA B 28 -12.52 -29.51 -35.19
CA ALA B 28 -12.68 -29.45 -36.63
C ALA B 28 -11.84 -28.34 -37.24
N ILE B 29 -11.73 -27.21 -36.54
CA ILE B 29 -11.00 -26.08 -37.09
C ILE B 29 -9.53 -26.43 -37.28
N LEU B 30 -8.95 -27.16 -36.34
CA LEU B 30 -7.51 -27.42 -36.39
C LEU B 30 -7.12 -28.18 -37.65
N ARG B 31 -7.88 -29.21 -37.99
CA ARG B 31 -7.58 -29.99 -39.19
C ARG B 31 -7.82 -29.15 -40.43
N ARG B 32 -6.93 -29.30 -41.41
CA ARG B 32 -6.95 -28.52 -42.64
C ARG B 32 -7.47 -29.37 -43.78
N LYS B 33 -8.38 -28.81 -44.58
CA LYS B 33 -8.92 -29.53 -45.72
C LYS B 33 -7.83 -29.78 -46.76
N LYS B 34 -7.94 -30.91 -47.44
CA LYS B 34 -6.98 -31.31 -48.46
C LYS B 34 -7.44 -30.84 -49.83
N LYS B 35 -6.46 -30.49 -50.68
CA LYS B 35 -6.74 -30.05 -52.04
C LYS B 35 -5.55 -30.42 -52.91
N ASP B 36 -5.80 -30.48 -54.22
CA ASP B 36 -4.79 -30.96 -55.15
C ASP B 36 -3.60 -30.01 -55.34
N ASN B 37 -3.79 -28.72 -55.09
CA ASN B 37 -2.73 -27.76 -55.39
C ASN B 37 -1.54 -27.84 -54.43
N MET B 38 -1.73 -28.31 -53.21
CA MET B 38 -0.64 -28.43 -52.27
C MET B 38 0.33 -29.53 -52.71
N LEU B 39 1.62 -29.28 -52.54
CA LEU B 39 2.66 -30.23 -52.89
C LEU B 39 3.65 -30.35 -51.73
N LEU B 40 4.50 -31.36 -51.79
CA LEU B 40 5.61 -32.01 -51.11
C LEU B 40 6.92 -31.27 -51.38
N VAL B 41 7.87 -31.45 -50.47
CA VAL B 41 9.18 -30.82 -50.55
C VAL B 41 10.31 -31.84 -50.57
N ASP B 42 11.18 -31.72 -51.57
CA ASP B 42 12.32 -32.63 -51.71
C ASP B 42 13.52 -31.85 -52.24
N ASP B 43 14.70 -32.39 -52.00
CA ASP B 43 15.93 -31.76 -52.45
C ASP B 43 15.99 -31.72 -53.97
N ALA B 44 16.58 -30.65 -54.50
CA ALA B 44 16.68 -30.45 -55.94
C ALA B 44 17.97 -30.98 -56.56
N ILE B 45 17.83 -31.78 -57.62
CA ILE B 45 19.00 -32.29 -58.33
C ILE B 45 19.80 -31.13 -58.93
N ASN B 46 19.10 -30.20 -59.58
CA ASN B 46 19.75 -29.04 -60.16
C ASN B 46 20.04 -27.99 -59.08
N ASP B 47 20.85 -27.01 -59.45
CA ASP B 47 21.24 -25.93 -58.55
C ASP B 47 20.42 -24.66 -58.78
N ASP B 48 19.34 -24.75 -59.57
CA ASP B 48 18.53 -23.58 -59.86
C ASP B 48 17.89 -23.04 -58.57
N ASN B 49 17.81 -21.72 -58.48
CA ASN B 49 17.23 -21.04 -57.33
C ASN B 49 15.85 -20.49 -57.62
N SER B 50 15.70 -19.68 -58.66
CA SER B 50 14.42 -19.08 -59.01
C SER B 50 13.58 -19.97 -59.90
N VAL B 51 14.12 -21.09 -60.38
CA VAL B 51 13.41 -22.03 -61.24
C VAL B 51 13.17 -23.37 -60.54
N ILE B 52 11.91 -23.79 -60.49
CA ILE B 52 11.28 -24.96 -59.87
C ILE B 52 10.67 -25.81 -60.97
N ALA B 53 11.02 -27.09 -60.98
CA ALA B 53 10.47 -28.06 -61.93
C ALA B 53 9.60 -29.12 -61.26
N ILE B 54 8.44 -29.39 -61.85
CA ILE B 54 7.28 -30.23 -61.56
C ILE B 54 6.96 -31.08 -62.78
N ASN B 55 6.31 -32.21 -62.53
CA ASN B 55 5.91 -33.11 -63.60
C ASN B 55 4.85 -32.48 -64.47
N SER B 56 4.90 -32.79 -65.77
CA SER B 56 3.89 -32.27 -66.69
C SER B 56 2.47 -32.67 -66.33
N ASN B 57 2.29 -33.85 -65.72
CA ASN B 57 0.96 -34.25 -65.27
C ASN B 57 0.39 -33.33 -64.18
N THR B 58 1.25 -32.88 -63.26
CA THR B 58 0.78 -31.95 -62.23
C THR B 58 0.27 -30.66 -62.85
N MET B 59 1.00 -30.13 -63.83
CA MET B 59 0.51 -28.95 -64.55
C MET B 59 -0.78 -29.25 -65.28
N ASP B 60 -0.88 -30.43 -65.91
CA ASP B 60 -2.11 -30.79 -66.59
C ASP B 60 -3.33 -30.84 -65.67
N LYS B 61 -3.15 -31.32 -64.43
CA LYS B 61 -4.25 -31.31 -63.48
C LYS B 61 -4.68 -29.88 -63.17
N LEU B 62 -3.73 -28.98 -62.98
CA LEU B 62 -4.02 -27.57 -62.77
C LEU B 62 -3.96 -26.75 -64.05
N GLU B 63 -3.77 -27.39 -65.20
CA GLU B 63 -3.75 -26.71 -66.50
C GLU B 63 -2.67 -25.63 -66.55
N LEU B 64 -1.53 -25.89 -65.90
CA LEU B 64 -0.40 -24.97 -65.96
C LEU B 64 0.40 -25.06 -67.25
N PHE B 65 0.87 -23.90 -67.73
CA PHE B 65 1.58 -23.81 -69.00
C PHE B 65 3.00 -23.32 -68.77
N ARG B 66 3.72 -23.12 -69.87
CA ARG B 66 5.11 -22.68 -69.83
C ARG B 66 5.18 -21.16 -69.89
N GLY B 67 6.15 -20.60 -69.16
CA GLY B 67 6.41 -19.18 -69.18
C GLY B 67 5.60 -18.36 -68.21
N ASP B 68 4.66 -18.97 -67.48
CA ASP B 68 3.85 -18.27 -66.49
C ASP B 68 4.25 -18.57 -65.05
N THR B 69 4.91 -17.62 -64.40
CA THR B 69 5.48 -17.54 -63.06
C THR B 69 4.48 -18.04 -62.04
N VAL B 70 4.99 -18.69 -60.99
CA VAL B 70 4.17 -19.32 -59.96
C VAL B 70 4.39 -18.70 -58.59
N LEU B 71 3.30 -18.32 -57.93
CA LEU B 71 3.34 -17.87 -56.55
C LEU B 71 3.33 -19.09 -55.64
N VAL B 72 4.38 -19.23 -54.82
CA VAL B 72 4.54 -20.35 -53.92
C VAL B 72 4.43 -19.83 -52.49
N LYS B 73 3.49 -20.37 -51.73
CA LYS B 73 3.28 -19.99 -50.34
C LYS B 73 3.70 -21.14 -49.44
N GLY B 74 4.55 -20.84 -48.46
CA GLY B 74 5.09 -21.85 -47.57
C GLY B 74 4.39 -21.90 -46.24
N LYS B 75 5.03 -21.39 -45.20
CA LYS B 75 4.55 -21.50 -43.84
C LYS B 75 4.41 -20.12 -43.21
N LYS B 76 3.38 -19.96 -42.38
CA LYS B 76 3.14 -18.72 -41.63
C LYS B 76 3.30 -17.48 -42.53
N ARG B 77 2.66 -17.54 -43.70
CA ARG B 77 2.58 -16.48 -44.72
C ARG B 77 3.78 -16.29 -45.65
N LYS B 78 4.87 -17.03 -45.47
CA LYS B 78 6.03 -16.87 -46.33
C LYS B 78 5.64 -17.18 -47.78
N ASP B 79 6.03 -16.30 -48.69
CA ASP B 79 5.66 -16.44 -50.09
C ASP B 79 6.83 -16.02 -50.97
N THR B 80 6.83 -16.53 -52.21
CA THR B 80 7.86 -16.22 -53.18
C THR B 80 7.30 -16.46 -54.57
N VAL B 81 8.05 -16.04 -55.58
CA VAL B 81 7.69 -16.25 -56.97
C VAL B 81 8.79 -17.05 -57.64
N LEU B 82 8.40 -18.11 -58.34
CA LEU B 82 9.35 -18.99 -59.02
C LEU B 82 8.93 -19.16 -60.47
N ILE B 83 9.79 -19.83 -61.23
CA ILE B 83 9.56 -20.11 -62.65
C ILE B 83 9.31 -21.60 -62.79
N VAL B 84 8.20 -21.95 -63.44
CA VAL B 84 7.72 -23.32 -63.51
C VAL B 84 8.33 -24.02 -64.71
N LEU B 85 8.84 -25.23 -64.49
CA LEU B 85 9.35 -26.09 -65.54
C LEU B 85 8.81 -27.51 -65.46
N ILE B 86 8.79 -28.17 -66.62
CA ILE B 86 8.34 -29.51 -66.99
C ILE B 86 9.42 -30.51 -66.62
N ASP B 87 9.13 -31.38 -65.65
CA ASP B 87 10.04 -32.46 -65.26
C ASP B 87 9.29 -33.75 -64.88
N ASP B 88 9.08 -34.62 -65.88
CA ASP B 88 8.35 -35.88 -65.96
C ASP B 88 8.93 -36.93 -65.02
N GLU B 89 10.24 -36.86 -64.75
CA GLU B 89 11.09 -37.74 -63.95
C GLU B 89 10.60 -37.80 -62.51
N LEU B 90 10.27 -36.65 -61.92
CA LEU B 90 9.80 -36.31 -60.59
C LEU B 90 8.43 -36.92 -60.32
N GLU B 91 8.23 -37.36 -59.09
CA GLU B 91 6.89 -37.75 -58.65
C GLU B 91 5.90 -36.60 -58.63
N ASP B 92 4.65 -36.88 -59.01
CA ASP B 92 3.63 -35.84 -59.00
C ASP B 92 3.45 -35.31 -57.58
N GLY B 93 3.47 -33.99 -57.44
CA GLY B 93 3.32 -33.36 -56.15
C GLY B 93 4.59 -33.19 -55.34
N ALA B 94 5.75 -33.45 -55.93
CA ALA B 94 7.14 -33.39 -55.50
C ALA B 94 7.81 -32.19 -56.15
N CYS B 95 8.51 -31.40 -55.35
CA CYS B 95 9.19 -30.19 -55.81
C CYS B 95 10.70 -30.22 -55.67
N ARG B 96 11.36 -29.41 -56.50
CA ARG B 96 12.76 -29.06 -56.77
C ARG B 96 13.06 -27.73 -56.10
N ILE B 97 13.44 -27.79 -54.83
CA ILE B 97 13.88 -26.62 -54.09
C ILE B 97 14.94 -27.05 -53.08
N ASN B 98 16.14 -26.47 -53.19
CA ASN B 98 17.44 -26.49 -52.57
C ASN B 98 17.38 -25.79 -51.21
N ARG B 99 18.47 -25.90 -50.46
CA ARG B 99 18.51 -25.28 -49.14
C ARG B 99 18.30 -23.77 -49.15
N VAL B 100 18.71 -23.09 -50.23
CA VAL B 100 18.51 -21.65 -50.31
C VAL B 100 17.03 -21.32 -50.37
N VAL B 101 16.29 -21.95 -51.27
CA VAL B 101 14.86 -21.69 -51.39
C VAL B 101 14.13 -22.18 -50.14
N ARG B 102 14.58 -23.31 -49.58
CA ARG B 102 13.98 -23.80 -48.34
C ARG B 102 14.13 -22.82 -47.18
N ASN B 103 15.31 -22.22 -47.02
CA ASN B 103 15.48 -21.19 -46.00
C ASN B 103 14.64 -19.96 -46.32
N ASN B 104 14.60 -19.55 -47.60
CA ASN B 104 13.83 -18.38 -47.96
C ASN B 104 12.37 -18.54 -47.62
N LEU B 105 11.81 -19.72 -47.91
CA LEU B 105 10.42 -20.00 -47.55
C LEU B 105 10.25 -20.29 -46.05
N ARG B 106 11.34 -20.63 -45.37
CA ARG B 106 11.29 -20.97 -43.93
C ARG B 106 10.33 -22.13 -43.69
N ILE B 107 10.61 -23.24 -44.36
CA ILE B 107 9.80 -24.44 -44.26
C ILE B 107 10.73 -25.65 -44.06
N ARG B 108 10.18 -26.69 -43.45
CA ARG B 108 10.94 -27.91 -43.20
C ARG B 108 10.82 -28.86 -44.38
N LEU B 109 11.63 -29.91 -44.35
CA LEU B 109 11.62 -30.89 -45.43
C LEU B 109 10.32 -31.66 -45.45
N GLY B 110 9.77 -31.85 -46.65
CA GLY B 110 8.58 -32.64 -46.82
C GLY B 110 7.29 -31.99 -46.40
N ASP B 111 7.30 -30.68 -46.13
CA ASP B 111 6.11 -29.99 -45.67
C ASP B 111 5.15 -29.75 -46.84
N LEU B 112 4.02 -29.11 -46.55
CA LEU B 112 3.04 -28.73 -47.55
C LEU B 112 3.17 -27.29 -48.02
N VAL B 113 3.22 -27.10 -49.32
CA VAL B 113 3.42 -25.79 -49.94
C VAL B 113 2.36 -25.59 -51.00
N THR B 114 1.78 -24.39 -51.05
CA THR B 114 0.76 -24.06 -52.03
C THR B 114 1.30 -23.36 -53.28
N ILE B 115 0.81 -23.77 -54.44
CA ILE B 115 1.23 -23.22 -55.73
C ILE B 115 0.01 -22.59 -56.40
N HIS B 116 0.17 -21.35 -56.85
CA HIS B 116 -0.88 -20.63 -57.54
C HIS B 116 -0.31 -19.99 -58.80
N PRO B 117 -1.11 -19.87 -59.87
CA PRO B 117 -0.62 -19.14 -61.04
C PRO B 117 -0.30 -17.70 -60.69
N CYS B 118 0.82 -17.21 -61.21
CA CYS B 118 1.26 -15.83 -61.00
C CYS B 118 1.72 -15.22 -62.32
N PRO B 119 0.81 -15.06 -63.28
CA PRO B 119 1.18 -14.48 -64.57
C PRO B 119 1.23 -12.96 -64.57
N ASP B 120 0.73 -12.30 -63.52
CA ASP B 120 0.62 -10.85 -63.48
C ASP B 120 1.84 -10.17 -62.87
N ILE B 121 3.01 -10.81 -62.93
CA ILE B 121 4.23 -10.22 -62.39
C ILE B 121 4.71 -9.14 -63.33
N LYS B 122 4.96 -7.96 -62.78
CA LYS B 122 5.47 -6.82 -63.55
C LYS B 122 6.97 -6.73 -63.42
N TYR B 123 7.61 -6.15 -64.44
CA TYR B 123 9.05 -5.99 -64.43
C TYR B 123 9.49 -5.05 -63.31
N ALA B 124 10.66 -5.33 -62.75
CA ALA B 124 11.16 -4.59 -61.60
C ALA B 124 11.66 -3.22 -62.04
N THR B 125 11.02 -2.16 -61.54
CA THR B 125 11.49 -0.81 -61.78
C THR B 125 12.60 -0.41 -60.83
N ARG B 126 12.83 -1.17 -59.75
CA ARG B 126 13.92 -0.86 -58.84
C ARG B 126 14.15 -2.07 -57.94
N ILE B 127 15.42 -2.36 -57.68
CA ILE B 127 15.83 -3.41 -56.75
C ILE B 127 16.90 -2.85 -55.85
N SER B 128 16.69 -2.96 -54.54
CA SER B 128 17.63 -2.48 -53.53
C SER B 128 18.06 -3.65 -52.67
N VAL B 129 19.36 -3.93 -52.66
CA VAL B 129 19.94 -5.02 -51.88
C VAL B 129 21.14 -4.47 -51.12
N LEU B 130 21.54 -5.19 -50.08
CA LEU B 130 22.69 -4.83 -49.28
C LEU B 130 23.59 -6.04 -49.07
N PRO B 131 24.89 -5.82 -48.89
CA PRO B 131 25.80 -6.94 -48.68
C PRO B 131 25.63 -7.55 -47.29
N ILE B 132 26.06 -8.80 -47.17
CA ILE B 132 26.05 -9.52 -45.91
C ILE B 132 27.49 -9.63 -45.42
N ALA B 133 27.78 -8.99 -44.29
CA ALA B 133 29.15 -8.93 -43.80
C ALA B 133 29.70 -10.33 -43.55
N ASP B 134 28.96 -11.16 -42.84
CA ASP B 134 29.47 -12.47 -42.44
C ASP B 134 29.86 -13.31 -43.64
N THR B 135 29.22 -13.10 -44.79
CA THR B 135 29.48 -13.90 -45.97
C THR B 135 30.50 -13.25 -46.92
N ILE B 136 31.03 -12.09 -46.57
CA ILE B 136 32.02 -11.43 -47.42
C ILE B 136 33.37 -11.39 -46.71
N GLU B 137 33.59 -12.36 -45.83
CA GLU B 137 34.74 -12.72 -44.99
C GLU B 137 35.74 -13.50 -45.83
N GLY B 138 36.96 -12.98 -45.94
CA GLY B 138 37.98 -13.60 -46.76
C GLY B 138 37.90 -13.28 -48.23
N ILE B 139 36.96 -12.42 -48.64
CA ILE B 139 36.79 -12.03 -50.04
C ILE B 139 37.10 -10.53 -50.14
N THR B 140 38.09 -10.19 -50.95
CA THR B 140 38.55 -8.82 -51.11
C THR B 140 38.15 -8.19 -52.44
N GLY B 141 38.44 -6.89 -52.56
CA GLY B 141 38.13 -6.15 -53.76
C GLY B 141 36.67 -5.73 -53.82
N ASN B 142 36.30 -5.14 -54.94
CA ASN B 142 34.92 -4.70 -55.18
C ASN B 142 34.05 -5.80 -55.82
N LEU B 143 33.49 -6.66 -54.97
CA LEU B 143 32.74 -7.81 -55.45
C LEU B 143 31.38 -7.42 -56.04
N PHE B 144 30.97 -6.17 -55.90
CA PHE B 144 29.66 -5.77 -56.42
C PHE B 144 29.56 -6.02 -57.92
N ASP B 145 30.53 -5.52 -58.69
CA ASP B 145 30.45 -5.64 -60.14
C ASP B 145 30.45 -7.11 -60.57
N VAL B 146 31.28 -7.94 -59.93
CA VAL B 146 31.58 -9.36 -60.11
C VAL B 146 30.36 -10.20 -59.80
N PHE B 147 29.57 -9.80 -58.79
CA PHE B 147 28.48 -10.64 -58.28
C PHE B 147 27.10 -10.15 -58.73
N LEU B 148 26.77 -8.90 -58.46
CA LEU B 148 25.41 -8.42 -58.71
C LEU B 148 25.11 -8.38 -60.21
N LYS B 149 26.04 -7.85 -61.01
CA LYS B 149 25.74 -7.63 -62.43
C LYS B 149 25.43 -8.92 -63.18
N PRO B 150 26.23 -9.99 -63.08
CA PRO B 150 25.92 -11.18 -63.88
C PRO B 150 24.54 -11.76 -63.63
N TYR B 151 24.05 -11.71 -62.39
CA TYR B 151 22.77 -12.32 -62.06
C TYR B 151 21.58 -11.41 -62.36
N PHE B 152 21.80 -10.14 -62.67
CA PHE B 152 20.73 -9.23 -63.05
C PHE B 152 20.80 -8.80 -64.50
N VAL B 153 21.83 -9.18 -65.24
CA VAL B 153 21.91 -8.90 -66.68
C VAL B 153 21.02 -9.85 -67.48
N GLU B 154 19.84 -9.37 -67.86
CA GLU B 154 18.82 -10.15 -68.57
C GLU B 154 18.59 -11.56 -68.04
N ALA B 155 18.69 -11.74 -66.73
CA ALA B 155 18.52 -13.05 -66.10
C ALA B 155 17.07 -13.42 -65.90
N TYR B 156 16.14 -12.48 -66.05
CA TYR B 156 14.70 -12.70 -65.91
C TYR B 156 14.31 -13.65 -64.78
N ARG B 157 14.75 -13.30 -63.58
CA ARG B 157 14.43 -14.06 -62.38
C ARG B 157 13.61 -13.21 -61.42
N PRO B 158 12.47 -13.69 -60.95
CA PRO B 158 11.64 -12.86 -60.05
C PRO B 158 12.36 -12.58 -58.74
N VAL B 159 12.07 -11.41 -58.18
CA VAL B 159 12.64 -10.98 -56.91
C VAL B 159 11.53 -10.37 -56.07
N ARG B 160 11.49 -10.73 -54.80
CA ARG B 160 10.50 -10.23 -53.86
C ARG B 160 11.22 -9.69 -52.61
N LYS B 161 10.60 -8.72 -51.97
CA LYS B 161 11.19 -8.11 -50.79
C LYS B 161 11.45 -9.16 -49.72
N GLY B 162 12.60 -9.05 -49.07
CA GLY B 162 12.97 -9.97 -48.01
C GLY B 162 13.60 -11.26 -48.45
N ASP B 163 13.72 -11.49 -49.76
CA ASP B 163 14.28 -12.74 -50.24
C ASP B 163 15.79 -12.79 -50.04
N HIS B 164 16.31 -14.01 -49.96
CA HIS B 164 17.74 -14.26 -49.85
C HIS B 164 18.20 -14.97 -51.12
N PHE B 165 19.27 -14.48 -51.73
CA PHE B 165 19.81 -15.09 -52.93
C PHE B 165 21.32 -15.26 -52.81
N VAL B 166 21.82 -16.34 -53.39
CA VAL B 166 23.23 -16.71 -53.31
C VAL B 166 23.92 -16.35 -54.63
N VAL B 167 25.17 -15.92 -54.53
CA VAL B 167 25.98 -15.56 -55.68
C VAL B 167 27.28 -16.35 -55.61
N ARG B 168 27.67 -16.95 -56.74
CA ARG B 168 28.90 -17.72 -56.83
C ARG B 168 29.96 -16.90 -57.57
N GLY B 169 31.15 -16.83 -56.99
CA GLY B 169 32.26 -16.15 -57.63
C GLY B 169 33.58 -16.84 -57.34
N GLY B 170 34.29 -17.24 -58.39
CA GLY B 170 35.50 -18.02 -58.22
C GLY B 170 35.19 -19.33 -57.51
N MET B 171 35.59 -19.43 -56.25
CA MET B 171 35.28 -20.58 -55.40
C MET B 171 34.66 -20.11 -54.09
N ARG B 172 33.80 -19.10 -54.16
CA ARG B 172 33.16 -18.53 -53.00
C ARG B 172 31.67 -18.35 -53.26
N GLN B 173 30.88 -18.47 -52.19
CA GLN B 173 29.44 -18.29 -52.22
C GLN B 173 29.07 -17.21 -51.21
N VAL B 174 28.29 -16.23 -51.66
CA VAL B 174 27.94 -15.07 -50.84
C VAL B 174 26.43 -14.93 -50.82
N GLU B 175 25.87 -14.74 -49.63
CA GLU B 175 24.44 -14.49 -49.45
C GLU B 175 24.15 -13.01 -49.57
N PHE B 176 22.99 -12.69 -50.12
CA PHE B 176 22.54 -11.31 -50.25
C PHE B 176 21.05 -11.23 -49.98
N LYS B 177 20.63 -10.08 -49.46
CA LYS B 177 19.26 -9.85 -49.01
C LYS B 177 18.55 -8.94 -50.00
N VAL B 178 17.32 -9.30 -50.36
CA VAL B 178 16.51 -8.49 -51.27
C VAL B 178 15.76 -7.49 -50.39
N VAL B 179 16.41 -6.37 -50.09
CA VAL B 179 15.84 -5.40 -49.16
C VAL B 179 14.54 -4.79 -49.67
N ASP B 180 14.49 -4.41 -50.96
CA ASP B 180 13.30 -3.75 -51.49
C ASP B 180 13.18 -4.03 -52.98
N VAL B 181 11.93 -4.17 -53.44
CA VAL B 181 11.62 -4.43 -54.83
C VAL B 181 10.45 -3.55 -55.24
N GLU B 182 10.56 -2.90 -56.40
CA GLU B 182 9.50 -2.10 -56.97
C GLU B 182 9.33 -2.46 -58.43
N PRO B 183 8.09 -2.61 -58.93
CA PRO B 183 6.82 -2.35 -58.22
C PRO B 183 6.51 -3.38 -57.14
N GLU B 184 5.89 -2.92 -56.06
CA GLU B 184 5.63 -3.79 -54.92
C GLU B 184 4.58 -4.85 -55.28
N GLU B 185 4.77 -6.07 -54.79
CA GLU B 185 5.92 -6.47 -53.98
C GLU B 185 7.02 -7.35 -54.59
N TYR B 186 6.70 -8.00 -55.70
CA TYR B 186 7.62 -8.87 -56.40
C TYR B 186 7.62 -8.50 -57.88
N ALA B 187 8.78 -8.60 -58.52
CA ALA B 187 8.90 -8.16 -59.91
C ALA B 187 10.01 -8.92 -60.60
N VAL B 188 9.95 -8.95 -61.92
CA VAL B 188 10.96 -9.62 -62.73
C VAL B 188 12.19 -8.72 -62.83
N VAL B 189 13.36 -9.34 -62.75
CA VAL B 189 14.64 -8.61 -62.84
C VAL B 189 15.25 -8.68 -64.24
N ALA B 190 15.64 -7.52 -64.75
CA ALA B 190 16.29 -7.07 -65.98
C ALA B 190 17.39 -6.08 -65.64
N GLN B 191 18.43 -6.06 -66.48
CA GLN B 191 19.59 -5.22 -66.20
C GLN B 191 19.21 -3.74 -66.12
N ASP B 192 18.20 -3.32 -66.89
CA ASP B 192 17.79 -1.93 -66.88
C ASP B 192 17.16 -1.50 -65.57
N THR B 193 16.82 -2.44 -64.69
CA THR B 193 16.25 -2.08 -63.40
C THR B 193 17.16 -1.22 -62.52
N ILE B 194 16.56 -0.26 -61.84
CA ILE B 194 17.31 0.67 -60.99
C ILE B 194 17.97 -0.09 -59.85
N ILE B 195 19.29 -0.16 -59.87
CA ILE B 195 20.05 -0.93 -58.89
C ILE B 195 20.43 -0.04 -57.73
N HIS B 196 20.21 -0.51 -56.50
CA HIS B 196 20.63 0.19 -55.29
C HIS B 196 21.36 -0.81 -54.40
N TRP B 197 22.68 -0.82 -54.47
CA TRP B 197 23.49 -1.81 -53.76
C TRP B 197 24.34 -1.23 -52.64
N GLU B 198 24.51 0.09 -52.58
CA GLU B 198 25.37 0.69 -51.58
C GLU B 198 24.61 0.91 -50.27
N GLY B 199 25.19 0.42 -49.18
CA GLY B 199 24.58 0.59 -47.88
C GLY B 199 25.31 -0.22 -46.84
N GLU B 200 24.82 -0.13 -45.62
CA GLU B 200 25.46 -0.81 -44.49
C GLU B 200 25.31 -2.32 -44.65
N PRO B 201 26.39 -3.09 -44.50
CA PRO B 201 26.24 -4.56 -44.53
C PRO B 201 25.36 -5.05 -43.39
N ILE B 202 24.67 -6.16 -43.64
CA ILE B 202 23.74 -6.75 -42.68
C ILE B 202 24.33 -8.07 -42.21
N ASN B 203 24.40 -8.24 -40.89
CA ASN B 203 24.85 -9.50 -40.31
C ASN B 203 23.72 -10.52 -40.33
N ARG B 204 24.11 -11.80 -40.32
CA ARG B 204 23.13 -12.89 -40.32
C ARG B 204 22.68 -13.24 -38.91
N GLU B 205 22.21 -12.23 -38.19
CA GLU B 205 21.65 -12.42 -36.85
C GLU B 205 20.45 -11.50 -36.60
N ASP B 206 19.97 -10.79 -37.63
CA ASP B 206 18.83 -9.89 -37.44
C ASP B 206 17.59 -10.66 -36.99
N GLU B 207 17.51 -11.94 -37.31
CA GLU B 207 16.30 -12.70 -36.99
C GLU B 207 15.97 -12.67 -35.51
N GLU B 208 16.99 -12.53 -34.66
CA GLU B 208 16.75 -12.58 -33.21
C GLU B 208 15.84 -11.45 -32.76
N ASN B 209 16.06 -10.23 -33.27
CA ASN B 209 15.21 -9.12 -32.87
C ASN B 209 13.79 -9.28 -33.39
N ASN B 210 13.59 -10.10 -34.42
CA ASN B 210 12.27 -10.46 -34.92
C ASN B 210 11.95 -11.92 -34.59
N MET B 211 12.49 -12.42 -33.47
CA MET B 211 12.29 -13.81 -33.10
C MET B 211 10.88 -14.02 -32.57
N ASN B 212 9.90 -13.96 -33.46
CA ASN B 212 8.51 -14.22 -33.09
C ASN B 212 7.78 -15.05 -34.13
N GLU B 213 8.47 -15.54 -35.17
CA GLU B 213 7.85 -16.38 -36.18
C GLU B 213 7.67 -17.77 -35.60
N VAL B 214 6.63 -17.91 -34.78
CA VAL B 214 6.33 -19.17 -34.09
C VAL B 214 5.00 -19.73 -34.56
N GLY B 215 5.05 -20.60 -35.57
CA GLY B 215 3.84 -21.20 -36.10
C GLY B 215 3.27 -22.24 -35.16
N TYR B 216 2.06 -22.70 -35.50
CA TYR B 216 1.40 -23.69 -34.66
C TYR B 216 2.23 -24.96 -34.51
N ASP B 217 3.13 -25.23 -35.45
CA ASP B 217 3.96 -26.43 -35.38
C ASP B 217 4.95 -26.38 -34.22
N ASP B 218 5.12 -25.23 -33.58
CA ASP B 218 6.01 -25.12 -32.43
C ASP B 218 5.28 -25.32 -31.10
N ILE B 219 4.00 -25.67 -31.15
CA ILE B 219 3.21 -25.94 -29.95
C ILE B 219 2.71 -27.38 -30.03
N GLY B 220 2.85 -28.12 -28.95
CA GLY B 220 2.40 -29.50 -28.91
C GLY B 220 1.70 -29.80 -27.60
N GLY B 221 0.88 -30.84 -27.62
CA GLY B 221 0.18 -31.29 -26.44
C GLY B 221 -1.01 -30.45 -26.04
N CYS B 222 -1.46 -29.53 -26.90
CA CYS B 222 -2.59 -28.66 -26.60
C CYS B 222 -3.54 -28.60 -27.80
N ARG B 223 -3.88 -29.76 -28.33
CA ARG B 223 -4.80 -29.81 -29.47
C ARG B 223 -6.12 -29.13 -29.14
N LYS B 224 -6.72 -29.49 -28.00
CA LYS B 224 -8.02 -28.94 -27.66
C LYS B 224 -7.95 -27.43 -27.46
N GLN B 225 -6.94 -26.96 -26.74
CA GLN B 225 -6.81 -25.51 -26.51
C GLN B 225 -6.47 -24.79 -27.81
N MET B 226 -5.62 -25.40 -28.65
CA MET B 226 -5.36 -24.83 -29.97
C MET B 226 -6.67 -24.63 -30.73
N ALA B 227 -7.50 -25.66 -30.76
CA ALA B 227 -8.77 -25.57 -31.48
C ALA B 227 -9.64 -24.47 -30.89
N GLN B 228 -9.73 -24.40 -29.56
CA GLN B 228 -10.58 -23.39 -28.94
C GLN B 228 -10.10 -21.98 -29.31
N ILE B 229 -8.81 -21.72 -29.14
CA ILE B 229 -8.30 -20.37 -29.39
C ILE B 229 -8.44 -20.00 -30.86
N ARG B 230 -8.13 -20.95 -31.75
CA ARG B 230 -8.34 -20.68 -33.17
C ARG B 230 -9.78 -20.32 -33.45
N GLU B 231 -10.71 -21.17 -33.01
CA GLU B 231 -12.12 -20.92 -33.25
C GLU B 231 -12.58 -19.63 -32.60
N MET B 232 -11.87 -19.14 -31.60
CA MET B 232 -12.28 -17.91 -30.92
C MET B 232 -11.80 -16.68 -31.66
N VAL B 233 -10.51 -16.62 -32.00
CA VAL B 233 -9.74 -15.49 -32.53
C VAL B 233 -9.79 -15.48 -34.06
N GLU B 234 -9.38 -16.58 -34.70
CA GLU B 234 -9.21 -16.59 -36.15
C GLU B 234 -10.46 -16.11 -36.86
N LEU B 235 -11.61 -16.69 -36.55
CA LEU B 235 -12.82 -16.41 -37.32
C LEU B 235 -13.22 -14.94 -37.25
N PRO B 236 -13.33 -14.31 -36.09
CA PRO B 236 -13.71 -12.89 -36.08
C PRO B 236 -12.79 -12.00 -36.89
N LEU B 237 -11.50 -12.29 -36.92
CA LEU B 237 -10.52 -11.46 -37.62
C LEU B 237 -10.26 -11.93 -39.04
N ARG B 238 -10.94 -12.97 -39.51
CA ARG B 238 -10.73 -13.46 -40.87
C ARG B 238 -12.01 -13.75 -41.64
N HIS B 239 -13.17 -13.83 -41.00
CA HIS B 239 -14.40 -14.15 -41.70
C HIS B 239 -15.59 -13.53 -40.97
N PRO B 240 -15.62 -12.21 -40.80
CA PRO B 240 -16.77 -11.59 -40.13
C PRO B 240 -18.08 -11.84 -40.87
N GLN B 241 -18.02 -12.07 -42.18
CA GLN B 241 -19.23 -12.32 -42.94
C GLN B 241 -20.00 -13.52 -42.40
N LEU B 242 -19.32 -14.48 -41.78
CA LEU B 242 -20.02 -15.61 -41.19
C LEU B 242 -20.98 -15.14 -40.09
N PHE B 243 -20.46 -14.35 -39.15
CA PHE B 243 -21.31 -13.86 -38.07
C PHE B 243 -22.35 -12.88 -38.58
N LYS B 244 -22.04 -12.16 -39.66
CA LYS B 244 -23.06 -11.33 -40.30
C LYS B 244 -24.20 -12.19 -40.82
N ALA B 245 -23.88 -13.31 -41.46
CA ALA B 245 -24.92 -14.17 -42.03
C ALA B 245 -25.75 -14.82 -40.93
N ILE B 246 -25.09 -15.41 -39.94
CA ILE B 246 -25.83 -16.05 -38.85
C ILE B 246 -26.35 -15.02 -37.86
N GLY B 247 -25.77 -13.82 -37.83
CA GLY B 247 -26.29 -12.74 -37.02
C GLY B 247 -26.04 -12.86 -35.54
N ILE B 248 -24.76 -12.87 -35.14
CA ILE B 248 -24.39 -12.84 -33.73
C ILE B 248 -23.14 -11.98 -33.59
N LYS B 249 -23.00 -11.37 -32.42
CA LYS B 249 -21.82 -10.55 -32.14
C LYS B 249 -20.65 -11.46 -31.80
N PRO B 250 -19.56 -11.43 -32.56
CA PRO B 250 -18.45 -12.35 -32.28
C PRO B 250 -17.87 -12.13 -30.91
N PRO B 251 -17.48 -13.19 -30.21
CA PRO B 251 -16.85 -13.00 -28.89
C PRO B 251 -15.50 -12.32 -29.02
N ARG B 252 -15.18 -11.51 -28.01
CA ARG B 252 -13.93 -10.76 -28.02
C ARG B 252 -13.18 -10.76 -26.70
N GLY B 253 -13.73 -11.32 -25.63
CA GLY B 253 -13.00 -11.44 -24.38
C GLY B 253 -12.56 -12.87 -24.12
N VAL B 254 -11.27 -13.14 -24.31
CA VAL B 254 -10.70 -14.47 -24.09
C VAL B 254 -9.62 -14.34 -23.04
N LEU B 255 -9.67 -15.19 -22.01
CA LEU B 255 -8.74 -15.15 -20.89
C LEU B 255 -8.12 -16.53 -20.74
N MET B 256 -6.80 -16.60 -20.87
CA MET B 256 -6.07 -17.86 -20.71
C MET B 256 -5.51 -17.94 -19.30
N TYR B 257 -5.61 -19.12 -18.69
CA TYR B 257 -4.94 -19.32 -17.42
C TYR B 257 -4.52 -20.77 -17.27
N GLY B 258 -3.52 -20.98 -16.44
CA GLY B 258 -2.95 -22.30 -16.21
C GLY B 258 -1.69 -22.20 -15.37
N PRO B 259 -1.06 -23.34 -15.10
CA PRO B 259 0.15 -23.32 -14.29
C PRO B 259 1.24 -22.54 -14.99
N PRO B 260 2.15 -21.93 -14.24
CA PRO B 260 3.21 -21.13 -14.86
C PRO B 260 4.11 -22.00 -15.73
N GLY B 261 4.62 -21.39 -16.79
CA GLY B 261 5.51 -22.11 -17.69
C GLY B 261 4.82 -23.13 -18.55
N THR B 262 3.52 -22.99 -18.79
CA THR B 262 2.77 -23.93 -19.61
C THR B 262 2.77 -23.57 -21.08
N GLY B 263 3.15 -22.36 -21.44
CA GLY B 263 3.21 -21.92 -22.81
C GLY B 263 2.18 -20.89 -23.22
N LYS B 264 1.57 -20.18 -22.27
CA LYS B 264 0.52 -19.23 -22.61
C LYS B 264 1.05 -18.12 -23.52
N THR B 265 2.17 -17.51 -23.12
CA THR B 265 2.73 -16.42 -23.92
C THR B 265 3.10 -16.89 -25.31
N LEU B 266 3.72 -18.08 -25.40
CA LEU B 266 4.07 -18.61 -26.72
C LEU B 266 2.82 -18.87 -27.54
N MET B 267 1.76 -19.37 -26.91
CA MET B 267 0.52 -19.62 -27.63
C MET B 267 -0.04 -18.32 -28.21
N ALA B 268 -0.08 -17.27 -27.39
CA ALA B 268 -0.60 -15.99 -27.87
C ALA B 268 0.24 -15.44 -29.01
N ARG B 269 1.57 -15.51 -28.85
CA ARG B 269 2.45 -15.02 -29.92
C ARG B 269 2.22 -15.80 -31.21
N ALA B 270 2.11 -17.12 -31.11
CA ALA B 270 1.91 -17.94 -32.30
C ALA B 270 0.60 -17.58 -32.98
N VAL B 271 -0.48 -17.42 -32.20
CA VAL B 271 -1.76 -17.06 -32.81
C VAL B 271 -1.70 -15.70 -33.49
N ALA B 272 -1.08 -14.71 -32.83
CA ALA B 272 -1.00 -13.38 -33.43
C ALA B 272 -0.19 -13.42 -34.72
N ASN B 273 0.94 -14.13 -34.71
CA ASN B 273 1.76 -14.20 -35.92
C ASN B 273 1.03 -14.93 -37.05
N GLU B 274 0.34 -16.03 -36.72
CA GLU B 274 -0.41 -16.75 -37.75
C GLU B 274 -1.55 -15.94 -38.34
N THR B 275 -2.30 -15.20 -37.52
CA THR B 275 -3.38 -14.39 -38.04
C THR B 275 -2.91 -13.24 -38.93
N GLY B 276 -1.68 -12.76 -38.72
CA GLY B 276 -1.13 -11.71 -39.56
C GLY B 276 -1.92 -10.42 -39.52
N ALA B 277 -2.28 -9.97 -38.32
CA ALA B 277 -3.06 -8.75 -38.15
C ALA B 277 -2.34 -7.84 -37.16
N PHE B 278 -2.93 -6.66 -36.96
CA PHE B 278 -2.38 -5.68 -36.01
C PHE B 278 -2.21 -6.17 -34.58
N PHE B 279 -0.97 -6.27 -34.11
CA PHE B 279 -0.65 -6.88 -32.83
C PHE B 279 -0.11 -5.81 -31.89
N PHE B 280 -0.62 -5.80 -30.66
CA PHE B 280 -0.30 -4.76 -29.68
C PHE B 280 0.00 -5.41 -28.34
N LEU B 281 1.26 -5.75 -28.09
CA LEU B 281 1.64 -6.29 -26.80
C LEU B 281 1.55 -5.21 -25.72
N ILE B 282 1.11 -5.61 -24.53
CA ILE B 282 1.07 -4.71 -23.37
C ILE B 282 1.68 -5.51 -22.21
N ASN B 283 2.97 -5.32 -21.98
CA ASN B 283 3.62 -5.90 -20.80
C ASN B 283 3.13 -5.28 -19.50
N GLY B 284 2.34 -6.04 -18.73
CA GLY B 284 1.60 -5.82 -17.51
C GLY B 284 2.35 -4.92 -16.55
N PRO B 285 3.56 -5.33 -16.15
CA PRO B 285 4.35 -4.47 -15.26
C PRO B 285 4.65 -3.10 -15.85
N GLU B 286 4.86 -3.03 -17.17
CA GLU B 286 5.28 -1.79 -17.80
C GLU B 286 4.20 -0.71 -17.79
N VAL B 287 2.95 -1.07 -17.45
CA VAL B 287 1.86 -0.12 -17.57
C VAL B 287 2.06 1.08 -16.65
N MET B 288 2.49 0.83 -15.41
CA MET B 288 2.56 1.90 -14.43
C MET B 288 3.58 2.96 -14.85
N SER B 289 3.26 4.22 -14.57
CA SER B 289 4.09 5.35 -14.94
C SER B 289 4.20 6.31 -13.78
N LYS B 290 5.31 7.07 -13.77
CA LYS B 290 5.65 7.93 -12.64
C LYS B 290 4.63 9.03 -12.40
N MET B 291 4.48 9.94 -13.36
CA MET B 291 3.66 11.13 -13.14
C MET B 291 2.18 10.90 -13.39
N ALA B 292 1.36 11.85 -12.95
CA ALA B 292 -0.08 11.72 -13.03
C ALA B 292 -0.64 11.59 -14.44
N GLY B 293 -1.60 10.69 -14.61
CA GLY B 293 -2.29 10.57 -15.88
C GLY B 293 -1.41 10.18 -17.04
N GLU B 294 -0.46 9.27 -16.83
CA GLU B 294 0.37 8.74 -17.91
C GLU B 294 -0.02 7.33 -18.30
N SER B 295 -0.20 6.44 -17.32
CA SER B 295 -0.64 5.08 -17.64
C SER B 295 -2.03 5.05 -18.29
N GLU B 296 -2.95 5.87 -17.80
CA GLU B 296 -4.27 5.93 -18.42
C GLU B 296 -4.18 6.41 -19.86
N SER B 297 -3.36 7.42 -20.09
CA SER B 297 -3.17 7.89 -21.46
C SER B 297 -2.57 6.80 -22.34
N ASN B 298 -1.59 6.07 -21.80
CA ASN B 298 -0.99 4.98 -22.57
C ASN B 298 -2.04 3.95 -22.95
N LEU B 299 -2.88 3.54 -22.00
CA LEU B 299 -3.92 2.56 -22.31
C LEU B 299 -4.97 3.07 -23.30
N ARG B 300 -5.41 4.32 -23.13
CA ARG B 300 -6.40 4.87 -24.05
C ARG B 300 -5.84 4.96 -25.46
N LYS B 301 -4.59 5.41 -25.59
CA LYS B 301 -3.96 5.42 -26.91
C LYS B 301 -3.81 4.01 -27.45
N ALA B 302 -3.51 3.05 -26.57
CA ALA B 302 -3.47 1.65 -27.01
C ALA B 302 -4.77 1.19 -27.65
N PHE B 303 -5.89 1.40 -26.96
CA PHE B 303 -7.16 1.00 -27.55
C PHE B 303 -7.54 1.79 -28.80
N GLU B 304 -7.27 3.11 -28.81
CA GLU B 304 -7.57 3.91 -29.99
C GLU B 304 -6.79 3.41 -31.19
N GLU B 305 -5.50 3.13 -31.02
CA GLU B 305 -4.69 2.61 -32.11
C GLU B 305 -5.17 1.23 -32.53
N ALA B 306 -5.46 0.35 -31.58
CA ALA B 306 -5.99 -0.96 -31.93
C ALA B 306 -7.26 -0.89 -32.75
N GLU B 307 -8.11 0.11 -32.51
CA GLU B 307 -9.29 0.28 -33.33
C GLU B 307 -8.97 0.89 -34.68
N LYS B 308 -8.03 1.84 -34.73
CA LYS B 308 -7.76 2.55 -35.97
C LYS B 308 -7.25 1.61 -37.05
N ASN B 309 -6.33 0.70 -36.70
CA ASN B 309 -5.68 -0.18 -37.65
C ASN B 309 -6.33 -1.56 -37.69
N ALA B 310 -7.65 -1.63 -37.53
CA ALA B 310 -8.31 -2.91 -37.51
C ALA B 310 -8.09 -3.65 -38.83
N PRO B 311 -8.05 -4.99 -38.80
CA PRO B 311 -8.24 -5.86 -37.65
C PRO B 311 -7.07 -5.86 -36.70
N ALA B 312 -7.33 -6.02 -35.41
CA ALA B 312 -6.28 -5.92 -34.39
C ALA B 312 -6.41 -6.97 -33.30
N ILE B 313 -5.28 -7.28 -32.68
CA ILE B 313 -5.22 -8.18 -31.53
C ILE B 313 -4.46 -7.45 -30.41
N ILE B 314 -5.07 -7.39 -29.24
CA ILE B 314 -4.48 -6.76 -28.07
C ILE B 314 -4.19 -7.87 -27.06
N PHE B 315 -2.92 -8.07 -26.75
CA PHE B 315 -2.49 -9.11 -25.82
C PHE B 315 -2.07 -8.44 -24.52
N ILE B 316 -2.95 -8.44 -23.54
CA ILE B 316 -2.67 -7.80 -22.24
C ILE B 316 -1.96 -8.86 -21.41
N ASP B 317 -0.65 -8.93 -21.58
CA ASP B 317 0.13 -9.90 -20.83
C ASP B 317 0.08 -9.60 -19.33
N GLU B 318 0.19 -10.66 -18.54
CA GLU B 318 0.18 -10.85 -17.07
C GLU B 318 -0.74 -9.86 -16.36
N ILE B 319 -2.02 -9.93 -16.73
CA ILE B 319 -3.00 -8.94 -16.29
C ILE B 319 -3.09 -8.87 -14.77
N ASP B 320 -2.75 -9.94 -14.06
CA ASP B 320 -2.92 -9.93 -12.61
C ASP B 320 -2.06 -8.86 -11.94
N SER B 321 -1.06 -8.34 -12.63
CA SER B 321 -0.20 -7.30 -12.06
C SER B 321 -0.75 -5.89 -12.26
N ILE B 322 -1.83 -5.73 -13.02
CA ILE B 322 -2.44 -4.42 -13.20
C ILE B 322 -3.95 -4.52 -12.96
N ALA B 323 -4.39 -5.63 -12.39
CA ALA B 323 -5.80 -5.77 -12.04
C ALA B 323 -5.95 -6.73 -10.86
N PRO B 324 -5.30 -6.46 -9.73
CA PRO B 324 -5.45 -7.35 -8.58
C PRO B 324 -6.80 -7.18 -7.91
N LYS B 325 -7.07 -7.98 -6.87
CA LYS B 325 -8.32 -7.86 -6.14
C LYS B 325 -8.51 -6.42 -5.66
N ARG B 326 -9.55 -5.76 -6.17
CA ARG B 326 -9.67 -4.32 -5.97
C ARG B 326 -9.71 -3.95 -4.50
N ASP B 327 -10.53 -4.67 -3.72
CA ASP B 327 -10.64 -4.34 -2.30
C ASP B 327 -9.32 -4.60 -1.58
N LYS B 328 -8.61 -5.66 -1.93
CA LYS B 328 -7.38 -6.02 -1.25
C LYS B 328 -6.17 -5.14 -1.56
N THR B 329 -6.25 -4.29 -2.58
CA THR B 329 -5.18 -3.37 -2.93
C THR B 329 -5.75 -1.99 -3.13
N ASN B 330 -5.09 -0.98 -2.57
CA ASN B 330 -5.60 0.38 -2.57
C ASN B 330 -4.45 1.33 -2.89
N GLY B 331 -4.69 2.62 -2.70
CA GLY B 331 -3.76 3.68 -3.06
C GLY B 331 -4.24 4.57 -4.18
N GLU B 332 -5.42 4.27 -4.75
CA GLU B 332 -6.04 5.07 -5.80
C GLU B 332 -5.33 4.89 -7.14
N VAL B 333 -4.15 4.29 -7.13
CA VAL B 333 -3.40 4.12 -8.37
C VAL B 333 -3.81 2.82 -9.07
N GLU B 334 -3.75 1.71 -8.35
CA GLU B 334 -4.28 0.46 -8.91
C GLU B 334 -5.77 0.61 -9.20
N ARG B 335 -6.51 1.27 -8.30
CA ARG B 335 -7.93 1.47 -8.54
C ARG B 335 -8.16 2.30 -9.80
N ARG B 336 -7.39 3.38 -9.96
CA ARG B 336 -7.56 4.22 -11.15
C ARG B 336 -7.26 3.41 -12.41
N VAL B 337 -6.14 2.68 -12.42
CA VAL B 337 -5.75 1.94 -13.61
C VAL B 337 -6.79 0.88 -13.95
N VAL B 338 -7.25 0.14 -12.94
CA VAL B 338 -8.24 -0.91 -13.20
C VAL B 338 -9.57 -0.34 -13.67
N SER B 339 -10.02 0.76 -13.08
CA SER B 339 -11.26 1.38 -13.54
C SER B 339 -11.12 1.87 -14.98
N GLN B 340 -9.97 2.44 -15.33
CA GLN B 340 -9.76 2.86 -16.70
C GLN B 340 -9.79 1.67 -17.65
N LEU B 341 -9.16 0.56 -17.24
CA LEU B 341 -9.18 -0.62 -18.07
C LEU B 341 -10.59 -1.14 -18.28
N LEU B 342 -11.39 -1.17 -17.22
CA LEU B 342 -12.77 -1.62 -17.35
C LEU B 342 -13.57 -0.71 -18.28
N THR B 343 -13.41 0.60 -18.11
CA THR B 343 -14.15 1.53 -18.98
C THR B 343 -13.74 1.36 -20.44
N LEU B 344 -12.44 1.24 -20.69
CA LEU B 344 -11.99 1.02 -22.06
C LEU B 344 -12.55 -0.28 -22.63
N MET B 345 -12.50 -1.35 -21.84
CA MET B 345 -13.00 -2.63 -22.33
C MET B 345 -14.48 -2.62 -22.64
N ASP B 346 -15.29 -1.98 -21.79
CA ASP B 346 -16.72 -1.89 -22.07
C ASP B 346 -17.01 -0.91 -23.21
N GLY B 347 -16.12 0.06 -23.43
CA GLY B 347 -16.37 1.08 -24.43
C GLY B 347 -16.18 0.61 -25.85
N MET B 348 -15.40 -0.45 -26.06
CA MET B 348 -15.18 -0.93 -27.42
C MET B 348 -16.46 -1.32 -28.16
N LYS B 349 -16.54 -0.95 -29.43
CA LYS B 349 -17.56 -1.13 -30.45
C LYS B 349 -17.88 -2.61 -30.60
N ALA B 350 -19.18 -2.93 -30.60
CA ALA B 350 -19.59 -4.33 -30.72
C ALA B 350 -19.10 -4.92 -32.04
N ARG B 351 -19.29 -4.19 -33.14
CA ARG B 351 -18.78 -4.60 -34.44
C ARG B 351 -17.49 -3.89 -34.84
N SER B 352 -16.38 -4.37 -34.30
CA SER B 352 -15.07 -3.84 -34.62
C SER B 352 -14.06 -4.97 -34.50
N ASN B 353 -13.16 -5.08 -35.48
CA ASN B 353 -12.24 -6.21 -35.54
C ASN B 353 -11.13 -6.02 -34.50
N VAL B 354 -11.53 -6.12 -33.24
CA VAL B 354 -10.60 -6.10 -32.11
C VAL B 354 -10.89 -7.21 -31.11
N VAL B 355 -9.86 -7.99 -30.77
CA VAL B 355 -9.99 -9.11 -29.85
C VAL B 355 -8.94 -8.96 -28.77
N VAL B 356 -9.34 -9.10 -27.52
CA VAL B 356 -8.46 -8.91 -26.37
C VAL B 356 -8.12 -10.28 -25.80
N ILE B 357 -6.84 -10.51 -25.56
CA ILE B 357 -6.35 -11.75 -24.97
C ILE B 357 -5.56 -11.42 -23.72
N ALA B 358 -5.86 -12.08 -22.62
CA ALA B 358 -5.20 -11.85 -21.35
C ALA B 358 -4.66 -13.16 -20.81
N ALA B 359 -3.41 -13.15 -20.37
CA ALA B 359 -2.74 -14.33 -19.83
C ALA B 359 -2.49 -14.13 -18.34
N THR B 360 -2.78 -15.14 -17.54
CA THR B 360 -2.60 -15.04 -16.09
C THR B 360 -2.67 -16.44 -15.49
N ASN B 361 -1.73 -16.74 -14.59
CA ASN B 361 -1.69 -18.04 -13.95
C ASN B 361 -2.54 -18.11 -12.68
N ARG B 362 -3.27 -17.03 -12.35
CA ARG B 362 -4.11 -16.98 -11.16
C ARG B 362 -5.56 -16.56 -11.39
N PRO B 363 -6.43 -17.50 -11.77
CA PRO B 363 -7.80 -17.11 -12.15
C PRO B 363 -8.57 -16.41 -11.05
N ASN B 364 -8.33 -16.75 -9.78
CA ASN B 364 -9.08 -16.16 -8.68
C ASN B 364 -8.47 -14.86 -8.18
N SER B 365 -7.33 -14.44 -8.73
CA SER B 365 -6.67 -13.22 -8.27
C SER B 365 -7.14 -11.98 -9.01
N ILE B 366 -7.64 -12.13 -10.24
CA ILE B 366 -8.07 -10.97 -11.01
C ILE B 366 -9.28 -10.34 -10.34
N ASP B 367 -9.41 -9.03 -10.50
CA ASP B 367 -10.54 -8.32 -9.92
C ASP B 367 -11.85 -8.86 -10.51
N PRO B 368 -12.77 -9.39 -9.69
CA PRO B 368 -14.00 -9.95 -10.26
C PRO B 368 -14.83 -9.19 -11.28
N ALA B 369 -14.60 -7.88 -11.39
CA ALA B 369 -15.33 -7.09 -12.37
C ALA B 369 -14.90 -7.39 -13.80
N LEU B 370 -13.81 -8.12 -14.00
CA LEU B 370 -13.30 -8.44 -15.32
C LEU B 370 -13.85 -9.74 -15.88
N ARG B 371 -14.80 -10.37 -15.20
CA ARG B 371 -15.33 -11.66 -15.59
C ARG B 371 -16.85 -11.63 -15.64
N ARG B 372 -17.40 -10.59 -16.28
CA ARG B 372 -18.83 -10.46 -16.51
C ARG B 372 -19.09 -10.32 -18.00
N PHE B 373 -20.36 -10.48 -18.39
CA PHE B 373 -20.73 -10.33 -19.78
C PHE B 373 -20.38 -8.96 -20.37
N GLY B 374 -19.78 -8.98 -21.56
CA GLY B 374 -19.16 -7.97 -22.39
C GLY B 374 -17.69 -7.75 -22.12
N ARG B 375 -17.06 -8.65 -21.36
CA ARG B 375 -15.65 -8.53 -21.00
C ARG B 375 -15.07 -9.93 -21.10
N PHE B 376 -13.90 -10.13 -20.49
CA PHE B 376 -13.29 -11.45 -20.53
C PHE B 376 -14.25 -12.50 -20.00
N ASP B 377 -14.74 -13.35 -20.88
CA ASP B 377 -15.68 -14.40 -20.53
C ASP B 377 -15.25 -15.77 -21.03
N ARG B 378 -14.65 -15.85 -22.22
CA ARG B 378 -14.20 -17.12 -22.76
C ARG B 378 -12.93 -17.53 -22.02
N GLU B 379 -13.08 -18.38 -21.00
CA GLU B 379 -11.95 -18.80 -20.18
C GLU B 379 -11.36 -20.08 -20.74
N VAL B 380 -10.06 -20.08 -20.98
CA VAL B 380 -9.32 -21.23 -21.48
C VAL B 380 -8.40 -21.70 -20.36
N ASP B 381 -8.43 -23.00 -20.08
CA ASP B 381 -7.60 -23.61 -19.06
C ASP B 381 -6.60 -24.54 -19.73
N ILE B 382 -5.32 -24.34 -19.42
CA ILE B 382 -4.24 -25.15 -19.98
C ILE B 382 -3.64 -25.96 -18.83
N GLY B 383 -3.67 -27.28 -18.99
CA GLY B 383 -3.16 -28.18 -17.97
C GLY B 383 -1.89 -28.88 -18.44
N ILE B 384 -1.25 -29.55 -17.49
CA ILE B 384 0.01 -30.23 -17.82
C ILE B 384 -0.27 -31.31 -18.84
N PRO B 385 0.55 -31.48 -19.88
CA PRO B 385 0.25 -32.48 -20.90
C PRO B 385 0.46 -33.89 -20.40
N ASP B 386 -0.09 -34.84 -21.15
CA ASP B 386 0.07 -36.26 -20.87
C ASP B 386 1.32 -36.77 -21.60
N ALA B 387 1.48 -38.10 -21.67
CA ALA B 387 2.67 -38.66 -22.28
C ALA B 387 2.81 -38.23 -23.74
N THR B 388 1.71 -38.26 -24.49
CA THR B 388 1.77 -37.85 -25.88
C THR B 388 2.18 -36.39 -26.00
N GLY B 389 1.61 -35.52 -25.16
CA GLY B 389 1.99 -34.12 -25.19
C GLY B 389 3.45 -33.91 -24.87
N ARG B 390 3.97 -34.62 -23.87
CA ARG B 390 5.38 -34.50 -23.53
C ARG B 390 6.26 -34.98 -24.67
N LEU B 391 5.86 -36.06 -25.34
CA LEU B 391 6.63 -36.52 -26.49
C LEU B 391 6.64 -35.47 -27.60
N GLU B 392 5.49 -34.85 -27.86
CA GLU B 392 5.44 -33.80 -28.88
C GLU B 392 6.34 -32.63 -28.49
N VAL B 393 6.32 -32.23 -27.22
CA VAL B 393 7.16 -31.12 -26.78
C VAL B 393 8.62 -31.48 -26.97
N LEU B 394 9.01 -32.69 -26.58
CA LEU B 394 10.40 -33.11 -26.75
C LEU B 394 10.81 -33.05 -28.20
N ARG B 395 9.96 -33.60 -29.08
CA ARG B 395 10.28 -33.55 -30.51
C ARG B 395 10.45 -32.11 -30.98
N ILE B 396 9.57 -31.22 -30.53
CA ILE B 396 9.65 -29.82 -30.97
C ILE B 396 10.97 -29.21 -30.53
N HIS B 397 11.37 -29.42 -29.28
CA HIS B 397 12.56 -28.78 -28.77
C HIS B 397 13.83 -29.40 -29.33
N THR B 398 13.90 -30.73 -29.37
CA THR B 398 15.11 -31.40 -29.82
C THR B 398 15.10 -31.67 -31.33
N LYS B 399 14.80 -30.63 -32.10
CA LYS B 399 14.84 -30.70 -33.55
C LYS B 399 16.12 -30.10 -34.11
N ASN B 400 17.06 -29.70 -33.26
CA ASN B 400 18.32 -29.12 -33.70
C ASN B 400 19.54 -29.72 -33.02
N MET B 401 19.40 -30.33 -31.85
CA MET B 401 20.55 -30.91 -31.17
C MET B 401 21.13 -32.05 -31.99
N LYS B 402 22.46 -32.15 -31.99
CA LYS B 402 23.17 -33.23 -32.66
C LYS B 402 23.06 -34.49 -31.79
N LEU B 403 21.83 -35.03 -31.76
CA LEU B 403 21.57 -36.19 -30.91
C LEU B 403 22.40 -37.39 -31.36
N ALA B 404 22.83 -38.18 -30.38
CA ALA B 404 23.49 -39.45 -30.69
C ALA B 404 22.46 -40.47 -31.15
N ASP B 405 22.97 -41.54 -31.79
CA ASP B 405 22.08 -42.54 -32.35
C ASP B 405 21.22 -43.18 -31.26
N ASP B 406 21.83 -43.52 -30.12
CA ASP B 406 21.12 -44.19 -29.03
C ASP B 406 20.32 -43.15 -28.26
N VAL B 407 19.18 -42.77 -28.84
CA VAL B 407 18.26 -41.83 -28.22
C VAL B 407 16.86 -42.43 -28.28
N ASP B 408 16.13 -42.34 -27.17
CA ASP B 408 14.87 -43.06 -26.97
C ASP B 408 13.81 -42.13 -26.41
N LEU B 409 13.61 -40.98 -27.06
CA LEU B 409 12.65 -39.97 -26.61
C LEU B 409 11.37 -40.60 -26.08
N GLU B 410 10.94 -41.71 -26.68
CA GLU B 410 9.74 -42.37 -26.19
C GLU B 410 9.90 -42.81 -24.74
N ALA B 411 11.04 -43.40 -24.41
CA ALA B 411 11.29 -43.82 -23.03
C ALA B 411 11.30 -42.63 -22.08
N LEU B 412 11.95 -41.54 -22.48
CA LEU B 412 11.96 -40.35 -21.65
C LEU B 412 10.55 -39.85 -21.39
N ALA B 413 9.74 -39.77 -22.44
CA ALA B 413 8.36 -39.34 -22.28
C ALA B 413 7.60 -40.28 -21.34
N ALA B 414 7.88 -41.58 -21.44
CA ALA B 414 7.22 -42.54 -20.56
C ALA B 414 7.60 -42.31 -19.11
N GLU B 415 8.86 -42.00 -18.84
CA GLU B 415 9.37 -41.90 -17.47
C GLU B 415 9.44 -40.46 -16.97
N THR B 416 8.61 -39.57 -17.50
CA THR B 416 8.58 -38.19 -17.06
C THR B 416 7.11 -37.77 -16.90
N HIS B 417 6.61 -37.82 -15.67
CA HIS B 417 5.24 -37.44 -15.36
C HIS B 417 5.24 -36.19 -14.49
N GLY B 418 4.31 -35.28 -14.78
CA GLY B 418 4.22 -34.04 -14.05
C GLY B 418 5.06 -32.91 -14.60
N TYR B 419 5.89 -33.17 -15.59
CA TYR B 419 6.70 -32.12 -16.18
C TYR B 419 5.85 -31.20 -17.04
N VAL B 420 6.35 -29.98 -17.25
CA VAL B 420 5.71 -28.99 -18.09
C VAL B 420 6.68 -28.65 -19.22
N GLY B 421 6.15 -27.98 -20.25
CA GLY B 421 6.97 -27.68 -21.41
C GLY B 421 8.23 -26.92 -21.06
N ALA B 422 8.10 -25.90 -20.20
CA ALA B 422 9.28 -25.15 -19.78
C ALA B 422 10.29 -26.05 -19.10
N ASP B 423 9.83 -26.94 -18.23
CA ASP B 423 10.74 -27.87 -17.57
C ASP B 423 11.35 -28.84 -18.57
N ILE B 424 10.62 -29.21 -19.62
CA ILE B 424 11.20 -30.08 -20.64
C ILE B 424 12.34 -29.35 -21.37
N ALA B 425 12.12 -28.08 -21.70
CA ALA B 425 13.19 -27.30 -22.32
C ALA B 425 14.38 -27.19 -21.39
N SER B 426 14.12 -26.99 -20.10
CA SER B 426 15.21 -26.92 -19.13
C SER B 426 15.97 -28.24 -19.08
N LEU B 427 15.25 -29.37 -19.13
CA LEU B 427 15.90 -30.67 -19.13
C LEU B 427 16.79 -30.83 -20.35
N CYS B 428 16.29 -30.43 -21.52
CA CYS B 428 17.11 -30.52 -22.73
C CYS B 428 18.36 -29.67 -22.62
N SER B 429 18.21 -28.44 -22.11
CA SER B 429 19.36 -27.56 -21.96
C SER B 429 20.37 -28.16 -20.99
N GLU B 430 19.90 -28.73 -19.89
CA GLU B 430 20.81 -29.33 -18.92
C GLU B 430 21.54 -30.53 -19.50
N ALA B 431 20.84 -31.35 -20.29
CA ALA B 431 21.52 -32.47 -20.94
C ALA B 431 22.59 -31.99 -21.90
N ALA B 432 22.29 -30.95 -22.68
CA ALA B 432 23.29 -30.39 -23.58
C ALA B 432 24.48 -29.86 -22.80
N MET B 433 24.21 -29.17 -21.68
CA MET B 433 25.30 -28.64 -20.87
C MET B 433 26.15 -29.76 -20.29
N GLN B 434 25.52 -30.85 -19.86
CA GLN B 434 26.27 -31.99 -19.36
C GLN B 434 27.17 -32.57 -20.44
N GLN B 435 26.65 -32.70 -21.66
CA GLN B 435 27.47 -33.18 -22.76
C GLN B 435 28.64 -32.24 -23.01
N ILE B 436 28.39 -30.93 -22.99
CA ILE B 436 29.46 -29.97 -23.21
C ILE B 436 30.53 -30.10 -22.13
N ARG B 437 30.11 -30.23 -20.87
CA ARG B 437 31.07 -30.35 -19.78
C ARG B 437 31.90 -31.63 -19.93
N GLU B 438 31.25 -32.74 -20.28
CA GLU B 438 32.00 -33.98 -20.45
C GLU B 438 33.00 -33.86 -21.58
N LYS B 439 32.62 -33.22 -22.69
CA LYS B 439 33.54 -33.01 -23.79
C LYS B 439 34.57 -31.94 -23.52
N MET B 440 34.39 -31.14 -22.46
CA MET B 440 35.27 -30.01 -22.20
C MET B 440 36.68 -30.44 -21.80
N ASP B 441 36.85 -31.69 -21.36
CA ASP B 441 38.17 -32.14 -20.96
C ASP B 441 39.18 -32.03 -22.11
N LEU B 442 38.71 -32.20 -23.35
CA LEU B 442 39.60 -32.20 -24.50
C LEU B 442 40.03 -30.80 -24.92
N ILE B 443 39.45 -29.75 -24.35
CA ILE B 443 39.82 -28.39 -24.68
C ILE B 443 39.96 -27.57 -23.41
N ILE B 450 39.22 -23.52 -31.16
CA ILE B 450 38.71 -24.88 -30.96
C ILE B 450 38.62 -25.61 -32.29
N ASP B 451 39.03 -26.88 -32.30
CA ASP B 451 39.03 -27.65 -33.54
C ASP B 451 37.62 -27.93 -34.00
N ALA B 452 37.41 -27.90 -35.32
CA ALA B 452 36.09 -28.13 -35.88
C ALA B 452 35.63 -29.56 -35.64
N GLU B 453 36.55 -30.52 -35.69
CA GLU B 453 36.17 -31.92 -35.47
C GLU B 453 35.58 -32.10 -34.07
N VAL B 454 36.07 -31.35 -33.08
CA VAL B 454 35.48 -31.40 -31.75
C VAL B 454 34.02 -30.98 -31.81
N LEU B 455 33.73 -29.90 -32.53
CA LEU B 455 32.35 -29.46 -32.68
C LEU B 455 31.52 -30.53 -33.35
N ASP B 456 32.05 -31.12 -34.42
CA ASP B 456 31.32 -32.19 -35.11
C ASP B 456 31.13 -33.40 -34.21
N SER B 457 32.17 -33.74 -33.41
CA SER B 457 32.09 -34.88 -32.52
C SER B 457 31.04 -34.71 -31.44
N LEU B 458 30.54 -33.50 -31.21
CA LEU B 458 29.55 -33.28 -30.16
C LEU B 458 28.31 -34.13 -30.41
N GLY B 459 27.85 -34.80 -29.37
CA GLY B 459 26.66 -35.62 -29.47
C GLY B 459 26.00 -35.87 -28.14
N VAL B 460 24.70 -35.66 -28.05
CA VAL B 460 23.95 -35.88 -26.82
C VAL B 460 23.56 -37.35 -26.75
N THR B 461 23.85 -37.97 -25.62
CA THR B 461 23.58 -39.39 -25.40
C THR B 461 22.47 -39.56 -24.38
N MET B 462 22.01 -40.81 -24.25
CA MET B 462 20.95 -41.10 -23.30
C MET B 462 21.38 -40.81 -21.87
N ASP B 463 22.61 -41.15 -21.53
CA ASP B 463 23.09 -40.92 -20.17
C ASP B 463 23.04 -39.44 -19.81
N ASN B 464 23.23 -38.55 -20.79
CA ASN B 464 23.08 -37.13 -20.53
C ASN B 464 21.66 -36.79 -20.10
N PHE B 465 20.67 -37.36 -20.78
CA PHE B 465 19.28 -37.14 -20.39
C PHE B 465 19.00 -37.74 -19.02
N ARG B 466 19.60 -38.89 -18.72
CA ARG B 466 19.45 -39.46 -17.39
C ARG B 466 20.01 -38.52 -16.33
N PHE B 467 21.17 -37.95 -16.57
CA PHE B 467 21.76 -37.00 -15.63
C PHE B 467 20.87 -35.78 -15.47
N ALA B 468 20.33 -35.26 -16.57
CA ALA B 468 19.43 -34.12 -16.48
C ALA B 468 18.20 -34.46 -15.66
N LEU B 469 17.63 -35.64 -15.87
CA LEU B 469 16.50 -36.07 -15.07
C LEU B 469 16.87 -36.12 -13.59
N GLY B 470 18.05 -36.66 -13.28
CA GLY B 470 18.48 -36.70 -11.90
C GLY B 470 18.57 -35.31 -11.28
N ASN B 471 19.17 -34.37 -12.01
CA ASN B 471 19.32 -33.02 -11.48
C ASN B 471 17.99 -32.27 -11.49
N SER B 472 17.24 -32.36 -12.60
CA SER B 472 16.01 -31.60 -12.73
C SER B 472 14.97 -32.06 -11.71
N ASN B 473 14.09 -31.13 -11.35
CA ASN B 473 13.03 -31.42 -10.40
C ASN B 473 11.79 -30.59 -10.73
N PRO B 474 10.72 -31.20 -11.22
CA PRO B 474 9.52 -30.42 -11.55
C PRO B 474 8.85 -29.90 -10.28
N SER B 475 8.15 -28.77 -10.43
CA SER B 475 7.41 -28.16 -9.34
C SER B 475 5.94 -27.92 -9.65
N ALA B 476 5.52 -27.96 -10.91
CA ALA B 476 4.12 -27.71 -11.24
C ALA B 476 3.22 -28.77 -10.61
N LEU B 477 3.65 -30.04 -10.66
CA LEU B 477 2.85 -31.10 -10.06
C LEU B 477 2.66 -30.92 -8.56
N ARG B 478 3.52 -30.13 -7.91
CA ARG B 478 3.40 -29.91 -6.47
C ARG B 478 2.05 -29.31 -6.10
N GLU B 479 1.40 -28.61 -7.03
CA GLU B 479 0.10 -28.00 -6.79
C GLU B 479 -1.00 -28.85 -7.40
N THR B 480 -2.23 -28.35 -7.31
CA THR B 480 -3.40 -29.04 -7.84
C THR B 480 -3.63 -28.60 -9.28
N VAL B 481 -3.43 -29.51 -10.22
CA VAL B 481 -3.59 -29.24 -11.64
C VAL B 481 -4.35 -30.38 -12.29
N VAL B 482 -4.98 -30.08 -13.42
CA VAL B 482 -5.77 -31.06 -14.15
C VAL B 482 -4.86 -31.79 -15.13
N GLU B 483 -4.93 -33.12 -15.12
CA GLU B 483 -4.14 -33.94 -16.02
C GLU B 483 -5.01 -35.06 -16.58
N SER B 484 -4.61 -35.57 -17.74
CA SER B 484 -5.31 -36.64 -18.42
C SER B 484 -4.64 -37.96 -18.11
N VAL B 485 -5.44 -38.96 -17.72
CA VAL B 485 -4.94 -40.29 -17.40
C VAL B 485 -5.54 -41.29 -18.39
N ASN B 486 -4.88 -42.44 -18.51
CA ASN B 486 -5.32 -43.49 -19.42
C ASN B 486 -5.26 -44.85 -18.74
N VAL B 487 -5.72 -44.92 -17.51
CA VAL B 487 -5.83 -46.20 -16.81
C VAL B 487 -7.08 -46.90 -17.31
N THR B 488 -6.92 -48.13 -17.80
CA THR B 488 -7.99 -48.86 -18.45
C THR B 488 -8.62 -49.86 -17.49
N TRP B 489 -9.94 -50.03 -17.64
CA TRP B 489 -10.67 -50.98 -16.81
C TRP B 489 -10.08 -52.37 -16.96
N ASP B 490 -10.43 -53.25 -16.03
CA ASP B 490 -9.92 -54.60 -15.89
C ASP B 490 -8.51 -54.61 -15.32
N ASP B 491 -7.89 -53.43 -15.15
CA ASP B 491 -6.57 -53.36 -14.54
C ASP B 491 -6.61 -53.49 -13.03
N VAL B 492 -7.80 -53.42 -12.43
CA VAL B 492 -7.91 -53.58 -10.99
C VAL B 492 -7.93 -55.06 -10.63
N GLY B 493 -7.63 -55.35 -9.36
CA GLY B 493 -7.54 -56.74 -8.94
C GLY B 493 -8.79 -57.54 -9.21
N GLY B 494 -9.95 -56.93 -8.98
CA GLY B 494 -11.21 -57.64 -9.19
C GLY B 494 -12.42 -56.83 -8.81
N LEU B 495 -13.36 -57.45 -8.08
CA LEU B 495 -14.61 -56.81 -7.68
C LEU B 495 -15.40 -56.37 -8.90
N ASP B 496 -15.67 -57.34 -9.79
CA ASP B 496 -16.37 -57.03 -11.03
C ASP B 496 -17.76 -56.48 -10.77
N GLU B 497 -18.41 -56.90 -9.68
CA GLU B 497 -19.74 -56.39 -9.37
C GLU B 497 -19.70 -54.88 -9.12
N ILE B 498 -18.70 -54.42 -8.37
CA ILE B 498 -18.57 -52.98 -8.12
C ILE B 498 -18.32 -52.24 -9.42
N LYS B 499 -17.45 -52.79 -10.28
CA LYS B 499 -17.18 -52.15 -11.56
C LYS B 499 -18.46 -52.04 -12.38
N GLU B 500 -19.24 -53.11 -12.44
CA GLU B 500 -20.47 -53.10 -13.24
C GLU B 500 -21.46 -52.09 -12.68
N GLU B 501 -21.63 -52.05 -11.36
CA GLU B 501 -22.55 -51.09 -10.77
C GLU B 501 -22.12 -49.66 -11.05
N LEU B 502 -20.83 -49.38 -10.90
CA LEU B 502 -20.34 -48.03 -11.15
C LEU B 502 -20.49 -47.65 -12.61
N LYS B 503 -20.23 -48.59 -13.52
CA LYS B 503 -20.47 -48.35 -14.93
C LYS B 503 -21.93 -47.98 -15.18
N GLU B 504 -22.84 -48.81 -14.69
CA GLU B 504 -24.26 -48.51 -14.85
C GLU B 504 -24.60 -47.14 -14.28
N THR B 505 -23.90 -46.73 -13.21
CA THR B 505 -24.20 -45.46 -12.58
C THR B 505 -23.72 -44.27 -13.41
N VAL B 506 -22.50 -44.36 -13.95
CA VAL B 506 -21.79 -43.19 -14.47
C VAL B 506 -21.77 -43.17 -16.00
N GLU B 507 -21.45 -44.30 -16.64
CA GLU B 507 -21.20 -44.30 -18.08
C GLU B 507 -22.44 -43.88 -18.86
N TYR B 508 -23.59 -44.47 -18.53
CA TYR B 508 -24.80 -44.16 -19.29
C TYR B 508 -25.13 -42.67 -19.31
N PRO B 509 -25.04 -41.95 -18.19
CA PRO B 509 -25.24 -40.49 -18.24
C PRO B 509 -24.48 -39.80 -19.36
N VAL B 510 -23.15 -39.90 -19.36
CA VAL B 510 -22.35 -39.17 -20.33
C VAL B 510 -22.52 -39.76 -21.72
N LEU B 511 -22.49 -41.08 -21.84
CA LEU B 511 -22.50 -41.71 -23.16
C LEU B 511 -23.89 -41.64 -23.79
N HIS B 512 -24.94 -41.86 -23.01
CA HIS B 512 -26.30 -41.99 -23.53
C HIS B 512 -27.26 -41.12 -22.73
N PRO B 513 -27.11 -39.79 -22.84
CA PRO B 513 -28.06 -38.90 -22.15
C PRO B 513 -29.50 -38.88 -22.65
N ASP B 514 -29.77 -39.35 -23.88
CA ASP B 514 -31.10 -39.21 -24.46
C ASP B 514 -32.15 -39.95 -23.64
N GLN B 515 -31.84 -41.19 -23.25
CA GLN B 515 -32.79 -41.96 -22.45
C GLN B 515 -33.03 -41.33 -21.09
N TYR B 516 -31.97 -40.81 -20.46
CA TYR B 516 -32.14 -40.12 -19.18
C TYR B 516 -33.04 -38.91 -19.34
N THR B 517 -32.85 -38.14 -20.41
CA THR B 517 -33.74 -37.00 -20.66
C THR B 517 -35.16 -37.47 -20.88
N LYS B 518 -35.34 -38.58 -21.60
CA LYS B 518 -36.68 -39.13 -21.81
C LYS B 518 -37.33 -39.47 -20.48
N PHE B 519 -36.60 -40.11 -19.57
CA PHE B 519 -37.10 -40.40 -18.24
C PHE B 519 -36.98 -39.21 -17.30
N GLY B 520 -36.06 -38.29 -17.56
CA GLY B 520 -35.87 -37.15 -16.71
C GLY B 520 -35.07 -37.40 -15.46
N LEU B 521 -34.53 -38.61 -15.28
CA LEU B 521 -33.73 -38.91 -14.10
C LEU B 521 -32.42 -38.15 -14.16
N SER B 522 -32.08 -37.47 -13.07
CA SER B 522 -30.81 -36.74 -12.99
C SER B 522 -29.69 -37.71 -12.63
N PRO B 523 -28.62 -37.80 -13.42
CA PRO B 523 -27.56 -38.75 -13.11
C PRO B 523 -26.87 -38.41 -11.79
N SER B 524 -26.41 -39.45 -11.10
CA SER B 524 -25.70 -39.26 -9.84
C SER B 524 -24.33 -38.61 -9.99
N LYS B 525 -23.93 -37.86 -8.96
CA LYS B 525 -22.66 -37.15 -8.97
C LYS B 525 -21.71 -37.63 -7.88
N GLY B 526 -22.14 -37.61 -6.63
CA GLY B 526 -21.25 -37.92 -5.52
C GLY B 526 -21.25 -39.40 -5.17
N VAL B 527 -20.05 -39.92 -4.91
CA VAL B 527 -19.86 -41.32 -4.56
C VAL B 527 -18.74 -41.41 -3.53
N LEU B 528 -18.88 -42.32 -2.57
CA LEU B 528 -17.90 -42.56 -1.53
C LEU B 528 -17.46 -44.01 -1.54
N PHE B 529 -16.18 -44.23 -1.25
CA PHE B 529 -15.63 -45.56 -1.05
C PHE B 529 -15.19 -45.69 0.39
N TYR B 530 -15.67 -46.73 1.08
CA TYR B 530 -15.28 -47.00 2.45
C TYR B 530 -14.74 -48.43 2.55
N GLY B 531 -13.66 -48.59 3.31
CA GLY B 531 -13.03 -49.86 3.47
C GLY B 531 -11.58 -49.74 3.89
N PRO B 532 -10.88 -50.86 4.00
CA PRO B 532 -9.48 -50.82 4.40
C PRO B 532 -8.60 -50.04 3.45
N PRO B 533 -7.56 -49.38 3.97
CA PRO B 533 -6.65 -48.65 3.10
C PRO B 533 -5.80 -49.59 2.24
N GLY B 534 -5.31 -49.04 1.13
CA GLY B 534 -4.46 -49.80 0.24
C GLY B 534 -5.18 -50.84 -0.60
N THR B 535 -6.49 -50.68 -0.80
CA THR B 535 -7.27 -51.64 -1.56
C THR B 535 -7.38 -51.27 -3.04
N GLY B 536 -6.68 -50.23 -3.48
CA GLY B 536 -6.80 -49.77 -4.85
C GLY B 536 -7.87 -48.73 -5.07
N LYS B 537 -8.14 -47.90 -4.06
CA LYS B 537 -9.22 -46.93 -4.15
C LYS B 537 -8.91 -45.79 -5.12
N THR B 538 -7.69 -45.69 -5.62
CA THR B 538 -7.30 -44.65 -6.57
C THR B 538 -7.35 -45.12 -8.01
N LEU B 539 -6.89 -46.34 -8.29
CA LEU B 539 -6.93 -46.85 -9.66
C LEU B 539 -8.35 -47.00 -10.15
N LEU B 540 -9.29 -47.36 -9.28
CA LEU B 540 -10.68 -47.46 -9.69
C LEU B 540 -11.20 -46.10 -10.17
N ALA B 541 -10.94 -45.05 -9.40
CA ALA B 541 -11.36 -43.72 -9.80
C ALA B 541 -10.66 -43.29 -11.09
N LYS B 542 -9.36 -43.60 -11.22
CA LYS B 542 -8.65 -43.25 -12.44
C LYS B 542 -9.28 -43.92 -13.65
N ALA B 543 -9.58 -45.22 -13.53
CA ALA B 543 -10.19 -45.94 -14.65
C ALA B 543 -11.56 -45.36 -14.99
N VAL B 544 -12.36 -45.05 -13.97
CA VAL B 544 -13.68 -44.48 -14.21
C VAL B 544 -13.56 -43.16 -14.96
N ALA B 545 -12.64 -42.31 -14.53
CA ALA B 545 -12.43 -41.04 -15.22
C ALA B 545 -11.96 -41.26 -16.65
N THR B 546 -11.14 -42.30 -16.86
CA THR B 546 -10.63 -42.57 -18.19
C THR B 546 -11.74 -42.99 -19.15
N GLU B 547 -12.56 -43.96 -18.74
CA GLU B 547 -13.54 -44.53 -19.66
C GLU B 547 -14.62 -43.52 -20.04
N VAL B 548 -14.77 -42.44 -19.28
CA VAL B 548 -15.70 -41.37 -19.64
C VAL B 548 -14.95 -40.18 -20.26
N SER B 549 -13.75 -40.41 -20.80
CA SER B 549 -12.92 -39.37 -21.39
C SER B 549 -12.94 -38.04 -20.63
N ALA B 550 -12.60 -38.13 -19.35
CA ALA B 550 -12.67 -37.00 -18.44
C ALA B 550 -11.27 -36.69 -17.91
N ASN B 551 -11.04 -35.40 -17.63
CA ASN B 551 -9.76 -34.93 -17.11
C ASN B 551 -9.75 -35.14 -15.61
N PHE B 552 -9.13 -36.24 -15.16
CA PHE B 552 -9.13 -36.57 -13.74
C PHE B 552 -8.38 -35.53 -12.94
N ILE B 553 -8.87 -35.27 -11.72
CA ILE B 553 -8.22 -34.36 -10.78
C ILE B 553 -8.20 -35.02 -9.41
N SER B 554 -7.09 -34.85 -8.70
CA SER B 554 -6.93 -35.43 -7.37
C SER B 554 -6.48 -34.36 -6.39
N VAL B 555 -7.05 -34.41 -5.19
CA VAL B 555 -6.66 -33.55 -4.08
C VAL B 555 -6.49 -34.42 -2.85
N LYS B 556 -5.33 -34.36 -2.23
CA LYS B 556 -5.01 -35.21 -1.09
C LYS B 556 -5.31 -34.49 0.22
N GLY B 557 -5.28 -35.27 1.32
CA GLY B 557 -5.56 -34.75 2.64
C GLY B 557 -4.64 -33.65 3.09
N PRO B 558 -3.33 -33.75 2.87
CA PRO B 558 -2.45 -32.62 3.22
C PRO B 558 -2.86 -31.33 2.52
N GLU B 559 -3.33 -31.42 1.27
CA GLU B 559 -3.82 -30.23 0.58
C GLU B 559 -5.03 -29.66 1.30
N LEU B 560 -5.94 -30.52 1.75
CA LEU B 560 -7.12 -30.05 2.48
C LEU B 560 -6.72 -29.37 3.78
N LEU B 561 -5.77 -29.96 4.50
CA LEU B 561 -5.31 -29.35 5.75
C LEU B 561 -4.65 -28.00 5.48
N SER B 562 -3.85 -27.91 4.41
CA SER B 562 -3.25 -26.63 4.06
C SER B 562 -4.32 -25.60 3.73
N MET B 563 -5.37 -26.01 3.02
CA MET B 563 -6.48 -25.11 2.77
C MET B 563 -7.10 -24.63 4.08
N TRP B 564 -7.29 -25.54 5.03
CA TRP B 564 -7.89 -25.17 6.31
C TRP B 564 -7.01 -24.18 7.07
N TYR B 565 -5.70 -24.40 7.06
CA TYR B 565 -4.77 -23.57 7.82
C TYR B 565 -4.33 -22.32 7.06
N GLY B 566 -4.81 -22.11 5.84
CA GLY B 566 -4.47 -20.94 5.06
C GLY B 566 -3.42 -21.17 4.00
N GLU B 567 -2.70 -22.29 4.05
CA GLU B 567 -1.75 -22.62 3.00
C GLU B 567 -2.45 -23.09 1.72
N SER B 568 -1.65 -23.48 0.72
CA SER B 568 -2.18 -23.95 -0.55
C SER B 568 -3.08 -22.88 -1.19
N GLU B 569 -2.42 -21.80 -1.61
CA GLU B 569 -3.09 -20.61 -2.13
C GLU B 569 -4.33 -20.95 -2.94
N SER B 570 -4.23 -21.96 -3.82
CA SER B 570 -5.37 -22.35 -4.64
C SER B 570 -6.51 -22.84 -3.76
N ASN B 571 -7.57 -22.05 -3.66
CA ASN B 571 -8.69 -22.40 -2.80
C ASN B 571 -9.51 -23.53 -3.42
N ILE B 572 -10.37 -24.13 -2.60
CA ILE B 572 -11.28 -25.17 -3.09
C ILE B 572 -12.19 -24.59 -4.17
N ARG B 573 -12.60 -23.34 -4.00
CA ARG B 573 -13.39 -22.67 -5.02
C ARG B 573 -12.64 -22.69 -6.36
N ASP B 574 -11.34 -22.43 -6.33
CA ASP B 574 -10.56 -22.47 -7.56
C ASP B 574 -10.51 -23.89 -8.13
N ILE B 575 -10.42 -24.89 -7.26
CA ILE B 575 -10.40 -26.28 -7.74
C ILE B 575 -11.69 -26.58 -8.49
N PHE B 576 -12.83 -26.21 -7.91
CA PHE B 576 -14.10 -26.48 -8.58
C PHE B 576 -14.26 -25.64 -9.84
N ASP B 577 -13.73 -24.42 -9.85
CA ASP B 577 -13.77 -23.62 -11.07
C ASP B 577 -12.98 -24.29 -12.18
N LYS B 578 -11.80 -24.82 -11.87
CA LYS B 578 -11.03 -25.56 -12.86
C LYS B 578 -11.79 -26.81 -13.32
N ALA B 579 -12.43 -27.51 -12.38
CA ALA B 579 -13.18 -28.70 -12.75
C ALA B 579 -14.31 -28.35 -13.72
N ARG B 580 -15.02 -27.25 -13.47
CA ARG B 580 -16.08 -26.84 -14.37
C ARG B 580 -15.53 -26.42 -15.72
N ALA B 581 -14.52 -25.54 -15.72
CA ALA B 581 -13.98 -25.02 -16.98
C ALA B 581 -13.32 -26.11 -17.82
N ALA B 582 -12.92 -27.22 -17.20
CA ALA B 582 -12.32 -28.33 -17.92
C ALA B 582 -13.28 -29.50 -18.09
N ALA B 583 -14.58 -29.25 -17.98
CA ALA B 583 -15.55 -30.32 -18.02
C ALA B 583 -15.50 -31.03 -19.37
N PRO B 584 -15.77 -32.35 -19.39
CA PRO B 584 -16.08 -33.20 -18.24
C PRO B 584 -14.86 -33.53 -17.39
N THR B 585 -15.06 -33.74 -16.09
CA THR B 585 -13.96 -34.05 -15.20
C THR B 585 -14.46 -34.95 -14.08
N VAL B 586 -13.53 -35.65 -13.45
CA VAL B 586 -13.80 -36.47 -12.27
C VAL B 586 -12.84 -36.00 -11.19
N VAL B 587 -13.38 -35.43 -10.12
CA VAL B 587 -12.57 -34.96 -9.00
C VAL B 587 -12.55 -36.04 -7.93
N PHE B 588 -11.40 -36.19 -7.27
CA PHE B 588 -11.19 -37.23 -6.27
C PHE B 588 -10.74 -36.58 -4.98
N LEU B 589 -11.56 -36.65 -3.94
CA LEU B 589 -11.25 -36.10 -2.63
C LEU B 589 -10.72 -37.23 -1.76
N ASP B 590 -9.40 -37.26 -1.58
CA ASP B 590 -8.77 -38.30 -0.79
C ASP B 590 -8.60 -37.84 0.65
N GLU B 591 -8.69 -38.80 1.58
CA GLU B 591 -8.49 -38.54 3.00
C GLU B 591 -9.49 -37.49 3.51
N LEU B 592 -10.78 -37.84 3.42
CA LEU B 592 -11.82 -36.98 3.97
C LEU B 592 -11.80 -36.98 5.49
N ASP B 593 -11.15 -37.96 6.12
CA ASP B 593 -11.08 -37.98 7.58
C ASP B 593 -10.31 -36.77 8.11
N SER B 594 -9.33 -36.27 7.35
CA SER B 594 -8.58 -35.11 7.79
C SER B 594 -9.45 -33.89 7.97
N ILE B 595 -10.61 -33.85 7.31
CA ILE B 595 -11.54 -32.73 7.44
C ILE B 595 -12.85 -33.25 8.02
N ALA B 596 -12.77 -34.29 8.84
CA ALA B 596 -13.95 -34.87 9.48
C ALA B 596 -14.49 -33.92 10.54
N SER B 610 -11.87 -29.08 11.45
CA SER B 610 -12.12 -28.12 10.39
C SER B 610 -13.57 -28.14 9.94
N ASP B 611 -14.21 -26.98 9.95
CA ASP B 611 -15.61 -26.87 9.53
C ASP B 611 -15.77 -25.84 8.42
N ARG B 612 -14.89 -24.83 8.40
CA ARG B 612 -14.98 -23.82 7.35
C ARG B 612 -14.75 -24.42 5.98
N VAL B 613 -13.75 -25.31 5.86
CA VAL B 613 -13.48 -25.94 4.57
C VAL B 613 -14.64 -26.84 4.16
N VAL B 614 -15.21 -27.56 5.13
CA VAL B 614 -16.36 -28.42 4.83
C VAL B 614 -17.53 -27.59 4.34
N ASN B 615 -17.76 -26.43 4.97
CA ASN B 615 -18.82 -25.55 4.53
C ASN B 615 -18.57 -25.03 3.13
N GLN B 616 -17.31 -24.66 2.83
CA GLN B 616 -16.98 -24.21 1.48
C GLN B 616 -17.25 -25.30 0.46
N LEU B 617 -16.84 -26.54 0.77
CA LEU B 617 -17.07 -27.65 -0.14
C LEU B 617 -18.57 -27.89 -0.33
N LEU B 618 -19.34 -27.84 0.76
CA LEU B 618 -20.78 -28.04 0.65
C LEU B 618 -21.41 -26.98 -0.25
N THR B 619 -21.07 -25.71 -0.02
CA THR B 619 -21.64 -24.65 -0.83
C THR B 619 -21.24 -24.80 -2.29
N GLU B 620 -19.98 -25.13 -2.55
CA GLU B 620 -19.52 -25.25 -3.93
C GLU B 620 -20.22 -26.41 -4.64
N MET B 621 -20.36 -27.55 -3.97
CA MET B 621 -20.99 -28.70 -4.62
C MET B 621 -22.49 -28.49 -4.78
N ASP B 622 -23.11 -27.73 -3.88
CA ASP B 622 -24.51 -27.37 -4.08
C ASP B 622 -24.66 -26.41 -5.26
N GLY B 623 -23.68 -25.52 -5.45
CA GLY B 623 -23.77 -24.59 -6.56
C GLY B 623 -23.77 -25.27 -7.91
N MET B 624 -22.94 -26.30 -8.07
CA MET B 624 -22.84 -26.97 -9.37
C MET B 624 -24.14 -27.56 -9.89
N ASN B 625 -24.41 -27.33 -11.17
CA ASN B 625 -25.62 -27.83 -11.81
C ASN B 625 -25.44 -29.29 -12.20
N ALA B 626 -26.50 -30.08 -11.99
CA ALA B 626 -26.43 -31.50 -12.31
C ALA B 626 -26.16 -31.74 -13.79
N LYS B 627 -26.59 -30.82 -14.65
CA LYS B 627 -26.39 -31.00 -16.08
C LYS B 627 -24.90 -31.08 -16.42
N LYS B 628 -24.09 -30.21 -15.83
CA LYS B 628 -22.67 -30.22 -16.11
C LYS B 628 -22.04 -31.51 -15.58
N ASN B 629 -20.97 -31.94 -16.25
CA ASN B 629 -20.28 -33.17 -15.89
C ASN B 629 -19.11 -32.82 -14.97
N VAL B 630 -19.40 -32.75 -13.67
CA VAL B 630 -18.41 -32.39 -12.66
C VAL B 630 -18.32 -33.51 -11.63
N PHE B 631 -18.48 -34.75 -12.09
CA PHE B 631 -18.54 -35.91 -11.20
C PHE B 631 -17.48 -35.83 -10.10
N VAL B 632 -17.91 -36.13 -8.87
CA VAL B 632 -17.05 -36.05 -7.70
C VAL B 632 -17.09 -37.38 -6.97
N ILE B 633 -15.93 -37.84 -6.51
CA ILE B 633 -15.80 -39.07 -5.75
C ILE B 633 -14.95 -38.76 -4.53
N GLY B 634 -15.17 -39.53 -3.45
CA GLY B 634 -14.45 -39.31 -2.22
C GLY B 634 -14.00 -40.62 -1.61
N ALA B 635 -12.94 -40.53 -0.81
CA ALA B 635 -12.37 -41.68 -0.13
C ALA B 635 -12.23 -41.38 1.35
N THR B 636 -12.55 -42.36 2.19
CA THR B 636 -12.44 -42.20 3.64
C THR B 636 -12.33 -43.58 4.28
N ASN B 637 -11.32 -43.76 5.13
CA ASN B 637 -11.15 -45.03 5.83
C ASN B 637 -12.12 -45.18 6.99
N ARG B 638 -12.57 -44.07 7.58
CA ARG B 638 -13.44 -44.08 8.75
C ARG B 638 -14.67 -43.23 8.47
N PRO B 639 -15.65 -43.77 7.74
CA PRO B 639 -16.84 -42.97 7.41
C PRO B 639 -17.65 -42.55 8.63
N ASP B 640 -17.51 -43.27 9.76
CA ASP B 640 -18.33 -42.94 10.92
C ASP B 640 -18.07 -41.53 11.42
N GLN B 641 -16.80 -41.12 11.47
CA GLN B 641 -16.45 -39.81 12.00
C GLN B 641 -16.59 -38.71 10.96
N ILE B 642 -16.84 -39.04 9.70
CA ILE B 642 -17.07 -38.02 8.68
C ILE B 642 -18.36 -37.27 9.01
N ASP B 643 -18.40 -35.99 8.63
CA ASP B 643 -19.57 -35.18 8.89
C ASP B 643 -20.78 -35.76 8.16
N PRO B 644 -21.88 -36.06 8.86
CA PRO B 644 -23.07 -36.57 8.15
C PRO B 644 -23.65 -35.58 7.16
N ALA B 645 -23.30 -34.30 7.26
CA ALA B 645 -23.89 -33.30 6.38
C ALA B 645 -23.60 -33.58 4.91
N ILE B 646 -22.55 -34.36 4.60
CA ILE B 646 -22.21 -34.67 3.22
C ILE B 646 -23.00 -35.86 2.68
N LEU B 647 -23.84 -36.49 3.51
CA LEU B 647 -24.51 -37.73 3.14
C LEU B 647 -25.93 -37.52 2.60
N ARG B 648 -26.37 -36.28 2.43
CA ARG B 648 -27.72 -36.03 1.96
C ARG B 648 -27.96 -36.38 0.49
N PRO B 649 -29.21 -36.67 0.13
CA PRO B 649 -29.52 -36.95 -1.28
C PRO B 649 -29.21 -35.75 -2.16
N GLY B 650 -28.86 -36.02 -3.41
CA GLY B 650 -28.39 -34.97 -4.30
C GLY B 650 -26.92 -34.71 -4.11
N ARG B 651 -26.49 -34.56 -2.86
CA ARG B 651 -25.07 -34.50 -2.53
C ARG B 651 -24.51 -35.92 -2.53
N LEU B 652 -23.28 -36.09 -2.04
CA LEU B 652 -22.66 -37.40 -1.99
C LEU B 652 -23.52 -38.36 -1.17
N ASP B 653 -24.15 -39.31 -1.83
CA ASP B 653 -25.05 -40.26 -1.17
C ASP B 653 -24.68 -41.72 -1.44
N GLN B 654 -24.21 -42.04 -2.64
CA GLN B 654 -23.84 -43.41 -2.97
C GLN B 654 -22.62 -43.82 -2.15
N LEU B 655 -22.69 -45.00 -1.54
CA LEU B 655 -21.60 -45.53 -0.73
C LEU B 655 -21.27 -46.93 -1.22
N ILE B 656 -19.98 -47.21 -1.40
CA ILE B 656 -19.51 -48.51 -1.87
C ILE B 656 -18.46 -49.03 -0.89
N TYR B 657 -18.65 -50.26 -0.44
CA TYR B 657 -17.64 -50.94 0.36
C TYR B 657 -16.54 -51.48 -0.54
N VAL B 658 -15.32 -51.51 0.00
CA VAL B 658 -14.16 -51.98 -0.76
C VAL B 658 -13.48 -53.10 0.00
N PRO B 659 -13.92 -54.35 -0.15
CA PRO B 659 -13.27 -55.45 0.58
C PRO B 659 -11.87 -55.72 0.04
N LEU B 660 -11.09 -56.43 0.86
CA LEU B 660 -9.75 -56.81 0.46
C LEU B 660 -9.83 -57.74 -0.76
N PRO B 661 -8.82 -57.70 -1.63
CA PRO B 661 -8.88 -58.52 -2.85
C PRO B 661 -8.94 -60.01 -2.53
N ASP B 662 -9.68 -60.74 -3.36
CA ASP B 662 -9.77 -62.19 -3.23
C ASP B 662 -8.49 -62.90 -3.71
N GLU B 663 -8.39 -64.18 -3.38
CA GLU B 663 -7.21 -64.96 -3.76
C GLU B 663 -6.92 -64.82 -5.25
N ASN B 664 -7.93 -65.03 -6.08
CA ASN B 664 -7.74 -64.84 -7.52
C ASN B 664 -7.41 -63.38 -7.84
N ALA B 665 -8.09 -62.44 -7.18
CA ALA B 665 -7.80 -61.04 -7.39
C ALA B 665 -6.39 -60.70 -6.91
N ARG B 666 -5.96 -61.29 -5.79
CA ARG B 666 -4.60 -61.06 -5.31
C ARG B 666 -3.58 -61.58 -6.32
N LEU B 667 -3.84 -62.76 -6.90
CA LEU B 667 -2.94 -63.28 -7.92
C LEU B 667 -2.90 -62.37 -9.13
N SER B 668 -4.06 -61.86 -9.54
CA SER B 668 -4.09 -60.94 -10.67
C SER B 668 -3.28 -59.67 -10.38
N ILE B 669 -3.42 -59.13 -9.17
CA ILE B 669 -2.65 -57.94 -8.79
C ILE B 669 -1.16 -58.25 -8.83
N LEU B 670 -0.77 -59.40 -8.28
CA LEU B 670 0.64 -59.77 -8.26
C LEU B 670 1.18 -59.90 -9.68
N ASN B 671 0.42 -60.52 -10.57
CA ASN B 671 0.83 -60.61 -11.96
C ASN B 671 0.98 -59.22 -12.57
N ALA B 672 0.02 -58.33 -12.30
CA ALA B 672 0.11 -56.97 -12.81
C ALA B 672 1.33 -56.24 -12.26
N GLN B 673 1.82 -56.65 -11.10
CA GLN B 673 3.00 -56.05 -10.49
C GLN B 673 4.30 -56.71 -10.94
N LEU B 674 4.23 -57.73 -11.79
CA LEU B 674 5.39 -58.48 -12.23
C LEU B 674 5.57 -58.40 -13.75
N ARG B 675 5.10 -57.32 -14.37
CA ARG B 675 5.20 -57.20 -15.82
C ARG B 675 6.65 -57.21 -16.28
N LYS B 676 7.46 -56.33 -15.70
CA LYS B 676 8.86 -55.93 -15.81
C LYS B 676 9.79 -56.86 -15.03
N THR B 677 9.34 -57.40 -13.92
CA THR B 677 10.23 -58.17 -13.05
C THR B 677 10.71 -59.42 -13.77
N PRO B 678 12.03 -59.67 -13.84
CA PRO B 678 12.53 -60.91 -14.44
C PRO B 678 12.37 -62.07 -13.48
N LEU B 679 11.50 -63.01 -13.84
CA LEU B 679 11.14 -64.12 -12.98
C LEU B 679 11.76 -65.42 -13.48
N GLU B 680 12.03 -66.32 -12.54
CA GLU B 680 12.53 -67.64 -12.90
C GLU B 680 11.46 -68.38 -13.69
N PRO B 681 11.84 -69.22 -14.64
CA PRO B 681 10.84 -69.97 -15.40
C PRO B 681 9.99 -70.85 -14.49
N GLY B 682 8.70 -70.91 -14.79
CA GLY B 682 7.79 -71.80 -14.10
C GLY B 682 7.64 -71.52 -12.61
N LEU B 683 7.49 -70.25 -12.25
CA LEU B 683 7.22 -69.88 -10.86
C LEU B 683 5.72 -69.93 -10.59
N GLU B 684 5.33 -70.63 -9.54
CA GLU B 684 3.93 -70.80 -9.18
C GLU B 684 3.59 -69.79 -8.08
N LEU B 685 2.78 -68.80 -8.42
CA LEU B 685 2.32 -67.80 -7.47
C LEU B 685 1.01 -68.19 -6.80
N THR B 686 0.45 -69.36 -7.13
CA THR B 686 -0.77 -69.81 -6.48
C THR B 686 -0.54 -70.03 -4.99
N ALA B 687 0.65 -70.53 -4.63
CA ALA B 687 0.97 -70.68 -3.22
C ALA B 687 0.95 -69.33 -2.51
N ILE B 688 1.53 -68.30 -3.13
CA ILE B 688 1.45 -66.96 -2.57
C ILE B 688 0.02 -66.46 -2.44
N ALA B 689 -0.80 -66.69 -3.46
CA ALA B 689 -2.20 -66.27 -3.39
C ALA B 689 -2.91 -66.95 -2.24
N LYS B 690 -2.68 -68.26 -2.06
CA LYS B 690 -3.30 -68.97 -0.96
C LYS B 690 -2.82 -68.44 0.39
N ALA B 691 -1.52 -68.17 0.51
CA ALA B 691 -0.95 -67.73 1.77
C ALA B 691 -1.18 -66.25 2.05
N THR B 692 -1.63 -65.47 1.06
CA THR B 692 -1.86 -64.05 1.21
C THR B 692 -3.32 -63.71 1.48
N GLN B 693 -4.06 -64.65 2.07
CA GLN B 693 -5.45 -64.38 2.42
C GLN B 693 -5.49 -63.33 3.53
N GLY B 694 -6.39 -62.35 3.38
CA GLY B 694 -6.49 -61.27 4.32
C GLY B 694 -5.41 -60.23 4.20
N PHE B 695 -4.59 -60.28 3.16
CA PHE B 695 -3.51 -59.34 2.95
C PHE B 695 -3.90 -58.37 1.83
N SER B 696 -3.69 -57.08 2.07
CA SER B 696 -4.02 -56.07 1.08
C SER B 696 -2.99 -56.04 -0.03
N GLY B 697 -3.28 -55.28 -1.08
CA GLY B 697 -2.35 -55.16 -2.19
C GLY B 697 -1.01 -54.60 -1.79
N ALA B 698 -1.00 -53.69 -0.81
CA ALA B 698 0.26 -53.19 -0.28
C ALA B 698 1.13 -54.34 0.23
N ASP B 699 0.50 -55.36 0.81
CA ASP B 699 1.27 -56.52 1.27
C ASP B 699 1.95 -57.23 0.11
N LEU B 700 1.23 -57.43 -0.98
CA LEU B 700 1.81 -58.07 -2.15
C LEU B 700 2.95 -57.24 -2.72
N LEU B 701 2.76 -55.92 -2.78
CA LEU B 701 3.83 -55.06 -3.28
C LEU B 701 5.06 -55.14 -2.39
N TYR B 702 4.85 -55.16 -1.07
CA TYR B 702 5.97 -55.27 -0.14
C TYR B 702 6.69 -56.59 -0.30
N ILE B 703 5.95 -57.68 -0.49
CA ILE B 703 6.57 -58.98 -0.68
C ILE B 703 7.40 -58.98 -1.97
N VAL B 704 6.85 -58.40 -3.04
CA VAL B 704 7.58 -58.34 -4.31
C VAL B 704 8.86 -57.52 -4.13
N GLN B 705 8.75 -56.39 -3.43
CA GLN B 705 9.93 -55.55 -3.21
C GLN B 705 10.99 -56.30 -2.41
N ARG B 706 10.56 -57.03 -1.38
CA ARG B 706 11.51 -57.79 -0.57
C ARG B 706 12.20 -58.86 -1.41
N ALA B 707 11.44 -59.57 -2.24
CA ALA B 707 12.05 -60.59 -3.09
C ALA B 707 13.04 -59.97 -4.07
N ALA B 708 12.68 -58.84 -4.67
CA ALA B 708 13.58 -58.18 -5.60
C ALA B 708 14.84 -57.69 -4.90
N LYS B 709 14.70 -57.22 -3.66
CA LYS B 709 15.87 -56.80 -2.89
C LYS B 709 16.77 -57.99 -2.59
N TYR B 710 16.18 -59.14 -2.25
CA TYR B 710 17.00 -60.34 -2.06
C TYR B 710 17.75 -60.69 -3.33
N ALA B 711 17.07 -60.62 -4.48
CA ALA B 711 17.73 -60.95 -5.74
C ALA B 711 18.86 -59.99 -6.04
N ILE B 712 18.65 -58.70 -5.81
CA ILE B 712 19.69 -57.71 -6.06
C ILE B 712 20.86 -57.90 -5.10
N LYS B 713 20.56 -58.27 -3.85
CA LYS B 713 21.63 -58.56 -2.90
C LYS B 713 22.47 -59.75 -3.36
N ASP B 714 21.82 -60.80 -3.85
CA ASP B 714 22.55 -61.94 -4.38
C ASP B 714 23.40 -61.54 -5.59
N SER B 715 22.85 -60.70 -6.46
CA SER B 715 23.61 -60.24 -7.62
C SER B 715 24.83 -59.43 -7.19
N ILE B 716 24.67 -58.57 -6.19
CA ILE B 716 25.79 -57.78 -5.69
C ILE B 716 26.85 -58.68 -5.07
N GLU B 717 26.42 -59.70 -4.32
CA GLU B 717 27.39 -60.64 -3.77
C GLU B 717 28.15 -61.36 -4.87
N ALA B 718 27.45 -61.81 -5.91
CA ALA B 718 28.13 -62.47 -7.02
C ALA B 718 29.10 -61.55 -7.71
N HIS B 719 28.71 -60.29 -7.93
CA HIS B 719 29.60 -59.32 -8.56
C HIS B 719 30.84 -59.10 -7.70
N ARG B 720 30.67 -59.00 -6.38
CA ARG B 720 31.81 -58.85 -5.49
C ARG B 720 32.73 -60.05 -5.58
N GLN B 721 32.16 -61.25 -5.60
CA GLN B 721 32.96 -62.47 -5.70
C GLN B 721 33.48 -62.66 -7.12
N ASP B 751 25.26 -60.65 -16.67
CA ASP B 751 24.50 -61.11 -15.50
C ASP B 751 24.51 -62.57 -15.09
N PRO B 752 25.07 -62.87 -13.91
CA PRO B 752 25.06 -64.27 -13.44
C PRO B 752 23.68 -64.78 -13.09
N VAL B 753 22.86 -63.95 -12.45
CA VAL B 753 21.51 -64.35 -12.04
C VAL B 753 20.53 -63.27 -12.50
N PRO B 754 20.26 -63.16 -13.80
CA PRO B 754 19.35 -62.11 -14.27
C PRO B 754 17.90 -62.15 -13.79
N TYR B 755 17.41 -63.31 -13.35
CA TYR B 755 16.03 -63.48 -12.92
C TYR B 755 15.98 -63.72 -11.42
N ILE B 756 14.77 -63.97 -10.92
CA ILE B 756 14.52 -64.16 -9.50
C ILE B 756 13.88 -65.53 -9.31
N THR B 757 14.39 -66.28 -8.33
CA THR B 757 13.94 -67.64 -8.09
C THR B 757 12.82 -67.65 -7.04
N LYS B 758 12.30 -68.85 -6.74
CA LYS B 758 11.20 -68.99 -5.80
C LYS B 758 11.63 -68.78 -4.36
N GLU B 759 12.92 -68.98 -4.04
CA GLU B 759 13.36 -68.85 -2.65
C GLU B 759 13.16 -67.43 -2.16
N HIS B 760 13.42 -66.44 -3.01
CA HIS B 760 13.27 -65.05 -2.59
C HIS B 760 11.83 -64.76 -2.17
N PHE B 761 10.87 -65.16 -3.03
CA PHE B 761 9.47 -64.92 -2.71
C PHE B 761 9.03 -65.72 -1.50
N ALA B 762 9.51 -66.96 -1.36
CA ALA B 762 9.15 -67.76 -0.20
C ALA B 762 9.63 -67.09 1.09
N GLU B 763 10.88 -66.65 1.10
CA GLU B 763 11.42 -65.98 2.28
C GLU B 763 10.68 -64.68 2.56
N ALA B 764 10.37 -63.92 1.52
CA ALA B 764 9.63 -62.67 1.72
C ALA B 764 8.23 -62.90 2.30
N MET B 765 7.51 -63.90 1.79
CA MET B 765 6.18 -64.18 2.32
C MET B 765 6.24 -64.73 3.74
N LYS B 766 7.28 -65.50 4.06
CA LYS B 766 7.44 -66.01 5.42
C LYS B 766 8.03 -64.97 6.36
N THR B 767 8.47 -63.83 5.84
CA THR B 767 9.01 -62.74 6.66
C THR B 767 8.13 -61.50 6.59
N ALA B 768 6.85 -61.68 6.24
CA ALA B 768 5.90 -60.59 6.11
C ALA B 768 4.88 -60.65 7.23
N LYS B 769 3.94 -59.70 7.20
CA LYS B 769 2.91 -59.60 8.23
C LYS B 769 1.68 -58.94 7.63
N ARG B 770 0.55 -59.14 8.31
CA ARG B 770 -0.71 -58.54 7.86
C ARG B 770 -0.72 -57.04 8.17
N SER B 771 -1.04 -56.24 7.16
CA SER B 771 -1.14 -54.80 7.36
C SER B 771 -2.47 -54.39 7.96
N VAL B 772 -3.47 -55.26 7.96
CA VAL B 772 -4.79 -54.98 8.49
C VAL B 772 -5.11 -56.03 9.55
N SER B 773 -5.43 -55.59 10.76
CA SER B 773 -5.79 -56.51 11.82
C SER B 773 -7.19 -57.07 11.59
N ASP B 774 -7.42 -58.28 12.10
CA ASP B 774 -8.72 -58.91 11.95
C ASP B 774 -9.81 -58.13 12.68
N ALA B 775 -9.46 -57.44 13.77
CA ALA B 775 -10.45 -56.67 14.53
C ALA B 775 -11.04 -55.57 13.66
N GLU B 776 -10.20 -54.82 12.96
CA GLU B 776 -10.72 -53.77 12.08
C GLU B 776 -11.48 -54.31 10.88
N LEU B 777 -11.07 -55.45 10.33
CA LEU B 777 -11.84 -56.06 9.24
C LEU B 777 -13.23 -56.46 9.74
N ARG B 778 -13.30 -57.05 10.94
CA ARG B 778 -14.61 -57.39 11.50
C ARG B 778 -15.43 -56.15 11.77
N ARG B 779 -14.78 -55.06 12.21
CA ARG B 779 -15.49 -53.81 12.41
C ARG B 779 -16.08 -53.31 11.09
N TYR B 780 -15.30 -53.36 10.01
CA TYR B 780 -15.82 -52.99 8.69
C TYR B 780 -16.98 -53.87 8.24
N GLU B 781 -16.89 -55.18 8.45
CA GLU B 781 -18.00 -56.06 8.09
C GLU B 781 -19.25 -55.73 8.90
N ALA B 782 -19.08 -55.46 10.19
CA ALA B 782 -20.22 -55.08 11.02
C ALA B 782 -20.85 -53.78 10.54
N TYR B 783 -20.02 -52.81 10.18
CA TYR B 783 -20.56 -51.57 9.62
C TYR B 783 -21.30 -51.77 8.30
N SER B 784 -20.76 -52.62 7.42
CA SER B 784 -21.44 -52.91 6.16
C SER B 784 -22.78 -53.59 6.42
N GLN B 785 -22.82 -54.54 7.36
CA GLN B 785 -24.07 -55.21 7.69
C GLN B 785 -25.08 -54.23 8.27
N GLN B 786 -24.62 -53.31 9.12
CA GLN B 786 -25.51 -52.29 9.66
C GLN B 786 -26.07 -51.42 8.55
N MET B 787 -25.23 -51.02 7.60
CA MET B 787 -25.73 -50.28 6.44
C MET B 787 -26.73 -51.06 5.61
N LYS B 788 -26.50 -52.37 5.44
CA LYS B 788 -27.47 -53.20 4.76
C LYS B 788 -28.80 -53.21 5.49
N ALA B 789 -28.77 -53.30 6.81
CA ALA B 789 -29.98 -53.30 7.62
C ALA B 789 -30.66 -51.94 7.58
N GLY C 74 50.26 -11.25 -19.63
CA GLY C 74 50.53 -11.95 -18.38
C GLY C 74 49.27 -12.47 -17.71
N LYS C 75 48.74 -11.70 -16.77
CA LYS C 75 47.54 -12.07 -16.04
C LYS C 75 46.71 -10.82 -15.78
N LYS C 76 45.48 -11.04 -15.33
CA LYS C 76 44.56 -9.95 -15.01
C LYS C 76 44.32 -9.06 -16.22
N ARG C 77 44.29 -9.67 -17.41
CA ARG C 77 44.05 -8.95 -18.65
C ARG C 77 45.08 -7.84 -18.85
N LYS C 78 46.33 -8.11 -18.48
CA LYS C 78 47.41 -7.13 -18.58
C LYS C 78 48.38 -7.56 -19.67
N ASP C 79 48.77 -6.61 -20.52
CA ASP C 79 49.71 -6.89 -21.59
C ASP C 79 50.57 -5.65 -21.88
N ARG C 96 63.74 -12.78 -19.23
CA ARG C 96 64.39 -11.95 -18.23
C ARG C 96 63.71 -10.60 -18.11
N ILE C 97 63.21 -10.29 -16.93
CA ILE C 97 62.53 -9.01 -16.67
C ILE C 97 62.72 -8.66 -15.20
N ASN C 98 62.73 -7.36 -14.92
CA ASN C 98 62.91 -6.88 -13.55
C ASN C 98 61.58 -6.97 -12.80
N ARG C 99 61.55 -6.43 -11.59
CA ARG C 99 60.34 -6.51 -10.76
C ARG C 99 59.25 -5.57 -11.24
N VAL C 100 59.61 -4.46 -11.90
CA VAL C 100 58.61 -3.52 -12.36
C VAL C 100 57.70 -4.17 -13.40
N VAL C 101 58.28 -4.91 -14.34
CA VAL C 101 57.48 -5.58 -15.35
C VAL C 101 56.59 -6.65 -14.71
N ARG C 102 57.12 -7.38 -13.74
CA ARG C 102 56.31 -8.38 -13.06
C ARG C 102 55.13 -7.75 -12.36
N ASN C 103 55.35 -6.62 -11.68
CA ASN C 103 54.24 -5.91 -11.04
C ASN C 103 53.22 -5.43 -12.07
N ASN C 104 53.71 -4.89 -13.19
CA ASN C 104 52.80 -4.40 -14.22
C ASN C 104 51.94 -5.53 -14.79
N LEU C 105 52.53 -6.70 -15.01
CA LEU C 105 51.80 -7.83 -15.56
C LEU C 105 51.02 -8.60 -14.52
N ARG C 106 51.22 -8.31 -13.24
CA ARG C 106 50.46 -8.97 -12.18
C ARG C 106 50.68 -10.48 -12.19
N ASN C 210 44.42 0.82 -3.08
CA ASN C 210 43.15 0.36 -3.65
C ASN C 210 43.16 -1.14 -3.86
N MET C 211 42.64 -1.88 -2.88
CA MET C 211 42.59 -3.35 -2.94
C MET C 211 41.34 -3.76 -3.71
N ASN C 212 41.41 -3.62 -5.03
CA ASN C 212 40.37 -4.04 -5.94
C ASN C 212 40.98 -4.91 -7.02
N GLU C 213 40.15 -5.32 -7.99
CA GLU C 213 40.59 -6.17 -9.08
C GLU C 213 41.26 -7.44 -8.56
N VAL C 214 40.66 -8.03 -7.54
CA VAL C 214 41.20 -9.25 -6.93
C VAL C 214 40.84 -10.45 -7.82
N GLY C 215 41.86 -11.20 -8.21
CA GLY C 215 41.67 -12.36 -9.07
C GLY C 215 41.30 -13.60 -8.28
N TYR C 216 41.30 -14.73 -8.99
CA TYR C 216 40.98 -15.99 -8.36
C TYR C 216 42.00 -16.41 -7.30
N ASP C 217 43.17 -15.76 -7.27
CA ASP C 217 44.15 -16.03 -6.23
C ASP C 217 43.72 -15.47 -4.88
N ASP C 218 42.65 -14.68 -4.82
CA ASP C 218 42.19 -14.04 -3.60
C ASP C 218 41.00 -14.77 -2.97
N ILE C 219 40.81 -16.04 -3.31
CA ILE C 219 39.71 -16.83 -2.77
C ILE C 219 40.22 -18.23 -2.43
N GLY C 220 39.50 -18.90 -1.54
CA GLY C 220 39.84 -20.27 -1.18
C GLY C 220 38.65 -20.99 -0.61
N GLY C 221 38.70 -22.32 -0.69
CA GLY C 221 37.65 -23.13 -0.14
C GLY C 221 36.36 -23.15 -0.93
N CYS C 222 36.42 -22.82 -2.22
CA CYS C 222 35.23 -22.81 -3.07
C CYS C 222 35.56 -23.39 -4.45
N ARG C 223 36.35 -24.47 -4.47
CA ARG C 223 36.83 -25.01 -5.73
C ARG C 223 35.67 -25.40 -6.65
N LYS C 224 34.70 -26.16 -6.12
CA LYS C 224 33.57 -26.56 -6.94
C LYS C 224 32.73 -25.36 -7.36
N GLN C 225 32.41 -24.49 -6.39
CA GLN C 225 31.60 -23.31 -6.71
C GLN C 225 32.35 -22.38 -7.66
N MET C 226 33.65 -22.20 -7.42
CA MET C 226 34.44 -21.38 -8.32
C MET C 226 34.43 -21.96 -9.73
N ALA C 227 34.58 -23.28 -9.85
CA ALA C 227 34.55 -23.90 -11.16
C ALA C 227 33.22 -23.66 -11.85
N GLN C 228 32.12 -23.88 -11.14
CA GLN C 228 30.80 -23.72 -11.75
C GLN C 228 30.59 -22.29 -12.22
N ILE C 229 30.91 -21.32 -11.35
CA ILE C 229 30.70 -19.92 -11.72
C ILE C 229 31.60 -19.53 -12.88
N ARG C 230 32.87 -19.95 -12.83
CA ARG C 230 33.79 -19.62 -13.91
C ARG C 230 33.28 -20.16 -15.24
N GLU C 231 32.84 -21.42 -15.25
CA GLU C 231 32.30 -21.99 -16.48
C GLU C 231 31.09 -21.20 -16.95
N MET C 232 30.15 -20.93 -16.05
CA MET C 232 28.91 -20.27 -16.45
C MET C 232 29.18 -18.89 -17.03
N VAL C 233 30.14 -18.16 -16.45
CA VAL C 233 30.40 -16.80 -16.88
C VAL C 233 31.45 -16.71 -17.98
N GLU C 234 32.14 -17.80 -18.29
CA GLU C 234 33.16 -17.79 -19.35
C GLU C 234 32.67 -18.43 -20.64
N LEU C 235 32.11 -19.64 -20.57
CA LEU C 235 31.71 -20.33 -21.79
C LEU C 235 30.81 -19.50 -22.68
N PRO C 236 29.78 -18.84 -22.17
CA PRO C 236 28.95 -17.99 -23.07
C PRO C 236 29.73 -16.83 -23.65
N LEU C 237 30.37 -16.03 -22.80
CA LEU C 237 31.07 -14.84 -23.27
C LEU C 237 32.24 -15.20 -24.18
N ARG C 238 33.02 -16.20 -23.79
CA ARG C 238 34.28 -16.51 -24.48
C ARG C 238 34.14 -17.58 -25.54
N HIS C 239 33.13 -18.44 -25.46
CA HIS C 239 32.92 -19.52 -26.43
C HIS C 239 31.47 -19.52 -26.91
N PRO C 240 31.01 -18.43 -27.52
CA PRO C 240 29.65 -18.41 -28.07
C PRO C 240 29.46 -19.38 -29.23
N GLN C 241 30.54 -19.81 -29.88
CA GLN C 241 30.41 -20.68 -31.04
C GLN C 241 29.88 -22.06 -30.67
N LEU C 242 30.16 -22.53 -29.44
CA LEU C 242 29.74 -23.86 -29.04
C LEU C 242 28.22 -23.98 -29.07
N PHE C 243 27.52 -22.98 -28.53
CA PHE C 243 26.06 -23.08 -28.42
C PHE C 243 25.41 -23.08 -29.79
N LYS C 244 25.90 -22.25 -30.71
CA LYS C 244 25.37 -22.31 -32.07
C LYS C 244 25.73 -23.64 -32.74
N ALA C 245 26.90 -24.20 -32.41
CA ALA C 245 27.26 -25.51 -32.95
C ALA C 245 26.26 -26.57 -32.50
N ILE C 246 25.86 -26.54 -31.23
CA ILE C 246 24.85 -27.48 -30.74
C ILE C 246 23.44 -26.93 -30.91
N GLY C 247 23.28 -25.61 -31.03
CA GLY C 247 21.97 -25.03 -31.28
C GLY C 247 21.08 -24.96 -30.06
N ILE C 248 21.49 -24.18 -29.06
CA ILE C 248 20.69 -23.95 -27.87
C ILE C 248 20.98 -22.56 -27.34
N LYS C 249 20.01 -21.99 -26.64
CA LYS C 249 20.22 -20.72 -25.97
C LYS C 249 21.08 -20.92 -24.73
N PRO C 250 22.24 -20.28 -24.63
CA PRO C 250 23.10 -20.51 -23.46
C PRO C 250 22.40 -20.06 -22.19
N PRO C 251 22.58 -20.78 -21.08
CA PRO C 251 21.97 -20.35 -19.82
C PRO C 251 22.53 -19.00 -19.39
N ARG C 252 21.66 -18.18 -18.81
CA ARG C 252 22.05 -16.84 -18.35
C ARG C 252 21.88 -16.66 -16.86
N GLY C 253 20.70 -16.95 -16.32
CA GLY C 253 20.48 -16.74 -14.90
C GLY C 253 21.42 -17.58 -14.06
N VAL C 254 21.88 -16.99 -12.95
CA VAL C 254 22.70 -17.68 -11.96
C VAL C 254 22.38 -17.07 -10.61
N LEU C 255 22.20 -17.93 -9.60
CA LEU C 255 21.88 -17.48 -8.26
C LEU C 255 22.82 -18.15 -7.28
N MET C 256 23.78 -17.41 -6.74
CA MET C 256 24.65 -17.91 -5.70
C MET C 256 24.11 -17.48 -4.34
N TYR C 257 24.15 -18.39 -3.38
CA TYR C 257 23.64 -18.08 -2.05
C TYR C 257 24.39 -18.89 -1.01
N GLY C 258 24.31 -18.42 0.24
CA GLY C 258 24.95 -19.08 1.34
C GLY C 258 24.89 -18.24 2.60
N PRO C 259 25.48 -18.72 3.69
CA PRO C 259 25.51 -17.93 4.91
C PRO C 259 26.22 -16.61 4.68
N PRO C 260 25.77 -15.54 5.35
CA PRO C 260 26.42 -14.24 5.14
C PRO C 260 27.87 -14.26 5.58
N GLY C 261 28.69 -13.51 4.86
CA GLY C 261 30.11 -13.42 5.15
C GLY C 261 30.97 -14.51 4.54
N THR C 262 30.41 -15.34 3.66
CA THR C 262 31.20 -16.39 3.03
C THR C 262 31.98 -15.89 1.82
N GLY C 263 31.75 -14.66 1.37
CA GLY C 263 32.49 -14.09 0.27
C GLY C 263 31.78 -14.07 -1.06
N LYS C 264 30.45 -14.05 -1.07
CA LYS C 264 29.73 -14.02 -2.33
C LYS C 264 30.07 -12.78 -3.14
N THR C 265 30.01 -11.61 -2.49
CA THR C 265 30.32 -10.37 -3.17
C THR C 265 31.75 -10.37 -3.70
N LEU C 266 32.69 -10.85 -2.89
CA LEU C 266 34.08 -10.89 -3.33
C LEU C 266 34.24 -11.83 -4.53
N MET C 267 33.58 -12.98 -4.51
CA MET C 267 33.69 -13.91 -5.63
C MET C 267 33.16 -13.29 -6.91
N ALA C 268 31.97 -12.66 -6.83
CA ALA C 268 31.41 -12.02 -8.01
C ALA C 268 32.32 -10.91 -8.52
N ARG C 269 32.84 -10.09 -7.60
CA ARG C 269 33.73 -9.00 -8.01
C ARG C 269 34.97 -9.56 -8.68
N ALA C 270 35.53 -10.63 -8.12
CA ALA C 270 36.75 -11.20 -8.69
C ALA C 270 36.51 -11.73 -10.09
N VAL C 271 35.43 -12.48 -10.29
CA VAL C 271 35.15 -13.01 -11.63
C VAL C 271 34.91 -11.87 -12.60
N ALA C 272 34.15 -10.85 -12.18
CA ALA C 272 33.86 -9.74 -13.08
C ALA C 272 35.13 -9.00 -13.48
N ASN C 273 36.02 -8.75 -12.52
CA ASN C 273 37.27 -8.08 -12.84
C ASN C 273 38.14 -8.96 -13.74
N GLU C 274 38.17 -10.26 -13.47
CA GLU C 274 39.01 -11.15 -14.27
C GLU C 274 38.56 -11.16 -15.73
N THR C 275 37.24 -11.31 -15.96
CA THR C 275 36.76 -11.33 -17.34
C THR C 275 36.96 -9.99 -18.03
N GLY C 276 37.20 -8.92 -17.30
CA GLY C 276 37.41 -7.62 -17.91
C GLY C 276 36.26 -7.15 -18.75
N ALA C 277 35.02 -7.39 -18.29
CA ALA C 277 33.82 -7.04 -19.02
C ALA C 277 33.02 -6.03 -18.23
N PHE C 278 32.06 -5.40 -18.91
CA PHE C 278 31.20 -4.40 -18.29
C PHE C 278 30.55 -5.00 -17.05
N PHE C 279 30.88 -4.43 -15.90
CA PHE C 279 30.34 -4.86 -14.61
C PHE C 279 29.42 -3.77 -14.08
N PHE C 280 28.23 -4.17 -13.63
CA PHE C 280 27.19 -3.24 -13.22
C PHE C 280 26.61 -3.72 -11.89
N LEU C 281 27.22 -3.29 -10.78
CA LEU C 281 26.77 -3.71 -9.47
C LEU C 281 25.50 -2.97 -9.10
N ILE C 282 24.47 -3.73 -8.73
CA ILE C 282 23.21 -3.18 -8.25
C ILE C 282 22.98 -3.70 -6.83
N ASN C 283 22.77 -2.78 -5.90
CA ASN C 283 22.50 -3.16 -4.52
C ASN C 283 21.03 -3.56 -4.40
N GLY C 284 20.53 -3.64 -3.16
CA GLY C 284 19.21 -4.17 -2.91
C GLY C 284 18.19 -3.06 -2.74
N PRO C 285 17.85 -2.73 -1.49
CA PRO C 285 16.78 -1.76 -1.24
C PRO C 285 16.89 -0.48 -2.08
N GLU C 286 18.08 -0.17 -2.59
CA GLU C 286 18.26 1.07 -3.34
C GLU C 286 17.31 1.15 -4.52
N VAL C 287 16.89 0.02 -5.06
CA VAL C 287 16.00 0.00 -6.22
C VAL C 287 14.55 -0.20 -5.80
N MET C 288 14.23 0.11 -4.54
CA MET C 288 12.86 0.06 -4.03
C MET C 288 12.39 1.48 -3.73
N SER C 289 11.23 1.84 -4.25
CA SER C 289 10.69 3.19 -4.05
C SER C 289 9.18 3.12 -4.08
N LYS C 290 8.55 4.18 -3.58
CA LYS C 290 7.11 4.28 -3.47
C LYS C 290 6.52 5.22 -4.52
N MET C 291 7.26 5.53 -5.57
CA MET C 291 6.82 6.47 -6.58
C MET C 291 6.07 5.80 -7.74
N ALA C 292 5.83 4.49 -7.66
CA ALA C 292 5.06 3.77 -8.67
C ALA C 292 5.72 3.89 -10.04
N GLY C 293 6.92 3.33 -10.15
CA GLY C 293 7.62 3.31 -11.42
C GLY C 293 9.11 3.51 -11.28
N GLU C 294 9.55 4.04 -10.12
CA GLU C 294 10.97 4.28 -9.92
C GLU C 294 11.76 2.98 -9.94
N SER C 295 11.26 1.93 -9.28
CA SER C 295 11.97 0.67 -9.23
C SER C 295 12.08 0.04 -10.61
N GLU C 296 10.94 -0.07 -11.31
CA GLU C 296 10.95 -0.66 -12.64
C GLU C 296 11.82 0.16 -13.59
N SER C 297 11.72 1.49 -13.50
CA SER C 297 12.53 2.34 -14.36
C SER C 297 14.02 2.16 -14.08
N ASN C 298 14.40 2.06 -12.80
CA ASN C 298 15.80 1.85 -12.47
C ASN C 298 16.30 0.52 -13.03
N LEU C 299 15.52 -0.55 -12.86
CA LEU C 299 15.93 -1.84 -13.38
C LEU C 299 16.04 -1.80 -14.91
N ARG C 300 15.08 -1.18 -15.58
CA ARG C 300 15.11 -1.10 -17.03
C ARG C 300 16.32 -0.30 -17.50
N LYS C 301 16.63 0.81 -16.81
CA LYS C 301 17.82 1.58 -17.17
C LYS C 301 19.07 0.72 -17.03
N ALA C 302 19.19 0.01 -15.91
CA ALA C 302 20.37 -0.83 -15.70
C ALA C 302 20.50 -1.87 -16.81
N PHE C 303 19.41 -2.58 -17.10
CA PHE C 303 19.47 -3.64 -18.10
C PHE C 303 19.79 -3.08 -19.49
N GLU C 304 19.16 -1.97 -19.87
CA GLU C 304 19.41 -1.40 -21.18
C GLU C 304 20.86 -0.94 -21.30
N GLU C 305 21.37 -0.27 -20.26
CA GLU C 305 22.75 0.20 -20.31
C GLU C 305 23.72 -0.96 -20.36
N ALA C 306 23.39 -2.07 -19.69
CA ALA C 306 24.22 -3.27 -19.82
C ALA C 306 24.18 -3.82 -21.23
N GLU C 307 22.98 -3.86 -21.84
CA GLU C 307 22.85 -4.43 -23.17
C GLU C 307 23.57 -3.61 -24.22
N LYS C 308 23.59 -2.28 -24.08
CA LYS C 308 24.22 -1.45 -25.09
C LYS C 308 25.68 -1.78 -25.27
N ASN C 309 26.32 -2.41 -24.29
CA ASN C 309 27.73 -2.79 -24.36
C ASN C 309 27.86 -4.27 -24.05
N ALA C 310 28.69 -4.97 -24.82
CA ALA C 310 28.92 -6.38 -24.62
C ALA C 310 30.41 -6.67 -24.75
N PRO C 311 30.92 -7.69 -24.02
CA PRO C 311 30.18 -8.51 -23.05
C PRO C 311 29.92 -7.75 -21.75
N ALA C 312 28.86 -8.10 -21.05
CA ALA C 312 28.47 -7.40 -19.83
C ALA C 312 28.06 -8.40 -18.76
N ILE C 313 28.24 -8.00 -17.51
CA ILE C 313 27.81 -8.79 -16.35
C ILE C 313 27.03 -7.87 -15.42
N ILE C 314 25.87 -8.33 -14.97
CA ILE C 314 25.04 -7.60 -14.02
C ILE C 314 25.00 -8.41 -12.75
N PHE C 315 25.45 -7.81 -11.65
CA PHE C 315 25.53 -8.48 -10.36
C PHE C 315 24.53 -7.83 -9.42
N ILE C 316 23.29 -8.31 -9.46
CA ILE C 316 22.31 -7.91 -8.45
C ILE C 316 22.77 -8.45 -7.10
N ASP C 317 22.39 -7.74 -6.04
CA ASP C 317 22.75 -8.16 -4.70
C ASP C 317 21.55 -8.04 -3.78
N GLU C 318 21.50 -8.91 -2.78
CA GLU C 318 20.39 -8.96 -1.84
C GLU C 318 19.05 -9.02 -2.59
N ILE C 319 19.00 -9.90 -3.59
CA ILE C 319 17.81 -10.05 -4.40
C ILE C 319 16.60 -10.47 -3.57
N ASP C 320 16.83 -10.96 -2.36
CA ASP C 320 15.71 -11.38 -1.52
C ASP C 320 14.78 -10.21 -1.22
N SER C 321 15.33 -9.04 -0.92
CA SER C 321 14.50 -7.88 -0.60
C SER C 321 13.68 -7.47 -1.82
N ILE C 322 14.29 -7.46 -3.00
CA ILE C 322 13.59 -7.03 -4.20
C ILE C 322 12.44 -7.97 -4.53
N ALA C 323 12.67 -9.27 -4.42
CA ALA C 323 11.70 -10.29 -4.83
C ALA C 323 11.45 -11.25 -3.66
N PRO C 324 10.69 -10.80 -2.66
CA PRO C 324 10.40 -11.67 -1.52
C PRO C 324 9.32 -12.70 -1.87
N LYS C 325 9.06 -13.59 -0.91
CA LYS C 325 8.09 -14.66 -1.09
C LYS C 325 6.68 -14.10 -1.19
N ARG C 326 5.71 -14.97 -1.46
CA ARG C 326 4.31 -14.57 -1.61
C ARG C 326 3.51 -14.70 -0.32
N ASP C 327 4.09 -15.28 0.74
CA ASP C 327 3.33 -15.52 1.95
C ASP C 327 2.87 -14.23 2.61
N LYS C 328 3.77 -13.25 2.70
CA LYS C 328 3.51 -12.02 3.46
C LYS C 328 3.40 -10.80 2.56
N THR C 329 4.36 -10.55 1.69
CA THR C 329 4.37 -9.34 0.87
C THR C 329 3.10 -9.24 0.04
N ASN C 330 2.46 -8.08 0.13
CA ASN C 330 1.21 -7.82 -0.58
C ASN C 330 1.48 -7.54 -2.06
N GLY C 331 0.41 -7.38 -2.83
CA GLY C 331 0.53 -7.07 -4.24
C GLY C 331 0.91 -5.62 -4.50
N GLU C 332 1.90 -5.13 -3.76
CA GLU C 332 2.41 -3.77 -3.90
C GLU C 332 3.60 -3.75 -4.86
N VAL C 333 4.36 -2.66 -4.83
CA VAL C 333 5.64 -2.64 -5.53
C VAL C 333 6.43 -3.90 -5.26
N GLU C 334 6.21 -4.54 -4.11
CA GLU C 334 6.89 -5.80 -3.80
C GLU C 334 6.63 -6.86 -4.86
N ARG C 335 5.45 -6.84 -5.48
CA ARG C 335 5.16 -7.74 -6.60
C ARG C 335 5.32 -7.08 -7.96
N ARG C 336 5.15 -5.75 -8.03
CA ARG C 336 5.43 -5.06 -9.28
C ARG C 336 6.86 -5.33 -9.73
N VAL C 337 7.81 -5.20 -8.81
CA VAL C 337 9.22 -5.36 -9.16
C VAL C 337 9.51 -6.80 -9.55
N VAL C 338 8.93 -7.77 -8.85
CA VAL C 338 9.21 -9.16 -9.19
C VAL C 338 8.66 -9.48 -10.57
N SER C 339 7.46 -9.00 -10.89
CA SER C 339 6.92 -9.21 -12.23
C SER C 339 7.80 -8.54 -13.28
N GLN C 340 8.23 -7.31 -13.00
CA GLN C 340 9.07 -6.59 -13.97
C GLN C 340 10.38 -7.32 -14.21
N LEU C 341 11.02 -7.79 -13.14
CA LEU C 341 12.26 -8.55 -13.28
C LEU C 341 12.02 -9.83 -14.06
N LEU C 342 10.91 -10.52 -13.78
CA LEU C 342 10.58 -11.72 -14.52
C LEU C 342 10.50 -11.44 -16.02
N THR C 343 9.74 -10.40 -16.39
CA THR C 343 9.57 -10.09 -17.80
C THR C 343 10.90 -9.68 -18.44
N LEU C 344 11.68 -8.84 -17.77
CA LEU C 344 12.95 -8.42 -18.33
C LEU C 344 13.87 -9.61 -18.55
N MET C 345 13.96 -10.50 -17.56
CA MET C 345 14.81 -11.68 -17.70
C MET C 345 14.32 -12.54 -18.87
N ASP C 346 13.01 -12.70 -19.00
CA ASP C 346 12.47 -13.51 -20.08
C ASP C 346 12.81 -12.91 -21.43
N GLY C 347 12.74 -11.59 -21.55
CA GLY C 347 12.92 -10.90 -22.82
C GLY C 347 14.35 -10.69 -23.25
N MET C 348 15.32 -11.26 -22.54
CA MET C 348 16.72 -11.08 -22.93
C MET C 348 16.95 -11.63 -24.34
N LYS C 349 17.63 -10.85 -25.16
CA LYS C 349 17.94 -11.29 -26.51
C LYS C 349 19.02 -12.35 -26.51
N ALA C 350 18.92 -13.28 -27.47
CA ALA C 350 19.92 -14.34 -27.57
C ALA C 350 21.30 -13.77 -27.85
N ARG C 351 21.39 -12.77 -28.73
CA ARG C 351 22.69 -12.21 -29.08
C ARG C 351 23.37 -11.62 -27.86
N SER C 352 22.63 -10.89 -27.04
CA SER C 352 23.23 -10.16 -25.93
C SER C 352 24.04 -11.09 -25.05
N ASN C 353 25.28 -10.70 -24.77
CA ASN C 353 26.18 -11.47 -23.91
C ASN C 353 26.07 -10.99 -22.46
N VAL C 354 24.84 -11.00 -21.94
CA VAL C 354 24.55 -10.52 -20.60
C VAL C 354 24.34 -11.72 -19.68
N VAL C 355 25.06 -11.75 -18.58
CA VAL C 355 24.93 -12.79 -17.57
C VAL C 355 24.52 -12.14 -16.26
N VAL C 356 23.45 -12.64 -15.66
CA VAL C 356 22.89 -12.06 -14.45
C VAL C 356 23.27 -12.94 -13.27
N ILE C 357 23.86 -12.34 -12.24
CA ILE C 357 24.26 -13.02 -11.03
C ILE C 357 23.59 -12.34 -9.85
N ALA C 358 22.98 -13.13 -8.98
CA ALA C 358 22.28 -12.61 -7.82
C ALA C 358 22.81 -13.26 -6.55
N ALA C 359 22.63 -12.59 -5.43
CA ALA C 359 23.12 -13.06 -4.14
C ALA C 359 21.99 -12.98 -3.12
N THR C 360 22.04 -13.86 -2.13
CA THR C 360 21.07 -13.88 -1.05
C THR C 360 21.52 -14.93 -0.03
N ASN C 361 20.89 -14.90 1.14
CA ASN C 361 21.24 -15.79 2.23
C ASN C 361 20.33 -17.03 2.25
N ARG C 362 19.02 -16.83 2.29
CA ARG C 362 18.08 -17.94 2.33
C ARG C 362 17.51 -18.15 0.94
N PRO C 363 17.81 -19.28 0.27
CA PRO C 363 17.39 -19.42 -1.13
C PRO C 363 15.89 -19.35 -1.32
N ASN C 364 15.11 -19.87 -0.38
CA ASN C 364 13.65 -19.86 -0.55
C ASN C 364 13.04 -18.50 -0.20
N SER C 365 13.87 -17.50 0.10
CA SER C 365 13.34 -16.17 0.36
C SER C 365 12.70 -15.52 -0.86
N ILE C 366 12.93 -16.08 -2.05
CA ILE C 366 12.41 -15.51 -3.28
C ILE C 366 11.39 -16.46 -3.88
N ASP C 367 10.57 -15.93 -4.80
CA ASP C 367 9.52 -16.73 -5.40
C ASP C 367 10.13 -17.89 -6.21
N PRO C 368 9.45 -19.03 -6.26
CA PRO C 368 9.96 -20.12 -7.11
C PRO C 368 10.03 -19.75 -8.57
N ALA C 369 9.23 -18.78 -9.01
CA ALA C 369 9.20 -18.42 -10.43
C ALA C 369 10.59 -18.09 -10.94
N LEU C 370 11.39 -17.40 -10.13
CA LEU C 370 12.73 -17.02 -10.58
C LEU C 370 13.60 -18.23 -10.85
N ARG C 371 13.23 -19.40 -10.35
CA ARG C 371 13.96 -20.63 -10.64
C ARG C 371 13.49 -21.31 -11.92
N ARG C 372 12.52 -20.72 -12.62
CA ARG C 372 12.01 -21.33 -13.84
C ARG C 372 13.02 -21.19 -14.96
N PHE C 373 12.78 -21.93 -16.05
CA PHE C 373 13.65 -21.87 -17.21
C PHE C 373 13.72 -20.44 -17.74
N GLY C 374 14.89 -20.08 -18.28
CA GLY C 374 15.10 -18.75 -18.80
C GLY C 374 15.32 -17.70 -17.74
N ARG C 375 15.65 -18.12 -16.52
CA ARG C 375 15.78 -17.23 -15.38
C ARG C 375 16.84 -17.82 -14.46
N PHE C 376 16.85 -17.40 -13.20
CA PHE C 376 17.89 -17.86 -12.29
C PHE C 376 17.70 -19.34 -12.00
N ASP C 377 17.91 -20.17 -13.02
CA ASP C 377 17.71 -21.61 -12.87
C ASP C 377 18.83 -22.23 -12.04
N ARG C 378 20.08 -21.88 -12.33
CA ARG C 378 21.21 -22.56 -11.72
C ARG C 378 21.52 -21.93 -10.37
N GLU C 379 21.38 -22.72 -9.31
CA GLU C 379 21.64 -22.27 -7.95
C GLU C 379 22.97 -22.85 -7.48
N VAL C 380 23.84 -21.97 -6.98
CA VAL C 380 25.14 -22.36 -6.45
C VAL C 380 25.10 -22.10 -4.95
N ASP C 381 25.16 -23.17 -4.17
CA ASP C 381 25.11 -23.09 -2.72
C ASP C 381 26.54 -23.06 -2.19
N ILE C 382 26.85 -22.03 -1.40
CA ILE C 382 28.15 -21.87 -0.78
C ILE C 382 27.99 -22.17 0.70
N GLY C 383 28.67 -23.23 1.17
CA GLY C 383 28.63 -23.63 2.55
C GLY C 383 29.84 -23.16 3.34
N ILE C 384 29.79 -23.42 4.63
CA ILE C 384 30.91 -23.03 5.50
C ILE C 384 32.14 -23.83 5.10
N PRO C 385 33.32 -23.21 4.99
CA PRO C 385 34.49 -23.96 4.54
C PRO C 385 34.92 -25.02 5.55
N ASP C 386 35.60 -26.04 5.03
CA ASP C 386 36.12 -27.12 5.85
C ASP C 386 37.48 -26.72 6.42
N ALA C 387 38.20 -27.69 7.01
CA ALA C 387 39.51 -27.40 7.56
C ALA C 387 40.46 -26.91 6.47
N THR C 388 40.45 -27.55 5.30
CA THR C 388 41.31 -27.10 4.22
C THR C 388 40.94 -25.69 3.77
N GLY C 389 39.64 -25.40 3.69
CA GLY C 389 39.21 -24.07 3.31
C GLY C 389 39.66 -23.02 4.30
N ARG C 390 39.50 -23.30 5.60
CA ARG C 390 39.94 -22.36 6.61
C ARG C 390 41.45 -22.16 6.55
N LEU C 391 42.21 -23.24 6.33
CA LEU C 391 43.65 -23.11 6.21
C LEU C 391 44.02 -22.22 5.02
N GLU C 392 43.35 -22.43 3.89
CA GLU C 392 43.64 -21.60 2.71
C GLU C 392 43.29 -20.14 2.97
N VAL C 393 42.16 -19.89 3.64
CA VAL C 393 41.76 -18.53 3.94
C VAL C 393 42.79 -17.85 4.84
N LEU C 394 43.25 -18.56 5.87
CA LEU C 394 44.28 -18.00 6.73
C LEU C 394 45.56 -17.76 5.95
N ARG C 395 45.92 -18.68 5.05
CA ARG C 395 47.13 -18.50 4.26
C ARG C 395 47.05 -17.23 3.43
N ILE C 396 45.92 -17.03 2.75
CA ILE C 396 45.82 -15.87 1.85
C ILE C 396 45.74 -14.58 2.66
N HIS C 397 44.95 -14.55 3.72
CA HIS C 397 44.77 -13.32 4.48
C HIS C 397 46.08 -12.90 5.14
N THR C 398 46.78 -13.84 5.76
CA THR C 398 48.03 -13.51 6.43
C THR C 398 49.18 -13.55 5.43
N LYS C 399 49.02 -12.84 4.32
CA LYS C 399 50.04 -12.77 3.29
C LYS C 399 50.96 -11.56 3.45
N ASN C 400 50.64 -10.64 4.37
CA ASN C 400 51.44 -9.45 4.58
C ASN C 400 51.77 -9.17 6.03
N MET C 401 51.02 -9.72 6.99
CA MET C 401 51.33 -9.49 8.39
C MET C 401 52.72 -10.05 8.70
N LYS C 402 53.47 -9.33 9.53
CA LYS C 402 54.82 -9.74 9.87
C LYS C 402 54.79 -10.91 10.84
N LEU C 403 54.42 -12.09 10.35
CA LEU C 403 54.34 -13.25 11.20
C LEU C 403 55.71 -13.62 11.74
N ALA C 404 55.74 -14.02 13.01
CA ALA C 404 56.96 -14.52 13.63
C ALA C 404 57.13 -16.00 13.29
N ASP C 405 58.24 -16.58 13.75
CA ASP C 405 58.50 -17.99 13.48
C ASP C 405 57.44 -18.87 14.11
N ASP C 406 57.03 -18.55 15.34
CA ASP C 406 56.06 -19.37 16.07
C ASP C 406 54.67 -19.12 15.52
N VAL C 407 54.38 -19.78 14.40
CA VAL C 407 53.06 -19.76 13.78
C VAL C 407 52.71 -21.19 13.36
N ASP C 408 51.53 -21.64 13.75
CA ASP C 408 51.08 -23.02 13.55
C ASP C 408 49.71 -23.03 12.88
N LEU C 409 49.58 -22.29 11.78
CA LEU C 409 48.33 -22.10 11.07
C LEU C 409 47.52 -23.39 10.99
N GLU C 410 48.21 -24.54 10.88
CA GLU C 410 47.51 -25.81 10.78
C GLU C 410 46.68 -26.07 12.03
N ALA C 411 47.25 -25.81 13.21
CA ALA C 411 46.48 -25.98 14.44
C ALA C 411 45.29 -25.03 14.49
N LEU C 412 45.48 -23.80 14.03
CA LEU C 412 44.37 -22.85 13.99
C LEU C 412 43.24 -23.38 13.11
N ALA C 413 43.60 -23.88 11.93
CA ALA C 413 42.59 -24.45 11.04
C ALA C 413 41.88 -25.63 11.69
N ALA C 414 42.65 -26.50 12.35
CA ALA C 414 42.04 -27.67 12.99
C ALA C 414 41.07 -27.27 14.09
N GLU C 415 41.43 -26.27 14.89
CA GLU C 415 40.60 -25.87 16.01
C GLU C 415 39.54 -24.85 15.66
N THR C 416 39.58 -24.30 14.45
CA THR C 416 38.58 -23.33 13.99
C THR C 416 37.48 -24.09 13.27
N HIS C 417 36.32 -24.20 13.91
CA HIS C 417 35.16 -24.87 13.34
C HIS C 417 34.00 -23.90 13.26
N GLY C 418 33.32 -23.87 12.11
CA GLY C 418 32.19 -22.99 11.93
C GLY C 418 32.54 -21.55 11.67
N TYR C 419 33.78 -21.26 11.31
CA TYR C 419 34.22 -19.90 11.01
C TYR C 419 34.17 -19.67 9.51
N VAL C 420 33.43 -18.66 9.08
CA VAL C 420 33.40 -18.24 7.69
C VAL C 420 34.60 -17.34 7.44
N GLY C 421 34.88 -17.06 6.17
CA GLY C 421 36.06 -16.27 5.84
C GLY C 421 36.08 -14.92 6.53
N ALA C 422 34.91 -14.27 6.62
CA ALA C 422 34.86 -12.98 7.30
C ALA C 422 35.32 -13.10 8.75
N ASP C 423 34.89 -14.16 9.43
CA ASP C 423 35.34 -14.37 10.81
C ASP C 423 36.84 -14.60 10.88
N ILE C 424 37.40 -15.30 9.89
CA ILE C 424 38.84 -15.50 9.86
C ILE C 424 39.56 -14.16 9.72
N ALA C 425 39.07 -13.30 8.82
CA ALA C 425 39.66 -11.99 8.67
C ALA C 425 39.58 -11.19 9.97
N SER C 426 38.42 -11.25 10.64
CA SER C 426 38.27 -10.56 11.91
C SER C 426 39.26 -11.09 12.94
N LEU C 427 39.46 -12.41 12.97
CA LEU C 427 40.40 -12.99 13.91
C LEU C 427 41.82 -12.51 13.63
N CYS C 428 42.21 -12.47 12.35
CA CYS C 428 43.54 -11.97 12.01
C CYS C 428 43.71 -10.52 12.45
N SER C 429 42.71 -9.69 12.19
CA SER C 429 42.78 -8.29 12.60
C SER C 429 42.89 -8.18 14.12
N GLU C 430 42.11 -8.98 14.84
CA GLU C 430 42.16 -8.93 16.30
C GLU C 430 43.53 -9.35 16.82
N ALA C 431 44.12 -10.38 16.23
CA ALA C 431 45.46 -10.81 16.66
C ALA C 431 46.49 -9.71 16.42
N ALA C 432 46.45 -9.09 15.24
CA ALA C 432 47.39 -8.01 14.96
C ALA C 432 47.18 -6.86 15.93
N MET C 433 45.92 -6.53 16.23
CA MET C 433 45.65 -5.44 17.16
C MET C 433 46.15 -5.78 18.56
N GLN C 434 46.02 -7.04 18.97
CA GLN C 434 46.54 -7.45 20.27
C GLN C 434 48.05 -7.30 20.31
N GLN C 435 48.73 -7.67 19.23
CA GLN C 435 50.18 -7.48 19.18
C GLN C 435 50.53 -6.00 19.29
N ILE C 436 49.80 -5.15 18.57
CA ILE C 436 50.05 -3.71 18.65
C ILE C 436 49.84 -3.22 20.07
N ARG C 437 48.77 -3.68 20.73
CA ARG C 437 48.48 -3.23 22.08
C ARG C 437 49.59 -3.65 23.04
N GLU C 438 50.08 -4.88 22.91
CA GLU C 438 51.17 -5.33 23.77
C GLU C 438 52.43 -4.51 23.53
N LYS C 439 52.75 -4.22 22.28
CA LYS C 439 53.94 -3.44 21.96
C LYS C 439 53.76 -1.95 22.23
N MET C 440 52.54 -1.50 22.51
CA MET C 440 52.26 -0.07 22.60
C MET C 440 52.75 0.56 23.89
N ASP C 441 52.98 -0.24 24.94
CA ASP C 441 53.38 0.34 26.22
C ASP C 441 54.67 1.13 26.08
N LEU C 442 55.66 0.58 25.36
CA LEU C 442 56.91 1.28 25.14
C LEU C 442 56.75 2.50 24.23
N ILE C 443 55.72 2.52 23.40
CA ILE C 443 55.50 3.66 22.51
C ILE C 443 55.09 4.87 23.34
N ASP C 444 55.47 6.05 22.85
CA ASP C 444 55.07 7.32 23.45
C ASP C 444 54.04 7.95 22.53
N LEU C 445 52.76 7.61 22.75
CA LEU C 445 51.69 8.16 21.94
C LEU C 445 51.51 9.65 22.13
N ASP C 446 52.12 10.25 23.15
CA ASP C 446 51.97 11.67 23.37
C ASP C 446 52.49 12.48 22.18
N GLU C 447 53.64 12.09 21.65
CA GLU C 447 54.20 12.75 20.48
C GLU C 447 53.81 12.00 19.22
N ASP C 448 54.17 12.57 18.07
CA ASP C 448 53.86 11.98 16.76
C ASP C 448 55.18 11.59 16.10
N GLU C 449 55.69 10.42 16.47
CA GLU C 449 56.88 9.86 15.82
C GLU C 449 57.07 8.45 16.32
N ILE C 450 57.17 7.49 15.42
CA ILE C 450 57.37 6.09 15.77
C ILE C 450 58.82 5.71 15.50
N ASP C 451 59.50 5.20 16.53
CA ASP C 451 60.88 4.76 16.38
C ASP C 451 60.96 3.59 15.41
N ALA C 452 62.03 3.57 14.62
CA ALA C 452 62.20 2.52 13.62
C ALA C 452 62.30 1.15 14.28
N GLU C 453 63.01 1.07 15.41
CA GLU C 453 63.18 -0.21 16.08
C GLU C 453 61.84 -0.80 16.51
N VAL C 454 60.92 0.05 16.97
CA VAL C 454 59.61 -0.44 17.37
C VAL C 454 58.93 -1.12 16.19
N LEU C 455 58.93 -0.47 15.02
CA LEU C 455 58.34 -1.07 13.84
C LEU C 455 59.04 -2.37 13.48
N ASP C 456 60.37 -2.40 13.56
CA ASP C 456 61.11 -3.60 13.21
C ASP C 456 60.74 -4.76 14.13
N SER C 457 60.60 -4.48 15.43
CA SER C 457 60.34 -5.53 16.41
C SER C 457 58.91 -6.06 16.35
N LEU C 458 58.02 -5.41 15.60
CA LEU C 458 56.64 -5.87 15.53
C LEU C 458 56.57 -7.26 14.92
N GLY C 459 55.76 -8.13 15.51
CA GLY C 459 55.59 -9.48 15.02
C GLY C 459 54.53 -10.24 15.80
N VAL C 460 53.65 -10.92 15.09
CA VAL C 460 52.56 -11.64 15.75
C VAL C 460 53.07 -12.97 16.30
N THR C 461 52.34 -13.52 17.26
CA THR C 461 52.71 -14.77 17.90
C THR C 461 51.46 -15.62 18.11
N MET C 462 51.68 -16.92 18.27
CA MET C 462 50.58 -17.85 18.44
C MET C 462 49.71 -17.47 19.63
N ASP C 463 50.32 -16.90 20.68
CA ASP C 463 49.52 -16.44 21.82
C ASP C 463 48.54 -15.37 21.40
N ASN C 464 48.95 -14.48 20.49
CA ASN C 464 48.04 -13.47 19.99
C ASN C 464 46.83 -14.10 19.32
N PHE C 465 47.06 -15.12 18.50
CA PHE C 465 45.96 -15.81 17.83
C PHE C 465 45.07 -16.52 18.85
N ARG C 466 45.66 -17.13 19.88
CA ARG C 466 44.85 -17.76 20.91
C ARG C 466 43.95 -16.74 21.60
N PHE C 467 44.51 -15.58 21.95
CA PHE C 467 43.70 -14.55 22.58
C PHE C 467 42.59 -14.07 21.66
N ALA C 468 42.91 -13.86 20.38
CA ALA C 468 41.90 -13.42 19.44
C ALA C 468 40.79 -14.44 19.30
N LEU C 469 41.16 -15.73 19.22
CA LEU C 469 40.15 -16.78 19.14
C LEU C 469 39.27 -16.77 20.38
N GLY C 470 39.87 -16.58 21.56
CA GLY C 470 39.07 -16.46 22.76
C GLY C 470 38.10 -15.29 22.70
N ASN C 471 38.55 -14.16 22.16
CA ASN C 471 37.69 -12.97 22.13
C ASN C 471 36.55 -13.14 21.13
N SER C 472 36.85 -13.59 19.92
CA SER C 472 35.85 -13.60 18.86
C SER C 472 34.80 -14.66 19.12
N ASN C 473 33.85 -14.77 18.19
CA ASN C 473 32.78 -15.75 18.29
C ASN C 473 32.06 -15.87 16.94
N PRO C 474 31.72 -17.08 16.51
CA PRO C 474 31.00 -17.23 15.25
C PRO C 474 29.51 -16.95 15.41
N SER C 475 28.83 -16.85 14.26
CA SER C 475 27.39 -16.65 14.26
C SER C 475 26.67 -17.45 13.19
N ALA C 476 27.37 -18.28 12.43
CA ALA C 476 26.74 -19.07 11.37
C ALA C 476 26.27 -20.44 11.83
N LEU C 477 26.57 -20.82 13.07
CA LEU C 477 26.19 -22.14 13.55
C LEU C 477 24.71 -22.24 13.89
N ARG C 478 24.12 -21.16 14.41
CA ARG C 478 22.71 -21.21 14.80
C ARG C 478 21.82 -21.51 13.60
N GLU C 479 22.07 -20.87 12.47
CA GLU C 479 21.28 -21.09 11.27
C GLU C 479 21.70 -22.38 10.58
N THR C 480 20.71 -23.04 9.97
CA THR C 480 21.00 -24.27 9.25
C THR C 480 21.97 -24.01 8.10
N VAL C 481 22.98 -24.86 7.98
CA VAL C 481 23.99 -24.74 6.94
C VAL C 481 24.42 -26.14 6.52
N VAL C 482 25.21 -26.21 5.45
CA VAL C 482 25.72 -27.48 4.92
C VAL C 482 27.14 -27.67 5.43
N GLU C 483 27.42 -28.83 6.01
CA GLU C 483 28.71 -29.12 6.61
C GLU C 483 29.35 -30.31 5.89
N SER C 484 30.67 -30.26 5.77
CA SER C 484 31.45 -31.34 5.20
C SER C 484 32.12 -32.13 6.32
N VAL C 485 31.88 -33.44 6.35
CA VAL C 485 32.36 -34.30 7.43
C VAL C 485 33.05 -35.51 6.83
N ASN C 486 33.91 -36.12 7.65
CA ASN C 486 34.73 -37.26 7.23
C ASN C 486 34.74 -38.32 8.32
N VAL C 487 33.58 -38.62 8.90
CA VAL C 487 33.48 -39.64 9.94
C VAL C 487 33.42 -41.01 9.28
N THR C 488 34.32 -41.90 9.69
CA THR C 488 34.44 -43.22 9.10
C THR C 488 33.69 -44.27 9.92
N TRP C 489 33.36 -45.38 9.27
CA TRP C 489 32.67 -46.47 9.95
C TRP C 489 33.53 -47.05 11.07
N ASP C 490 34.84 -47.19 10.81
CA ASP C 490 35.71 -47.80 11.80
C ASP C 490 35.64 -47.09 13.14
N ASP C 491 35.38 -45.78 13.13
CA ASP C 491 35.25 -45.05 14.38
C ASP C 491 34.08 -45.57 15.20
N VAL C 492 32.95 -45.87 14.55
CA VAL C 492 31.79 -46.40 15.26
C VAL C 492 32.11 -47.80 15.78
N GLY C 493 31.48 -48.17 16.88
CA GLY C 493 31.77 -49.41 17.56
C GLY C 493 31.02 -50.61 17.01
N GLY C 494 31.45 -51.11 15.85
CA GLY C 494 30.85 -52.32 15.32
C GLY C 494 29.40 -52.13 14.97
N LEU C 495 28.54 -52.98 15.53
CA LEU C 495 27.11 -52.98 15.23
C LEU C 495 26.87 -53.34 13.76
N ASP C 496 27.45 -54.46 13.33
CA ASP C 496 27.35 -54.86 11.93
C ASP C 496 25.91 -55.18 11.53
N GLU C 497 25.10 -55.69 12.47
CA GLU C 497 23.74 -56.10 12.13
C GLU C 497 22.91 -54.94 11.60
N ILE C 498 23.20 -53.71 12.03
CA ILE C 498 22.49 -52.53 11.56
C ILE C 498 23.27 -51.87 10.44
N LYS C 499 24.60 -51.98 10.50
CA LYS C 499 25.44 -51.37 9.48
C LYS C 499 25.19 -52.00 8.11
N GLU C 500 25.01 -53.32 8.06
CA GLU C 500 24.74 -53.96 6.78
C GLU C 500 23.42 -53.49 6.19
N GLU C 501 22.38 -53.38 7.03
CA GLU C 501 21.10 -52.88 6.55
C GLU C 501 21.22 -51.46 6.04
N LEU C 502 21.96 -50.61 6.77
CA LEU C 502 22.15 -49.23 6.34
C LEU C 502 22.90 -49.18 5.02
N LYS C 503 23.92 -50.04 4.86
CA LYS C 503 24.61 -50.15 3.58
C LYS C 503 23.64 -50.47 2.46
N GLU C 504 22.85 -51.54 2.64
CA GLU C 504 21.90 -51.93 1.61
C GLU C 504 20.94 -50.80 1.29
N THR C 505 20.57 -50.01 2.29
CA THR C 505 19.57 -48.96 2.07
C THR C 505 20.16 -47.78 1.31
N VAL C 506 21.38 -47.36 1.64
CA VAL C 506 21.95 -46.11 1.14
C VAL C 506 23.07 -46.35 0.13
N GLU C 507 24.11 -47.10 0.52
CA GLU C 507 25.34 -47.13 -0.27
C GLU C 507 25.09 -47.74 -1.65
N TYR C 508 24.44 -48.92 -1.69
CA TYR C 508 24.27 -49.60 -2.97
C TYR C 508 23.47 -48.79 -3.97
N PRO C 509 22.28 -48.27 -3.64
CA PRO C 509 21.53 -47.50 -4.65
C PRO C 509 22.27 -46.27 -5.14
N VAL C 510 23.01 -45.59 -4.26
CA VAL C 510 23.70 -44.38 -4.67
C VAL C 510 24.96 -44.71 -5.48
N LEU C 511 25.56 -45.87 -5.25
CA LEU C 511 26.74 -46.29 -5.99
C LEU C 511 26.47 -47.38 -7.01
N HIS C 512 25.36 -48.09 -6.90
CA HIS C 512 25.00 -49.14 -7.85
C HIS C 512 23.56 -48.95 -8.31
N PRO C 513 23.24 -47.79 -8.90
CA PRO C 513 21.90 -47.61 -9.45
C PRO C 513 21.59 -48.52 -10.63
N ASP C 514 22.62 -49.09 -11.27
CA ASP C 514 22.38 -49.93 -12.43
C ASP C 514 21.54 -51.15 -12.06
N GLN C 515 21.83 -51.77 -10.92
CA GLN C 515 21.05 -52.95 -10.51
C GLN C 515 19.60 -52.57 -10.25
N TYR C 516 19.37 -51.45 -9.57
CA TYR C 516 18.01 -51.02 -9.29
C TYR C 516 17.25 -50.74 -10.57
N THR C 517 17.88 -50.07 -11.54
CA THR C 517 17.23 -49.84 -12.82
C THR C 517 16.96 -51.15 -13.54
N LYS C 518 17.91 -52.09 -13.49
CA LYS C 518 17.73 -53.37 -14.14
C LYS C 518 16.53 -54.12 -13.58
N PHE C 519 16.40 -54.14 -12.26
CA PHE C 519 15.24 -54.74 -11.61
C PHE C 519 14.12 -53.75 -11.36
N GLY C 520 14.31 -52.48 -11.72
CA GLY C 520 13.25 -51.50 -11.60
C GLY C 520 12.75 -51.28 -10.19
N LEU C 521 13.67 -51.12 -9.24
CA LEU C 521 13.34 -50.88 -7.85
C LEU C 521 13.76 -49.47 -7.46
N SER C 522 12.87 -48.76 -6.76
CA SER C 522 13.18 -47.42 -6.27
C SER C 522 13.69 -47.54 -4.84
N PRO C 523 14.93 -47.16 -4.55
CA PRO C 523 15.44 -47.32 -3.17
C PRO C 523 14.63 -46.49 -2.19
N SER C 524 14.44 -47.04 -1.00
CA SER C 524 13.75 -46.31 0.06
C SER C 524 14.51 -45.03 0.39
N LYS C 525 13.78 -43.92 0.46
CA LYS C 525 14.35 -42.60 0.73
C LYS C 525 14.00 -42.12 2.13
N GLY C 526 13.98 -43.04 3.10
CA GLY C 526 13.72 -42.67 4.48
C GLY C 526 14.01 -43.78 5.45
N VAL C 527 14.77 -43.48 6.49
CA VAL C 527 15.10 -44.43 7.55
C VAL C 527 14.90 -43.74 8.89
N LEU C 528 14.23 -44.42 9.81
CA LEU C 528 14.00 -43.92 11.16
C LEU C 528 14.79 -44.77 12.14
N PHE C 529 15.43 -44.12 13.10
CA PHE C 529 16.19 -44.79 14.15
C PHE C 529 15.52 -44.52 15.49
N TYR C 530 15.29 -45.58 16.27
CA TYR C 530 14.77 -45.44 17.60
C TYR C 530 15.53 -46.36 18.55
N GLY C 531 15.64 -45.95 19.81
CA GLY C 531 16.35 -46.70 20.79
C GLY C 531 16.83 -45.83 21.93
N PRO C 532 17.56 -46.41 22.87
CA PRO C 532 18.06 -45.63 24.01
C PRO C 532 18.93 -44.48 23.55
N PRO C 533 18.85 -43.33 24.20
CA PRO C 533 19.69 -42.20 23.80
C PRO C 533 21.16 -42.46 24.10
N GLY C 534 22.02 -41.75 23.35
CA GLY C 534 23.45 -41.89 23.55
C GLY C 534 24.05 -43.16 22.99
N THR C 535 23.35 -43.82 22.07
CA THR C 535 23.83 -45.06 21.48
C THR C 535 24.61 -44.83 20.18
N GLY C 536 24.88 -43.59 19.82
CA GLY C 536 25.66 -43.29 18.65
C GLY C 536 24.88 -43.13 17.36
N LYS C 537 23.59 -42.82 17.45
CA LYS C 537 22.80 -42.64 16.24
C LYS C 537 23.33 -41.49 15.39
N THR C 538 23.67 -40.38 16.03
CA THR C 538 24.21 -39.24 15.29
C THR C 538 25.52 -39.60 14.59
N LEU C 539 26.38 -40.34 15.29
CA LEU C 539 27.62 -40.79 14.67
C LEU C 539 27.33 -41.72 13.49
N LEU C 540 26.30 -42.55 13.62
CA LEU C 540 25.90 -43.40 12.51
C LEU C 540 25.48 -42.56 11.30
N ALA C 541 24.69 -41.52 11.53
CA ALA C 541 24.27 -40.66 10.43
C ALA C 541 25.44 -39.96 9.79
N LYS C 542 26.39 -39.48 10.60
CA LYS C 542 27.55 -38.80 10.06
C LYS C 542 28.42 -39.77 9.25
N ALA C 543 28.56 -41.01 9.73
CA ALA C 543 29.30 -42.01 8.97
C ALA C 543 28.63 -42.30 7.64
N VAL C 544 27.30 -42.38 7.64
CA VAL C 544 26.57 -42.58 6.39
C VAL C 544 26.83 -41.42 5.44
N ALA C 545 26.76 -40.20 5.96
CA ALA C 545 27.00 -39.03 5.11
C ALA C 545 28.41 -39.05 4.52
N THR C 546 29.40 -39.40 5.33
CA THR C 546 30.77 -39.46 4.85
C THR C 546 30.95 -40.57 3.82
N GLU C 547 30.22 -41.67 3.96
CA GLU C 547 30.45 -42.83 3.10
C GLU C 547 30.21 -42.50 1.63
N VAL C 548 29.13 -41.77 1.34
CA VAL C 548 28.78 -41.48 -0.05
C VAL C 548 29.36 -40.15 -0.53
N SER C 549 30.15 -39.46 0.30
CA SER C 549 30.73 -38.18 -0.06
C SER C 549 29.65 -37.16 -0.40
N ALA C 550 28.78 -36.92 0.58
CA ALA C 550 27.64 -36.01 0.43
C ALA C 550 27.68 -34.96 1.52
N ASN C 551 27.26 -33.74 1.17
CA ASN C 551 27.16 -32.68 2.16
C ASN C 551 26.11 -33.04 3.21
N PHE C 552 26.37 -32.63 4.45
CA PHE C 552 25.54 -33.00 5.58
C PHE C 552 24.78 -31.78 6.10
N ILE C 553 23.54 -32.02 6.50
CA ILE C 553 22.69 -30.98 7.11
C ILE C 553 21.95 -31.62 8.28
N SER C 554 21.77 -30.87 9.35
CA SER C 554 21.06 -31.36 10.52
C SER C 554 20.31 -30.24 11.20
N VAL C 555 19.07 -30.52 11.60
CA VAL C 555 18.28 -29.62 12.42
C VAL C 555 17.73 -30.42 13.60
N LYS C 556 17.92 -29.89 14.81
CA LYS C 556 17.56 -30.61 16.02
C LYS C 556 16.13 -30.28 16.43
N GLY C 557 15.66 -31.00 17.47
CA GLY C 557 14.32 -30.82 17.97
C GLY C 557 13.98 -29.43 18.41
N PRO C 558 14.86 -28.72 19.13
CA PRO C 558 14.57 -27.33 19.48
C PRO C 558 14.31 -26.45 18.27
N GLU C 559 15.05 -26.66 17.17
CA GLU C 559 14.80 -25.90 15.96
C GLU C 559 13.40 -26.19 15.41
N LEU C 560 13.00 -27.46 15.44
CA LEU C 560 11.66 -27.82 15.00
C LEU C 560 10.59 -27.15 15.87
N LEU C 561 10.83 -27.11 17.19
CA LEU C 561 9.90 -26.45 18.08
C LEU C 561 9.81 -24.96 17.76
N SER C 562 10.95 -24.33 17.49
CA SER C 562 10.94 -22.92 17.07
C SER C 562 10.14 -22.75 15.79
N MET C 563 10.33 -23.65 14.82
CA MET C 563 9.55 -23.59 13.60
C MET C 563 8.05 -23.69 13.89
N TRP C 564 7.68 -24.56 14.84
CA TRP C 564 6.28 -24.64 15.25
C TRP C 564 5.81 -23.31 15.81
N TYR C 565 6.64 -22.65 16.62
CA TYR C 565 6.29 -21.35 17.17
C TYR C 565 6.59 -20.21 16.19
N GLY C 566 7.11 -20.51 15.01
CA GLY C 566 7.31 -19.48 14.00
C GLY C 566 8.26 -18.38 14.40
N GLU C 567 9.36 -18.73 15.08
CA GLU C 567 10.37 -17.76 15.46
C GLU C 567 11.68 -17.93 14.70
N SER C 568 11.96 -19.12 14.19
CA SER C 568 13.15 -19.34 13.39
C SER C 568 12.88 -18.95 11.94
N GLU C 569 13.76 -18.11 11.40
CA GLU C 569 13.53 -17.56 10.06
C GLU C 569 13.61 -18.63 8.97
N SER C 570 14.16 -19.79 9.27
CA SER C 570 14.31 -20.86 8.30
C SER C 570 13.21 -21.89 8.49
N ASN C 571 12.41 -22.11 7.46
CA ASN C 571 11.36 -23.11 7.46
C ASN C 571 11.85 -24.38 6.79
N ILE C 572 11.09 -25.47 6.96
CA ILE C 572 11.48 -26.75 6.39
C ILE C 572 11.61 -26.64 4.87
N ARG C 573 10.87 -25.71 4.25
CA ARG C 573 11.03 -25.48 2.82
C ARG C 573 12.45 -25.08 2.49
N ASP C 574 13.04 -24.16 3.26
CA ASP C 574 14.42 -23.76 3.03
C ASP C 574 15.38 -24.92 3.24
N ILE C 575 15.13 -25.73 4.28
CA ILE C 575 16.03 -26.86 4.55
C ILE C 575 16.04 -27.81 3.36
N PHE C 576 14.86 -28.16 2.84
CA PHE C 576 14.82 -29.08 1.72
C PHE C 576 15.32 -28.45 0.43
N ASP C 577 15.12 -27.14 0.26
CA ASP C 577 15.66 -26.46 -0.91
C ASP C 577 17.18 -26.53 -0.91
N LYS C 578 17.81 -26.27 0.24
CA LYS C 578 19.26 -26.41 0.33
C LYS C 578 19.68 -27.86 0.14
N ALA C 579 18.88 -28.80 0.66
CA ALA C 579 19.21 -30.21 0.47
C ALA C 579 19.26 -30.57 -1.00
N ARG C 580 18.24 -30.16 -1.76
CA ARG C 580 18.24 -30.44 -3.20
C ARG C 580 19.37 -29.72 -3.90
N ALA C 581 19.61 -28.44 -3.56
CA ALA C 581 20.66 -27.68 -4.23
C ALA C 581 22.05 -28.21 -3.92
N ALA C 582 22.23 -28.91 -2.81
CA ALA C 582 23.51 -29.49 -2.43
C ALA C 582 23.50 -31.01 -2.57
N ALA C 583 22.74 -31.53 -3.53
CA ALA C 583 22.64 -32.96 -3.69
C ALA C 583 24.00 -33.55 -4.04
N PRO C 584 24.35 -34.74 -3.55
CA PRO C 584 23.55 -35.57 -2.63
C PRO C 584 23.53 -34.99 -1.22
N THR C 585 22.48 -35.28 -0.46
CA THR C 585 22.30 -34.73 0.88
C THR C 585 21.90 -35.84 1.84
N VAL C 586 22.31 -35.66 3.10
CA VAL C 586 22.16 -36.68 4.12
C VAL C 586 21.36 -36.11 5.29
N VAL C 587 20.37 -35.28 4.98
CA VAL C 587 19.66 -34.49 6.00
C VAL C 587 19.33 -35.38 7.20
N PHE C 588 19.50 -34.81 8.40
CA PHE C 588 19.27 -35.53 9.64
C PHE C 588 18.36 -34.70 10.54
N LEU C 589 17.32 -35.33 11.09
CA LEU C 589 16.34 -34.67 11.93
C LEU C 589 16.38 -35.31 13.32
N ASP C 590 16.99 -34.63 14.28
CA ASP C 590 17.10 -35.16 15.63
C ASP C 590 15.85 -34.82 16.43
N GLU C 591 15.39 -35.79 17.22
CA GLU C 591 14.22 -35.62 18.09
C GLU C 591 12.99 -35.23 17.29
N LEU C 592 12.59 -36.14 16.39
CA LEU C 592 11.38 -35.94 15.62
C LEU C 592 10.11 -36.04 16.47
N ASP C 593 10.22 -36.54 17.70
CA ASP C 593 9.05 -36.63 18.57
C ASP C 593 8.57 -35.25 19.02
N SER C 594 9.49 -34.31 19.24
CA SER C 594 9.12 -33.02 19.79
C SER C 594 8.12 -32.30 18.90
N ILE C 595 8.38 -32.29 17.59
CA ILE C 595 7.50 -31.58 16.67
C ILE C 595 6.16 -32.30 16.55
N ALA C 596 6.17 -33.62 16.51
CA ALA C 596 4.95 -34.40 16.39
C ALA C 596 4.04 -34.17 17.60
N SER C 610 3.32 -31.47 15.34
CA SER C 610 2.54 -30.33 15.79
C SER C 610 1.70 -29.77 14.65
N ASP C 611 0.89 -30.64 14.03
CA ASP C 611 -0.06 -30.21 13.01
C ASP C 611 0.64 -29.57 11.81
N ARG C 612 0.76 -28.23 11.82
CA ARG C 612 1.17 -27.51 10.63
C ARG C 612 2.58 -27.90 10.19
N VAL C 613 3.52 -27.96 11.13
CA VAL C 613 4.90 -28.27 10.75
C VAL C 613 4.99 -29.69 10.21
N VAL C 614 4.31 -30.64 10.86
CA VAL C 614 4.33 -32.02 10.38
C VAL C 614 3.74 -32.10 8.99
N ASN C 615 2.67 -31.34 8.73
CA ASN C 615 2.05 -31.37 7.42
C ASN C 615 2.97 -30.77 6.36
N GLN C 616 3.67 -29.68 6.69
CA GLN C 616 4.62 -29.12 5.75
C GLN C 616 5.73 -30.11 5.45
N LEU C 617 6.24 -30.78 6.48
CA LEU C 617 7.27 -31.79 6.28
C LEU C 617 6.76 -32.92 5.39
N LEU C 618 5.52 -33.37 5.63
CA LEU C 618 4.94 -34.43 4.82
C LEU C 618 4.83 -33.99 3.36
N THR C 619 4.35 -32.77 3.12
CA THR C 619 4.22 -32.29 1.75
C THR C 619 5.57 -32.24 1.05
N GLU C 620 6.60 -31.73 1.75
CA GLU C 620 7.91 -31.64 1.14
C GLU C 620 8.53 -33.01 0.91
N MET C 621 8.29 -33.96 1.81
CA MET C 621 8.96 -35.25 1.81
C MET C 621 8.18 -36.34 1.07
N ASP C 622 6.96 -36.04 0.60
CA ASP C 622 6.21 -37.00 -0.19
C ASP C 622 7.09 -37.70 -1.21
N GLY C 623 7.73 -36.93 -2.08
CA GLY C 623 8.77 -37.47 -2.93
C GLY C 623 9.85 -36.44 -3.18
N MET C 624 11.08 -36.77 -2.79
CA MET C 624 12.23 -35.88 -2.98
C MET C 624 13.01 -36.25 -4.23
N ASN C 625 12.33 -36.31 -5.38
CA ASN C 625 12.95 -36.72 -6.63
C ASN C 625 13.73 -38.02 -6.42
N ALA C 626 12.96 -39.07 -6.14
CA ALA C 626 13.52 -40.36 -5.74
C ALA C 626 14.72 -40.75 -6.59
N LYS C 627 14.74 -40.32 -7.85
CA LYS C 627 15.93 -40.52 -8.67
C LYS C 627 17.13 -39.80 -8.06
N LYS C 628 16.92 -38.58 -7.57
CA LYS C 628 17.97 -37.86 -6.88
C LYS C 628 18.33 -38.58 -5.58
N ASN C 629 19.57 -38.37 -5.13
CA ASN C 629 20.13 -39.10 -4.00
C ASN C 629 19.90 -38.41 -2.66
N VAL C 630 19.18 -37.28 -2.63
CA VAL C 630 18.90 -36.62 -1.37
C VAL C 630 18.22 -37.60 -0.42
N PHE C 631 18.71 -37.66 0.81
CA PHE C 631 18.27 -38.66 1.78
C PHE C 631 17.96 -37.98 3.11
N VAL C 632 17.02 -38.57 3.84
CA VAL C 632 16.64 -38.11 5.17
C VAL C 632 16.79 -39.27 6.15
N ILE C 633 17.46 -39.00 7.27
CA ILE C 633 17.74 -40.04 8.25
C ILE C 633 17.17 -39.61 9.60
N GLY C 634 16.03 -38.92 9.58
CA GLY C 634 15.38 -38.50 10.80
C GLY C 634 15.31 -39.60 11.84
N ALA C 635 15.48 -39.23 13.11
CA ALA C 635 15.50 -40.20 14.20
C ALA C 635 14.85 -39.58 15.43
N THR C 636 14.40 -40.44 16.34
CA THR C 636 13.78 -40.02 17.58
C THR C 636 13.88 -41.17 18.57
N ASN C 637 13.16 -41.05 19.70
CA ASN C 637 13.16 -42.09 20.72
C ASN C 637 11.75 -42.50 21.13
N ARG C 638 10.71 -41.94 20.53
CA ARG C 638 9.32 -42.25 20.87
C ARG C 638 8.58 -42.60 19.59
N PRO C 639 8.81 -43.79 19.03
CA PRO C 639 8.06 -44.18 17.82
C PRO C 639 6.57 -44.21 18.02
N ASP C 640 6.10 -44.55 19.22
CA ASP C 640 4.66 -44.58 19.48
C ASP C 640 4.04 -43.19 19.34
N GLN C 641 4.74 -42.16 19.83
CA GLN C 641 4.18 -40.81 19.79
C GLN C 641 3.94 -40.35 18.36
N ILE C 642 4.88 -40.64 17.46
CA ILE C 642 4.73 -40.23 16.08
C ILE C 642 3.46 -40.84 15.50
N ASP C 643 2.80 -40.09 14.62
CA ASP C 643 1.56 -40.57 14.03
C ASP C 643 1.84 -41.73 13.08
N PRO C 644 0.87 -42.62 12.86
CA PRO C 644 1.11 -43.77 11.96
C PRO C 644 1.43 -43.37 10.53
N ALA C 645 1.07 -42.15 10.10
CA ALA C 645 1.23 -41.78 8.71
C ALA C 645 2.69 -41.85 8.27
N ILE C 646 3.61 -41.41 9.14
CA ILE C 646 5.02 -41.41 8.79
C ILE C 646 5.51 -42.84 8.52
N LEU C 647 4.86 -43.84 9.12
CA LEU C 647 5.32 -45.21 8.96
C LEU C 647 4.99 -45.80 7.59
N ARG C 648 4.02 -45.24 6.89
CA ARG C 648 3.60 -45.81 5.62
C ARG C 648 4.68 -45.62 4.55
N PRO C 649 4.68 -46.46 3.52
CA PRO C 649 5.71 -46.36 2.48
C PRO C 649 5.73 -44.98 1.83
N GLY C 650 6.75 -44.76 1.01
CA GLY C 650 6.96 -43.47 0.39
C GLY C 650 7.43 -42.41 1.36
N ARG C 651 7.74 -42.78 2.59
CA ARG C 651 8.12 -41.85 3.65
C ARG C 651 9.07 -42.59 4.57
N LEU C 652 9.21 -42.09 5.80
CA LEU C 652 10.09 -42.74 6.77
C LEU C 652 9.45 -44.04 7.23
N ASP C 653 9.38 -45.02 6.33
CA ASP C 653 8.78 -46.31 6.62
C ASP C 653 9.79 -47.28 7.22
N GLN C 654 11.00 -47.31 6.70
CA GLN C 654 12.03 -48.19 7.24
C GLN C 654 12.31 -47.81 8.69
N LEU C 655 12.28 -48.81 9.57
CA LEU C 655 12.44 -48.61 11.00
C LEU C 655 13.63 -49.42 11.49
N ILE C 656 14.42 -48.82 12.39
CA ILE C 656 15.63 -49.45 12.92
C ILE C 656 15.64 -49.28 14.42
N TYR C 657 15.99 -50.35 15.13
CA TYR C 657 16.21 -50.32 16.57
C TYR C 657 17.71 -50.31 16.84
N VAL C 658 18.16 -49.32 17.60
CA VAL C 658 19.58 -49.14 17.90
C VAL C 658 19.81 -49.67 19.32
N PRO C 659 20.48 -50.82 19.50
CA PRO C 659 20.69 -51.35 20.84
C PRO C 659 21.77 -50.59 21.60
N LEU C 660 21.78 -50.81 22.91
CA LEU C 660 22.80 -50.23 23.76
C LEU C 660 24.16 -50.87 23.47
N PRO C 661 25.25 -50.16 23.74
CA PRO C 661 26.57 -50.73 23.43
C PRO C 661 26.82 -52.03 24.17
N ASP C 662 27.49 -52.95 23.49
CA ASP C 662 27.87 -54.22 24.09
C ASP C 662 29.19 -54.09 24.84
N GLU C 663 29.51 -55.11 25.63
CA GLU C 663 30.74 -55.07 26.43
C GLU C 663 31.95 -54.82 25.55
N ASN C 664 32.09 -55.58 24.46
CA ASN C 664 33.17 -55.34 23.52
C ASN C 664 33.06 -53.96 22.91
N ALA C 665 31.85 -53.53 22.58
CA ALA C 665 31.65 -52.19 22.05
C ALA C 665 32.04 -51.14 23.09
N ARG C 666 31.68 -51.35 24.35
CA ARG C 666 32.08 -50.41 25.40
C ARG C 666 33.60 -50.33 25.52
N LEU C 667 34.27 -51.48 25.46
CA LEU C 667 35.73 -51.48 25.52
C LEU C 667 36.33 -50.73 24.34
N SER C 668 35.79 -50.96 23.14
CA SER C 668 36.30 -50.26 21.96
C SER C 668 36.08 -48.75 22.09
N ILE C 669 34.91 -48.35 22.58
CA ILE C 669 34.62 -46.93 22.75
C ILE C 669 35.59 -46.30 23.75
N LEU C 670 35.83 -46.98 24.87
CA LEU C 670 36.76 -46.47 25.86
C LEU C 670 38.17 -46.36 25.28
N ASN C 671 38.59 -47.36 24.51
CA ASN C 671 39.91 -47.30 23.89
C ASN C 671 40.01 -46.12 22.93
N ALA C 672 38.98 -45.90 22.11
CA ALA C 672 39.00 -44.80 21.17
C ALA C 672 39.01 -43.46 21.89
N GLN C 673 38.25 -43.34 22.98
CA GLN C 673 38.17 -42.07 23.68
C GLN C 673 39.44 -41.77 24.47
N LEU C 674 40.09 -42.80 25.01
CA LEU C 674 41.28 -42.62 25.85
C LEU C 674 42.56 -42.58 25.04
N ARG C 675 42.48 -42.37 23.72
CA ARG C 675 43.68 -42.28 22.91
C ARG C 675 44.54 -41.09 23.31
N LYS C 676 43.92 -39.96 23.58
CA LYS C 676 44.64 -38.73 23.88
C LYS C 676 45.01 -38.59 25.36
N THR C 677 44.50 -39.46 26.23
CA THR C 677 44.74 -39.35 27.67
C THR C 677 45.68 -40.47 28.11
N PRO C 678 46.94 -40.18 28.44
CA PRO C 678 47.82 -41.26 28.93
C PRO C 678 47.27 -41.86 30.21
N LEU C 679 47.44 -43.17 30.36
CA LEU C 679 46.92 -43.93 31.48
C LEU C 679 48.07 -44.56 32.25
N GLU C 680 47.72 -45.24 33.33
CA GLU C 680 48.73 -45.93 34.11
C GLU C 680 49.39 -47.01 33.27
N PRO C 681 50.71 -47.21 33.39
CA PRO C 681 51.36 -48.26 32.61
C PRO C 681 50.74 -49.62 32.89
N GLY C 682 50.59 -50.42 31.84
CA GLY C 682 50.01 -51.74 31.98
C GLY C 682 48.61 -51.74 32.54
N LEU C 683 47.84 -50.67 32.28
CA LEU C 683 46.48 -50.60 32.79
C LEU C 683 45.61 -51.68 32.14
N GLU C 684 44.73 -52.26 32.94
CA GLU C 684 43.83 -53.32 32.49
C GLU C 684 42.41 -52.77 32.40
N LEU C 685 41.78 -52.97 31.25
CA LEU C 685 40.45 -52.43 31.00
C LEU C 685 39.38 -53.51 30.86
N THR C 686 39.77 -54.79 30.93
CA THR C 686 38.77 -55.86 30.83
C THR C 686 37.79 -55.80 31.99
N ALA C 687 38.29 -55.55 33.20
CA ALA C 687 37.41 -55.44 34.36
C ALA C 687 36.47 -54.25 34.20
N ILE C 688 36.98 -53.12 33.70
CA ILE C 688 36.13 -51.96 33.48
C ILE C 688 35.04 -52.27 32.47
N ALA C 689 35.40 -52.93 31.37
CA ALA C 689 34.40 -53.28 30.37
C ALA C 689 33.35 -54.23 30.93
N LYS C 690 33.78 -55.22 31.71
CA LYS C 690 32.82 -56.15 32.30
C LYS C 690 31.89 -55.45 33.28
N ALA C 691 32.43 -54.53 34.08
CA ALA C 691 31.63 -53.86 35.10
C ALA C 691 30.48 -53.08 34.47
N THR C 692 30.78 -52.32 33.40
CA THR C 692 29.75 -51.52 32.76
C THR C 692 28.68 -52.42 32.15
N GLN C 693 27.43 -52.15 32.49
CA GLN C 693 26.30 -52.94 31.98
C GLN C 693 25.10 -52.01 31.86
N GLY C 694 24.63 -51.81 30.64
CA GLY C 694 23.54 -50.89 30.38
C GLY C 694 23.95 -49.46 30.14
N PHE C 695 25.23 -49.13 30.27
CA PHE C 695 25.70 -47.79 30.00
C PHE C 695 25.56 -47.47 28.51
N SER C 696 25.88 -46.23 28.16
CA SER C 696 25.88 -45.76 26.79
C SER C 696 27.17 -44.97 26.55
N GLY C 697 27.38 -44.56 25.30
CA GLY C 697 28.57 -43.79 24.99
C GLY C 697 28.67 -42.52 25.82
N ALA C 698 27.54 -41.85 26.04
CA ALA C 698 27.54 -40.66 26.88
C ALA C 698 27.97 -41.00 28.30
N ASP C 699 27.50 -42.13 28.82
CA ASP C 699 27.87 -42.53 30.18
C ASP C 699 29.38 -42.78 30.28
N LEU C 700 29.94 -43.48 29.28
CA LEU C 700 31.37 -43.73 29.29
C LEU C 700 32.16 -42.42 29.20
N LEU C 701 31.72 -41.50 28.35
CA LEU C 701 32.40 -40.20 28.26
C LEU C 701 32.33 -39.46 29.59
N TYR C 702 31.16 -39.49 30.25
CA TYR C 702 31.04 -38.83 31.54
C TYR C 702 31.97 -39.44 32.58
N ILE C 703 32.07 -40.77 32.60
CA ILE C 703 32.96 -41.43 33.55
C ILE C 703 34.41 -41.05 33.26
N VAL C 704 34.78 -41.01 31.99
CA VAL C 704 36.15 -40.63 31.63
C VAL C 704 36.43 -39.20 32.06
N GLN C 705 35.45 -38.30 31.85
CA GLN C 705 35.65 -36.91 32.26
C GLN C 705 35.77 -36.80 33.77
N ARG C 706 34.99 -37.59 34.51
CA ARG C 706 35.09 -37.57 35.97
C ARG C 706 36.47 -38.03 36.42
N ALA C 707 36.98 -39.11 35.81
CA ALA C 707 38.32 -39.57 36.16
C ALA C 707 39.37 -38.52 35.82
N ALA C 708 39.22 -37.87 34.67
CA ALA C 708 40.16 -36.83 34.28
C ALA C 708 40.13 -35.67 35.28
N LYS C 709 38.93 -35.29 35.72
CA LYS C 709 38.82 -34.21 36.71
C LYS C 709 39.44 -34.60 38.04
N TYR C 710 39.26 -35.85 38.46
CA TYR C 710 39.92 -36.30 39.69
C TYR C 710 41.43 -36.24 39.55
N ALA C 711 41.96 -36.69 38.42
CA ALA C 711 43.40 -36.62 38.20
C ALA C 711 43.88 -35.17 38.18
N ILE C 712 43.09 -34.28 37.57
CA ILE C 712 43.44 -32.87 37.55
C ILE C 712 43.49 -32.31 38.96
N LYS C 713 42.51 -32.66 39.78
CA LYS C 713 42.52 -32.19 41.17
C LYS C 713 43.76 -32.68 41.90
N ASP C 714 44.09 -33.96 41.73
CA ASP C 714 45.27 -34.50 42.39
C ASP C 714 46.54 -33.77 41.95
N SER C 715 46.69 -33.56 40.64
CA SER C 715 47.87 -32.90 40.12
C SER C 715 47.95 -31.46 40.60
N ILE C 716 46.82 -30.75 40.61
CA ILE C 716 46.82 -29.36 41.04
C ILE C 716 47.20 -29.27 42.52
N GLU C 717 46.63 -30.15 43.35
CA GLU C 717 46.98 -30.15 44.76
C GLU C 717 48.46 -30.44 44.96
N ALA C 718 48.99 -31.43 44.23
CA ALA C 718 50.40 -31.76 44.36
C ALA C 718 51.28 -30.57 43.97
N HIS C 719 50.96 -29.91 42.85
CA HIS C 719 51.76 -28.77 42.41
C HIS C 719 51.68 -27.62 43.40
N ARG C 720 50.48 -27.31 43.90
CA ARG C 720 50.33 -26.21 44.85
C ARG C 720 51.08 -26.48 46.14
N GLN C 721 50.99 -27.71 46.65
CA GLN C 721 51.68 -28.07 47.88
C GLN C 721 53.19 -28.07 47.68
N ASP C 751 54.39 -31.37 36.47
CA ASP C 751 53.29 -32.31 36.22
C ASP C 751 53.74 -33.74 36.49
N PRO C 752 54.03 -34.07 37.76
CA PRO C 752 54.45 -35.43 38.10
C PRO C 752 53.35 -36.47 37.95
N VAL C 753 52.11 -36.07 37.73
CA VAL C 753 51.00 -37.01 37.59
C VAL C 753 50.21 -36.66 36.33
N PRO C 754 50.78 -36.85 35.13
CA PRO C 754 50.03 -36.54 33.91
C PRO C 754 48.99 -37.57 33.52
N TYR C 755 49.09 -38.80 34.05
CA TYR C 755 48.20 -39.88 33.68
C TYR C 755 47.14 -40.07 34.76
N ILE C 756 46.34 -41.13 34.60
CA ILE C 756 45.27 -41.47 35.54
C ILE C 756 45.49 -42.90 36.01
N THR C 757 45.45 -43.10 37.33
CA THR C 757 45.59 -44.43 37.88
C THR C 757 44.26 -45.19 37.82
N LYS C 758 44.34 -46.51 37.95
CA LYS C 758 43.13 -47.33 37.91
C LYS C 758 42.21 -47.04 39.09
N GLU C 759 42.75 -46.51 40.20
CA GLU C 759 41.92 -46.20 41.35
C GLU C 759 40.88 -45.14 40.99
N HIS C 760 41.25 -44.16 40.18
CA HIS C 760 40.30 -43.14 39.77
C HIS C 760 39.14 -43.77 39.00
N PHE C 761 39.45 -44.68 38.07
CA PHE C 761 38.40 -45.33 37.31
C PHE C 761 37.52 -46.19 38.21
N ALA C 762 38.12 -46.90 39.16
CA ALA C 762 37.31 -47.70 40.09
C ALA C 762 36.39 -46.81 40.92
N GLU C 763 36.91 -45.68 41.40
CA GLU C 763 36.09 -44.74 42.15
C GLU C 763 34.93 -44.21 41.31
N ALA C 764 35.21 -43.84 40.07
CA ALA C 764 34.16 -43.33 39.21
C ALA C 764 33.10 -44.41 38.96
N MET C 765 33.53 -45.65 38.71
CA MET C 765 32.59 -46.72 38.42
C MET C 765 31.71 -47.01 39.62
N LYS C 766 32.31 -47.12 40.81
CA LYS C 766 31.52 -47.39 42.00
C LYS C 766 30.58 -46.23 42.32
N THR C 767 31.06 -44.99 42.18
CA THR C 767 30.24 -43.83 42.50
C THR C 767 29.12 -43.65 41.49
N ALA C 768 29.45 -43.71 40.19
CA ALA C 768 28.47 -43.54 39.13
C ALA C 768 28.06 -44.91 38.62
N LYS C 769 26.76 -45.20 38.73
CA LYS C 769 26.20 -46.48 38.33
C LYS C 769 25.31 -46.26 37.09
N ARG C 770 24.64 -47.33 36.68
CA ARG C 770 23.78 -47.26 35.49
C ARG C 770 22.89 -46.04 35.54
N SER C 771 23.06 -45.15 34.56
CA SER C 771 22.32 -43.91 34.48
C SER C 771 20.97 -44.06 33.79
N VAL C 772 20.62 -45.27 33.35
CA VAL C 772 19.34 -45.55 32.71
C VAL C 772 18.69 -46.71 33.44
N SER C 773 17.44 -46.52 33.86
CA SER C 773 16.72 -47.57 34.55
C SER C 773 16.33 -48.68 33.59
N ASP C 774 16.00 -49.84 34.15
CA ASP C 774 15.64 -51.01 33.35
C ASP C 774 14.23 -50.95 32.79
N ALA C 775 13.40 -50.00 33.25
CA ALA C 775 12.03 -49.92 32.74
C ALA C 775 12.01 -49.62 31.26
N GLU C 776 12.72 -48.57 30.84
CA GLU C 776 12.72 -48.20 29.42
C GLU C 776 13.42 -49.26 28.59
N LEU C 777 14.49 -49.87 29.11
CA LEU C 777 15.18 -50.92 28.38
C LEU C 777 14.26 -52.11 28.15
N ARG C 778 13.52 -52.52 29.18
CA ARG C 778 12.57 -53.62 29.03
C ARG C 778 11.47 -53.25 28.05
N ARG C 779 10.97 -52.01 28.11
CA ARG C 779 9.93 -51.58 27.19
C ARG C 779 10.43 -51.66 25.74
N TYR C 780 11.65 -51.17 25.49
CA TYR C 780 12.19 -51.21 24.13
C TYR C 780 12.44 -52.65 23.68
N GLU C 781 12.90 -53.51 24.58
CA GLU C 781 13.10 -54.91 24.22
C GLU C 781 11.77 -55.56 23.84
N ALA C 782 10.72 -55.29 24.62
CA ALA C 782 9.41 -55.84 24.29
C ALA C 782 8.91 -55.28 22.96
N TYR C 783 9.13 -54.00 22.71
CA TYR C 783 8.74 -53.41 21.43
C TYR C 783 9.45 -54.08 20.27
N SER C 784 10.76 -54.30 20.42
CA SER C 784 11.53 -54.96 19.37
C SER C 784 11.05 -56.39 19.14
N GLN C 785 10.79 -57.13 20.22
CA GLN C 785 10.31 -58.50 20.08
C GLN C 785 8.96 -58.53 19.38
N GLN C 786 8.06 -57.63 19.76
CA GLN C 786 6.75 -57.56 19.11
C GLN C 786 6.88 -57.24 17.64
N MET C 787 7.77 -56.30 17.30
CA MET C 787 7.99 -55.97 15.89
C MET C 787 8.52 -57.17 15.13
N LYS C 788 9.48 -57.89 15.71
CA LYS C 788 10.05 -59.06 15.05
C LYS C 788 9.00 -60.13 14.83
N ALA C 789 8.17 -60.37 15.84
CA ALA C 789 7.12 -61.40 15.73
C ALA C 789 6.10 -61.00 14.67
N GLY D 74 50.87 22.94 25.57
CA GLY D 74 50.52 22.40 26.87
C GLY D 74 49.45 21.34 26.79
N LYS D 75 48.22 21.70 27.12
CA LYS D 75 47.08 20.80 27.10
C LYS D 75 46.03 21.32 26.13
N LYS D 76 45.10 20.43 25.76
CA LYS D 76 44.03 20.75 24.82
C LYS D 76 44.58 21.12 23.44
N ARG D 77 45.78 20.63 23.10
CA ARG D 77 46.45 21.03 21.85
C ARG D 77 46.58 22.54 21.77
N LYS D 78 46.91 23.16 22.90
CA LYS D 78 47.09 24.60 22.99
C LYS D 78 48.55 24.93 23.26
N ASP D 79 49.01 26.05 22.71
CA ASP D 79 50.39 26.46 22.85
C ASP D 79 50.55 27.95 22.59
N VAL D 100 47.80 34.28 33.41
CA VAL D 100 47.34 34.43 32.03
C VAL D 100 47.83 33.27 31.19
N VAL D 101 49.12 32.94 31.31
CA VAL D 101 49.68 31.84 30.55
C VAL D 101 49.01 30.52 30.94
N ARG D 102 48.83 30.30 32.24
CA ARG D 102 48.14 29.09 32.68
C ARG D 102 46.72 29.04 32.15
N ASN D 103 46.03 30.18 32.15
CA ASN D 103 44.68 30.23 31.59
C ASN D 103 44.69 29.92 30.10
N ASN D 104 45.68 30.47 29.37
CA ASN D 104 45.76 30.22 27.94
C ASN D 104 45.93 28.74 27.64
N LEU D 105 46.79 28.07 28.40
CA LEU D 105 46.96 26.63 28.24
C LEU D 105 45.94 25.83 29.03
N ARG D 106 45.16 26.47 29.89
CA ARG D 106 44.15 25.79 30.70
C ARG D 106 44.77 24.62 31.47
N GLU D 208 34.45 33.63 28.66
CA GLU D 208 34.00 32.58 29.56
C GLU D 208 32.85 31.79 28.94
N ASN D 209 32.04 32.47 28.14
CA ASN D 209 30.86 31.84 27.54
C ASN D 209 31.24 31.10 26.26
N ASN D 210 32.24 30.24 26.35
CA ASN D 210 32.64 29.38 25.24
C ASN D 210 32.94 27.97 25.76
N MET D 211 32.19 27.53 26.76
CA MET D 211 32.45 26.26 27.42
C MET D 211 31.97 25.14 26.51
N ASN D 212 32.85 24.70 25.61
CA ASN D 212 32.56 23.57 24.74
C ASN D 212 33.76 22.66 24.57
N GLU D 213 34.74 22.74 25.46
CA GLU D 213 35.92 21.87 25.44
C GLU D 213 35.94 21.06 26.72
N VAL D 214 36.12 19.75 26.58
CA VAL D 214 36.09 18.85 27.74
C VAL D 214 37.17 17.79 27.58
N GLY D 215 38.28 17.94 28.30
CA GLY D 215 39.35 16.98 28.25
C GLY D 215 38.99 15.72 29.01
N TYR D 216 39.92 14.76 28.99
CA TYR D 216 39.69 13.50 29.68
C TYR D 216 39.44 13.69 31.17
N ASP D 217 39.87 14.82 31.74
CA ASP D 217 39.62 15.07 33.15
C ASP D 217 38.15 15.28 33.47
N ASP D 218 37.30 15.46 32.45
CA ASP D 218 35.89 15.69 32.64
C ASP D 218 35.07 14.40 32.62
N ILE D 219 35.72 13.25 32.82
CA ILE D 219 35.04 11.96 32.89
C ILE D 219 35.62 11.19 34.07
N GLY D 220 34.83 10.25 34.58
CA GLY D 220 35.27 9.44 35.70
C GLY D 220 34.50 8.13 35.76
N GLY D 221 35.14 7.13 36.36
CA GLY D 221 34.52 5.83 36.52
C GLY D 221 34.50 4.98 35.27
N CYS D 222 35.20 5.39 34.21
CA CYS D 222 35.23 4.66 32.95
C CYS D 222 36.66 4.55 32.45
N ARG D 223 37.57 4.15 33.36
CA ARG D 223 38.97 4.03 32.98
C ARG D 223 39.16 3.00 31.88
N LYS D 224 38.50 1.85 32.00
CA LYS D 224 38.66 0.81 30.98
C LYS D 224 38.13 1.30 29.63
N GLN D 225 36.90 1.79 29.60
CA GLN D 225 36.32 2.26 28.34
C GLN D 225 37.09 3.47 27.82
N MET D 226 37.49 4.37 28.71
CA MET D 226 38.24 5.54 28.28
C MET D 226 39.54 5.13 27.61
N ALA D 227 40.27 4.19 28.21
CA ALA D 227 41.53 3.74 27.62
C ALA D 227 41.29 3.03 26.30
N GLN D 228 40.26 2.17 26.23
CA GLN D 228 39.98 1.48 24.99
C GLN D 228 39.70 2.47 23.86
N ILE D 229 38.83 3.45 24.13
CA ILE D 229 38.53 4.45 23.11
C ILE D 229 39.78 5.24 22.75
N ARG D 230 40.56 5.64 23.76
CA ARG D 230 41.76 6.41 23.50
C ARG D 230 42.65 5.68 22.51
N GLU D 231 42.98 4.42 22.80
CA GLU D 231 43.87 3.69 21.91
C GLU D 231 43.22 3.50 20.53
N MET D 232 41.98 2.99 20.52
CA MET D 232 41.34 2.60 19.28
C MET D 232 41.07 3.78 18.35
N VAL D 233 41.02 5.00 18.88
CA VAL D 233 40.73 6.18 18.07
C VAL D 233 41.95 7.07 17.87
N GLU D 234 43.01 6.92 18.66
CA GLU D 234 44.21 7.70 18.46
C GLU D 234 45.27 6.97 17.64
N LEU D 235 45.45 5.67 17.86
CA LEU D 235 46.43 4.94 17.07
C LEU D 235 46.18 5.07 15.58
N PRO D 236 44.96 4.88 15.07
CA PRO D 236 44.74 5.03 13.62
C PRO D 236 44.80 6.46 13.13
N LEU D 237 44.67 7.46 14.01
CA LEU D 237 44.72 8.86 13.61
C LEU D 237 46.06 9.51 13.86
N ARG D 238 46.78 9.08 14.89
CA ARG D 238 48.05 9.71 15.24
C ARG D 238 49.24 9.02 14.58
N HIS D 239 49.25 7.70 14.53
CA HIS D 239 50.36 6.94 13.95
C HIS D 239 49.82 5.89 12.99
N PRO D 240 49.20 6.32 11.89
CA PRO D 240 48.69 5.34 10.91
C PRO D 240 49.79 4.53 10.24
N GLN D 241 51.03 5.02 10.24
CA GLN D 241 52.09 4.35 9.49
C GLN D 241 52.38 2.96 10.05
N LEU D 242 52.32 2.80 11.37
CA LEU D 242 52.66 1.50 11.94
C LEU D 242 51.65 0.43 11.56
N PHE D 243 50.38 0.80 11.37
CA PHE D 243 49.38 -0.18 10.97
C PHE D 243 49.74 -0.80 9.63
N LYS D 244 50.15 0.02 8.67
CA LYS D 244 50.60 -0.53 7.39
C LYS D 244 51.96 -1.20 7.54
N ALA D 245 52.77 -0.75 8.51
CA ALA D 245 54.04 -1.41 8.75
C ALA D 245 53.84 -2.87 9.12
N ILE D 246 52.86 -3.15 9.97
CA ILE D 246 52.47 -4.53 10.22
C ILE D 246 51.80 -5.11 8.98
N GLY D 247 50.98 -4.32 8.30
CA GLY D 247 50.34 -4.77 7.07
C GLY D 247 48.91 -5.21 7.26
N ILE D 248 48.11 -4.42 7.98
CA ILE D 248 46.69 -4.68 8.15
C ILE D 248 45.92 -3.40 7.80
N LYS D 249 44.60 -3.52 7.80
CA LYS D 249 43.74 -2.39 7.55
C LYS D 249 43.27 -1.82 8.89
N PRO D 250 43.60 -0.59 9.24
CA PRO D 250 43.22 -0.07 10.55
C PRO D 250 41.72 -0.10 10.74
N PRO D 251 41.23 -0.43 11.92
CA PRO D 251 39.78 -0.53 12.12
C PRO D 251 39.11 0.82 11.95
N ARG D 252 37.87 0.78 11.45
CA ARG D 252 37.09 1.98 11.22
C ARG D 252 35.92 2.09 12.17
N GLY D 253 35.06 1.06 12.23
CA GLY D 253 33.87 1.14 13.04
C GLY D 253 34.17 1.05 14.52
N VAL D 254 33.37 1.79 15.30
CA VAL D 254 33.41 1.73 16.75
C VAL D 254 32.02 2.05 17.25
N LEU D 255 31.44 1.15 18.05
CA LEU D 255 30.05 1.28 18.49
C LEU D 255 30.02 1.28 20.01
N MET D 256 29.85 2.45 20.61
CA MET D 256 29.74 2.58 22.06
C MET D 256 28.27 2.67 22.43
N TYR D 257 27.87 1.90 23.45
CA TYR D 257 26.48 1.90 23.89
C TYR D 257 26.42 1.82 25.40
N GLY D 258 25.31 2.29 25.96
CA GLY D 258 25.07 2.24 27.37
C GLY D 258 23.72 2.83 27.73
N PRO D 259 23.30 2.66 28.98
CA PRO D 259 22.01 3.20 29.40
C PRO D 259 22.00 4.71 29.25
N PRO D 260 20.83 5.29 29.01
CA PRO D 260 20.77 6.73 28.76
C PRO D 260 21.30 7.53 29.94
N GLY D 261 21.99 8.63 29.64
CA GLY D 261 22.53 9.48 30.67
C GLY D 261 23.82 9.02 31.28
N THR D 262 24.53 8.09 30.63
CA THR D 262 25.80 7.58 31.14
C THR D 262 27.01 8.29 30.54
N GLY D 263 26.81 9.31 29.70
CA GLY D 263 27.90 10.11 29.21
C GLY D 263 28.50 9.67 27.90
N LYS D 264 27.77 8.90 27.09
CA LYS D 264 28.31 8.48 25.80
C LYS D 264 28.67 9.68 24.93
N THR D 265 27.73 10.60 24.76
CA THR D 265 27.97 11.78 23.95
C THR D 265 29.12 12.60 24.52
N LEU D 266 29.16 12.76 25.84
CA LEU D 266 30.23 13.53 26.45
C LEU D 266 31.58 12.88 26.20
N MET D 267 31.65 11.55 26.32
CA MET D 267 32.92 10.87 26.08
C MET D 267 33.37 11.05 24.63
N ALA D 268 32.45 10.89 23.69
CA ALA D 268 32.81 11.08 22.28
C ALA D 268 33.30 12.50 22.04
N ARG D 269 32.58 13.48 22.58
CA ARG D 269 32.99 14.87 22.41
C ARG D 269 34.37 15.11 23.01
N ALA D 270 34.62 14.54 24.19
CA ALA D 270 35.92 14.74 24.84
C ALA D 270 37.04 14.18 23.99
N VAL D 271 36.88 12.94 23.50
CA VAL D 271 37.95 12.34 22.70
C VAL D 271 38.16 13.15 21.43
N ALA D 272 37.07 13.55 20.77
CA ALA D 272 37.21 14.31 19.53
C ALA D 272 37.92 15.63 19.76
N ASN D 273 37.56 16.33 20.84
CA ASN D 273 38.16 17.64 21.09
C ASN D 273 39.62 17.50 21.51
N GLU D 274 39.95 16.47 22.29
CA GLU D 274 41.32 16.35 22.77
C GLU D 274 42.26 15.88 21.67
N THR D 275 41.83 14.93 20.84
CA THR D 275 42.68 14.48 19.75
C THR D 275 42.89 15.55 18.69
N GLY D 276 42.12 16.64 18.72
CA GLY D 276 42.31 17.71 17.75
C GLY D 276 42.14 17.27 16.33
N ALA D 277 41.11 16.47 16.05
CA ALA D 277 40.85 15.95 14.72
C ALA D 277 39.53 16.51 14.20
N PHE D 278 39.42 16.55 12.87
CA PHE D 278 38.17 17.01 12.26
C PHE D 278 37.01 16.16 12.76
N PHE D 279 35.95 16.83 13.19
CA PHE D 279 34.85 16.20 13.92
C PHE D 279 33.52 16.58 13.29
N PHE D 280 33.05 15.76 12.35
CA PHE D 280 31.74 15.97 11.74
C PHE D 280 30.69 15.26 12.57
N LEU D 281 29.74 16.02 13.09
CA LEU D 281 28.72 15.49 13.99
C LEU D 281 27.41 15.32 13.23
N ILE D 282 26.87 14.12 13.27
CA ILE D 282 25.59 13.81 12.65
C ILE D 282 24.63 13.35 13.74
N ASN D 283 23.48 14.00 13.85
CA ASN D 283 22.44 13.51 14.73
C ASN D 283 21.79 12.27 14.12
N GLY D 284 20.77 11.77 14.80
CA GLY D 284 19.88 10.65 14.65
C GLY D 284 18.55 11.07 14.07
N PRO D 285 17.55 11.28 14.94
CA PRO D 285 16.22 11.64 14.42
C PRO D 285 16.13 12.84 13.50
N GLU D 286 16.93 13.89 13.72
CA GLU D 286 16.84 15.07 12.88
C GLU D 286 17.15 14.74 11.43
N VAL D 287 18.21 13.97 11.18
CA VAL D 287 18.51 13.57 9.82
C VAL D 287 17.63 12.41 9.37
N MET D 288 17.02 11.69 10.30
CA MET D 288 16.06 10.66 9.92
C MET D 288 14.71 11.18 9.45
N SER D 289 14.30 12.36 9.92
CA SER D 289 13.02 12.96 9.53
C SER D 289 13.09 13.80 8.26
N LYS D 290 13.06 13.11 7.12
CA LYS D 290 13.11 13.76 5.82
C LYS D 290 12.96 12.69 4.74
N MET D 291 12.81 13.15 3.51
CA MET D 291 12.67 12.23 2.38
C MET D 291 13.96 11.45 2.17
N ALA D 292 13.81 10.25 1.63
CA ALA D 292 14.98 9.38 1.43
C ALA D 292 16.11 10.04 0.64
N GLY D 293 15.77 10.89 -0.33
CA GLY D 293 16.80 11.59 -1.07
C GLY D 293 17.56 12.58 -0.21
N GLU D 294 16.86 13.30 0.66
CA GLU D 294 17.50 14.34 1.47
C GLU D 294 18.43 13.72 2.50
N SER D 295 17.97 12.68 3.20
CA SER D 295 18.82 12.06 4.21
C SER D 295 20.08 11.48 3.58
N GLU D 296 19.95 10.81 2.44
CA GLU D 296 21.11 10.30 1.74
C GLU D 296 22.00 11.45 1.29
N SER D 297 21.39 12.56 0.88
CA SER D 297 22.18 13.74 0.51
C SER D 297 23.07 14.17 1.67
N ASN D 298 22.48 14.29 2.87
CA ASN D 298 23.04 14.69 4.16
C ASN D 298 24.20 13.78 4.55
N LEU D 299 23.99 12.47 4.52
CA LEU D 299 24.92 11.37 4.80
C LEU D 299 26.11 11.40 3.83
N ARG D 300 25.82 11.52 2.54
CA ARG D 300 26.90 11.61 1.56
C ARG D 300 27.73 12.86 1.79
N LYS D 301 27.08 13.98 2.08
CA LYS D 301 27.84 15.20 2.36
C LYS D 301 28.72 15.02 3.58
N ALA D 302 28.19 14.39 4.64
CA ALA D 302 28.99 14.18 5.83
C ALA D 302 30.22 13.34 5.53
N PHE D 303 30.03 12.22 4.83
CA PHE D 303 31.17 11.36 4.54
C PHE D 303 32.17 12.06 3.62
N GLU D 304 31.68 12.80 2.62
CA GLU D 304 32.58 13.50 1.72
C GLU D 304 33.39 14.54 2.47
N GLU D 305 32.75 15.30 3.36
CA GLU D 305 33.47 16.30 4.12
C GLU D 305 34.50 15.67 5.04
N ALA D 306 34.12 14.56 5.71
CA ALA D 306 35.07 13.87 6.57
C ALA D 306 36.28 13.39 5.77
N GLU D 307 36.05 12.84 4.59
CA GLU D 307 37.15 12.37 3.76
C GLU D 307 38.03 13.54 3.32
N LYS D 308 37.41 14.65 2.92
CA LYS D 308 38.16 15.75 2.33
C LYS D 308 39.13 16.37 3.34
N ASN D 309 38.69 16.53 4.59
CA ASN D 309 39.51 17.14 5.63
C ASN D 309 39.90 16.03 6.62
N ALA D 310 40.99 15.35 6.34
CA ALA D 310 41.48 14.30 7.20
C ALA D 310 42.61 14.82 8.09
N PRO D 311 42.83 14.23 9.28
CA PRO D 311 42.06 13.11 9.84
C PRO D 311 40.70 13.55 10.35
N ALA D 312 39.69 12.70 10.21
CA ALA D 312 38.32 13.05 10.56
C ALA D 312 37.70 11.93 11.39
N ILE D 313 36.78 12.32 12.27
CA ILE D 313 36.02 11.40 13.07
C ILE D 313 34.54 11.74 12.91
N ILE D 314 33.73 10.75 12.55
CA ILE D 314 32.31 10.94 12.30
C ILE D 314 31.55 10.35 13.47
N PHE D 315 30.71 11.16 14.10
CA PHE D 315 29.98 10.75 15.30
C PHE D 315 28.51 10.61 14.95
N ILE D 316 28.12 9.42 14.51
CA ILE D 316 26.73 9.15 14.14
C ILE D 316 25.96 8.85 15.41
N ASP D 317 25.38 9.89 16.02
CA ASP D 317 24.66 9.72 17.27
C ASP D 317 23.33 9.05 17.03
N GLU D 318 22.84 8.35 18.06
CA GLU D 318 21.53 7.71 18.03
C GLU D 318 21.34 6.88 16.76
N ILE D 319 22.33 6.03 16.48
CA ILE D 319 22.26 5.20 15.29
C ILE D 319 21.08 4.26 15.32
N ASP D 320 20.51 4.01 16.50
CA ASP D 320 19.42 3.04 16.59
C ASP D 320 18.22 3.46 15.74
N SER D 321 17.87 4.74 15.78
CA SER D 321 16.71 5.21 15.02
C SER D 321 16.96 5.11 13.52
N ILE D 322 18.21 5.30 13.09
CA ILE D 322 18.51 5.26 11.66
C ILE D 322 18.38 3.84 11.12
N ALA D 323 18.85 2.85 11.88
CA ALA D 323 18.95 1.47 11.40
C ALA D 323 18.30 0.53 12.41
N PRO D 324 16.99 0.61 12.57
CA PRO D 324 16.29 -0.32 13.46
C PRO D 324 16.16 -1.70 12.82
N LYS D 325 15.78 -2.66 13.66
CA LYS D 325 15.57 -4.02 13.19
C LYS D 325 14.38 -4.18 12.24
N ARG D 326 14.55 -5.02 11.21
CA ARG D 326 13.72 -5.44 10.10
C ARG D 326 12.50 -6.23 10.58
N ASP D 327 12.63 -6.96 11.69
CA ASP D 327 11.51 -7.77 12.16
C ASP D 327 10.28 -6.94 12.46
N LYS D 328 10.47 -5.81 13.15
CA LYS D 328 9.37 -4.94 13.53
C LYS D 328 9.31 -3.64 12.74
N THR D 329 10.38 -3.29 12.01
CA THR D 329 10.42 -2.08 11.19
C THR D 329 11.08 -2.44 9.87
N ASN D 330 10.28 -2.84 8.89
CA ASN D 330 10.75 -3.21 7.56
C ASN D 330 10.44 -2.19 6.47
N GLY D 331 10.30 -0.91 6.83
CA GLY D 331 10.04 0.11 5.85
C GLY D 331 11.18 0.23 4.85
N GLU D 332 10.82 0.54 3.61
CA GLU D 332 11.82 0.64 2.55
C GLU D 332 12.83 1.75 2.82
N VAL D 333 12.39 2.85 3.45
CA VAL D 333 13.30 3.97 3.71
C VAL D 333 14.45 3.52 4.60
N GLU D 334 14.14 2.78 5.66
CA GLU D 334 15.18 2.33 6.57
C GLU D 334 16.16 1.40 5.87
N ARG D 335 15.65 0.47 5.07
CA ARG D 335 16.53 -0.46 4.37
C ARG D 335 17.43 0.28 3.38
N ARG D 336 16.88 1.26 2.66
CA ARG D 336 17.70 2.04 1.74
C ARG D 336 18.78 2.81 2.48
N VAL D 337 18.42 3.43 3.61
CA VAL D 337 19.39 4.21 4.36
C VAL D 337 20.52 3.30 4.86
N VAL D 338 20.15 2.14 5.39
CA VAL D 338 21.17 1.21 5.89
C VAL D 338 22.06 0.73 4.75
N SER D 339 21.47 0.44 3.60
CA SER D 339 22.27 -0.03 2.48
C SER D 339 23.28 1.03 2.05
N GLN D 340 22.84 2.28 1.94
CA GLN D 340 23.76 3.33 1.53
C GLN D 340 24.83 3.55 2.59
N LEU D 341 24.46 3.46 3.87
CA LEU D 341 25.46 3.60 4.93
C LEU D 341 26.51 2.50 4.84
N LEU D 342 26.08 1.27 4.60
CA LEU D 342 27.03 0.17 4.46
C LEU D 342 27.94 0.37 3.25
N THR D 343 27.37 0.80 2.13
CA THR D 343 28.19 1.04 0.94
C THR D 343 29.23 2.12 1.21
N LEU D 344 28.82 3.21 1.85
CA LEU D 344 29.78 4.26 2.18
C LEU D 344 30.86 3.75 3.11
N MET D 345 30.47 2.99 4.14
CA MET D 345 31.44 2.51 5.11
C MET D 345 32.45 1.59 4.46
N ASP D 346 32.01 0.72 3.55
CA ASP D 346 32.94 -0.17 2.87
C ASP D 346 33.77 0.58 1.84
N GLY D 347 33.26 1.70 1.32
CA GLY D 347 33.96 2.41 0.25
C GLY D 347 35.15 3.22 0.72
N MET D 348 35.26 3.49 2.01
CA MET D 348 36.37 4.30 2.50
C MET D 348 37.70 3.63 2.18
N LYS D 349 38.63 4.42 1.65
CA LYS D 349 39.94 3.89 1.31
C LYS D 349 40.77 3.66 2.57
N ALA D 350 41.72 2.74 2.48
CA ALA D 350 42.58 2.45 3.62
C ALA D 350 43.40 3.67 4.02
N ARG D 351 43.92 4.40 3.04
CA ARG D 351 44.76 5.56 3.34
C ARG D 351 43.98 6.63 4.08
N SER D 352 42.72 6.84 3.72
CA SER D 352 41.92 7.89 4.35
C SER D 352 41.84 7.67 5.86
N ASN D 353 41.99 8.77 6.61
CA ASN D 353 42.00 8.73 8.07
C ASN D 353 40.62 9.12 8.57
N VAL D 354 39.68 8.18 8.47
CA VAL D 354 38.31 8.36 8.93
C VAL D 354 38.00 7.27 9.93
N VAL D 355 37.48 7.66 11.10
CA VAL D 355 37.05 6.72 12.13
C VAL D 355 35.63 7.07 12.52
N VAL D 356 34.74 6.10 12.48
CA VAL D 356 33.31 6.32 12.72
C VAL D 356 32.97 5.84 14.11
N ILE D 357 32.32 6.71 14.89
CA ILE D 357 31.83 6.38 16.22
C ILE D 357 30.32 6.54 16.23
N ALA D 358 29.62 5.53 16.71
CA ALA D 358 28.17 5.54 16.79
C ALA D 358 27.73 5.31 18.22
N ALA D 359 26.72 6.06 18.66
CA ALA D 359 26.18 5.95 20.00
C ALA D 359 24.76 5.42 19.95
N THR D 360 24.36 4.70 20.99
CA THR D 360 23.03 4.13 21.05
C THR D 360 22.75 3.72 22.49
N ASN D 361 21.55 3.18 22.71
CA ASN D 361 21.13 2.72 24.03
C ASN D 361 20.79 1.25 24.07
N ARG D 362 20.31 0.67 22.96
CA ARG D 362 19.90 -0.72 22.89
C ARG D 362 20.73 -1.41 21.80
N PRO D 363 21.86 -2.01 22.16
CA PRO D 363 22.73 -2.59 21.12
C PRO D 363 22.04 -3.67 20.29
N ASN D 364 21.04 -4.35 20.85
CA ASN D 364 20.35 -5.39 20.12
C ASN D 364 19.26 -4.86 19.21
N SER D 365 19.02 -3.54 19.21
CA SER D 365 17.95 -2.94 18.42
C SER D 365 18.46 -2.34 17.12
N ILE D 366 19.50 -2.92 16.53
CA ILE D 366 20.00 -2.50 15.23
C ILE D 366 20.30 -3.74 14.39
N ASP D 367 20.35 -3.55 13.08
CA ASP D 367 20.64 -4.67 12.19
C ASP D 367 22.02 -5.24 12.51
N PRO D 368 22.13 -6.56 12.71
CA PRO D 368 23.47 -7.12 13.00
C PRO D 368 24.47 -6.92 11.89
N ALA D 369 24.02 -6.66 10.66
CA ALA D 369 24.96 -6.52 9.55
C ALA D 369 25.98 -5.43 9.82
N LEU D 370 25.62 -4.42 10.61
CA LEU D 370 26.55 -3.35 10.94
C LEU D 370 27.71 -3.83 11.79
N ARG D 371 27.62 -5.02 12.37
CA ARG D 371 28.67 -5.56 13.23
C ARG D 371 29.62 -6.52 12.52
N ARG D 372 29.43 -6.75 11.22
CA ARG D 372 30.32 -7.62 10.49
C ARG D 372 31.67 -6.95 10.29
N PHE D 373 32.67 -7.75 9.93
CA PHE D 373 34.01 -7.23 9.67
C PHE D 373 33.94 -6.11 8.64
N GLY D 374 34.67 -5.04 8.90
CA GLY D 374 34.64 -3.86 8.03
C GLY D 374 33.55 -2.88 8.34
N ARG D 375 32.93 -2.96 9.51
CA ARG D 375 31.85 -2.07 9.90
C ARG D 375 31.94 -1.88 11.41
N PHE D 376 30.85 -1.45 12.04
CA PHE D 376 30.86 -1.19 13.47
C PHE D 376 30.97 -2.51 14.22
N ASP D 377 32.14 -3.12 14.17
CA ASP D 377 32.38 -4.39 14.84
C ASP D 377 32.84 -4.20 16.28
N ARG D 378 33.84 -3.34 16.49
CA ARG D 378 34.38 -3.12 17.82
C ARG D 378 33.33 -2.43 18.68
N GLU D 379 32.73 -3.19 19.60
CA GLU D 379 31.69 -2.68 20.47
C GLU D 379 32.26 -2.37 21.85
N VAL D 380 31.72 -1.33 22.47
CA VAL D 380 32.12 -0.89 23.79
C VAL D 380 30.87 -0.68 24.62
N ASP D 381 30.92 -1.13 25.87
CA ASP D 381 29.80 -1.01 26.80
C ASP D 381 30.18 -0.06 27.93
N ILE D 382 29.34 0.93 28.16
CA ILE D 382 29.53 1.88 29.26
C ILE D 382 28.40 1.64 30.25
N GLY D 383 28.69 0.85 31.29
CA GLY D 383 27.72 0.53 32.31
C GLY D 383 27.71 1.57 33.42
N ILE D 384 26.92 1.28 34.45
CA ILE D 384 26.80 2.19 35.58
C ILE D 384 28.14 2.28 36.30
N PRO D 385 28.64 3.46 36.62
CA PRO D 385 29.89 3.55 37.38
C PRO D 385 29.75 2.96 38.77
N ASP D 386 30.84 2.43 39.29
CA ASP D 386 30.84 1.80 40.61
C ASP D 386 30.94 2.87 41.68
N ALA D 387 31.17 2.45 42.93
CA ALA D 387 31.30 3.41 44.02
C ALA D 387 32.44 4.38 43.77
N THR D 388 33.59 3.86 43.32
CA THR D 388 34.68 4.75 42.94
C THR D 388 34.27 5.67 41.80
N GLY D 389 33.55 5.13 40.83
CA GLY D 389 33.07 5.96 39.73
C GLY D 389 32.13 7.05 40.19
N ARG D 390 31.19 6.71 41.09
CA ARG D 390 30.28 7.72 41.61
C ARG D 390 31.04 8.78 42.39
N LEU D 391 32.03 8.37 43.19
CA LEU D 391 32.83 9.35 43.90
C LEU D 391 33.56 10.27 42.93
N GLU D 392 34.13 9.71 41.87
CA GLU D 392 34.84 10.53 40.90
C GLU D 392 33.90 11.51 40.22
N VAL D 393 32.69 11.06 39.87
CA VAL D 393 31.72 11.95 39.24
C VAL D 393 31.35 13.08 40.19
N LEU D 394 31.09 12.74 41.45
CA LEU D 394 30.73 13.77 42.42
C LEU D 394 31.85 14.79 42.57
N ARG D 395 33.10 14.32 42.64
CA ARG D 395 34.21 15.25 42.75
C ARG D 395 34.31 16.13 41.51
N ILE D 396 34.11 15.54 40.32
CA ILE D 396 34.24 16.32 39.08
C ILE D 396 33.19 17.42 39.04
N HIS D 397 31.92 17.07 39.28
CA HIS D 397 30.88 18.07 39.20
C HIS D 397 31.04 19.15 40.26
N THR D 398 31.39 18.76 41.49
CA THR D 398 31.50 19.70 42.60
C THR D 398 32.92 20.23 42.74
N LYS D 399 33.47 20.75 41.65
CA LYS D 399 34.76 21.43 41.69
C LYS D 399 34.62 22.94 41.52
N ASN D 400 33.39 23.47 41.59
CA ASN D 400 33.15 24.90 41.48
C ASN D 400 32.24 25.46 42.55
N MET D 401 31.40 24.64 43.19
CA MET D 401 30.51 25.14 44.22
C MET D 401 31.30 25.59 45.44
N LYS D 402 30.72 26.55 46.17
CA LYS D 402 31.29 27.01 47.43
C LYS D 402 31.03 25.97 48.53
N LEU D 403 31.56 24.78 48.29
CA LEU D 403 31.27 23.64 49.16
C LEU D 403 31.83 23.86 50.55
N ALA D 404 31.03 23.55 51.56
CA ALA D 404 31.41 23.74 52.95
C ALA D 404 32.37 22.65 53.40
N ASP D 405 32.97 22.86 54.58
CA ASP D 405 33.94 21.90 55.10
C ASP D 405 33.29 20.55 55.37
N ASP D 406 32.10 20.55 55.95
CA ASP D 406 31.42 19.29 56.28
C ASP D 406 30.87 18.67 55.00
N VAL D 407 31.45 17.55 54.59
CA VAL D 407 31.02 16.84 53.39
C VAL D 407 31.26 15.35 53.60
N ASP D 408 30.36 14.54 53.05
CA ASP D 408 30.37 13.09 53.20
C ASP D 408 30.33 12.42 51.84
N LEU D 409 31.21 12.85 50.95
CA LEU D 409 31.21 12.34 49.58
C LEU D 409 31.22 10.82 49.55
N GLU D 410 31.99 10.19 50.45
CA GLU D 410 32.01 8.74 50.50
C GLU D 410 30.65 8.18 50.87
N ALA D 411 29.98 8.81 51.84
CA ALA D 411 28.64 8.36 52.22
C ALA D 411 27.67 8.51 51.05
N LEU D 412 27.77 9.62 50.33
CA LEU D 412 26.90 9.81 49.16
C LEU D 412 27.17 8.74 48.11
N ALA D 413 28.44 8.40 47.88
CA ALA D 413 28.76 7.34 46.94
C ALA D 413 28.17 6.02 47.39
N ALA D 414 28.28 5.71 48.69
CA ALA D 414 27.74 4.46 49.20
C ALA D 414 26.23 4.39 49.06
N GLU D 415 25.53 5.48 49.38
CA GLU D 415 24.07 5.47 49.32
C GLU D 415 23.58 5.42 47.88
N THR D 416 24.19 6.21 47.00
CA THR D 416 23.76 6.27 45.61
C THR D 416 24.16 4.97 44.90
N HIS D 417 23.16 4.12 44.63
CA HIS D 417 23.35 2.89 43.88
C HIS D 417 22.51 2.96 42.62
N GLY D 418 23.11 2.63 41.48
CA GLY D 418 22.42 2.77 40.21
C GLY D 418 22.15 4.21 39.84
N TYR D 419 23.10 5.10 40.11
CA TYR D 419 23.00 6.51 39.74
C TYR D 419 23.97 6.78 38.61
N VAL D 420 23.44 7.14 37.44
CA VAL D 420 24.25 7.47 36.29
C VAL D 420 24.75 8.90 36.46
N GLY D 421 25.66 9.33 35.57
CA GLY D 421 26.23 10.66 35.71
C GLY D 421 25.19 11.75 35.67
N ALA D 422 24.20 11.63 34.79
CA ALA D 422 23.19 12.68 34.66
C ALA D 422 22.41 12.84 35.97
N ASP D 423 22.04 11.73 36.60
CA ASP D 423 21.32 11.81 37.86
C ASP D 423 22.18 12.45 38.95
N ILE D 424 23.48 12.16 38.95
CA ILE D 424 24.36 12.77 39.94
C ILE D 424 24.44 14.28 39.74
N ALA D 425 24.55 14.71 38.48
CA ALA D 425 24.56 16.14 38.20
C ALA D 425 23.26 16.79 38.65
N SER D 426 22.13 16.13 38.36
CA SER D 426 20.84 16.65 38.80
C SER D 426 20.79 16.76 40.32
N LEU D 427 21.32 15.77 41.03
CA LEU D 427 21.32 15.80 42.48
C LEU D 427 22.13 16.97 42.99
N CYS D 428 23.32 17.21 42.41
CA CYS D 428 24.12 18.34 42.84
C CYS D 428 23.39 19.65 42.60
N SER D 429 22.75 19.79 41.44
CA SER D 429 22.01 21.02 41.15
C SER D 429 20.87 21.20 42.14
N GLU D 430 20.14 20.13 42.46
CA GLU D 430 19.04 20.24 43.40
C GLU D 430 19.53 20.61 44.79
N ALA D 431 20.66 20.05 45.21
CA ALA D 431 21.22 20.43 46.50
C ALA D 431 21.59 21.90 46.53
N ALA D 432 22.20 22.40 45.45
CA ALA D 432 22.53 23.82 45.40
C ALA D 432 21.27 24.68 45.45
N MET D 433 20.22 24.26 44.75
CA MET D 433 18.96 25.01 44.79
C MET D 433 18.37 25.00 46.20
N GLN D 434 18.44 23.87 46.89
CA GLN D 434 17.95 23.81 48.26
C GLN D 434 18.73 24.76 49.16
N GLN D 435 20.05 24.81 49.00
CA GLN D 435 20.86 25.74 49.79
C GLN D 435 20.46 27.18 49.50
N ILE D 436 20.28 27.52 48.23
CA ILE D 436 19.89 28.88 47.88
C ILE D 436 18.55 29.23 48.47
N ARG D 437 17.59 28.29 48.40
CA ARG D 437 16.26 28.54 48.95
C ARG D 437 16.32 28.74 50.45
N GLU D 438 17.11 27.92 51.15
CA GLU D 438 17.24 28.09 52.59
C GLU D 438 17.82 29.44 52.93
N LYS D 439 18.85 29.87 52.20
CA LYS D 439 19.42 31.18 52.46
C LYS D 439 18.50 32.31 52.01
N MET D 440 17.50 32.02 51.19
CA MET D 440 16.55 33.05 50.76
C MET D 440 15.70 33.56 51.91
N ASP D 441 15.64 32.82 53.02
CA ASP D 441 14.81 33.26 54.15
C ASP D 441 15.27 34.60 54.68
N LEU D 442 16.58 34.79 54.81
CA LEU D 442 17.14 36.05 55.27
C LEU D 442 17.01 37.17 54.24
N ILE D 443 16.61 36.84 53.03
CA ILE D 443 16.49 37.84 51.96
C ILE D 443 15.02 38.09 51.68
N ILE D 450 21.25 42.23 47.82
CA ILE D 450 21.98 41.04 48.26
C ILE D 450 23.31 41.47 48.85
N ASP D 451 23.43 41.38 50.18
CA ASP D 451 24.66 41.78 50.84
C ASP D 451 25.78 40.79 50.55
N ALA D 452 27.01 41.32 50.48
CA ALA D 452 28.17 40.47 50.24
C ALA D 452 28.34 39.43 51.34
N GLU D 453 27.90 39.74 52.56
CA GLU D 453 27.98 38.77 53.63
C GLU D 453 27.12 37.55 53.32
N VAL D 454 25.94 37.78 52.74
CA VAL D 454 25.12 36.66 52.28
C VAL D 454 25.83 35.92 51.15
N LEU D 455 26.42 36.66 50.22
CA LEU D 455 27.02 36.04 49.04
C LEU D 455 28.16 35.09 49.43
N ASP D 456 29.12 35.58 50.22
CA ASP D 456 30.25 34.75 50.59
C ASP D 456 29.86 33.68 51.58
N SER D 457 28.92 33.98 52.49
CA SER D 457 28.48 33.00 53.46
C SER D 457 27.78 31.82 52.81
N LEU D 458 27.34 31.97 51.56
CA LEU D 458 26.66 30.87 50.87
C LEU D 458 27.56 29.64 50.81
N GLY D 459 26.97 28.48 51.02
CA GLY D 459 27.71 27.23 50.95
C GLY D 459 26.81 26.02 51.05
N VAL D 460 27.15 24.97 50.32
CA VAL D 460 26.37 23.74 50.34
C VAL D 460 26.65 22.98 51.63
N THR D 461 25.69 22.19 52.07
CA THR D 461 25.81 21.42 53.30
C THR D 461 25.32 20.00 53.05
N MET D 462 25.82 19.08 53.87
CA MET D 462 25.45 17.67 53.72
C MET D 462 23.95 17.47 53.80
N ASP D 463 23.26 18.29 54.59
CA ASP D 463 21.80 18.18 54.68
C ASP D 463 21.16 18.44 53.32
N ASN D 464 21.72 19.38 52.55
CA ASN D 464 21.19 19.62 51.22
C ASN D 464 21.32 18.38 50.35
N PHE D 465 22.48 17.71 50.41
CA PHE D 465 22.66 16.49 49.63
C PHE D 465 21.69 15.40 50.08
N ARG D 466 21.47 15.27 51.39
CA ARG D 466 20.52 14.27 51.87
C ARG D 466 19.11 14.57 51.39
N PHE D 467 18.71 15.85 51.40
CA PHE D 467 17.40 16.21 50.88
C PHE D 467 17.31 15.89 49.38
N ALA D 468 18.37 16.18 48.63
CA ALA D 468 18.36 15.86 47.21
C ALA D 468 18.20 14.36 46.99
N LEU D 469 18.93 13.56 47.77
CA LEU D 469 18.78 12.11 47.68
C LEU D 469 17.35 11.70 47.97
N GLY D 470 16.74 12.28 49.00
CA GLY D 470 15.34 12.02 49.28
C GLY D 470 14.41 12.50 48.19
N ASN D 471 14.89 13.37 47.31
CA ASN D 471 14.07 13.90 46.23
C ASN D 471 14.70 13.63 44.87
N SER D 472 15.16 12.41 44.63
CA SER D 472 15.75 12.02 43.36
C SER D 472 15.08 10.74 42.86
N ASN D 473 15.12 10.54 41.55
CA ASN D 473 14.43 9.43 40.89
C ASN D 473 15.40 8.72 39.94
N PRO D 474 16.21 7.80 40.45
CA PRO D 474 17.06 7.01 39.55
C PRO D 474 16.23 6.13 38.64
N SER D 475 16.78 5.85 37.45
CA SER D 475 16.06 5.09 36.44
C SER D 475 16.88 3.97 35.82
N ALA D 476 18.14 3.80 36.21
CA ALA D 476 18.96 2.74 35.62
C ALA D 476 18.39 1.36 35.95
N LEU D 477 17.94 1.17 37.19
CA LEU D 477 17.48 -0.14 37.63
C LEU D 477 16.24 -0.61 36.92
N ARG D 478 15.53 0.26 36.20
CA ARG D 478 14.30 -0.13 35.53
C ARG D 478 14.55 -1.30 34.58
N GLU D 479 15.60 -1.20 33.76
CA GLU D 479 15.92 -2.21 32.77
C GLU D 479 17.17 -2.97 33.17
N THR D 480 17.28 -4.20 32.67
CA THR D 480 18.44 -5.03 32.99
C THR D 480 19.72 -4.39 32.49
N VAL D 481 20.75 -4.40 33.34
CA VAL D 481 22.05 -3.86 33.01
C VAL D 481 23.11 -4.65 33.78
N VAL D 482 24.38 -4.43 33.43
CA VAL D 482 25.48 -5.15 34.06
C VAL D 482 25.84 -4.46 35.37
N GLU D 483 26.12 -5.25 36.39
CA GLU D 483 26.51 -4.74 37.70
C GLU D 483 27.72 -5.52 38.20
N SER D 484 28.71 -4.80 38.73
CA SER D 484 29.85 -5.45 39.37
C SER D 484 29.47 -5.87 40.79
N VAL D 485 30.33 -6.68 41.40
CA VAL D 485 30.10 -7.20 42.74
C VAL D 485 31.39 -7.07 43.54
N ASN D 486 31.22 -7.10 44.87
CA ASN D 486 32.36 -6.93 45.78
C ASN D 486 32.29 -7.88 46.97
N VAL D 487 31.47 -8.93 46.91
CA VAL D 487 31.33 -9.83 48.05
C VAL D 487 32.55 -10.74 48.15
N THR D 488 32.82 -11.22 49.35
CA THR D 488 33.91 -12.16 49.61
C THR D 488 33.37 -13.38 50.33
N TRP D 489 34.16 -14.45 50.33
CA TRP D 489 33.73 -15.68 50.97
C TRP D 489 33.44 -15.50 52.46
N ASP D 490 34.03 -14.48 53.09
CA ASP D 490 33.88 -14.33 54.53
C ASP D 490 32.42 -14.12 54.93
N ASP D 491 31.69 -13.32 54.16
CA ASP D 491 30.29 -13.07 54.48
C ASP D 491 29.46 -14.34 54.48
N VAL D 492 29.92 -15.39 53.81
CA VAL D 492 29.17 -16.64 53.77
C VAL D 492 29.28 -17.34 55.13
N GLY D 493 28.37 -18.29 55.35
CA GLY D 493 28.30 -19.03 56.59
C GLY D 493 29.13 -20.30 56.62
N GLY D 494 29.92 -20.56 55.58
CA GLY D 494 30.76 -21.74 55.53
C GLY D 494 30.46 -22.65 54.35
N LEU D 495 30.07 -23.88 54.62
CA LEU D 495 29.78 -24.86 53.58
C LEU D 495 30.96 -24.98 52.61
N ASP D 496 32.14 -25.20 53.19
CA ASP D 496 33.34 -25.33 52.38
C ASP D 496 33.26 -26.52 51.45
N GLU D 497 32.54 -27.58 51.84
CA GLU D 497 32.38 -28.73 50.96
C GLU D 497 31.75 -28.33 49.62
N ILE D 498 30.87 -27.33 49.64
CA ILE D 498 30.30 -26.83 48.41
C ILE D 498 31.19 -25.76 47.76
N LYS D 499 31.89 -24.96 48.57
CA LYS D 499 32.74 -23.92 48.01
C LYS D 499 33.88 -24.53 47.20
N GLU D 500 34.49 -25.60 47.69
CA GLU D 500 35.58 -26.23 46.95
C GLU D 500 35.09 -26.80 45.62
N GLU D 501 33.93 -27.46 45.64
CA GLU D 501 33.38 -27.99 44.40
C GLU D 501 33.06 -26.87 43.42
N LEU D 502 32.48 -25.78 43.91
CA LEU D 502 32.19 -24.65 43.03
C LEU D 502 33.47 -24.05 42.46
N LYS D 503 34.51 -23.94 43.28
CA LYS D 503 35.79 -23.47 42.77
C LYS D 503 36.29 -24.37 41.65
N GLU D 504 36.31 -25.68 41.89
CA GLU D 504 36.69 -26.63 40.85
C GLU D 504 35.88 -26.40 39.58
N THR D 505 34.59 -26.10 39.73
CA THR D 505 33.72 -25.96 38.57
C THR D 505 34.04 -24.71 37.78
N VAL D 506 34.18 -23.56 38.44
CA VAL D 506 34.19 -22.27 37.78
C VAL D 506 35.57 -21.63 37.77
N GLU D 507 36.23 -21.55 38.93
CA GLU D 507 37.40 -20.68 39.07
C GLU D 507 38.69 -21.37 38.65
N TYR D 508 38.93 -22.58 39.13
CA TYR D 508 40.14 -23.30 38.76
C TYR D 508 40.30 -23.42 37.25
N PRO D 509 39.26 -23.73 36.47
CA PRO D 509 39.44 -23.76 35.01
C PRO D 509 40.00 -22.46 34.45
N VAL D 510 39.54 -21.31 34.96
CA VAL D 510 40.04 -20.03 34.48
C VAL D 510 41.49 -19.83 34.89
N LEU D 511 41.84 -20.26 36.11
CA LEU D 511 43.19 -20.10 36.62
C LEU D 511 44.09 -21.30 36.33
N HIS D 512 43.55 -22.37 35.74
CA HIS D 512 44.35 -23.53 35.34
C HIS D 512 44.09 -23.90 33.88
N PRO D 513 44.08 -22.92 32.97
CA PRO D 513 43.86 -23.26 31.55
C PRO D 513 44.93 -24.17 30.99
N ASP D 514 46.18 -24.00 31.41
CA ASP D 514 47.27 -24.81 30.88
C ASP D 514 47.08 -26.28 31.21
N GLN D 515 46.74 -26.58 32.47
CA GLN D 515 46.54 -27.97 32.87
C GLN D 515 45.37 -28.60 32.12
N TYR D 516 44.27 -27.87 31.99
CA TYR D 516 43.11 -28.40 31.28
C TYR D 516 43.45 -28.67 29.82
N THR D 517 44.16 -27.74 29.18
CA THR D 517 44.55 -27.95 27.78
C THR D 517 45.48 -29.15 27.63
N LYS D 518 46.45 -29.28 28.54
CA LYS D 518 47.40 -30.38 28.46
C LYS D 518 46.68 -31.72 28.62
N PHE D 519 45.89 -31.86 29.69
CA PHE D 519 45.09 -33.08 29.86
C PHE D 519 43.95 -33.12 28.85
N GLY D 520 43.34 -31.98 28.57
CA GLY D 520 42.23 -31.90 27.64
C GLY D 520 40.90 -31.80 28.37
N LEU D 521 40.40 -30.59 28.52
CA LEU D 521 39.16 -30.35 29.25
C LEU D 521 38.59 -28.99 28.86
N SER D 522 37.33 -28.79 29.20
CA SER D 522 36.65 -27.53 29.02
C SER D 522 35.86 -27.19 30.28
N PRO D 523 35.69 -25.90 30.59
CA PRO D 523 34.97 -25.54 31.81
C PRO D 523 33.51 -25.95 31.74
N SER D 524 32.96 -26.30 32.90
CA SER D 524 31.54 -26.65 33.02
C SER D 524 30.75 -25.36 33.17
N LYS D 525 30.47 -24.73 32.04
CA LYS D 525 29.81 -23.43 32.00
C LYS D 525 28.33 -23.62 32.33
N GLY D 526 28.04 -23.69 33.63
CA GLY D 526 26.66 -23.76 34.09
C GLY D 526 26.49 -24.64 35.31
N VAL D 527 25.83 -24.11 36.33
CA VAL D 527 25.50 -24.86 37.54
C VAL D 527 24.14 -24.37 38.03
N LEU D 528 23.31 -25.31 38.47
CA LEU D 528 21.95 -25.01 38.89
C LEU D 528 21.84 -25.23 40.40
N PHE D 529 21.38 -24.20 41.11
CA PHE D 529 21.23 -24.25 42.56
C PHE D 529 19.77 -24.47 42.91
N TYR D 530 19.52 -25.37 43.87
CA TYR D 530 18.18 -25.58 44.38
C TYR D 530 18.25 -25.79 45.89
N GLY D 531 17.17 -25.44 46.58
CA GLY D 531 17.11 -25.57 48.02
C GLY D 531 16.14 -24.60 48.64
N PRO D 532 16.13 -24.52 49.96
CA PRO D 532 15.24 -23.60 50.66
C PRO D 532 15.52 -22.16 50.25
N PRO D 533 14.49 -21.34 50.08
CA PRO D 533 14.72 -19.93 49.73
C PRO D 533 15.36 -19.17 50.88
N GLY D 534 16.06 -18.09 50.51
CA GLY D 534 16.69 -17.24 51.51
C GLY D 534 17.80 -17.92 52.28
N THR D 535 18.66 -18.68 51.60
CA THR D 535 19.76 -19.39 52.22
C THR D 535 21.12 -18.84 51.81
N GLY D 536 21.16 -17.65 51.23
CA GLY D 536 22.41 -17.06 50.79
C GLY D 536 22.84 -17.41 49.39
N LYS D 537 21.96 -17.96 48.57
CA LYS D 537 22.33 -18.34 47.22
C LYS D 537 22.79 -17.13 46.42
N THR D 538 22.04 -16.03 46.50
CA THR D 538 22.41 -14.83 45.76
C THR D 538 23.73 -14.26 46.24
N LEU D 539 23.94 -14.25 47.57
CA LEU D 539 25.22 -13.79 48.10
C LEU D 539 26.35 -14.69 47.66
N LEU D 540 26.10 -16.01 47.61
CA LEU D 540 27.12 -16.92 47.12
C LEU D 540 27.47 -16.63 45.67
N ALA D 541 26.46 -16.38 44.83
CA ALA D 541 26.72 -16.06 43.44
C ALA D 541 27.49 -14.77 43.29
N LYS D 542 27.14 -13.75 44.09
CA LYS D 542 27.88 -12.49 44.03
C LYS D 542 29.32 -12.69 44.46
N ALA D 543 29.55 -13.50 45.50
CA ALA D 543 30.92 -13.79 45.92
C ALA D 543 31.68 -14.51 44.81
N VAL D 544 31.03 -15.47 44.15
CA VAL D 544 31.68 -16.17 43.05
C VAL D 544 32.09 -15.20 41.96
N ALA D 545 31.17 -14.31 41.58
CA ALA D 545 31.49 -13.33 40.54
C ALA D 545 32.63 -12.42 40.97
N THR D 546 32.62 -11.99 42.24
CA THR D 546 33.66 -11.09 42.72
C THR D 546 35.03 -11.76 42.69
N GLU D 547 35.10 -13.01 43.15
CA GLU D 547 36.38 -13.67 43.35
C GLU D 547 37.06 -14.07 42.05
N VAL D 548 36.36 -13.96 40.91
CA VAL D 548 36.94 -14.28 39.61
C VAL D 548 37.03 -13.04 38.72
N SER D 549 36.78 -11.85 39.26
CA SER D 549 36.86 -10.61 38.51
C SER D 549 35.98 -10.67 37.27
N ALA D 550 34.72 -11.09 37.47
CA ALA D 550 33.75 -11.20 36.40
C ALA D 550 32.52 -10.37 36.72
N ASN D 551 32.03 -9.64 35.73
CA ASN D 551 30.83 -8.83 35.90
C ASN D 551 29.61 -9.71 36.15
N PHE D 552 28.67 -9.19 36.92
CA PHE D 552 27.49 -9.93 37.34
C PHE D 552 26.23 -9.34 36.71
N ILE D 553 25.37 -10.22 36.20
CA ILE D 553 24.08 -9.85 35.65
C ILE D 553 23.03 -10.75 36.28
N SER D 554 21.85 -10.20 36.56
CA SER D 554 20.79 -10.95 37.20
C SER D 554 19.45 -10.69 36.52
N VAL D 555 18.63 -11.74 36.48
CA VAL D 555 17.25 -11.64 36.00
C VAL D 555 16.36 -12.36 37.02
N LYS D 556 15.24 -11.73 37.38
CA LYS D 556 14.41 -12.22 38.48
C LYS D 556 12.95 -12.16 38.06
N GLY D 557 12.34 -13.32 37.82
CA GLY D 557 10.91 -13.44 37.73
C GLY D 557 10.28 -12.52 36.70
N PRO D 558 9.63 -11.45 37.16
CA PRO D 558 8.91 -10.58 36.22
C PRO D 558 9.79 -10.05 35.10
N GLU D 559 11.09 -9.87 35.35
CA GLU D 559 11.96 -9.33 34.32
C GLU D 559 11.92 -10.17 33.05
N LEU D 560 11.97 -11.49 33.18
CA LEU D 560 11.81 -12.38 32.04
C LEU D 560 10.37 -12.78 31.72
N LEU D 561 9.47 -12.75 32.71
CA LEU D 561 8.08 -13.05 32.45
C LEU D 561 7.45 -12.01 31.54
N SER D 562 7.85 -10.74 31.67
CA SER D 562 7.33 -9.71 30.78
C SER D 562 7.71 -9.99 29.34
N MET D 563 8.97 -10.38 29.10
CA MET D 563 9.38 -10.76 27.75
C MET D 563 8.61 -11.99 27.28
N TRP D 564 8.39 -12.95 28.18
CA TRP D 564 7.53 -14.08 27.84
C TRP D 564 6.19 -13.60 27.32
N TYR D 565 5.59 -12.63 28.02
CA TYR D 565 4.37 -12.01 27.52
C TYR D 565 4.61 -11.23 26.23
N GLY D 566 5.82 -10.74 26.03
CA GLY D 566 6.15 -9.96 24.85
C GLY D 566 6.15 -8.45 25.07
N GLU D 567 5.65 -7.98 26.21
CA GLU D 567 5.61 -6.55 26.53
C GLU D 567 6.83 -6.23 27.39
N SER D 568 7.87 -5.69 26.75
CA SER D 568 9.11 -5.35 27.44
C SER D 568 10.06 -4.67 26.46
N GLU D 569 11.21 -4.21 26.95
CA GLU D 569 12.16 -3.49 26.12
C GLU D 569 13.37 -4.33 25.71
N SER D 570 13.82 -5.26 26.55
CA SER D 570 14.98 -6.09 26.26
C SER D 570 14.60 -7.56 26.40
N ASN D 571 15.12 -8.37 25.48
CA ASN D 571 14.83 -9.79 25.43
C ASN D 571 15.98 -10.59 26.03
N ILE D 572 15.84 -11.92 26.01
CA ILE D 572 16.93 -12.80 26.45
C ILE D 572 18.15 -12.59 25.59
N ARG D 573 17.95 -12.35 24.29
CA ARG D 573 19.07 -12.12 23.39
C ARG D 573 19.88 -10.90 23.84
N ASP D 574 19.20 -9.82 24.24
CA ASP D 574 19.90 -8.61 24.63
C ASP D 574 20.80 -8.87 25.84
N ILE D 575 20.25 -9.53 26.87
CA ILE D 575 21.04 -9.80 28.07
C ILE D 575 22.22 -10.71 27.73
N PHE D 576 21.99 -11.74 26.92
CA PHE D 576 23.09 -12.63 26.57
C PHE D 576 24.17 -11.90 25.79
N ASP D 577 23.77 -11.02 24.87
CA ASP D 577 24.75 -10.25 24.10
C ASP D 577 25.54 -9.31 25.00
N LYS D 578 24.87 -8.67 25.96
CA LYS D 578 25.60 -7.81 26.89
C LYS D 578 26.56 -8.63 27.76
N ALA D 579 26.14 -9.82 28.17
CA ALA D 579 27.04 -10.69 28.92
C ALA D 579 28.27 -11.03 28.09
N ARG D 580 28.06 -11.38 26.82
CA ARG D 580 29.20 -11.69 25.95
C ARG D 580 30.12 -10.49 25.79
N ALA D 581 29.54 -9.30 25.56
CA ALA D 581 30.34 -8.10 25.37
C ALA D 581 31.07 -7.68 26.64
N ALA D 582 30.57 -8.07 27.81
CA ALA D 582 31.20 -7.76 29.08
C ALA D 582 31.91 -8.97 29.67
N ALA D 583 32.26 -9.96 28.85
CA ALA D 583 32.90 -11.16 29.36
C ALA D 583 34.26 -10.80 29.96
N PRO D 584 34.69 -11.52 31.01
CA PRO D 584 33.97 -12.62 31.66
C PRO D 584 32.83 -12.12 32.53
N THR D 585 31.80 -12.92 32.71
CA THR D 585 30.65 -12.50 33.49
C THR D 585 29.88 -13.72 33.96
N VAL D 586 29.00 -13.50 34.94
CA VAL D 586 28.13 -14.53 35.49
C VAL D 586 26.69 -14.03 35.41
N VAL D 587 25.82 -14.81 34.78
CA VAL D 587 24.41 -14.46 34.62
C VAL D 587 23.59 -15.37 35.53
N PHE D 588 22.80 -14.74 36.40
CA PHE D 588 22.02 -15.44 37.42
C PHE D 588 20.54 -15.30 37.10
N LEU D 589 19.84 -16.42 37.04
CA LEU D 589 18.41 -16.46 36.75
C LEU D 589 17.69 -16.99 37.97
N ASP D 590 16.92 -16.12 38.62
CA ASP D 590 16.13 -16.52 39.78
C ASP D 590 14.79 -17.10 39.34
N GLU D 591 14.23 -17.94 40.21
CA GLU D 591 12.97 -18.65 39.95
C GLU D 591 12.90 -19.10 38.50
N LEU D 592 13.89 -19.93 38.12
CA LEU D 592 13.91 -20.47 36.76
C LEU D 592 12.63 -21.23 36.44
N ASP D 593 12.07 -21.92 37.44
CA ASP D 593 10.83 -22.66 37.23
C ASP D 593 9.64 -21.75 36.94
N SER D 594 9.76 -20.44 37.20
CA SER D 594 8.65 -19.53 36.97
C SER D 594 8.20 -19.54 35.52
N ILE D 595 9.10 -19.89 34.60
CA ILE D 595 8.76 -19.94 33.18
C ILE D 595 8.57 -21.36 32.67
N ALA D 596 9.09 -22.36 33.38
CA ALA D 596 8.96 -23.75 32.96
C ALA D 596 7.51 -24.20 33.04
N SER D 610 7.41 -19.32 29.60
CA SER D 610 6.90 -20.35 28.70
C SER D 610 7.84 -21.18 27.80
N ASP D 611 7.22 -21.96 26.90
CA ASP D 611 8.01 -22.83 26.04
C ASP D 611 8.94 -22.02 25.13
N ARG D 612 8.49 -20.84 24.69
CA ARG D 612 9.32 -20.03 23.81
C ARG D 612 10.58 -19.58 24.51
N VAL D 613 10.44 -19.01 25.72
CA VAL D 613 11.62 -18.57 26.45
C VAL D 613 12.49 -19.75 26.83
N VAL D 614 11.88 -20.89 27.15
CA VAL D 614 12.66 -22.08 27.46
C VAL D 614 13.50 -22.47 26.27
N ASN D 615 12.91 -22.47 25.07
CA ASN D 615 13.65 -22.82 23.87
C ASN D 615 14.76 -21.82 23.58
N GLN D 616 14.48 -20.53 23.78
CA GLN D 616 15.52 -19.53 23.56
C GLN D 616 16.69 -19.75 24.51
N LEU D 617 16.40 -20.02 25.79
CA LEU D 617 17.46 -20.31 26.74
C LEU D 617 18.24 -21.55 26.33
N LEU D 618 17.54 -22.60 25.90
CA LEU D 618 18.22 -23.83 25.50
C LEU D 618 19.16 -23.57 24.33
N THR D 619 18.68 -22.84 23.32
CA THR D 619 19.52 -22.55 22.16
C THR D 619 20.73 -21.72 22.54
N GLU D 620 20.53 -20.68 23.36
CA GLU D 620 21.64 -19.83 23.77
C GLU D 620 22.66 -20.62 24.57
N MET D 621 22.19 -21.48 25.48
CA MET D 621 23.11 -22.29 26.27
C MET D 621 23.89 -23.25 25.37
N ASP D 622 23.20 -23.90 24.43
CA ASP D 622 23.90 -24.80 23.51
C ASP D 622 24.88 -24.04 22.63
N GLY D 623 24.67 -22.75 22.41
CA GLY D 623 25.62 -21.94 21.67
C GLY D 623 26.74 -21.42 22.54
N MET D 624 27.17 -22.21 23.51
CA MET D 624 28.24 -21.78 24.41
C MET D 624 29.59 -21.59 23.75
N ASN D 625 30.34 -20.60 24.23
CA ASN D 625 31.67 -20.35 23.73
C ASN D 625 32.67 -21.30 24.37
N ALA D 626 33.79 -21.51 23.67
CA ALA D 626 34.82 -22.42 24.14
C ALA D 626 35.41 -21.99 25.48
N LYS D 627 36.07 -20.84 25.50
CA LYS D 627 36.82 -20.38 26.68
C LYS D 627 36.60 -18.89 26.90
N LYS D 628 35.35 -18.45 26.81
CA LYS D 628 35.01 -17.07 27.13
C LYS D 628 34.68 -16.87 28.61
N ASN D 629 34.67 -17.94 29.40
CA ASN D 629 34.50 -17.86 30.85
C ASN D 629 33.12 -17.35 31.25
N VAL D 630 32.14 -17.43 30.36
CA VAL D 630 30.78 -17.04 30.70
C VAL D 630 30.11 -18.17 31.44
N PHE D 631 29.47 -17.83 32.57
CA PHE D 631 28.82 -18.82 33.42
C PHE D 631 27.38 -18.44 33.67
N VAL D 632 26.55 -19.47 33.85
CA VAL D 632 25.12 -19.30 34.10
C VAL D 632 24.78 -20.03 35.38
N ILE D 633 24.05 -19.34 36.26
CA ILE D 633 23.60 -19.89 37.53
C ILE D 633 22.09 -19.75 37.60
N GLY D 634 21.43 -20.75 38.13
CA GLY D 634 19.98 -20.74 38.25
C GLY D 634 19.54 -21.05 39.66
N ALA D 635 18.46 -20.40 40.07
CA ALA D 635 17.85 -20.62 41.38
C ALA D 635 16.44 -21.14 41.20
N THR D 636 16.12 -22.24 41.89
CA THR D 636 14.80 -22.85 41.78
C THR D 636 14.59 -23.84 42.91
N ASN D 637 13.47 -23.71 43.62
CA ASN D 637 13.15 -24.60 44.73
C ASN D 637 12.33 -25.81 44.31
N ARG D 638 12.04 -25.95 43.02
CA ARG D 638 11.24 -27.06 42.49
C ARG D 638 11.98 -27.67 41.31
N PRO D 639 13.13 -28.30 41.55
CA PRO D 639 13.92 -28.82 40.43
C PRO D 639 13.18 -29.81 39.55
N ASP D 640 12.30 -30.62 40.13
CA ASP D 640 11.57 -31.60 39.34
C ASP D 640 10.69 -30.93 38.29
N GLN D 641 10.05 -29.82 38.66
CA GLN D 641 9.14 -29.15 37.73
C GLN D 641 9.86 -28.65 36.49
N ILE D 642 11.11 -28.19 36.63
CA ILE D 642 11.85 -27.69 35.48
C ILE D 642 11.95 -28.77 34.43
N ASP D 643 11.86 -28.35 33.17
CA ASP D 643 11.94 -29.30 32.06
C ASP D 643 13.27 -30.04 32.11
N PRO D 644 13.27 -31.38 32.08
CA PRO D 644 14.55 -32.12 32.09
C PRO D 644 15.48 -31.74 30.96
N ALA D 645 15.03 -30.98 29.97
CA ALA D 645 15.93 -30.56 28.88
C ALA D 645 17.15 -29.84 29.45
N ILE D 646 16.96 -29.04 30.50
CA ILE D 646 18.10 -28.36 31.12
C ILE D 646 19.10 -29.33 31.75
N LEU D 647 18.60 -30.37 32.42
CA LEU D 647 19.45 -31.34 33.10
C LEU D 647 19.90 -32.38 32.09
N ARG D 648 20.87 -31.99 31.27
CA ARG D 648 21.43 -32.88 30.25
C ARG D 648 22.85 -32.42 29.95
N PRO D 649 23.65 -33.26 29.30
CA PRO D 649 24.97 -32.81 28.86
C PRO D 649 24.85 -31.63 27.91
N GLY D 650 25.84 -30.74 27.96
CA GLY D 650 25.75 -29.50 27.22
C GLY D 650 24.85 -28.46 27.84
N ARG D 651 24.45 -28.66 29.10
CA ARG D 651 23.55 -27.76 29.80
C ARG D 651 23.90 -27.75 31.29
N LEU D 652 22.97 -27.27 32.12
CA LEU D 652 23.22 -27.18 33.55
C LEU D 652 23.20 -28.58 34.16
N ASP D 653 24.20 -29.40 33.82
CA ASP D 653 24.26 -30.75 34.35
C ASP D 653 24.69 -30.78 35.81
N GLN D 654 25.47 -29.79 36.24
CA GLN D 654 25.92 -29.72 37.62
C GLN D 654 24.82 -29.10 38.48
N LEU D 655 24.45 -29.81 39.55
CA LEU D 655 23.39 -29.39 40.45
C LEU D 655 23.94 -29.27 41.86
N ILE D 656 23.52 -28.23 42.58
CA ILE D 656 23.99 -27.96 43.94
C ILE D 656 22.76 -27.77 44.83
N TYR D 657 22.65 -28.58 45.87
CA TYR D 657 21.63 -28.42 46.88
C TYR D 657 22.15 -27.53 48.00
N VAL D 658 21.33 -26.58 48.43
CA VAL D 658 21.70 -25.64 49.48
C VAL D 658 21.27 -26.24 50.81
N PRO D 659 22.19 -26.59 51.71
CA PRO D 659 21.81 -27.21 52.97
C PRO D 659 21.30 -26.16 53.96
N LEU D 660 20.94 -26.65 55.15
CA LEU D 660 20.46 -25.76 56.19
C LEU D 660 21.62 -24.97 56.81
N PRO D 661 21.35 -23.77 57.32
CA PRO D 661 22.41 -23.02 58.01
C PRO D 661 22.86 -23.74 59.27
N ASP D 662 24.13 -23.59 59.59
CA ASP D 662 24.73 -24.22 60.76
C ASP D 662 24.75 -23.25 61.94
N GLU D 663 24.98 -23.82 63.13
CA GLU D 663 25.06 -23.00 64.34
C GLU D 663 26.10 -21.90 64.19
N ASN D 664 27.32 -22.27 63.80
CA ASN D 664 28.34 -21.25 63.59
C ASN D 664 27.96 -20.30 62.48
N ALA D 665 27.36 -20.83 61.41
CA ALA D 665 26.90 -19.97 60.32
C ALA D 665 25.84 -19.00 60.80
N ARG D 666 24.88 -19.47 61.60
CA ARG D 666 23.85 -18.58 62.14
C ARG D 666 24.46 -17.51 63.03
N LEU D 667 25.42 -17.89 63.88
CA LEU D 667 26.08 -16.90 64.72
C LEU D 667 26.81 -15.86 63.88
N SER D 668 27.51 -16.30 62.83
CA SER D 668 28.20 -15.36 61.96
C SER D 668 27.23 -14.43 61.26
N ILE D 669 26.09 -14.96 60.80
CA ILE D 669 25.08 -14.13 60.17
C ILE D 669 24.57 -13.07 61.14
N LEU D 670 24.28 -13.49 62.37
CA LEU D 670 23.80 -12.54 63.37
C LEU D 670 24.84 -11.47 63.64
N ASN D 671 26.11 -11.85 63.74
CA ASN D 671 27.16 -10.86 63.96
C ASN D 671 27.23 -9.89 62.79
N ALA D 672 27.16 -10.40 61.55
CA ALA D 672 27.24 -9.53 60.38
C ALA D 672 26.08 -8.55 60.34
N GLN D 673 24.87 -9.03 60.66
CA GLN D 673 23.71 -8.15 60.64
C GLN D 673 23.79 -7.06 61.72
N LEU D 674 24.64 -7.26 62.72
CA LEU D 674 24.75 -6.32 63.84
C LEU D 674 26.06 -5.54 63.81
N ARG D 675 26.68 -5.42 62.63
CA ARG D 675 27.96 -4.71 62.53
C ARG D 675 27.81 -3.25 62.94
N LYS D 676 26.74 -2.60 62.48
CA LYS D 676 26.55 -1.18 62.75
C LYS D 676 25.62 -0.91 63.94
N THR D 677 24.86 -1.92 64.38
CA THR D 677 23.93 -1.73 65.49
C THR D 677 24.57 -2.21 66.78
N PRO D 678 24.87 -1.34 67.73
CA PRO D 678 25.48 -1.80 68.99
C PRO D 678 24.49 -2.58 69.84
N LEU D 679 25.03 -3.43 70.70
CA LEU D 679 24.24 -4.25 71.61
C LEU D 679 25.06 -4.46 72.88
N GLU D 680 24.68 -5.43 73.70
CA GLU D 680 25.44 -5.73 74.90
C GLU D 680 26.87 -6.09 74.53
N PRO D 681 27.88 -5.51 75.19
CA PRO D 681 29.26 -5.90 74.88
C PRO D 681 29.46 -7.40 75.06
N GLY D 682 29.97 -8.03 74.00
CA GLY D 682 30.12 -9.48 74.04
C GLY D 682 28.81 -10.20 74.25
N LEU D 683 27.76 -9.79 73.54
CA LEU D 683 26.44 -10.36 73.76
C LEU D 683 26.40 -11.87 73.62
N GLU D 684 25.64 -12.50 74.51
CA GLU D 684 25.53 -13.97 74.55
C GLU D 684 24.60 -14.41 73.43
N LEU D 685 25.19 -14.77 72.29
CA LEU D 685 24.45 -15.28 71.14
C LEU D 685 24.37 -16.80 71.12
N THR D 686 25.00 -17.47 72.08
CA THR D 686 24.98 -18.93 72.10
C THR D 686 23.55 -19.45 72.28
N ALA D 687 22.78 -18.83 73.17
CA ALA D 687 21.42 -19.27 73.41
C ALA D 687 20.57 -19.14 72.14
N ILE D 688 20.69 -18.01 71.45
CA ILE D 688 19.91 -17.81 70.23
C ILE D 688 20.35 -18.81 69.17
N ALA D 689 21.66 -18.99 69.01
CA ALA D 689 22.15 -19.89 67.97
C ALA D 689 21.71 -21.33 68.22
N LYS D 690 21.79 -21.78 69.47
CA LYS D 690 21.41 -23.15 69.78
C LYS D 690 19.90 -23.35 69.86
N ALA D 691 19.13 -22.28 70.04
CA ALA D 691 17.68 -22.38 70.07
C ALA D 691 17.08 -22.36 68.68
N THR D 692 17.73 -21.71 67.72
CA THR D 692 17.22 -21.61 66.36
C THR D 692 17.85 -22.71 65.49
N GLN D 693 17.40 -23.93 65.75
CA GLN D 693 17.85 -25.12 65.03
C GLN D 693 16.72 -25.62 64.14
N GLY D 694 17.02 -25.87 62.87
CA GLY D 694 16.00 -26.23 61.91
C GLY D 694 15.26 -25.05 61.32
N PHE D 695 15.87 -23.87 61.32
CA PHE D 695 15.25 -22.66 60.81
C PHE D 695 16.05 -22.13 59.63
N SER D 696 15.34 -21.49 58.69
CA SER D 696 15.97 -20.97 57.49
C SER D 696 16.71 -19.66 57.78
N GLY D 697 17.39 -19.15 56.75
CA GLY D 697 18.17 -17.95 56.93
C GLY D 697 17.32 -16.74 57.26
N ALA D 698 16.15 -16.62 56.62
CA ALA D 698 15.30 -15.45 56.85
C ALA D 698 14.85 -15.28 58.29
N ASP D 699 14.78 -16.37 59.05
CA ASP D 699 14.36 -16.26 60.45
C ASP D 699 15.34 -15.42 61.26
N LEU D 700 16.64 -15.57 61.01
CA LEU D 700 17.62 -14.78 61.74
C LEU D 700 17.39 -13.29 61.52
N LEU D 701 17.26 -12.88 60.26
CA LEU D 701 17.01 -11.47 59.96
C LEU D 701 15.68 -10.97 60.53
N TYR D 702 14.62 -11.79 60.43
CA TYR D 702 13.33 -11.38 60.97
C TYR D 702 13.42 -11.16 62.48
N ILE D 703 14.08 -12.08 63.19
CA ILE D 703 14.21 -11.94 64.63
C ILE D 703 15.03 -10.71 64.98
N VAL D 704 16.14 -10.50 64.27
CA VAL D 704 16.99 -9.35 64.56
C VAL D 704 16.21 -8.05 64.36
N GLN D 705 15.49 -7.96 63.24
CA GLN D 705 14.69 -6.76 62.99
C GLN D 705 13.57 -6.56 64.00
N ARG D 706 12.92 -7.65 64.43
CA ARG D 706 11.87 -7.51 65.44
C ARG D 706 12.45 -7.01 66.76
N ALA D 707 13.60 -7.56 67.17
CA ALA D 707 14.22 -7.09 68.40
C ALA D 707 14.62 -5.62 68.28
N ALA D 708 15.16 -5.22 67.12
CA ALA D 708 15.54 -3.83 66.92
C ALA D 708 14.33 -2.91 66.99
N LYS D 709 13.21 -3.34 66.39
CA LYS D 709 11.99 -2.55 66.46
C LYS D 709 11.50 -2.42 67.89
N TYR D 710 11.53 -3.51 68.66
CA TYR D 710 11.14 -3.43 70.06
C TYR D 710 12.02 -2.44 70.80
N ALA D 711 13.33 -2.49 70.57
CA ALA D 711 14.24 -1.59 71.25
C ALA D 711 13.97 -0.14 70.89
N ILE D 712 13.73 0.13 69.60
CA ILE D 712 13.46 1.50 69.19
C ILE D 712 12.16 2.00 69.81
N LYS D 713 11.13 1.15 69.82
CA LYS D 713 9.86 1.57 70.42
C LYS D 713 10.03 1.86 71.90
N ASP D 714 10.75 0.99 72.62
CA ASP D 714 10.98 1.21 74.05
C ASP D 714 11.76 2.50 74.29
N SER D 715 12.79 2.74 73.48
CA SER D 715 13.59 3.95 73.64
C SER D 715 12.74 5.19 73.39
N ILE D 716 11.90 5.17 72.35
CA ILE D 716 11.04 6.31 72.06
C ILE D 716 10.08 6.55 73.21
N GLU D 717 9.47 5.47 73.73
CA GLU D 717 8.55 5.62 74.86
C GLU D 717 9.26 6.21 76.06
N ALA D 718 10.46 5.73 76.36
CA ALA D 718 11.20 6.24 77.50
C ALA D 718 11.53 7.71 77.32
N HIS D 719 11.96 8.10 76.12
CA HIS D 719 12.27 9.50 75.86
C HIS D 719 11.04 10.38 76.02
N ARG D 720 9.90 9.93 75.50
CA ARG D 720 8.67 10.71 75.67
C ARG D 720 8.28 10.83 77.14
N GLN D 721 8.41 9.74 77.89
CA GLN D 721 8.08 9.75 79.30
C GLN D 721 9.02 10.66 80.08
N ASP D 751 20.38 9.11 74.34
CA ASP D 751 20.21 7.67 74.15
C ASP D 751 20.70 6.91 75.37
N PRO D 752 19.91 6.94 76.45
CA PRO D 752 20.31 6.19 77.66
C PRO D 752 20.44 4.68 77.56
N VAL D 753 19.81 4.05 76.57
CA VAL D 753 19.85 2.59 76.42
C VAL D 753 20.22 2.25 74.98
N PRO D 754 21.43 2.55 74.54
CA PRO D 754 21.82 2.18 73.17
C PRO D 754 21.82 0.68 72.95
N TYR D 755 22.16 -0.10 73.97
CA TYR D 755 22.26 -1.54 73.85
C TYR D 755 20.89 -2.19 74.08
N ILE D 756 20.83 -3.49 73.84
CA ILE D 756 19.61 -4.28 73.96
C ILE D 756 19.92 -5.51 74.77
N THR D 757 19.09 -5.77 75.79
CA THR D 757 19.26 -6.95 76.63
C THR D 757 18.54 -8.14 75.97
N LYS D 758 18.49 -9.27 76.69
CA LYS D 758 17.94 -10.49 76.12
C LYS D 758 16.42 -10.42 75.96
N GLU D 759 15.75 -9.46 76.59
CA GLU D 759 14.29 -9.43 76.54
C GLU D 759 13.74 -9.20 75.14
N HIS D 760 14.35 -8.29 74.37
CA HIS D 760 13.88 -8.05 73.02
C HIS D 760 14.02 -9.29 72.15
N PHE D 761 15.16 -9.98 72.24
CA PHE D 761 15.35 -11.19 71.48
C PHE D 761 14.38 -12.28 71.91
N ALA D 762 14.12 -12.38 73.21
CA ALA D 762 13.15 -13.36 73.69
C ALA D 762 11.76 -13.06 73.15
N GLU D 763 11.36 -11.79 73.15
CA GLU D 763 10.06 -11.43 72.63
C GLU D 763 9.96 -11.73 71.14
N ALA D 764 11.03 -11.44 70.39
CA ALA D 764 11.04 -11.76 68.96
C ALA D 764 10.91 -13.27 68.76
N MET D 765 11.63 -14.06 69.56
CA MET D 765 11.53 -15.51 69.45
C MET D 765 10.11 -15.98 69.73
N LYS D 766 9.47 -15.43 70.77
CA LYS D 766 8.09 -15.77 71.05
C LYS D 766 7.19 -15.45 69.87
N THR D 767 7.38 -14.27 69.27
CA THR D 767 6.63 -13.93 68.07
C THR D 767 7.17 -14.64 66.83
N ALA D 768 8.45 -14.99 66.83
CA ALA D 768 9.05 -15.66 65.68
C ALA D 768 8.67 -17.13 65.53
N LYS D 769 8.48 -17.55 64.27
CA LYS D 769 8.16 -18.94 63.97
C LYS D 769 8.97 -19.36 62.75
N ARG D 770 9.23 -20.66 62.65
CA ARG D 770 10.03 -21.18 61.54
C ARG D 770 9.36 -20.84 60.21
N SER D 771 10.18 -20.46 59.23
CA SER D 771 9.66 -20.13 57.91
C SER D 771 9.43 -21.38 57.08
N VAL D 772 10.49 -22.13 56.81
CA VAL D 772 10.38 -23.35 56.00
C VAL D 772 9.56 -24.38 56.76
N SER D 773 8.57 -24.96 56.09
CA SER D 773 7.74 -25.98 56.69
C SER D 773 8.57 -27.23 56.98
N ASP D 774 8.28 -27.87 58.13
CA ASP D 774 9.00 -29.08 58.49
C ASP D 774 8.81 -30.18 57.45
N ALA D 775 7.57 -30.36 56.99
CA ALA D 775 7.30 -31.37 55.97
C ALA D 775 8.02 -31.04 54.67
N GLU D 776 8.03 -29.76 54.29
CA GLU D 776 8.71 -29.36 53.05
C GLU D 776 10.21 -29.62 53.15
N LEU D 777 10.82 -29.28 54.29
CA LEU D 777 12.24 -29.53 54.47
C LEU D 777 12.55 -31.01 54.48
N ARG D 778 11.70 -31.81 55.12
CA ARG D 778 11.88 -33.26 55.11
C ARG D 778 11.81 -33.80 53.68
N ARG D 779 10.86 -33.32 52.89
CA ARG D 779 10.75 -33.76 51.51
C ARG D 779 11.99 -33.34 50.71
N TYR D 780 12.48 -32.13 50.93
CA TYR D 780 13.71 -31.69 50.27
C TYR D 780 14.86 -32.64 50.59
N GLU D 781 15.04 -32.96 51.88
CA GLU D 781 16.14 -33.82 52.27
C GLU D 781 15.98 -35.22 51.67
N ALA D 782 14.76 -35.76 51.71
CA ALA D 782 14.54 -37.10 51.16
C ALA D 782 14.82 -37.13 49.66
N TYR D 783 14.35 -36.12 48.93
CA TYR D 783 14.60 -36.06 47.49
C TYR D 783 16.09 -35.92 47.20
N SER D 784 16.78 -35.07 47.96
CA SER D 784 18.22 -34.91 47.74
C SER D 784 18.97 -36.20 47.99
N GLN D 785 18.64 -36.90 49.07
CA GLN D 785 19.31 -38.17 49.36
C GLN D 785 18.98 -39.21 48.30
N GLN D 786 17.73 -39.25 47.83
CA GLN D 786 17.36 -40.19 46.79
C GLN D 786 18.14 -39.93 45.51
N MET D 787 18.26 -38.65 45.12
CA MET D 787 19.02 -38.33 43.91
C MET D 787 20.50 -38.64 44.08
N LYS D 788 21.04 -38.40 45.28
CA LYS D 788 22.42 -38.77 45.54
C LYS D 788 22.62 -40.28 45.39
N ALA D 789 21.70 -41.07 45.93
CA ALA D 789 21.79 -42.51 45.84
C ALA D 789 21.51 -42.98 44.41
N ASN E 210 -8.59 42.83 25.61
CA ASN E 210 -7.33 42.26 26.04
C ASN E 210 -7.13 42.46 27.55
N MET E 211 -7.92 41.74 28.34
CA MET E 211 -7.86 41.83 29.80
C MET E 211 -6.66 41.03 30.33
N ASN E 212 -5.48 41.45 29.91
CA ASN E 212 -4.23 40.82 30.31
C ASN E 212 -3.69 41.53 31.55
N GLU E 213 -2.43 41.24 31.91
CA GLU E 213 -1.80 41.81 33.09
C GLU E 213 -2.61 41.48 34.35
N VAL E 214 -3.06 40.23 34.44
CA VAL E 214 -3.78 39.75 35.62
C VAL E 214 -2.74 39.35 36.67
N GLY E 215 -2.82 39.98 37.84
CA GLY E 215 -1.85 39.75 38.89
C GLY E 215 -2.11 38.48 39.67
N TYR E 216 -1.26 38.25 40.67
CA TYR E 216 -1.41 37.07 41.52
C TYR E 216 -2.74 37.07 42.25
N ASP E 217 -3.36 38.24 42.42
CA ASP E 217 -4.64 38.31 43.14
C ASP E 217 -5.74 37.54 42.42
N ASP E 218 -5.56 37.21 41.15
CA ASP E 218 -6.57 36.50 40.37
C ASP E 218 -6.39 34.99 40.38
N ILE E 219 -5.66 34.46 41.36
CA ILE E 219 -5.43 33.03 41.49
C ILE E 219 -5.62 32.64 42.95
N GLY E 220 -5.97 31.37 43.16
CA GLY E 220 -6.15 30.88 44.52
C GLY E 220 -6.19 29.36 44.52
N GLY E 221 -5.89 28.81 45.70
CA GLY E 221 -5.86 27.37 45.87
C GLY E 221 -4.61 26.68 45.41
N CYS E 222 -3.60 27.43 44.95
CA CYS E 222 -2.35 26.85 44.49
C CYS E 222 -1.19 27.69 45.04
N ARG E 223 -1.25 28.01 46.33
CA ARG E 223 -0.22 28.86 46.93
C ARG E 223 1.15 28.19 46.84
N LYS E 224 1.23 26.89 47.13
CA LYS E 224 2.52 26.20 47.09
C LYS E 224 3.07 26.17 45.67
N GLN E 225 2.22 25.84 44.69
CA GLN E 225 2.69 25.79 43.31
C GLN E 225 3.12 27.17 42.81
N MET E 226 2.33 28.20 43.15
CA MET E 226 2.69 29.56 42.74
C MET E 226 4.00 29.98 43.39
N ALA E 227 4.19 29.63 44.67
CA ALA E 227 5.44 29.97 45.34
C ALA E 227 6.62 29.27 44.67
N GLN E 228 6.45 27.99 44.34
CA GLN E 228 7.52 27.27 43.65
C GLN E 228 7.86 27.94 42.32
N ILE E 229 6.83 28.28 41.54
CA ILE E 229 7.07 28.89 40.23
C ILE E 229 7.76 30.23 40.39
N ARG E 230 7.31 31.04 41.36
CA ARG E 230 7.93 32.33 41.58
C ARG E 230 9.40 32.17 41.96
N GLU E 231 9.68 31.35 42.97
CA GLU E 231 11.06 31.19 43.42
C GLU E 231 11.92 30.44 42.42
N MET E 232 11.32 29.82 41.40
CA MET E 232 12.07 29.14 40.37
C MET E 232 12.24 29.97 39.10
N VAL E 233 11.43 31.00 38.90
CA VAL E 233 11.47 31.81 37.69
C VAL E 233 12.06 33.19 37.97
N GLU E 234 11.58 33.87 39.01
CA GLU E 234 12.08 35.20 39.30
C GLU E 234 13.58 35.19 39.58
N LEU E 235 14.06 34.20 40.33
CA LEU E 235 15.48 34.14 40.67
C LEU E 235 16.35 34.00 39.43
N PRO E 236 16.09 33.08 38.49
CA PRO E 236 16.89 33.06 37.26
C PRO E 236 16.89 34.39 36.53
N LEU E 237 15.77 35.11 36.53
CA LEU E 237 15.67 36.37 35.78
C LEU E 237 16.05 37.56 36.64
N ARG E 238 15.35 37.76 37.75
CA ARG E 238 15.55 38.97 38.55
C ARG E 238 16.84 38.93 39.35
N HIS E 239 17.25 37.76 39.82
CA HIS E 239 18.41 37.62 40.70
C HIS E 239 19.33 36.52 40.18
N PRO E 240 20.06 36.77 39.08
CA PRO E 240 21.05 35.80 38.61
C PRO E 240 22.38 35.88 39.33
N GLN E 241 22.66 36.95 40.07
CA GLN E 241 23.95 37.09 40.73
C GLN E 241 24.22 35.94 41.69
N LEU E 242 23.19 35.40 42.33
CA LEU E 242 23.40 34.33 43.28
C LEU E 242 24.00 33.10 42.63
N PHE E 243 23.49 32.73 41.44
CA PHE E 243 23.97 31.52 40.79
C PHE E 243 25.44 31.65 40.40
N LYS E 244 25.82 32.80 39.86
CA LYS E 244 27.23 33.01 39.52
C LYS E 244 28.10 33.06 40.77
N ALA E 245 27.58 33.64 41.86
CA ALA E 245 28.33 33.63 43.10
C ALA E 245 28.59 32.22 43.59
N ILE E 246 27.56 31.34 43.50
CA ILE E 246 27.73 29.94 43.85
C ILE E 246 28.24 29.11 42.68
N GLY E 247 28.21 29.64 41.46
CA GLY E 247 28.79 28.96 40.33
C GLY E 247 28.02 27.76 39.84
N ILE E 248 26.82 27.98 39.31
CA ILE E 248 26.04 26.91 38.68
C ILE E 248 25.11 27.54 37.66
N LYS E 249 24.74 26.76 36.66
CA LYS E 249 23.80 27.23 35.64
C LYS E 249 22.38 27.21 36.21
N PRO E 250 21.68 28.34 36.27
CA PRO E 250 20.36 28.33 36.86
C PRO E 250 19.42 27.46 36.04
N PRO E 251 18.46 26.81 36.69
CA PRO E 251 17.46 26.04 35.93
C PRO E 251 16.58 26.96 35.09
N ARG E 252 16.18 26.45 33.93
CA ARG E 252 15.42 26.73 32.72
C ARG E 252 14.24 25.79 32.52
N GLY E 253 14.41 24.51 32.80
CA GLY E 253 13.36 23.54 32.52
C GLY E 253 12.30 23.45 33.60
N VAL E 254 11.14 24.05 33.33
CA VAL E 254 9.99 24.00 34.22
C VAL E 254 8.84 23.37 33.47
N LEU E 255 8.22 22.35 34.06
CA LEU E 255 7.11 21.62 33.43
C LEU E 255 5.98 21.53 34.46
N MET E 256 4.94 22.33 34.27
CA MET E 256 3.77 22.30 35.13
C MET E 256 2.65 21.53 34.43
N TYR E 257 2.10 20.53 35.11
CA TYR E 257 1.07 19.69 34.52
C TYR E 257 -0.08 19.53 35.49
N GLY E 258 -1.27 19.29 34.94
CA GLY E 258 -2.45 19.10 35.74
C GLY E 258 -3.65 18.70 34.90
N PRO E 259 -4.78 18.44 35.56
CA PRO E 259 -5.97 18.05 34.82
C PRO E 259 -6.44 19.18 33.92
N PRO E 260 -7.13 18.86 32.83
CA PRO E 260 -7.53 19.90 31.88
C PRO E 260 -8.41 20.96 32.55
N GLY E 261 -8.24 22.19 32.10
CA GLY E 261 -9.04 23.29 32.63
C GLY E 261 -8.74 23.60 34.09
N THR E 262 -7.49 23.50 34.50
CA THR E 262 -7.09 23.76 35.87
C THR E 262 -6.41 25.12 36.05
N GLY E 263 -6.48 25.98 35.05
CA GLY E 263 -5.91 27.32 35.17
C GLY E 263 -4.43 27.42 34.89
N LYS E 264 -3.82 26.37 34.32
CA LYS E 264 -2.38 26.41 34.07
C LYS E 264 -2.00 27.62 33.23
N THR E 265 -2.69 27.82 32.11
CA THR E 265 -2.37 28.96 31.26
C THR E 265 -2.58 30.27 31.99
N LEU E 266 -3.65 30.36 32.78
CA LEU E 266 -3.91 31.60 33.51
C LEU E 266 -2.79 31.89 34.50
N MET E 267 -2.35 30.88 35.24
CA MET E 267 -1.27 31.12 36.20
C MET E 267 0.02 31.50 35.50
N ALA E 268 0.34 30.85 34.38
CA ALA E 268 1.55 31.20 33.64
C ALA E 268 1.48 32.64 33.16
N ARG E 269 0.33 33.04 32.60
CA ARG E 269 0.16 34.42 32.15
C ARG E 269 0.31 35.39 33.31
N ALA E 270 -0.30 35.07 34.46
CA ALA E 270 -0.24 35.98 35.59
C ALA E 270 1.18 36.16 36.08
N VAL E 271 1.91 35.06 36.25
CA VAL E 271 3.29 35.17 36.74
C VAL E 271 4.14 35.93 35.74
N ALA E 272 3.98 35.64 34.44
CA ALA E 272 4.78 36.34 33.44
C ALA E 272 4.50 37.84 33.47
N ASN E 273 3.22 38.22 33.56
CA ASN E 273 2.88 39.64 33.57
C ASN E 273 3.39 40.33 34.82
N GLU E 274 3.26 39.68 35.98
CA GLU E 274 3.72 40.30 37.23
C GLU E 274 5.23 40.44 37.24
N THR E 275 5.95 39.49 36.65
CA THR E 275 7.40 39.61 36.57
C THR E 275 7.79 40.83 35.76
N GLY E 276 7.09 41.11 34.68
CA GLY E 276 7.39 42.24 33.82
C GLY E 276 8.38 41.89 32.73
N ALA E 277 8.18 40.74 32.10
CA ALA E 277 9.08 40.25 31.06
C ALA E 277 8.30 39.95 29.80
N PHE E 278 8.96 40.11 28.66
CA PHE E 278 8.34 39.84 27.37
C PHE E 278 7.86 38.39 27.31
N PHE E 279 6.54 38.21 27.24
CA PHE E 279 5.93 36.89 27.23
C PHE E 279 5.75 36.41 25.79
N PHE E 280 5.74 35.09 25.61
CA PHE E 280 5.50 34.47 24.33
C PHE E 280 4.67 33.22 24.54
N LEU E 281 3.98 32.78 23.50
CA LEU E 281 3.15 31.58 23.59
C LEU E 281 3.27 30.78 22.29
N ILE E 282 3.42 29.47 22.44
CA ILE E 282 3.54 28.56 21.31
C ILE E 282 2.56 27.40 21.57
N ASN E 283 1.34 27.53 21.06
CA ASN E 283 0.34 26.49 21.26
C ASN E 283 0.76 25.22 20.52
N GLY E 284 -0.04 24.17 20.70
CA GLY E 284 0.18 22.93 20.01
C GLY E 284 -0.48 22.94 18.64
N PRO E 285 -1.79 23.19 18.61
CA PRO E 285 -2.49 23.24 17.31
C PRO E 285 -1.92 24.26 16.35
N GLU E 286 -1.51 25.43 16.86
CA GLU E 286 -0.98 26.46 15.97
C GLU E 286 0.28 25.98 15.26
N VAL E 287 1.04 25.08 15.88
CA VAL E 287 2.24 24.56 15.24
C VAL E 287 1.94 23.31 14.43
N MET E 288 0.93 22.53 14.80
CA MET E 288 0.59 21.32 14.08
C MET E 288 -0.26 21.58 12.84
N SER E 289 -0.84 22.78 12.71
CA SER E 289 -1.68 23.07 11.55
C SER E 289 -0.86 23.37 10.31
N LYS E 290 0.43 23.68 10.45
CA LYS E 290 1.28 24.03 9.32
C LYS E 290 2.41 23.04 9.10
N MET E 291 3.21 22.76 10.13
CA MET E 291 4.30 21.80 10.02
C MET E 291 5.19 22.13 8.83
N ALA E 292 5.64 21.11 8.09
CA ALA E 292 6.44 21.32 6.89
C ALA E 292 7.67 22.18 7.19
N GLY E 293 7.73 23.38 6.62
CA GLY E 293 8.89 24.23 6.79
C GLY E 293 8.78 25.18 7.96
N GLU E 294 7.57 25.38 8.48
CA GLU E 294 7.36 26.28 9.60
C GLU E 294 7.76 25.66 10.93
N SER E 295 7.93 24.34 10.99
CA SER E 295 8.22 23.68 12.26
C SER E 295 9.45 24.27 12.91
N GLU E 296 10.56 24.35 12.17
CA GLU E 296 11.79 24.87 12.75
C GLU E 296 11.81 26.40 12.71
N SER E 297 11.23 27.01 11.69
CA SER E 297 11.27 28.46 11.56
C SER E 297 10.56 29.13 12.73
N ASN E 298 9.38 28.63 13.09
CA ASN E 298 8.62 29.24 14.19
C ASN E 298 9.40 29.15 15.49
N LEU E 299 9.96 27.99 15.79
CA LEU E 299 10.72 27.82 17.02
C LEU E 299 11.95 28.72 17.03
N ARG E 300 12.68 28.77 15.92
CA ARG E 300 13.90 29.58 15.88
C ARG E 300 13.57 31.06 16.07
N LYS E 301 12.55 31.55 15.38
CA LYS E 301 12.20 32.95 15.51
C LYS E 301 11.72 33.27 16.92
N ALA E 302 10.92 32.37 17.51
CA ALA E 302 10.45 32.60 18.87
C ALA E 302 11.61 32.67 19.85
N PHE E 303 12.54 31.72 19.75
CA PHE E 303 13.69 31.71 20.66
C PHE E 303 14.55 32.94 20.46
N GLU E 304 14.78 33.35 19.21
CA GLU E 304 15.58 34.54 18.97
C GLU E 304 14.91 35.78 19.54
N GLU E 305 13.60 35.91 19.33
CA GLU E 305 12.88 37.06 19.86
C GLU E 305 12.95 37.09 21.38
N ALA E 306 12.77 35.95 22.02
CA ALA E 306 12.88 35.91 23.48
C ALA E 306 14.27 36.29 23.94
N GLU E 307 15.30 35.78 23.26
CA GLU E 307 16.67 36.06 23.67
C GLU E 307 16.97 37.56 23.56
N LYS E 308 16.59 38.18 22.43
CA LYS E 308 16.92 39.59 22.24
C LYS E 308 16.14 40.56 23.11
N ASN E 309 15.12 40.09 23.82
CA ASN E 309 14.35 40.94 24.73
C ASN E 309 14.41 40.40 26.16
N ALA E 310 15.51 39.74 26.51
CA ALA E 310 15.63 39.14 27.82
C ALA E 310 15.57 40.22 28.90
N PRO E 311 14.80 40.03 29.98
CA PRO E 311 13.98 38.83 30.25
C PRO E 311 12.72 38.44 29.47
N ALA E 312 12.49 37.14 29.31
CA ALA E 312 11.32 36.65 28.58
C ALA E 312 11.03 35.23 29.03
N ILE E 313 9.79 34.81 28.79
CA ILE E 313 9.31 33.49 29.16
C ILE E 313 8.63 32.86 27.95
N ILE E 314 8.97 31.60 27.67
CA ILE E 314 8.33 30.83 26.62
C ILE E 314 7.37 29.84 27.30
N PHE E 315 6.12 29.84 26.86
CA PHE E 315 5.07 29.04 27.48
C PHE E 315 4.43 28.15 26.43
N ILE E 316 5.01 26.97 26.22
CA ILE E 316 4.40 25.99 25.35
C ILE E 316 3.12 25.46 25.98
N ASP E 317 2.25 24.89 25.14
CA ASP E 317 1.02 24.27 25.61
C ASP E 317 0.82 22.94 24.90
N GLU E 318 0.24 21.98 25.62
CA GLU E 318 -0.03 20.65 25.09
C GLU E 318 1.24 20.06 24.48
N ILE E 319 2.36 20.20 25.20
CA ILE E 319 3.64 19.71 24.72
C ILE E 319 3.58 18.22 24.37
N ASP E 320 2.61 17.50 24.93
CA ASP E 320 2.48 16.08 24.61
C ASP E 320 2.24 15.86 23.12
N SER E 321 1.36 16.67 22.52
CA SER E 321 1.06 16.50 21.11
C SER E 321 2.30 16.65 20.25
N ILE E 322 3.29 17.41 20.70
CA ILE E 322 4.50 17.66 19.93
C ILE E 322 5.67 16.81 20.44
N ALA E 323 5.43 15.93 21.40
CA ALA E 323 6.46 15.02 21.88
C ALA E 323 5.82 13.80 22.53
N PRO E 324 5.07 13.00 21.79
CA PRO E 324 4.39 11.85 22.40
C PRO E 324 5.39 10.87 22.99
N LYS E 325 4.98 10.22 24.08
CA LYS E 325 5.81 9.18 24.68
C LYS E 325 6.07 8.08 23.64
N ARG E 326 7.33 7.71 23.51
CA ARG E 326 7.71 6.77 22.46
C ARG E 326 7.27 5.33 22.71
N ASP E 327 6.88 4.66 21.63
CA ASP E 327 6.42 3.28 21.67
C ASP E 327 6.53 2.65 20.28
N LYS E 328 5.86 1.51 20.09
CA LYS E 328 5.73 0.97 18.74
C LYS E 328 4.98 1.95 17.84
N THR E 329 3.97 2.63 18.38
CA THR E 329 3.23 3.65 17.64
C THR E 329 3.97 4.98 17.76
N ASN E 330 5.13 5.03 17.11
CA ASN E 330 6.01 6.18 17.15
C ASN E 330 6.01 6.88 15.78
N GLY E 331 5.82 8.19 15.80
CA GLY E 331 5.86 8.99 14.60
C GLY E 331 7.26 9.39 14.22
N GLU E 332 7.35 10.32 13.26
CA GLU E 332 8.64 10.80 12.79
C GLU E 332 8.70 12.32 12.84
N VAL E 333 7.56 12.98 12.61
CA VAL E 333 7.53 14.43 12.56
C VAL E 333 7.98 15.04 13.88
N GLU E 334 7.60 14.41 14.99
CA GLU E 334 7.85 15.02 16.30
C GLU E 334 9.35 15.19 16.55
N ARG E 335 10.13 14.15 16.27
CA ARG E 335 11.52 13.72 16.37
C ARG E 335 12.48 14.84 15.98
N ARG E 336 12.11 15.62 14.96
CA ARG E 336 12.95 16.73 14.55
C ARG E 336 12.66 17.97 15.40
N VAL E 337 11.38 18.28 15.59
CA VAL E 337 11.00 19.48 16.34
C VAL E 337 11.53 19.42 17.75
N VAL E 338 11.35 18.26 18.41
CA VAL E 338 11.74 17.91 19.77
C VAL E 338 13.24 18.10 19.97
N SER E 339 14.04 17.54 19.06
CA SER E 339 15.49 17.56 18.93
C SER E 339 16.00 18.99 18.82
N GLN E 340 15.42 19.77 17.90
CA GLN E 340 15.65 21.18 17.60
C GLN E 340 15.41 22.04 18.84
N LEU E 341 14.29 21.81 19.53
CA LEU E 341 13.82 22.41 20.77
C LEU E 341 14.83 22.19 21.89
N LEU E 342 15.27 20.93 22.08
CA LEU E 342 16.24 20.42 23.03
C LEU E 342 17.59 21.10 22.84
N THR E 343 18.09 21.16 21.61
CA THR E 343 19.30 21.81 21.13
C THR E 343 19.27 23.30 21.42
N LEU E 344 18.15 23.95 21.12
CA LEU E 344 18.02 25.37 21.44
C LEU E 344 18.07 25.61 22.94
N MET E 345 17.34 24.81 23.71
CA MET E 345 17.33 24.99 25.15
C MET E 345 18.73 24.80 25.73
N ASP E 346 19.45 23.78 25.27
CA ASP E 346 20.82 23.59 25.73
C ASP E 346 21.70 24.76 25.32
N GLY E 347 21.49 25.30 24.12
CA GLY E 347 22.35 26.34 23.60
C GLY E 347 22.20 27.68 24.28
N MET E 348 21.06 27.93 24.92
CA MET E 348 20.85 29.22 25.57
C MET E 348 21.92 29.47 26.61
N LYS E 349 22.52 30.65 26.57
CA LYS E 349 23.57 31.00 27.52
C LYS E 349 23.04 31.37 28.90
N ALA E 350 23.93 31.27 29.90
CA ALA E 350 23.53 31.53 31.27
C ALA E 350 23.03 32.96 31.44
N ARG E 351 23.74 33.92 30.84
CA ARG E 351 23.34 35.32 30.97
C ARG E 351 21.99 35.62 30.33
N SER E 352 21.56 34.80 29.36
CA SER E 352 20.28 35.02 28.71
C SER E 352 19.16 34.67 29.67
N ASN E 353 18.41 35.67 30.12
CA ASN E 353 17.30 35.48 31.05
C ASN E 353 16.06 35.10 30.24
N VAL E 354 15.90 33.80 30.02
CA VAL E 354 14.90 33.00 29.31
C VAL E 354 14.54 31.79 30.17
N VAL E 355 13.25 31.52 30.27
CA VAL E 355 12.74 30.34 30.98
C VAL E 355 11.64 29.72 30.14
N VAL E 356 11.66 28.39 30.04
CA VAL E 356 10.73 27.65 29.21
C VAL E 356 9.75 26.92 30.12
N ILE E 357 8.46 27.11 29.87
CA ILE E 357 7.40 26.49 30.66
C ILE E 357 6.54 25.65 29.75
N ALA E 358 6.35 24.39 30.11
CA ALA E 358 5.51 23.46 29.36
C ALA E 358 4.18 23.26 30.08
N ALA E 359 3.29 22.52 29.44
CA ALA E 359 1.99 22.22 30.03
C ALA E 359 1.40 21.03 29.31
N THR E 360 1.25 19.92 30.02
CA THR E 360 0.66 18.71 29.47
C THR E 360 -0.32 18.13 30.48
N ASN E 361 -1.44 17.62 29.97
CA ASN E 361 -2.46 17.07 30.87
C ASN E 361 -1.93 15.87 31.64
N ARG E 362 -1.22 14.98 30.96
CA ARG E 362 -0.70 13.76 31.57
C ARG E 362 0.81 13.84 31.69
N PRO E 363 1.38 13.89 32.90
CA PRO E 363 2.85 13.96 32.99
C PRO E 363 3.53 12.77 32.34
N ASN E 364 2.95 11.57 32.45
CA ASN E 364 3.52 10.38 31.84
C ASN E 364 2.96 10.14 30.45
N SER E 365 3.03 11.17 29.61
CA SER E 365 2.62 11.06 28.21
C SER E 365 3.60 11.76 27.28
N ILE E 366 4.85 11.97 27.72
CA ILE E 366 5.85 12.67 26.94
C ILE E 366 7.15 11.87 26.98
N ASP E 367 8.00 12.11 26.00
CA ASP E 367 9.27 11.41 25.93
C ASP E 367 10.08 11.70 27.19
N PRO E 368 10.56 10.68 27.91
CA PRO E 368 11.31 10.95 29.15
C PRO E 368 12.63 11.67 28.91
N ALA E 369 12.93 11.99 27.65
CA ALA E 369 14.04 12.73 27.06
C ALA E 369 14.04 14.19 27.51
N LEU E 370 12.87 14.74 27.83
CA LEU E 370 12.74 16.14 28.18
C LEU E 370 13.04 16.43 29.65
N ARG E 371 13.13 15.41 30.49
CA ARG E 371 13.38 15.14 31.91
C ARG E 371 14.85 14.92 32.23
N ARG E 372 15.71 14.83 31.23
CA ARG E 372 17.14 14.75 31.49
C ARG E 372 17.67 16.10 31.95
N PHE E 373 18.81 16.06 32.64
CA PHE E 373 19.43 17.29 33.11
C PHE E 373 19.69 18.24 31.94
N GLY E 374 19.39 19.52 32.16
CA GLY E 374 19.49 20.52 31.12
C GLY E 374 18.25 20.69 30.28
N ARG E 375 17.14 20.04 30.64
CA ARG E 375 15.90 20.12 29.90
C ARG E 375 14.77 20.30 30.93
N PHE E 376 13.54 20.05 30.53
CA PHE E 376 12.41 20.20 31.44
C PHE E 376 12.53 19.15 32.52
N ASP E 377 13.06 19.54 33.67
CA ASP E 377 13.24 18.66 34.80
C ASP E 377 12.53 19.11 36.05
N ARG E 378 12.41 20.42 36.29
CA ARG E 378 11.68 20.92 37.46
C ARG E 378 10.20 20.70 37.19
N GLU E 379 9.64 19.64 37.75
CA GLU E 379 8.26 19.25 37.50
C GLU E 379 7.37 19.78 38.61
N VAL E 380 6.24 20.36 38.24
CA VAL E 380 5.25 20.89 39.17
C VAL E 380 3.91 20.29 38.82
N ASP E 381 3.17 19.90 39.85
CA ASP E 381 1.87 19.25 39.69
C ASP E 381 0.80 20.11 40.33
N ILE E 382 -0.33 20.22 39.64
CA ILE E 382 -1.50 20.95 40.13
C ILE E 382 -2.67 19.98 40.19
N GLY E 383 -3.30 19.89 41.36
CA GLY E 383 -4.39 18.96 41.58
C GLY E 383 -5.71 19.68 41.84
N ILE E 384 -6.72 18.87 42.14
CA ILE E 384 -8.05 19.42 42.39
C ILE E 384 -7.98 20.32 43.63
N PRO E 385 -8.54 21.53 43.60
CA PRO E 385 -8.50 22.37 44.80
C PRO E 385 -9.35 21.79 45.92
N ASP E 386 -8.99 22.14 47.14
CA ASP E 386 -9.74 21.72 48.32
C ASP E 386 -10.93 22.65 48.52
N ALA E 387 -11.59 22.53 49.68
CA ALA E 387 -12.71 23.41 49.96
C ALA E 387 -12.27 24.86 50.01
N THR E 388 -11.12 25.13 50.65
CA THR E 388 -10.61 26.49 50.71
C THR E 388 -10.29 27.01 49.30
N GLY E 389 -9.69 26.16 48.47
CA GLY E 389 -9.40 26.58 47.10
C GLY E 389 -10.65 26.91 46.32
N ARG E 390 -11.69 26.07 46.46
CA ARG E 390 -12.95 26.34 45.77
C ARG E 390 -13.59 27.63 46.26
N LEU E 391 -13.54 27.87 47.56
CA LEU E 391 -14.07 29.13 48.09
C LEU E 391 -13.30 30.31 47.52
N GLU E 392 -11.98 30.21 47.46
CA GLU E 392 -11.19 31.31 46.90
C GLU E 392 -11.52 31.54 45.44
N VAL E 393 -11.68 30.46 44.67
CA VAL E 393 -12.03 30.61 43.26
C VAL E 393 -13.37 31.29 43.12
N LEU E 394 -14.36 30.87 43.92
CA LEU E 394 -15.67 31.50 43.85
C LEU E 394 -15.60 32.97 44.20
N ARG E 395 -14.83 33.33 45.23
CA ARG E 395 -14.69 34.73 45.60
C ARG E 395 -14.04 35.52 44.48
N ILE E 396 -13.02 34.95 43.84
CA ILE E 396 -12.36 35.63 42.73
C ILE E 396 -13.35 35.88 41.61
N HIS E 397 -14.07 34.84 41.18
CA HIS E 397 -15.05 35.00 40.11
C HIS E 397 -16.19 35.90 40.55
N THR E 398 -16.66 35.75 41.78
CA THR E 398 -17.81 36.50 42.28
C THR E 398 -17.34 37.88 42.74
N LYS E 399 -17.18 38.78 41.77
CA LYS E 399 -16.79 40.15 42.06
C LYS E 399 -17.60 41.20 41.31
N ASN E 400 -18.36 40.81 40.28
CA ASN E 400 -19.09 41.76 39.45
C ASN E 400 -20.60 41.56 39.47
N MET E 401 -21.09 40.34 39.58
CA MET E 401 -22.52 40.10 39.54
C MET E 401 -23.20 40.81 40.70
N LYS E 402 -24.40 41.33 40.43
CA LYS E 402 -25.17 42.03 41.45
C LYS E 402 -25.74 41.02 42.44
N LEU E 403 -24.85 40.37 43.19
CA LEU E 403 -25.25 39.27 44.06
C LEU E 403 -26.24 39.75 45.11
N ALA E 404 -27.28 38.95 45.33
CA ALA E 404 -28.20 39.22 46.42
C ALA E 404 -27.53 38.91 47.77
N ASP E 405 -28.05 39.55 48.81
CA ASP E 405 -27.45 39.40 50.14
C ASP E 405 -27.44 37.95 50.60
N ASP E 406 -28.30 37.10 50.06
CA ASP E 406 -28.36 35.69 50.45
C ASP E 406 -27.31 34.93 49.65
N VAL E 407 -26.09 34.94 50.16
CA VAL E 407 -24.96 34.22 49.57
C VAL E 407 -24.31 33.39 50.67
N ASP E 408 -24.08 32.11 50.39
CA ASP E 408 -23.46 31.16 51.31
C ASP E 408 -22.30 30.46 50.64
N LEU E 409 -21.42 31.25 50.01
CA LEU E 409 -20.28 30.74 49.27
C LEU E 409 -19.57 29.62 50.02
N GLU E 410 -19.53 29.71 51.36
CA GLU E 410 -18.90 28.65 52.13
C GLU E 410 -19.61 27.32 51.91
N ALA E 411 -20.95 27.32 51.93
CA ALA E 411 -21.68 26.09 51.71
C ALA E 411 -21.42 25.54 50.31
N LEU E 412 -21.42 26.42 49.30
CA LEU E 412 -21.16 25.97 47.95
C LEU E 412 -19.78 25.33 47.85
N ALA E 413 -18.77 25.97 48.44
CA ALA E 413 -17.43 25.41 48.41
C ALA E 413 -17.39 24.05 49.12
N ALA E 414 -18.07 23.94 50.25
CA ALA E 414 -18.08 22.69 50.99
C ALA E 414 -18.70 21.56 50.16
N GLU E 415 -19.85 21.84 49.53
CA GLU E 415 -20.54 20.80 48.78
C GLU E 415 -19.87 20.52 47.44
N THR E 416 -19.38 21.55 46.77
CA THR E 416 -18.73 21.38 45.47
C THR E 416 -17.47 20.55 45.65
N HIS E 417 -17.51 19.30 45.20
CA HIS E 417 -16.38 18.39 45.27
C HIS E 417 -16.04 17.89 43.87
N GLY E 418 -14.74 17.85 43.56
CA GLY E 418 -14.32 17.40 42.26
C GLY E 418 -14.53 18.40 41.15
N TYR E 419 -14.66 19.69 41.48
CA TYR E 419 -14.80 20.75 40.49
C TYR E 419 -13.49 21.48 40.32
N VAL E 420 -13.01 21.53 39.08
CA VAL E 420 -11.83 22.33 38.74
C VAL E 420 -12.28 23.77 38.53
N GLY E 421 -11.33 24.70 38.46
CA GLY E 421 -11.69 26.10 38.36
C GLY E 421 -12.58 26.40 37.17
N ALA E 422 -12.31 25.76 36.03
CA ALA E 422 -13.13 25.98 34.85
C ALA E 422 -14.57 25.57 35.12
N ASP E 423 -14.77 24.46 35.81
CA ASP E 423 -16.13 24.04 36.15
C ASP E 423 -16.82 25.08 37.03
N ILE E 424 -16.09 25.67 37.97
CA ILE E 424 -16.69 26.69 38.82
C ILE E 424 -17.07 27.92 38.01
N ALA E 425 -16.22 28.32 37.05
CA ALA E 425 -16.58 29.44 36.20
C ALA E 425 -17.83 29.14 35.39
N SER E 426 -17.90 27.94 34.82
CA SER E 426 -19.09 27.55 34.07
C SER E 426 -20.33 27.54 34.97
N LEU E 427 -20.16 27.10 36.21
CA LEU E 427 -21.27 27.10 37.16
C LEU E 427 -21.76 28.51 37.43
N CYS E 428 -20.83 29.45 37.60
CA CYS E 428 -21.23 30.85 37.79
C CYS E 428 -21.99 31.35 36.57
N SER E 429 -21.50 31.03 35.37
CA SER E 429 -22.21 31.44 34.16
C SER E 429 -23.62 30.85 34.12
N GLU E 430 -23.74 29.57 34.48
CA GLU E 430 -25.06 28.94 34.46
C GLU E 430 -25.99 29.57 35.48
N ALA E 431 -25.47 29.91 36.66
CA ALA E 431 -26.30 30.57 37.67
C ALA E 431 -26.79 31.92 37.17
N ALA E 432 -25.92 32.69 36.54
CA ALA E 432 -26.34 33.97 35.98
C ALA E 432 -27.40 33.75 34.90
N MET E 433 -27.20 32.73 34.06
CA MET E 433 -28.19 32.42 33.03
C MET E 433 -29.53 32.07 33.65
N GLN E 434 -29.53 31.30 34.73
CA GLN E 434 -30.77 30.94 35.40
C GLN E 434 -31.46 32.16 35.98
N GLN E 435 -30.69 33.07 36.58
CA GLN E 435 -31.28 34.28 37.14
C GLN E 435 -31.93 35.12 36.05
N ILE E 436 -31.23 35.30 34.92
CA ILE E 436 -31.81 36.10 33.85
C ILE E 436 -33.01 35.39 33.23
N ARG E 437 -32.99 34.06 33.18
CA ARG E 437 -34.17 33.32 32.73
C ARG E 437 -35.35 33.59 33.63
N GLU E 438 -35.13 33.57 34.96
CA GLU E 438 -36.21 33.88 35.89
C GLU E 438 -36.73 35.28 35.68
N LYS E 439 -35.84 36.24 35.44
CA LYS E 439 -36.21 37.64 35.30
C LYS E 439 -36.65 38.02 33.89
N MET E 440 -36.65 37.08 32.94
CA MET E 440 -36.98 37.42 31.55
C MET E 440 -38.37 38.01 31.44
N ASP E 441 -39.30 37.59 32.29
CA ASP E 441 -40.70 38.00 32.12
C ASP E 441 -40.85 39.51 32.21
N LEU E 442 -40.19 40.14 33.17
CA LEU E 442 -40.28 41.58 33.32
C LEU E 442 -39.55 42.33 32.21
N ILE E 443 -38.70 41.64 31.45
CA ILE E 443 -37.95 42.28 30.37
C ILE E 443 -38.83 42.37 29.13
N ILE E 450 -33.99 48.03 27.10
CA ILE E 450 -34.43 47.39 28.33
C ILE E 450 -34.46 48.41 29.46
N ASP E 451 -35.53 48.38 30.25
CA ASP E 451 -35.65 49.30 31.37
C ASP E 451 -34.59 48.98 32.43
N ALA E 452 -33.97 50.03 32.97
CA ALA E 452 -32.93 49.85 33.98
C ALA E 452 -33.48 49.28 35.27
N GLU E 453 -34.78 49.43 35.54
CA GLU E 453 -35.34 48.93 36.79
C GLU E 453 -35.19 47.42 36.89
N VAL E 454 -35.47 46.71 35.79
CA VAL E 454 -35.28 45.25 35.79
C VAL E 454 -33.82 44.91 36.01
N LEU E 455 -32.92 45.63 35.33
CA LEU E 455 -31.50 45.39 35.52
C LEU E 455 -31.11 45.55 36.99
N ASP E 456 -31.73 46.51 37.68
CA ASP E 456 -31.45 46.70 39.09
C ASP E 456 -31.84 45.47 39.90
N SER E 457 -32.98 44.87 39.58
CA SER E 457 -33.44 43.69 40.31
C SER E 457 -32.62 42.45 40.02
N LEU E 458 -31.77 42.48 38.99
CA LEU E 458 -30.96 41.30 38.67
C LEU E 458 -30.03 40.97 39.82
N GLY E 459 -29.97 39.69 40.17
CA GLY E 459 -29.13 39.23 41.25
C GLY E 459 -29.25 37.75 41.50
N VAL E 460 -28.12 37.09 41.72
CA VAL E 460 -28.12 35.65 41.93
C VAL E 460 -28.48 35.34 43.39
N THR E 461 -29.13 34.20 43.60
CA THR E 461 -29.56 33.75 44.91
C THR E 461 -29.18 32.30 45.09
N MET E 462 -29.27 31.83 46.34
CA MET E 462 -28.88 30.46 46.65
C MET E 462 -29.65 29.46 45.79
N ASP E 463 -30.90 29.76 45.46
CA ASP E 463 -31.67 28.85 44.62
C ASP E 463 -31.05 28.72 43.24
N ASN E 464 -30.54 29.84 42.70
CA ASN E 464 -29.89 29.79 41.39
C ASN E 464 -28.66 28.90 41.43
N PHE E 465 -27.85 29.02 42.48
CA PHE E 465 -26.67 28.16 42.59
C PHE E 465 -27.07 26.70 42.77
N ARG E 466 -28.13 26.44 43.52
CA ARG E 466 -28.61 25.06 43.64
C ARG E 466 -29.03 24.51 42.29
N PHE E 467 -29.73 25.31 41.49
CA PHE E 467 -30.11 24.87 40.16
C PHE E 467 -28.89 24.60 39.29
N ALA E 468 -27.91 25.50 39.33
CA ALA E 468 -26.70 25.30 38.54
C ALA E 468 -25.98 24.03 38.95
N LEU E 469 -25.88 23.78 40.25
CA LEU E 469 -25.28 22.54 40.72
C LEU E 469 -26.05 21.33 40.21
N GLY E 470 -27.39 21.40 40.26
CA GLY E 470 -28.19 20.32 39.74
C GLY E 470 -28.06 20.12 38.24
N ASN E 471 -27.61 21.15 37.53
CA ASN E 471 -27.45 21.09 36.07
C ASN E 471 -26.01 21.30 35.66
N SER E 472 -25.07 20.69 36.41
CA SER E 472 -23.67 20.74 36.06
C SER E 472 -22.98 19.54 36.68
N ASN E 473 -21.91 19.08 36.03
CA ASN E 473 -21.20 17.88 36.42
C ASN E 473 -19.70 18.14 36.40
N PRO E 474 -18.93 17.38 37.17
CA PRO E 474 -17.47 17.54 37.14
C PRO E 474 -16.86 16.94 35.87
N SER E 475 -15.55 17.10 35.69
CA SER E 475 -14.90 16.62 34.48
C SER E 475 -13.54 15.98 34.74
N ALA E 476 -13.13 15.80 36.00
CA ALA E 476 -11.78 15.34 36.28
C ALA E 476 -11.74 14.18 37.26
N LEU E 477 -12.69 14.13 38.19
CA LEU E 477 -12.60 13.15 39.29
C LEU E 477 -12.67 11.71 38.80
N ARG E 478 -13.17 11.48 37.58
CA ARG E 478 -13.35 10.10 37.13
C ARG E 478 -12.02 9.37 36.95
N GLU E 479 -10.94 10.07 36.67
CA GLU E 479 -9.64 9.46 36.48
C GLU E 479 -8.80 9.59 37.75
N THR E 480 -7.67 8.90 37.76
CA THR E 480 -6.75 8.95 38.88
C THR E 480 -6.29 10.38 39.12
N VAL E 481 -6.65 10.96 40.26
CA VAL E 481 -6.31 12.33 40.59
C VAL E 481 -5.82 12.38 42.03
N VAL E 482 -5.11 13.46 42.35
CA VAL E 482 -4.52 13.67 43.66
C VAL E 482 -5.25 14.82 44.34
N GLU E 483 -5.73 14.59 45.56
CA GLU E 483 -6.45 15.60 46.31
C GLU E 483 -6.11 15.46 47.79
N SER E 484 -6.34 16.54 48.53
CA SER E 484 -6.07 16.56 49.95
C SER E 484 -7.16 15.82 50.72
N VAL E 485 -6.82 15.46 51.96
CA VAL E 485 -7.74 14.74 52.84
C VAL E 485 -7.74 15.41 54.21
N ASN E 486 -8.82 15.18 54.95
CA ASN E 486 -9.01 15.80 56.26
C ASN E 486 -9.60 14.82 57.26
N VAL E 487 -9.29 13.54 57.13
CA VAL E 487 -9.80 12.52 58.05
C VAL E 487 -8.88 12.43 59.26
N THR E 488 -9.46 12.11 60.41
CA THR E 488 -8.73 12.02 61.67
C THR E 488 -9.12 10.73 62.39
N TRP E 489 -8.29 10.35 63.37
CA TRP E 489 -8.55 9.14 64.12
C TRP E 489 -9.88 9.21 64.86
N ASP E 490 -10.34 10.42 65.18
CA ASP E 490 -11.56 10.57 65.97
C ASP E 490 -12.77 9.99 65.25
N ASP E 491 -12.79 10.07 63.92
CA ASP E 491 -13.95 9.57 63.17
C ASP E 491 -14.12 8.08 63.38
N VAL E 492 -13.03 7.32 63.37
CA VAL E 492 -13.07 5.87 63.54
C VAL E 492 -12.85 5.54 65.00
N GLY E 493 -13.71 4.68 65.55
CA GLY E 493 -13.62 4.26 66.93
C GLY E 493 -13.29 2.78 67.04
N GLY E 494 -12.56 2.43 68.10
CA GLY E 494 -12.22 1.05 68.36
C GLY E 494 -10.89 0.65 67.72
N LEU E 495 -10.37 -0.49 68.20
CA LEU E 495 -9.11 -1.03 67.71
C LEU E 495 -7.97 -0.02 67.86
N ASP E 496 -7.91 0.60 69.05
CA ASP E 496 -6.87 1.60 69.30
C ASP E 496 -5.48 0.99 69.21
N GLU E 497 -5.34 -0.29 69.54
CA GLU E 497 -4.03 -0.94 69.44
C GLU E 497 -3.55 -0.96 68.00
N ILE E 498 -4.45 -1.25 67.06
CA ILE E 498 -4.09 -1.22 65.64
C ILE E 498 -3.67 0.20 65.25
N LYS E 499 -4.37 1.20 65.77
CA LYS E 499 -3.99 2.59 65.47
C LYS E 499 -2.59 2.89 65.97
N GLU E 500 -2.28 2.46 67.20
CA GLU E 500 -0.94 2.71 67.74
C GLU E 500 0.12 1.98 66.93
N GLU E 501 -0.15 0.74 66.53
CA GLU E 501 0.80 0.00 65.72
C GLU E 501 1.04 0.70 64.39
N LEU E 502 -0.03 1.16 63.74
CA LEU E 502 0.13 1.85 62.47
C LEU E 502 0.88 3.16 62.64
N LYS E 503 0.61 3.88 63.74
CA LYS E 503 1.38 5.09 64.03
C LYS E 503 2.86 4.77 64.14
N GLU E 504 3.20 3.78 64.98
CA GLU E 504 4.60 3.39 65.11
C GLU E 504 5.18 2.96 63.78
N THR E 505 4.36 2.41 62.89
CA THR E 505 4.85 1.95 61.60
C THR E 505 5.19 3.12 60.68
N VAL E 506 4.32 4.12 60.61
CA VAL E 506 4.41 5.18 59.58
C VAL E 506 4.94 6.48 60.16
N GLU E 507 4.30 7.01 61.20
CA GLU E 507 4.63 8.36 61.68
C GLU E 507 6.00 8.41 62.32
N TYR E 508 6.33 7.43 63.16
CA TYR E 508 7.59 7.46 63.90
C TYR E 508 8.80 7.65 62.98
N PRO E 509 8.94 6.93 61.87
CA PRO E 509 9.98 7.30 60.89
C PRO E 509 9.82 8.72 60.38
N VAL E 510 8.59 9.17 60.16
CA VAL E 510 8.37 10.53 59.66
C VAL E 510 8.69 11.56 60.74
N LEU E 511 8.22 11.33 61.97
CA LEU E 511 8.55 12.23 63.07
C LEU E 511 10.03 12.24 63.43
N HIS E 512 10.66 11.07 63.43
CA HIS E 512 12.09 10.93 63.75
C HIS E 512 12.85 10.07 62.75
N PRO E 513 12.96 10.51 61.50
CA PRO E 513 13.69 9.72 60.50
C PRO E 513 15.14 9.50 60.85
N ASP E 514 15.78 10.47 61.52
CA ASP E 514 17.19 10.32 61.87
C ASP E 514 17.40 9.12 62.78
N GLN E 515 16.57 8.98 63.82
CA GLN E 515 16.67 7.82 64.71
C GLN E 515 16.39 6.54 63.95
N TYR E 516 15.37 6.55 63.09
CA TYR E 516 15.00 5.34 62.37
C TYR E 516 16.14 4.86 61.48
N THR E 517 16.81 5.78 60.78
CA THR E 517 17.93 5.39 59.94
C THR E 517 19.15 5.02 60.78
N LYS E 518 19.34 5.68 61.93
CA LYS E 518 20.45 5.31 62.81
C LYS E 518 20.34 3.87 63.26
N PHE E 519 19.16 3.46 63.70
CA PHE E 519 18.95 2.10 64.18
C PHE E 519 18.37 1.22 63.07
N GLY E 520 19.07 1.18 61.94
CA GLY E 520 18.70 0.34 60.81
C GLY E 520 17.21 0.31 60.54
N LEU E 521 16.65 -0.89 60.40
CA LEU E 521 15.21 -1.09 60.31
C LEU E 521 14.61 -0.29 59.16
N SER E 522 15.01 -0.66 57.95
CA SER E 522 14.42 -0.06 56.76
C SER E 522 12.91 -0.20 56.72
N PRO E 523 12.15 0.90 56.58
CA PRO E 523 10.70 0.80 56.65
C PRO E 523 10.12 -0.06 55.55
N SER E 524 9.09 -0.82 55.88
CA SER E 524 8.34 -1.63 54.93
C SER E 524 6.99 -0.96 54.70
N LYS E 525 6.78 -0.45 53.49
CA LYS E 525 5.62 0.39 53.20
C LYS E 525 4.40 -0.32 52.64
N GLY E 526 4.44 -1.65 52.49
CA GLY E 526 3.30 -2.40 52.00
C GLY E 526 2.45 -2.95 53.13
N VAL E 527 1.29 -2.33 53.37
CA VAL E 527 0.39 -2.72 54.44
C VAL E 527 -0.93 -3.14 53.83
N LEU E 528 -1.39 -4.33 54.20
CA LEU E 528 -2.63 -4.90 53.69
C LEU E 528 -3.66 -4.98 54.80
N PHE E 529 -4.90 -4.67 54.48
CA PHE E 529 -6.02 -4.78 55.40
C PHE E 529 -6.96 -5.87 54.90
N TYR E 530 -7.31 -6.80 55.79
CA TYR E 530 -8.29 -7.83 55.44
C TYR E 530 -9.27 -8.00 56.60
N GLY E 531 -10.47 -8.43 56.25
CA GLY E 531 -11.52 -8.61 57.23
C GLY E 531 -12.88 -8.42 56.61
N PRO E 532 -13.93 -8.40 57.44
CA PRO E 532 -15.28 -8.22 56.93
C PRO E 532 -15.50 -6.95 56.13
N PRO E 533 -16.29 -7.01 55.06
CA PRO E 533 -16.57 -5.80 54.28
C PRO E 533 -17.31 -4.76 55.12
N GLY E 534 -17.04 -3.49 54.82
CA GLY E 534 -17.67 -2.41 55.56
C GLY E 534 -17.08 -2.19 56.93
N THR E 535 -15.86 -2.68 57.19
CA THR E 535 -15.21 -2.52 58.49
C THR E 535 -14.42 -1.22 58.60
N GLY E 536 -14.40 -0.40 57.57
CA GLY E 536 -13.73 0.89 57.64
C GLY E 536 -12.30 0.83 57.14
N LYS E 537 -12.10 0.27 55.95
CA LYS E 537 -10.78 0.14 55.38
C LYS E 537 -10.30 1.41 54.67
N THR E 538 -11.14 2.44 54.58
CA THR E 538 -10.79 3.70 53.92
C THR E 538 -10.51 4.83 54.90
N LEU E 539 -11.27 4.90 56.01
CA LEU E 539 -11.06 5.98 56.96
C LEU E 539 -9.69 5.87 57.62
N LEU E 540 -9.24 4.64 57.89
CA LEU E 540 -7.90 4.46 58.47
C LEU E 540 -6.84 5.02 57.53
N ALA E 541 -6.92 4.68 56.24
CA ALA E 541 -5.94 5.17 55.29
C ALA E 541 -6.00 6.69 55.18
N LYS E 542 -7.21 7.26 55.14
CA LYS E 542 -7.31 8.71 55.04
C LYS E 542 -6.74 9.39 56.27
N ALA E 543 -6.99 8.85 57.46
CA ALA E 543 -6.42 9.41 58.68
C ALA E 543 -4.91 9.33 58.66
N VAL E 544 -4.36 8.20 58.22
CA VAL E 544 -2.91 8.06 58.14
C VAL E 544 -2.34 9.11 57.20
N ALA E 545 -2.97 9.29 56.04
CA ALA E 545 -2.50 10.30 55.10
C ALA E 545 -2.56 11.69 55.72
N THR E 546 -3.64 11.99 56.45
CA THR E 546 -3.76 13.30 57.08
C THR E 546 -2.65 13.53 58.10
N GLU E 547 -2.35 12.53 58.91
CA GLU E 547 -1.33 12.71 59.94
C GLU E 547 0.03 13.00 59.33
N VAL E 548 0.40 12.29 58.26
CA VAL E 548 1.66 12.56 57.58
C VAL E 548 1.60 13.81 56.71
N SER E 549 0.42 14.43 56.57
CA SER E 549 0.26 15.64 55.76
C SER E 549 0.70 15.37 54.32
N ALA E 550 0.00 14.45 53.67
CA ALA E 550 0.30 14.04 52.30
C ALA E 550 -0.91 14.31 51.41
N ASN E 551 -0.82 13.85 50.16
CA ASN E 551 -1.89 13.97 49.18
C ASN E 551 -2.42 12.56 48.90
N PHE E 552 -3.50 12.20 49.59
CA PHE E 552 -4.05 10.86 49.47
C PHE E 552 -4.56 10.63 48.05
N ILE E 553 -4.33 9.41 47.54
CA ILE E 553 -4.77 9.01 46.22
C ILE E 553 -5.52 7.69 46.34
N SER E 554 -6.62 7.56 45.60
CA SER E 554 -7.48 6.39 45.65
C SER E 554 -7.60 5.76 44.26
N VAL E 555 -7.52 4.45 44.22
CA VAL E 555 -7.75 3.67 43.00
C VAL E 555 -8.67 2.51 43.35
N LYS E 556 -9.72 2.32 42.57
CA LYS E 556 -10.72 1.30 42.84
C LYS E 556 -10.51 0.10 41.90
N GLY E 557 -11.21 -1.00 42.24
CA GLY E 557 -11.12 -2.22 41.47
C GLY E 557 -11.48 -2.08 40.00
N PRO E 558 -12.51 -1.31 39.65
CA PRO E 558 -12.80 -1.12 38.22
C PRO E 558 -11.64 -0.55 37.44
N GLU E 559 -10.87 0.35 38.05
CA GLU E 559 -9.69 0.88 37.37
C GLU E 559 -8.67 -0.23 37.11
N LEU E 560 -8.45 -1.10 38.09
CA LEU E 560 -7.55 -2.24 37.88
C LEU E 560 -8.04 -3.19 36.80
N LEU E 561 -9.35 -3.46 36.76
CA LEU E 561 -9.89 -4.30 35.70
C LEU E 561 -9.70 -3.65 34.33
N SER E 562 -9.92 -2.34 34.25
CA SER E 562 -9.70 -1.63 33.00
C SER E 562 -8.25 -1.73 32.57
N MET E 563 -7.31 -1.56 33.52
CA MET E 563 -5.91 -1.76 33.20
C MET E 563 -5.59 -3.18 32.72
N TRP E 564 -6.20 -4.18 33.34
CA TRP E 564 -6.01 -5.55 32.90
C TRP E 564 -6.50 -5.74 31.47
N TYR E 565 -7.67 -5.18 31.15
CA TYR E 565 -8.20 -5.27 29.79
C TYR E 565 -7.45 -4.34 28.83
N GLY E 566 -6.79 -3.32 29.34
CA GLY E 566 -6.05 -2.38 28.51
C GLY E 566 -6.85 -1.19 28.03
N GLU E 567 -8.16 -1.19 28.25
CA GLU E 567 -9.00 -0.06 27.83
C GLU E 567 -9.14 0.94 28.97
N SER E 568 -8.00 1.36 29.50
CA SER E 568 -7.92 2.25 30.64
C SER E 568 -7.21 3.54 30.26
N GLU E 569 -7.76 4.67 30.73
CA GLU E 569 -7.13 5.96 30.50
C GLU E 569 -5.79 6.17 31.21
N SER E 570 -5.48 5.33 32.20
CA SER E 570 -4.23 5.43 32.95
C SER E 570 -3.65 4.05 33.26
N ASN E 571 -2.39 4.06 33.67
CA ASN E 571 -1.69 2.83 34.04
C ASN E 571 -1.08 3.00 35.42
N ILE E 572 -0.92 1.86 36.11
CA ILE E 572 -0.38 1.90 37.47
C ILE E 572 0.98 2.59 37.49
N ARG E 573 1.74 2.46 36.41
CA ARG E 573 2.97 3.23 36.30
C ARG E 573 2.70 4.72 36.37
N ASP E 574 1.65 5.18 35.68
CA ASP E 574 1.27 6.59 35.78
C ASP E 574 0.87 6.95 37.21
N ILE E 575 0.16 6.05 37.89
CA ILE E 575 -0.25 6.33 39.26
C ILE E 575 0.98 6.52 40.15
N PHE E 576 1.96 5.62 40.02
CA PHE E 576 3.14 5.73 40.87
C PHE E 576 3.99 6.95 40.50
N ASP E 577 4.04 7.29 39.21
CA ASP E 577 4.75 8.51 38.83
C ASP E 577 4.09 9.74 39.45
N LYS E 578 2.75 9.78 39.42
CA LYS E 578 2.03 10.88 40.07
C LYS E 578 2.32 10.89 41.56
N ALA E 579 2.35 9.72 42.19
CA ALA E 579 2.63 9.63 43.62
C ALA E 579 4.00 10.20 43.93
N ARG E 580 5.01 9.83 43.15
CA ARG E 580 6.36 10.33 43.37
C ARG E 580 6.40 11.85 43.17
N ALA E 581 5.85 12.33 42.07
CA ALA E 581 5.88 13.77 41.81
C ALA E 581 5.10 14.56 42.85
N ALA E 582 4.14 13.94 43.52
CA ALA E 582 3.36 14.59 44.56
C ALA E 582 3.79 14.15 45.96
N ALA E 583 5.00 13.63 46.09
CA ALA E 583 5.45 13.15 47.39
C ALA E 583 5.49 14.31 48.38
N PRO E 584 5.13 14.09 49.66
CA PRO E 584 4.70 12.81 50.22
C PRO E 584 3.28 12.44 49.78
N THR E 585 3.02 11.15 49.60
CA THR E 585 1.72 10.68 49.14
C THR E 585 1.38 9.37 49.83
N VAL E 586 0.08 9.09 49.92
CA VAL E 586 -0.43 7.83 50.44
C VAL E 586 -1.38 7.27 49.40
N VAL E 587 -1.02 6.14 48.82
CA VAL E 587 -1.79 5.50 47.75
C VAL E 587 -2.63 4.40 48.36
N PHE E 588 -3.88 4.29 47.92
CA PHE E 588 -4.81 3.26 48.38
C PHE E 588 -5.32 2.48 47.19
N LEU E 589 -5.23 1.16 47.27
CA LEU E 589 -5.66 0.25 46.20
C LEU E 589 -6.83 -0.57 46.73
N ASP E 590 -8.05 -0.21 46.33
CA ASP E 590 -9.24 -0.91 46.78
C ASP E 590 -9.50 -2.15 45.93
N GLU E 591 -10.06 -3.17 46.56
CA GLU E 591 -10.39 -4.43 45.89
C GLU E 591 -9.20 -4.96 45.11
N LEU E 592 -8.06 -5.08 45.81
CA LEU E 592 -6.87 -5.64 45.18
C LEU E 592 -7.10 -7.07 44.71
N ASP E 593 -8.03 -7.78 45.33
CA ASP E 593 -8.37 -9.14 44.91
C ASP E 593 -9.29 -9.18 43.70
N SER E 594 -9.92 -8.06 43.35
CA SER E 594 -10.82 -8.04 42.21
C SER E 594 -10.08 -8.28 40.90
N ILE E 595 -8.76 -8.09 40.88
CA ILE E 595 -8.01 -8.31 39.63
C ILE E 595 -8.14 -9.76 39.19
N ALA E 596 -8.06 -10.70 40.13
CA ALA E 596 -8.17 -12.11 39.82
C ALA E 596 -9.53 -12.42 39.18
N SER E 610 -5.16 -11.55 35.26
CA SER E 610 -4.47 -10.49 36.00
C SER E 610 -2.99 -10.60 36.37
N ASP E 611 -2.35 -11.68 35.92
CA ASP E 611 -0.94 -11.87 36.21
C ASP E 611 -0.08 -10.76 35.61
N ARG E 612 -0.47 -10.24 34.45
CA ARG E 612 0.30 -9.17 33.82
C ARG E 612 0.28 -7.91 34.69
N VAL E 613 -0.90 -7.49 35.13
CA VAL E 613 -0.99 -6.30 35.98
C VAL E 613 -0.31 -6.55 37.32
N VAL E 614 -0.40 -7.79 37.84
CA VAL E 614 0.28 -8.11 39.09
C VAL E 614 1.79 -7.94 38.92
N ASN E 615 2.34 -8.44 37.81
CA ASN E 615 3.77 -8.28 37.55
C ASN E 615 4.14 -6.82 37.42
N GLN E 616 3.32 -6.03 36.72
CA GLN E 616 3.59 -4.60 36.58
C GLN E 616 3.62 -3.92 37.93
N LEU E 617 2.64 -4.24 38.78
CA LEU E 617 2.61 -3.64 40.12
C LEU E 617 3.83 -4.05 40.93
N LEU E 618 4.22 -5.32 40.87
CA LEU E 618 5.40 -5.78 41.60
C LEU E 618 6.64 -5.04 41.14
N THR E 619 6.81 -4.91 39.83
CA THR E 619 7.99 -4.22 39.30
C THR E 619 8.01 -2.76 39.73
N GLU E 620 6.86 -2.09 39.61
CA GLU E 620 6.80 -0.68 40.00
C GLU E 620 7.10 -0.51 41.49
N MET E 621 6.55 -1.40 42.33
CA MET E 621 6.81 -1.32 43.76
C MET E 621 8.29 -1.52 44.05
N ASP E 622 8.91 -2.52 43.41
CA ASP E 622 10.34 -2.73 43.59
C ASP E 622 11.14 -1.53 43.10
N GLY E 623 10.59 -0.77 42.15
CA GLY E 623 11.27 0.39 41.63
C GLY E 623 11.19 1.63 42.48
N MET E 624 10.51 1.56 43.62
CA MET E 624 10.34 2.70 44.52
C MET E 624 11.23 2.49 45.73
N ASN E 625 12.01 3.52 46.09
CA ASN E 625 12.92 3.46 47.21
C ASN E 625 12.22 3.90 48.49
N ALA E 626 12.47 3.14 49.57
CA ALA E 626 11.77 3.41 50.82
C ALA E 626 12.08 4.80 51.36
N LYS E 627 13.24 5.36 51.01
CA LYS E 627 13.61 6.67 51.55
C LYS E 627 12.59 7.73 51.18
N LYS E 628 11.92 7.58 50.04
CA LYS E 628 10.88 8.52 49.66
C LYS E 628 9.71 8.42 50.64
N ASN E 629 9.02 9.54 50.83
CA ASN E 629 7.88 9.61 51.74
C ASN E 629 6.58 9.21 51.05
N VAL E 630 6.59 8.04 50.42
CA VAL E 630 5.44 7.51 49.68
C VAL E 630 5.08 6.16 50.29
N PHE E 631 3.83 6.03 50.73
CA PHE E 631 3.33 4.81 51.33
C PHE E 631 2.19 4.24 50.47
N VAL E 632 2.08 2.92 50.47
CA VAL E 632 1.08 2.22 49.67
C VAL E 632 0.32 1.26 50.57
N ILE E 633 -1.01 1.29 50.46
CA ILE E 633 -1.89 0.43 51.25
C ILE E 633 -2.88 -0.22 50.32
N GLY E 634 -3.08 -1.53 50.47
CA GLY E 634 -4.03 -2.27 49.65
C GLY E 634 -5.12 -2.89 50.53
N ALA E 635 -6.32 -2.97 49.98
CA ALA E 635 -7.47 -3.52 50.68
C ALA E 635 -7.98 -4.73 49.92
N THR E 636 -8.14 -5.85 50.63
CA THR E 636 -8.64 -7.08 50.04
C THR E 636 -9.33 -7.90 51.12
N ASN E 637 -10.48 -8.48 50.77
CA ASN E 637 -11.25 -9.31 51.68
C ASN E 637 -10.90 -10.78 51.58
N ARG E 638 -10.01 -11.16 50.65
CA ARG E 638 -9.64 -12.55 50.40
C ARG E 638 -8.12 -12.66 50.42
N PRO E 639 -7.50 -12.53 51.58
CA PRO E 639 -6.02 -12.63 51.64
C PRO E 639 -5.49 -13.98 51.17
N ASP E 640 -6.28 -15.04 51.31
CA ASP E 640 -5.78 -16.37 50.94
C ASP E 640 -5.51 -16.46 49.44
N GLN E 641 -6.38 -15.90 48.62
CA GLN E 641 -6.23 -15.98 47.17
C GLN E 641 -5.32 -14.90 46.62
N ILE E 642 -4.84 -13.98 47.44
CA ILE E 642 -3.84 -13.01 47.02
C ILE E 642 -2.48 -13.68 47.05
N ASP E 643 -1.72 -13.56 45.96
CA ASP E 643 -0.51 -13.88 45.22
C ASP E 643 0.68 -13.82 46.19
N PRO E 644 1.36 -14.94 46.44
CA PRO E 644 2.54 -14.88 47.32
C PRO E 644 3.61 -13.93 46.81
N ALA E 645 3.71 -13.74 45.49
CA ALA E 645 4.69 -12.81 44.94
C ALA E 645 4.52 -11.42 45.54
N ILE E 646 3.29 -11.06 45.93
CA ILE E 646 3.05 -9.78 46.60
C ILE E 646 3.43 -9.75 48.07
N LEU E 647 3.69 -10.91 48.67
CA LEU E 647 4.00 -11.01 50.09
C LEU E 647 5.48 -11.02 50.45
N ARG E 648 6.38 -10.89 49.48
CA ARG E 648 7.80 -10.98 49.77
C ARG E 648 8.27 -9.76 50.56
N PRO E 649 9.35 -9.90 51.33
CA PRO E 649 9.91 -8.73 52.01
C PRO E 649 10.35 -7.67 51.00
N GLY E 650 10.29 -6.42 51.42
CA GLY E 650 10.46 -5.30 50.51
C GLY E 650 9.23 -4.99 49.69
N ARG E 651 8.08 -5.53 50.08
CA ARG E 651 6.84 -5.40 49.32
C ARG E 651 5.58 -5.37 50.19
N LEU E 652 4.41 -5.57 49.59
CA LEU E 652 3.18 -5.58 50.38
C LEU E 652 3.04 -6.74 51.34
N ASP E 653 3.84 -6.72 52.41
CA ASP E 653 4.01 -7.85 53.31
C ASP E 653 3.31 -7.68 54.65
N GLN E 654 3.23 -6.46 55.16
CA GLN E 654 2.57 -6.23 56.44
C GLN E 654 1.09 -6.62 56.33
N LEU E 655 0.62 -7.39 57.31
CA LEU E 655 -0.77 -7.85 57.35
C LEU E 655 -1.48 -7.24 58.55
N ILE E 656 -2.73 -6.83 58.35
CA ILE E 656 -3.57 -6.32 59.42
C ILE E 656 -4.99 -6.83 59.21
N TYR E 657 -5.63 -7.22 60.31
CA TYR E 657 -7.01 -7.68 60.30
C TYR E 657 -7.90 -6.64 60.96
N VAL E 658 -9.01 -6.33 60.31
CA VAL E 658 -9.95 -5.32 60.78
C VAL E 658 -11.28 -6.01 61.08
N PRO E 659 -11.54 -6.37 62.34
CA PRO E 659 -12.79 -7.02 62.69
C PRO E 659 -13.95 -6.02 62.73
N LEU E 660 -15.14 -6.53 62.99
CA LEU E 660 -16.32 -5.68 63.07
C LEU E 660 -16.26 -4.82 64.32
N PRO E 661 -16.86 -3.62 64.28
CA PRO E 661 -16.89 -2.78 65.48
C PRO E 661 -17.67 -3.45 66.61
N ASP E 662 -17.20 -3.24 67.83
CA ASP E 662 -17.85 -3.78 69.01
C ASP E 662 -18.88 -2.77 69.52
N GLU E 663 -19.41 -2.98 70.73
CA GLU E 663 -20.38 -2.06 71.29
C GLU E 663 -19.85 -0.63 71.31
N ASN E 664 -18.65 -0.44 71.85
CA ASN E 664 -18.07 0.90 71.90
C ASN E 664 -17.85 1.46 70.50
N ALA E 665 -17.26 0.66 69.62
CA ALA E 665 -17.00 1.13 68.27
C ALA E 665 -18.30 1.45 67.54
N ARG E 666 -19.29 0.58 67.65
CA ARG E 666 -20.56 0.81 66.94
C ARG E 666 -21.26 2.05 67.48
N LEU E 667 -21.29 2.22 68.80
CA LEU E 667 -21.95 3.39 69.36
C LEU E 667 -21.22 4.67 68.97
N SER E 668 -19.88 4.65 68.98
CA SER E 668 -19.13 5.82 68.55
C SER E 668 -19.40 6.15 67.09
N ILE E 669 -19.44 5.14 66.22
CA ILE E 669 -19.71 5.37 64.81
C ILE E 669 -21.11 5.96 64.63
N LEU E 670 -22.10 5.41 65.34
CA LEU E 670 -23.44 5.96 65.25
C LEU E 670 -23.48 7.40 65.71
N ASN E 671 -22.85 7.69 66.84
CA ASN E 671 -22.85 9.05 67.38
C ASN E 671 -22.23 10.02 66.39
N ALA E 672 -21.07 9.66 65.84
CA ALA E 672 -20.42 10.53 64.87
C ALA E 672 -21.28 10.72 63.63
N GLN E 673 -21.87 9.64 63.12
CA GLN E 673 -22.70 9.73 61.92
C GLN E 673 -23.97 10.54 62.19
N LEU E 674 -24.58 10.35 63.35
CA LEU E 674 -25.85 11.01 63.65
C LEU E 674 -25.70 12.52 63.79
N ARG E 675 -24.48 13.05 63.86
CA ARG E 675 -24.29 14.49 63.96
C ARG E 675 -25.01 15.21 62.84
N LYS E 676 -25.00 14.64 61.63
CA LYS E 676 -25.70 15.27 60.52
C LYS E 676 -27.22 15.08 60.66
N THR E 677 -27.65 13.96 61.23
CA THR E 677 -29.07 13.70 61.34
C THR E 677 -29.72 14.67 62.33
N PRO E 678 -30.89 15.23 62.01
CA PRO E 678 -31.63 16.03 63.00
C PRO E 678 -32.37 15.15 64.01
N LEU E 679 -31.60 14.37 64.77
CA LEU E 679 -32.16 13.39 65.68
C LEU E 679 -32.96 14.06 66.79
N GLU E 680 -33.60 13.26 67.63
CA GLU E 680 -34.40 13.73 68.75
C GLU E 680 -33.74 13.32 70.07
N PRO E 681 -33.70 14.20 71.08
CA PRO E 681 -32.98 13.86 72.31
C PRO E 681 -33.53 12.59 72.96
N GLY E 682 -32.63 11.78 73.49
CA GLY E 682 -33.00 10.53 74.12
C GLY E 682 -32.40 9.33 73.42
N LEU E 683 -31.26 9.52 72.78
CA LEU E 683 -30.58 8.41 72.11
C LEU E 683 -30.19 7.35 73.13
N GLU E 684 -30.47 6.09 72.80
CA GLU E 684 -30.16 4.96 73.67
C GLU E 684 -28.88 4.23 73.27
N LEU E 685 -27.80 4.50 73.99
CA LEU E 685 -26.51 3.91 73.65
C LEU E 685 -26.58 2.38 73.71
N THR E 686 -26.83 1.82 74.89
CA THR E 686 -26.85 0.37 75.02
C THR E 686 -27.95 -0.30 74.20
N ALA E 687 -29.16 0.27 74.20
CA ALA E 687 -30.27 -0.36 73.48
C ALA E 687 -29.96 -0.47 72.00
N ILE E 688 -29.44 0.62 71.41
CA ILE E 688 -29.12 0.59 69.98
C ILE E 688 -27.93 -0.31 69.71
N ALA E 689 -26.89 -0.21 70.55
CA ALA E 689 -25.65 -0.94 70.27
C ALA E 689 -25.77 -2.44 70.44
N LYS E 690 -26.50 -2.90 71.46
CA LYS E 690 -26.56 -4.34 71.74
C LYS E 690 -27.20 -5.10 70.58
N ALA E 691 -28.28 -4.57 70.02
CA ALA E 691 -28.94 -5.22 68.89
C ALA E 691 -28.08 -5.21 67.64
N THR E 692 -27.09 -4.32 67.57
CA THR E 692 -26.23 -4.20 66.39
C THR E 692 -25.09 -5.20 66.29
N GLN E 693 -25.10 -6.26 67.10
CA GLN E 693 -24.07 -7.28 66.99
C GLN E 693 -24.11 -7.92 65.61
N GLY E 694 -22.95 -8.05 64.99
CA GLY E 694 -22.85 -8.55 63.63
C GLY E 694 -23.05 -7.50 62.56
N PHE E 695 -23.19 -6.23 62.92
CA PHE E 695 -23.38 -5.14 61.98
C PHE E 695 -22.08 -4.33 61.89
N SER E 696 -21.64 -4.07 60.66
CA SER E 696 -20.44 -3.29 60.43
C SER E 696 -20.80 -1.81 60.42
N GLY E 697 -19.83 -0.96 60.09
CA GLY E 697 -20.12 0.46 59.97
C GLY E 697 -21.12 0.75 58.87
N ALA E 698 -20.95 0.10 57.72
CA ALA E 698 -21.92 0.28 56.63
C ALA E 698 -23.32 -0.19 56.99
N ASP E 699 -23.44 -1.27 57.77
CA ASP E 699 -24.75 -1.73 58.21
C ASP E 699 -25.42 -0.70 59.11
N LEU E 700 -24.65 -0.11 60.03
CA LEU E 700 -25.19 0.96 60.87
C LEU E 700 -25.60 2.16 60.03
N LEU E 701 -24.78 2.50 59.03
CA LEU E 701 -25.14 3.59 58.12
C LEU E 701 -26.46 3.31 57.42
N TYR E 702 -26.63 2.08 56.93
CA TYR E 702 -27.89 1.70 56.31
C TYR E 702 -29.09 1.76 57.26
N ILE E 703 -28.90 1.32 58.50
CA ILE E 703 -29.99 1.39 59.48
C ILE E 703 -30.37 2.84 59.72
N VAL E 704 -29.38 3.71 59.88
CA VAL E 704 -29.66 5.12 60.11
C VAL E 704 -30.36 5.71 58.89
N GLN E 705 -29.91 5.36 57.69
CA GLN E 705 -30.55 5.87 56.48
C GLN E 705 -32.00 5.43 56.38
N ARG E 706 -32.27 4.17 56.72
CA ARG E 706 -33.65 3.68 56.66
C ARG E 706 -34.53 4.37 57.69
N ALA E 707 -33.99 4.61 58.90
CA ALA E 707 -34.76 5.35 59.89
C ALA E 707 -35.05 6.76 59.41
N ALA E 708 -34.07 7.42 58.81
CA ALA E 708 -34.29 8.76 58.28
C ALA E 708 -35.29 8.75 57.13
N LYS E 709 -35.26 7.69 56.29
CA LYS E 709 -36.23 7.58 55.22
C LYS E 709 -37.65 7.43 55.77
N TYR E 710 -37.82 6.62 56.81
CA TYR E 710 -39.13 6.50 57.44
C TYR E 710 -39.57 7.84 58.01
N ALA E 711 -38.65 8.57 58.66
CA ALA E 711 -38.99 9.87 59.20
C ALA E 711 -39.41 10.84 58.09
N ILE E 712 -38.70 10.82 56.97
CA ILE E 712 -39.05 11.68 55.85
C ILE E 712 -40.42 11.32 55.30
N LYS E 713 -40.71 10.02 55.19
CA LYS E 713 -42.03 9.60 54.72
C LYS E 713 -43.12 10.13 55.65
N ASP E 714 -42.93 9.96 56.96
CA ASP E 714 -43.93 10.45 57.90
C ASP E 714 -44.09 11.96 57.78
N SER E 715 -42.97 12.69 57.68
CA SER E 715 -43.04 14.15 57.62
C SER E 715 -43.75 14.63 56.37
N ILE E 716 -43.44 14.03 55.22
CA ILE E 716 -44.08 14.46 53.98
C ILE E 716 -45.56 14.07 53.99
N GLU E 717 -45.89 12.92 54.57
CA GLU E 717 -47.30 12.54 54.66
C GLU E 717 -48.05 13.54 55.54
N ALA E 718 -47.47 13.94 56.66
CA ALA E 718 -48.11 14.94 57.51
C ALA E 718 -48.24 16.27 56.77
N HIS E 719 -47.19 16.67 56.05
CA HIS E 719 -47.25 17.94 55.32
C HIS E 719 -48.32 17.98 54.24
N ARG E 720 -48.47 16.89 53.48
CA ARG E 720 -49.48 16.86 52.43
C ARG E 720 -50.88 16.65 52.99
N GLN E 721 -51.01 15.87 54.06
CA GLN E 721 -52.30 15.63 54.69
C GLN E 721 -52.37 16.30 56.06
N ASP E 751 -43.60 23.16 59.90
CA ASP E 751 -42.67 22.06 60.14
C ASP E 751 -42.97 21.39 61.48
N PRO E 752 -44.09 20.67 61.54
CA PRO E 752 -44.42 19.96 62.79
C PRO E 752 -43.39 18.93 63.20
N VAL E 753 -42.70 18.32 62.25
CA VAL E 753 -41.73 17.27 62.55
C VAL E 753 -40.34 17.43 61.92
N PRO E 754 -39.52 18.34 62.43
CA PRO E 754 -38.13 18.44 61.96
C PRO E 754 -37.17 17.48 62.65
N TYR E 755 -37.69 16.55 63.43
CA TYR E 755 -36.89 15.60 64.20
C TYR E 755 -37.26 14.17 63.80
N ILE E 756 -36.57 13.20 64.40
CA ILE E 756 -36.83 11.78 64.18
C ILE E 756 -37.22 11.17 65.51
N THR E 757 -38.35 10.49 65.54
CA THR E 757 -38.84 9.85 66.75
C THR E 757 -38.24 8.45 66.88
N LYS E 758 -38.21 7.95 68.12
CA LYS E 758 -37.58 6.66 68.39
C LYS E 758 -38.27 5.51 67.68
N GLU E 759 -39.53 5.69 67.26
CA GLU E 759 -40.24 4.59 66.61
C GLU E 759 -39.56 4.19 65.31
N HIS E 760 -39.07 5.18 64.55
CA HIS E 760 -38.38 4.86 63.29
C HIS E 760 -37.16 3.99 63.54
N PHE E 761 -36.34 4.37 64.53
CA PHE E 761 -35.16 3.59 64.85
C PHE E 761 -35.52 2.22 65.37
N ALA E 762 -36.57 2.13 66.18
CA ALA E 762 -37.00 0.83 66.69
C ALA E 762 -37.40 -0.10 65.54
N GLU E 763 -38.19 0.42 64.60
CA GLU E 763 -38.58 -0.39 63.45
C GLU E 763 -37.37 -0.77 62.61
N ALA E 764 -36.45 0.18 62.39
CA ALA E 764 -35.27 -0.12 61.58
C ALA E 764 -34.43 -1.22 62.21
N MET E 765 -34.19 -1.13 63.52
CA MET E 765 -33.37 -2.14 64.19
C MET E 765 -34.10 -3.45 64.37
N LYS E 766 -35.44 -3.45 64.35
CA LYS E 766 -36.18 -4.70 64.35
C LYS E 766 -36.15 -5.38 62.99
N THR E 767 -36.12 -4.60 61.90
CA THR E 767 -36.10 -5.14 60.55
C THR E 767 -34.70 -5.27 59.99
N ALA E 768 -33.66 -4.97 60.77
CA ALA E 768 -32.29 -5.02 60.27
C ALA E 768 -31.79 -6.43 59.96
N LYS E 769 -30.94 -6.51 58.94
CA LYS E 769 -30.32 -7.77 58.53
C LYS E 769 -28.81 -7.67 58.69
N ARG E 770 -28.15 -8.82 58.74
CA ARG E 770 -26.71 -8.91 58.91
C ARG E 770 -26.04 -8.98 57.55
N SER E 771 -25.15 -8.04 57.28
CA SER E 771 -24.33 -8.14 56.07
C SER E 771 -23.22 -9.17 56.24
N VAL E 772 -22.74 -9.36 57.47
CA VAL E 772 -21.68 -10.32 57.78
C VAL E 772 -22.33 -11.47 58.53
N SER E 773 -22.35 -12.65 57.90
CA SER E 773 -22.88 -13.83 58.54
C SER E 773 -21.85 -14.39 59.52
N ASP E 774 -22.33 -15.33 60.35
CA ASP E 774 -21.44 -15.91 61.37
C ASP E 774 -20.39 -16.82 60.75
N ALA E 775 -20.72 -17.52 59.66
CA ALA E 775 -19.76 -18.43 59.05
C ALA E 775 -18.54 -17.67 58.51
N GLU E 776 -18.78 -16.55 57.82
CA GLU E 776 -17.67 -15.79 57.28
C GLU E 776 -16.81 -15.19 58.40
N LEU E 777 -17.44 -14.72 59.47
CA LEU E 777 -16.68 -14.22 60.61
C LEU E 777 -15.83 -15.33 61.23
N ARG E 778 -16.40 -16.54 61.34
CA ARG E 778 -15.65 -17.66 61.87
C ARG E 778 -14.46 -17.99 60.98
N ARG E 779 -14.66 -17.98 59.67
CA ARG E 779 -13.54 -18.22 58.75
C ARG E 779 -12.47 -17.14 58.89
N TYR E 780 -12.88 -15.88 58.99
CA TYR E 780 -11.92 -14.79 59.13
C TYR E 780 -11.09 -14.95 60.39
N GLU E 781 -11.75 -15.26 61.51
CA GLU E 781 -11.00 -15.41 62.76
C GLU E 781 -10.12 -16.65 62.74
N ALA E 782 -10.57 -17.73 62.10
CA ALA E 782 -9.72 -18.90 61.97
C ALA E 782 -8.47 -18.59 61.16
N TYR E 783 -8.62 -17.86 60.05
CA TYR E 783 -7.46 -17.48 59.25
C TYR E 783 -6.54 -16.56 60.03
N SER E 784 -7.11 -15.62 60.81
CA SER E 784 -6.28 -14.74 61.62
C SER E 784 -5.48 -15.53 62.65
N GLN E 785 -6.13 -16.51 63.29
CA GLN E 785 -5.41 -17.35 64.24
C GLN E 785 -4.31 -18.14 63.54
N GLN E 786 -4.58 -18.65 62.34
CA GLN E 786 -3.55 -19.37 61.60
C GLN E 786 -2.36 -18.48 61.30
N MET E 787 -2.62 -17.24 60.89
CA MET E 787 -1.54 -16.29 60.64
C MET E 787 -0.77 -16.00 61.92
N LYS E 788 -1.48 -15.84 63.05
CA LYS E 788 -0.80 -15.60 64.32
C LYS E 788 0.11 -16.76 64.69
N ALA E 789 -0.36 -17.99 64.50
CA ALA E 789 0.44 -19.17 64.81
C ALA E 789 1.65 -19.26 63.91
N LYS F 75 -42.88 42.02 11.32
CA LYS F 75 -42.34 40.71 11.68
C LYS F 75 -41.33 40.26 10.63
N LYS F 76 -40.27 39.59 11.09
CA LYS F 76 -39.17 39.17 10.22
C LYS F 76 -38.55 40.36 9.49
N ARG F 77 -38.55 41.53 10.12
CA ARG F 77 -37.95 42.73 9.56
C ARG F 77 -38.56 43.05 8.20
N LYS F 78 -39.87 42.88 8.09
CA LYS F 78 -40.60 43.13 6.85
C LYS F 78 -41.39 44.43 6.93
N ARG F 99 -54.74 41.40 2.30
CA ARG F 99 -54.07 40.13 2.09
C ARG F 99 -52.76 40.34 1.33
N VAL F 100 -52.80 41.23 0.33
CA VAL F 100 -51.59 41.50 -0.44
C VAL F 100 -50.50 42.10 0.44
N VAL F 101 -50.88 43.06 1.29
CA VAL F 101 -49.91 43.69 2.18
C VAL F 101 -49.33 42.66 3.15
N ARG F 102 -50.20 41.82 3.72
CA ARG F 102 -49.72 40.80 4.66
C ARG F 102 -48.77 39.82 3.97
N ASN F 103 -49.09 39.41 2.74
CA ASN F 103 -48.20 38.53 2.01
C ASN F 103 -46.86 39.20 1.73
N ASN F 104 -46.89 40.48 1.34
CA ASN F 104 -45.64 41.19 1.08
C ASN F 104 -44.79 41.30 2.34
N LEU F 105 -45.44 41.54 3.49
CA LEU F 105 -44.74 41.65 4.75
C LEU F 105 -44.49 40.30 5.41
N ARG F 106 -44.88 39.20 4.76
CA ARG F 106 -44.71 37.83 5.27
C ARG F 106 -45.15 37.67 6.73
N ILE F 107 -46.43 37.89 6.96
CA ILE F 107 -47.01 37.79 8.29
C ILE F 107 -48.27 36.95 8.24
N ARG F 204 -40.61 33.20 -11.39
CA ARG F 204 -41.46 33.18 -10.20
C ARG F 204 -40.99 32.11 -9.22
N GLU F 205 -40.22 31.15 -9.72
CA GLU F 205 -39.72 30.09 -8.86
C GLU F 205 -38.76 30.60 -7.80
N ASP F 206 -38.16 31.78 -8.01
CA ASP F 206 -37.20 32.32 -7.05
C ASP F 206 -37.83 32.56 -5.69
N GLU F 207 -39.15 32.66 -5.61
CA GLU F 207 -39.81 32.86 -4.32
C GLU F 207 -39.95 31.55 -3.56
N GLU F 208 -40.67 30.58 -4.15
CA GLU F 208 -40.90 29.32 -3.46
C GLU F 208 -39.60 28.55 -3.23
N ASN F 209 -38.71 28.53 -4.23
CA ASN F 209 -37.46 27.80 -4.08
C ASN F 209 -36.63 28.34 -2.94
N ASN F 210 -36.74 29.64 -2.66
CA ASN F 210 -36.01 30.28 -1.56
C ASN F 210 -36.67 29.86 -0.24
N MET F 211 -36.37 28.63 0.18
CA MET F 211 -36.94 28.08 1.40
C MET F 211 -36.30 28.75 2.60
N ASN F 212 -36.79 29.94 2.91
CA ASN F 212 -36.35 30.69 4.09
C ASN F 212 -37.56 31.20 4.85
N GLU F 213 -37.32 32.04 5.86
CA GLU F 213 -38.41 32.60 6.66
C GLU F 213 -39.24 31.50 7.32
N VAL F 214 -38.62 30.37 7.60
CA VAL F 214 -39.30 29.23 8.23
C VAL F 214 -39.24 29.48 9.73
N GLY F 215 -40.23 30.20 10.24
CA GLY F 215 -40.25 30.61 11.63
C GLY F 215 -40.65 29.48 12.56
N TYR F 216 -40.97 29.86 13.80
CA TYR F 216 -41.35 28.88 14.81
C TYR F 216 -42.57 28.07 14.39
N ASP F 217 -43.40 28.60 13.49
CA ASP F 217 -44.62 27.90 13.08
C ASP F 217 -44.29 26.58 12.40
N ASP F 218 -43.16 26.50 11.70
CA ASP F 218 -42.83 25.35 10.88
C ASP F 218 -42.06 24.28 11.65
N ILE F 219 -42.17 24.26 12.97
CA ILE F 219 -41.53 23.25 13.80
C ILE F 219 -42.50 22.82 14.89
N GLY F 220 -42.54 21.51 15.16
CA GLY F 220 -43.39 21.00 16.21
C GLY F 220 -42.73 19.82 16.89
N GLY F 221 -43.17 19.56 18.13
CA GLY F 221 -42.67 18.44 18.89
C GLY F 221 -41.30 18.64 19.50
N CYS F 222 -40.80 19.87 19.57
CA CYS F 222 -39.51 20.16 20.17
C CYS F 222 -39.59 21.41 21.03
N ARG F 223 -40.65 21.51 21.84
CA ARG F 223 -40.87 22.72 22.62
C ARG F 223 -39.72 22.99 23.58
N LYS F 224 -39.25 21.95 24.29
CA LYS F 224 -38.16 22.14 25.23
C LYS F 224 -36.88 22.56 24.51
N GLN F 225 -36.50 21.82 23.47
CA GLN F 225 -35.27 22.14 22.75
C GLN F 225 -35.40 23.49 22.05
N MET F 226 -36.56 23.77 21.48
CA MET F 226 -36.77 25.08 20.86
C MET F 226 -36.60 26.19 21.88
N ALA F 227 -37.16 26.03 23.07
CA ALA F 227 -37.02 27.05 24.10
C ALA F 227 -35.55 27.21 24.50
N GLN F 228 -34.84 26.11 24.67
CA GLN F 228 -33.44 26.19 25.07
C GLN F 228 -32.61 26.92 24.01
N ILE F 229 -32.81 26.57 22.74
CA ILE F 229 -32.05 27.21 21.67
C ILE F 229 -32.41 28.69 21.58
N ARG F 230 -33.70 29.01 21.69
CA ARG F 230 -34.11 30.41 21.66
C ARG F 230 -33.44 31.18 22.77
N GLU F 231 -33.43 30.62 23.98
CA GLU F 231 -32.81 31.30 25.11
C GLU F 231 -31.32 31.50 24.87
N MET F 232 -30.65 30.49 24.34
CA MET F 232 -29.20 30.57 24.16
C MET F 232 -28.79 31.35 22.91
N VAL F 233 -29.73 31.71 22.04
CA VAL F 233 -29.42 32.45 20.82
C VAL F 233 -29.91 33.89 20.89
N GLU F 234 -31.22 34.08 21.08
CA GLU F 234 -31.79 35.42 20.99
C GLU F 234 -31.16 36.36 22.02
N LEU F 235 -31.04 35.91 23.27
CA LEU F 235 -30.57 36.80 24.32
C LEU F 235 -29.15 37.30 24.07
N PRO F 236 -28.17 36.45 23.77
CA PRO F 236 -26.83 36.99 23.45
C PRO F 236 -26.84 37.98 22.29
N LEU F 237 -27.67 37.75 21.28
CA LEU F 237 -27.67 38.58 20.09
C LEU F 237 -28.57 39.81 20.23
N ARG F 238 -29.83 39.60 20.64
CA ARG F 238 -30.78 40.70 20.70
C ARG F 238 -30.42 41.68 21.80
N HIS F 239 -30.08 41.18 22.99
CA HIS F 239 -29.83 42.03 24.15
C HIS F 239 -28.55 41.60 24.84
N PRO F 240 -27.40 41.81 24.20
CA PRO F 240 -26.12 41.58 24.90
C PRO F 240 -25.93 42.51 26.09
N GLN F 241 -26.67 43.61 26.15
CA GLN F 241 -26.54 44.55 27.27
C GLN F 241 -26.88 43.88 28.59
N LEU F 242 -27.77 42.88 28.58
CA LEU F 242 -28.15 42.22 29.83
C LEU F 242 -26.95 41.51 30.45
N PHE F 243 -26.16 40.81 29.63
CA PHE F 243 -24.99 40.10 30.16
C PHE F 243 -23.97 41.08 30.71
N LYS F 244 -23.78 42.23 30.07
CA LYS F 244 -22.92 43.25 30.62
C LYS F 244 -23.46 43.78 31.95
N ALA F 245 -24.78 43.99 32.03
CA ALA F 245 -25.38 44.52 33.26
C ALA F 245 -25.18 43.55 34.41
N ILE F 246 -25.42 42.26 34.17
CA ILE F 246 -25.16 41.25 35.20
C ILE F 246 -23.68 40.93 35.33
N GLY F 247 -22.87 41.34 34.36
CA GLY F 247 -21.44 41.15 34.45
C GLY F 247 -21.00 39.71 34.33
N ILE F 248 -21.23 39.10 33.17
CA ILE F 248 -20.76 37.75 32.92
C ILE F 248 -20.83 37.47 31.42
N LYS F 249 -19.86 36.73 30.91
CA LYS F 249 -19.77 36.50 29.47
C LYS F 249 -20.79 35.45 29.04
N PRO F 250 -21.66 35.74 28.07
CA PRO F 250 -22.66 34.76 27.67
C PRO F 250 -22.02 33.54 27.03
N PRO F 251 -22.57 32.34 27.26
CA PRO F 251 -22.05 31.16 26.56
C PRO F 251 -22.33 31.24 25.07
N ARG F 252 -21.41 30.68 24.29
CA ARG F 252 -21.51 30.68 22.84
C ARG F 252 -21.56 29.29 22.23
N GLY F 253 -20.70 28.38 22.69
CA GLY F 253 -20.62 27.06 22.08
C GLY F 253 -21.82 26.18 22.40
N VAL F 254 -22.65 25.92 21.40
CA VAL F 254 -23.79 25.03 21.52
C VAL F 254 -23.51 23.78 20.71
N LEU F 255 -24.09 22.67 21.13
CA LEU F 255 -23.87 21.38 20.46
C LEU F 255 -25.17 20.59 20.55
N MET F 256 -25.85 20.41 19.43
CA MET F 256 -27.06 19.63 19.37
C MET F 256 -26.75 18.24 18.82
N TYR F 257 -27.42 17.22 19.36
CA TYR F 257 -27.31 15.89 18.77
C TYR F 257 -28.65 15.19 18.86
N GLY F 258 -28.90 14.32 17.89
CA GLY F 258 -30.12 13.55 17.82
C GLY F 258 -30.11 12.62 16.63
N PRO F 259 -31.13 11.77 16.51
CA PRO F 259 -31.17 10.83 15.40
C PRO F 259 -31.22 11.56 14.08
N PRO F 260 -30.64 10.98 13.03
CA PRO F 260 -30.62 11.68 11.74
C PRO F 260 -32.02 11.94 11.21
N GLY F 261 -32.15 13.06 10.50
CA GLY F 261 -33.43 13.42 9.93
C GLY F 261 -34.44 13.96 10.92
N THR F 262 -33.99 14.49 12.05
CA THR F 262 -34.87 15.03 13.07
C THR F 262 -35.07 16.54 12.94
N GLY F 263 -34.51 17.15 11.89
CA GLY F 263 -34.71 18.57 11.67
C GLY F 263 -33.72 19.47 12.36
N LYS F 264 -32.55 18.97 12.74
CA LYS F 264 -31.55 19.82 13.38
C LYS F 264 -31.19 21.00 12.48
N THR F 265 -30.88 20.72 11.21
CA THR F 265 -30.58 21.79 10.28
C THR F 265 -31.78 22.72 10.11
N LEU F 266 -32.98 22.15 10.01
CA LEU F 266 -34.17 22.98 9.90
C LEU F 266 -34.36 23.82 11.15
N MET F 267 -34.07 23.25 12.33
CA MET F 267 -34.20 24.02 13.56
C MET F 267 -33.26 25.20 13.57
N ALA F 268 -32.00 24.98 13.18
CA ALA F 268 -31.04 26.07 13.14
C ALA F 268 -31.48 27.14 12.14
N ARG F 269 -31.93 26.72 10.96
CA ARG F 269 -32.39 27.69 9.97
C ARG F 269 -33.56 28.49 10.51
N ALA F 270 -34.49 27.82 11.18
CA ALA F 270 -35.68 28.50 11.69
C ALA F 270 -35.30 29.53 12.75
N VAL F 271 -34.43 29.17 13.68
CA VAL F 271 -34.04 30.13 14.72
C VAL F 271 -33.30 31.29 14.08
N ALA F 272 -32.41 31.02 13.11
CA ALA F 272 -31.68 32.09 12.47
C ALA F 272 -32.61 33.05 11.75
N ASN F 273 -33.61 32.53 11.03
CA ASN F 273 -34.57 33.39 10.37
C ASN F 273 -35.40 34.18 11.38
N GLU F 274 -35.79 33.54 12.49
CA GLU F 274 -36.59 34.23 13.49
C GLU F 274 -35.84 35.41 14.09
N THR F 275 -34.56 35.20 14.43
CA THR F 275 -33.79 36.30 14.99
C THR F 275 -33.45 37.36 13.96
N GLY F 276 -33.70 37.11 12.67
CA GLY F 276 -33.44 38.08 11.63
C GLY F 276 -32.00 38.18 11.19
N ALA F 277 -31.11 37.42 11.81
CA ALA F 277 -29.69 37.45 11.48
C ALA F 277 -29.38 36.48 10.35
N PHE F 278 -28.21 36.67 9.74
CA PHE F 278 -27.54 35.96 8.66
C PHE F 278 -27.19 34.55 9.13
N PHE F 279 -27.37 33.58 8.24
CA PHE F 279 -27.15 32.17 8.54
C PHE F 279 -26.07 31.62 7.63
N PHE F 280 -25.16 30.83 8.19
CA PHE F 280 -24.09 30.20 7.45
C PHE F 280 -24.12 28.70 7.67
N LEU F 281 -23.90 27.93 6.60
CA LEU F 281 -23.96 26.48 6.67
C LEU F 281 -22.64 25.90 6.14
N ILE F 282 -22.13 24.90 6.84
CA ILE F 282 -20.93 24.18 6.45
C ILE F 282 -21.18 22.69 6.61
N ASN F 283 -20.66 21.90 5.68
CA ASN F 283 -20.79 20.45 5.71
C ASN F 283 -19.43 19.84 6.04
N GLY F 284 -19.42 18.92 7.00
CA GLY F 284 -18.19 18.31 7.45
C GLY F 284 -17.44 17.61 6.34
N PRO F 285 -18.13 16.72 5.62
CA PRO F 285 -17.46 16.07 4.48
C PRO F 285 -16.98 17.07 3.43
N GLU F 286 -17.74 18.14 3.20
CA GLU F 286 -17.35 19.11 2.19
C GLU F 286 -16.00 19.75 2.54
N VAL F 287 -15.86 20.22 3.77
CA VAL F 287 -14.58 20.80 4.18
C VAL F 287 -13.50 19.73 4.20
N MET F 288 -13.86 18.51 4.57
CA MET F 288 -12.91 17.39 4.47
C MET F 288 -12.68 17.00 3.02
N SER F 289 -13.67 17.24 2.15
CA SER F 289 -13.53 16.84 0.75
C SER F 289 -12.41 17.60 0.06
N LYS F 290 -12.29 18.90 0.33
CA LYS F 290 -11.36 19.74 -0.39
C LYS F 290 -9.91 19.33 -0.10
N MET F 291 -8.98 20.02 -0.75
CA MET F 291 -7.57 19.66 -0.68
C MET F 291 -7.03 19.80 0.74
N ALA F 292 -5.77 19.41 0.96
CA ALA F 292 -5.22 19.41 2.31
C ALA F 292 -5.25 20.82 2.91
N GLY F 293 -4.71 21.80 2.19
CA GLY F 293 -4.69 23.16 2.68
C GLY F 293 -5.95 23.93 2.33
N GLU F 294 -6.71 23.42 1.36
CA GLU F 294 -7.92 24.11 0.93
C GLU F 294 -8.96 24.14 2.04
N SER F 295 -9.07 23.05 2.80
CA SER F 295 -10.05 23.01 3.88
C SER F 295 -9.77 24.08 4.93
N GLU F 296 -8.50 24.22 5.33
CA GLU F 296 -8.15 25.25 6.31
C GLU F 296 -8.48 26.64 5.77
N SER F 297 -8.19 26.87 4.49
CA SER F 297 -8.55 28.13 3.86
C SER F 297 -10.05 28.33 4.03
N ASN F 298 -10.86 27.46 3.41
CA ASN F 298 -12.32 27.55 3.53
C ASN F 298 -12.74 27.92 4.94
N LEU F 299 -12.24 27.20 5.94
CA LEU F 299 -12.66 27.43 7.31
C LEU F 299 -12.32 28.85 7.76
N ARG F 300 -11.06 29.25 7.59
CA ARG F 300 -10.66 30.57 8.08
C ARG F 300 -11.38 31.69 7.34
N LYS F 301 -11.53 31.55 6.02
CA LYS F 301 -12.24 32.58 5.26
C LYS F 301 -13.69 32.68 5.69
N ALA F 302 -14.35 31.54 5.92
CA ALA F 302 -15.73 31.59 6.39
C ALA F 302 -15.80 32.26 7.76
N PHE F 303 -14.89 31.92 8.65
CA PHE F 303 -14.91 32.50 10.00
C PHE F 303 -14.74 34.01 9.94
N GLU F 304 -13.74 34.48 9.17
CA GLU F 304 -13.54 35.92 9.06
C GLU F 304 -14.69 36.65 8.37
N GLU F 305 -15.24 36.07 7.31
CA GLU F 305 -16.39 36.68 6.65
C GLU F 305 -17.56 36.80 7.61
N ALA F 306 -17.82 35.75 8.39
CA ALA F 306 -18.87 35.83 9.40
C ALA F 306 -18.56 36.92 10.42
N GLU F 307 -17.32 36.97 10.89
CA GLU F 307 -16.96 37.90 11.95
C GLU F 307 -17.13 39.35 11.52
N LYS F 308 -16.69 39.68 10.29
CA LYS F 308 -16.84 41.05 9.82
C LYS F 308 -18.28 41.54 9.68
N ASN F 309 -19.23 40.61 9.59
CA ASN F 309 -20.65 40.89 9.34
C ASN F 309 -21.50 40.08 10.29
N ALA F 310 -21.25 40.20 11.60
CA ALA F 310 -21.53 39.08 12.48
C ALA F 310 -22.66 39.29 13.49
N PRO F 311 -23.82 39.77 13.07
CA PRO F 311 -25.07 39.23 13.65
C PRO F 311 -25.46 37.99 12.86
N ALA F 312 -25.22 36.81 13.43
CA ALA F 312 -25.34 35.59 12.66
C ALA F 312 -25.08 34.34 13.48
N ILE F 313 -25.27 33.17 12.85
CA ILE F 313 -25.00 31.87 13.45
C ILE F 313 -24.15 31.08 12.47
N ILE F 314 -23.09 30.47 12.96
CA ILE F 314 -22.23 29.60 12.16
C ILE F 314 -22.62 28.17 12.47
N PHE F 315 -23.38 27.56 11.56
CA PHE F 315 -23.92 26.21 11.76
C PHE F 315 -23.00 25.20 11.07
N ILE F 316 -22.29 24.42 11.88
CA ILE F 316 -21.56 23.28 11.34
C ILE F 316 -22.49 22.08 11.25
N ASP F 317 -22.15 21.16 10.36
CA ASP F 317 -22.90 19.92 10.19
C ASP F 317 -21.94 18.75 10.14
N GLU F 318 -22.38 17.61 10.67
CA GLU F 318 -21.56 16.41 10.73
C GLU F 318 -20.21 16.71 11.36
N ILE F 319 -20.23 17.49 12.44
CA ILE F 319 -19.00 17.90 13.10
C ILE F 319 -18.15 16.71 13.51
N ASP F 320 -18.76 15.53 13.64
CA ASP F 320 -17.99 14.34 13.93
C ASP F 320 -17.01 14.02 12.82
N SER F 321 -17.41 14.22 11.56
CA SER F 321 -16.56 13.87 10.44
C SER F 321 -15.26 14.67 10.46
N ILE F 322 -15.36 15.98 10.70
CA ILE F 322 -14.16 16.82 10.69
C ILE F 322 -13.29 16.52 11.90
N ALA F 323 -13.90 16.30 13.06
CA ALA F 323 -13.19 16.09 14.32
C ALA F 323 -13.70 14.82 14.98
N PRO F 324 -13.44 13.66 14.37
CA PRO F 324 -13.89 12.40 14.96
C PRO F 324 -13.14 12.05 16.22
N LYS F 325 -13.43 10.89 16.81
CA LYS F 325 -12.72 10.47 18.00
C LYS F 325 -11.23 10.38 17.71
N ARG F 326 -10.44 11.09 18.53
CA ARG F 326 -9.00 11.16 18.28
C ARG F 326 -8.34 9.80 18.40
N ASP F 327 -8.82 8.97 19.32
CA ASP F 327 -8.23 7.64 19.52
C ASP F 327 -8.36 6.76 18.29
N LYS F 328 -9.32 7.04 17.40
CA LYS F 328 -9.55 6.21 16.24
C LYS F 328 -8.73 6.64 15.04
N THR F 329 -8.80 7.91 14.66
CA THR F 329 -8.13 8.42 13.48
C THR F 329 -7.17 9.53 13.88
N ASN F 330 -5.91 9.41 13.45
CA ASN F 330 -4.89 10.41 13.74
C ASN F 330 -4.04 10.66 12.50
N GLY F 331 -4.68 10.81 11.35
CA GLY F 331 -3.98 11.04 10.10
C GLY F 331 -3.50 12.47 9.96
N GLU F 332 -2.77 12.71 8.88
CA GLU F 332 -2.21 14.03 8.63
C GLU F 332 -3.31 15.07 8.50
N VAL F 333 -4.18 14.92 7.51
CA VAL F 333 -5.27 15.87 7.33
C VAL F 333 -6.21 15.84 8.53
N GLU F 334 -6.43 14.65 9.09
CA GLU F 334 -7.27 14.53 10.27
C GLU F 334 -6.68 15.30 11.44
N ARG F 335 -5.35 15.26 11.58
CA ARG F 335 -4.68 15.98 12.66
C ARG F 335 -4.49 17.47 12.34
N ARG F 336 -4.65 17.87 11.09
CA ARG F 336 -4.43 19.25 10.67
C ARG F 336 -5.71 20.07 10.71
N VAL F 337 -6.78 19.57 10.08
CA VAL F 337 -8.03 20.31 10.04
C VAL F 337 -8.60 20.47 11.45
N VAL F 338 -8.51 19.42 12.26
CA VAL F 338 -9.02 19.50 13.63
C VAL F 338 -8.24 20.53 14.42
N SER F 339 -6.92 20.55 14.26
CA SER F 339 -6.10 21.53 14.96
C SER F 339 -6.46 22.95 14.52
N GLN F 340 -6.67 23.15 13.22
CA GLN F 340 -7.07 24.46 12.74
C GLN F 340 -8.40 24.87 13.34
N LEU F 341 -9.36 23.95 13.39
CA LEU F 341 -10.67 24.26 13.95
C LEU F 341 -10.56 24.61 15.42
N LEU F 342 -9.76 23.85 16.18
CA LEU F 342 -9.57 24.16 17.59
C LEU F 342 -8.94 25.52 17.77
N THR F 343 -7.94 25.85 16.96
CA THR F 343 -7.32 27.17 17.04
C THR F 343 -8.34 28.26 16.76
N LEU F 344 -9.16 28.08 15.73
CA LEU F 344 -10.16 29.09 15.40
C LEU F 344 -11.15 29.26 16.55
N MET F 345 -11.64 28.14 17.10
CA MET F 345 -12.62 28.23 18.18
C MET F 345 -12.03 28.91 19.41
N ASP F 346 -10.87 28.45 19.88
CA ASP F 346 -10.27 29.06 21.04
C ASP F 346 -9.89 30.50 20.77
N GLY F 347 -9.67 30.86 19.52
CA GLY F 347 -9.29 32.21 19.16
C GLY F 347 -10.48 33.09 18.85
N MET F 348 -11.67 32.65 19.27
CA MET F 348 -12.86 33.48 19.09
C MET F 348 -12.65 34.83 19.74
N LYS F 349 -12.95 35.89 18.99
CA LYS F 349 -12.67 37.24 19.45
C LYS F 349 -13.47 37.60 20.68
N ALA F 350 -14.56 36.90 20.96
CA ALA F 350 -15.43 37.23 22.08
C ALA F 350 -15.97 38.64 21.94
N ARG F 351 -16.83 39.06 22.86
CA ARG F 351 -17.45 40.37 22.84
C ARG F 351 -18.23 40.64 21.56
N SER F 352 -18.43 39.61 20.73
CA SER F 352 -19.07 39.74 19.44
C SER F 352 -20.42 39.03 19.47
N ASN F 353 -21.07 38.95 18.32
CA ASN F 353 -22.40 38.36 18.22
C ASN F 353 -22.37 37.12 17.33
N VAL F 354 -21.35 36.27 17.53
CA VAL F 354 -21.18 35.04 16.78
C VAL F 354 -21.54 33.87 17.70
N VAL F 355 -22.42 32.99 17.20
CA VAL F 355 -22.82 31.78 17.92
C VAL F 355 -22.54 30.59 17.01
N VAL F 356 -21.86 29.58 17.53
CA VAL F 356 -21.47 28.40 16.78
C VAL F 356 -22.35 27.24 17.22
N ILE F 357 -22.96 26.56 16.25
CA ILE F 357 -23.83 25.42 16.52
C ILE F 357 -23.34 24.25 15.67
N ALA F 358 -23.26 23.07 16.29
CA ALA F 358 -22.82 21.86 15.61
C ALA F 358 -23.84 20.76 15.80
N ALA F 359 -23.94 19.88 14.82
CA ALA F 359 -24.90 18.78 14.83
C ALA F 359 -24.17 17.47 14.60
N THR F 360 -24.44 16.49 15.46
CA THR F 360 -23.89 15.15 15.30
C THR F 360 -24.95 14.14 15.71
N ASN F 361 -25.03 13.05 14.96
CA ASN F 361 -26.04 12.03 15.26
C ASN F 361 -25.81 11.42 16.63
N ARG F 362 -24.55 11.19 16.99
CA ARG F 362 -24.18 10.58 18.25
C ARG F 362 -23.34 11.57 19.06
N PRO F 363 -23.60 11.73 20.36
CA PRO F 363 -22.86 12.73 21.14
C PRO F 363 -21.39 12.38 21.28
N ASN F 364 -21.11 11.15 21.73
CA ASN F 364 -19.73 10.72 21.97
C ASN F 364 -19.10 10.18 20.68
N SER F 365 -19.15 11.00 19.62
CA SER F 365 -18.58 10.64 18.33
C SER F 365 -17.75 11.80 17.77
N ILE F 366 -17.22 12.64 18.65
CA ILE F 366 -16.35 13.75 18.26
C ILE F 366 -15.16 13.78 19.20
N ASP F 367 -14.12 14.49 18.78
CA ASP F 367 -12.95 14.65 19.62
C ASP F 367 -13.36 15.31 20.93
N PRO F 368 -13.00 14.73 22.08
CA PRO F 368 -13.44 15.34 23.36
C PRO F 368 -12.92 16.76 23.56
N ALA F 369 -11.85 17.15 22.86
CA ALA F 369 -11.27 18.47 23.08
C ALA F 369 -12.25 19.59 22.81
N LEU F 370 -13.31 19.33 22.03
CA LEU F 370 -14.29 20.36 21.72
C LEU F 370 -15.28 20.61 22.84
N ARG F 371 -15.32 19.76 23.87
CA ARG F 371 -16.28 19.89 24.94
C ARG F 371 -15.79 20.75 26.10
N ARG F 372 -14.53 21.15 26.10
CA ARG F 372 -13.99 21.91 27.21
C ARG F 372 -14.59 23.32 27.22
N PHE F 373 -14.31 24.05 28.30
CA PHE F 373 -14.78 25.42 28.40
C PHE F 373 -14.16 26.28 27.30
N GLY F 374 -14.87 27.34 26.92
CA GLY F 374 -14.45 28.17 25.81
C GLY F 374 -14.73 27.57 24.46
N ARG F 375 -15.54 26.52 24.40
CA ARG F 375 -15.85 25.83 23.16
C ARG F 375 -17.29 25.30 23.29
N PHE F 376 -17.64 24.34 22.44
CA PHE F 376 -18.98 23.76 22.50
C PHE F 376 -19.20 23.12 23.86
N ASP F 377 -20.05 23.74 24.68
CA ASP F 377 -20.34 23.24 26.01
C ASP F 377 -21.82 23.09 26.29
N ARG F 378 -22.65 24.00 25.79
CA ARG F 378 -24.10 23.92 26.00
C ARG F 378 -24.64 22.79 25.13
N GLU F 379 -24.91 21.64 25.74
CA GLU F 379 -25.37 20.49 25.00
C GLU F 379 -26.89 20.45 24.94
N VAL F 380 -27.40 19.95 23.83
CA VAL F 380 -28.84 19.79 23.61
C VAL F 380 -29.07 18.43 22.95
N ASP F 381 -30.08 17.72 23.42
CA ASP F 381 -30.46 16.42 22.88
C ASP F 381 -31.85 16.52 22.26
N ILE F 382 -32.01 15.93 21.08
CA ILE F 382 -33.28 15.87 20.38
C ILE F 382 -33.63 14.41 20.18
N GLY F 383 -34.85 14.04 20.56
CA GLY F 383 -35.32 12.68 20.46
C GLY F 383 -36.58 12.57 19.62
N ILE F 384 -37.02 11.32 19.46
CA ILE F 384 -38.25 11.09 18.69
C ILE F 384 -39.42 11.77 19.39
N PRO F 385 -40.25 12.53 18.70
CA PRO F 385 -41.35 13.22 19.38
C PRO F 385 -42.43 12.26 19.84
N ASP F 386 -43.23 12.73 20.79
CA ASP F 386 -44.33 11.94 21.33
C ASP F 386 -45.51 11.98 20.36
N ALA F 387 -46.67 11.50 20.81
CA ALA F 387 -47.85 11.50 19.95
C ALA F 387 -48.23 12.92 19.56
N THR F 388 -48.20 13.85 20.53
CA THR F 388 -48.56 15.24 20.23
C THR F 388 -47.60 15.84 19.22
N GLY F 389 -46.29 15.56 19.36
CA GLY F 389 -45.34 16.08 18.40
C GLY F 389 -45.56 15.55 17.00
N ARG F 390 -45.84 14.25 16.88
CA ARG F 390 -46.12 13.69 15.57
C ARG F 390 -47.39 14.27 14.97
N LEU F 391 -48.42 14.48 15.80
CA LEU F 391 -49.62 15.14 15.32
C LEU F 391 -49.34 16.54 14.80
N GLU F 392 -48.52 17.29 15.54
CA GLU F 392 -48.16 18.63 15.10
C GLU F 392 -47.41 18.59 13.78
N VAL F 393 -46.49 17.64 13.64
CA VAL F 393 -45.75 17.52 12.38
C VAL F 393 -46.70 17.20 11.23
N LEU F 394 -47.62 16.27 11.46
CA LEU F 394 -48.58 15.92 10.41
C LEU F 394 -49.41 17.12 10.01
N ARG F 395 -49.89 17.89 11.00
CA ARG F 395 -50.66 19.09 10.66
C ARG F 395 -49.82 20.09 9.89
N ILE F 396 -48.54 20.26 10.27
CA ILE F 396 -47.68 21.20 9.58
C ILE F 396 -47.51 20.79 8.12
N HIS F 397 -47.21 19.52 7.88
CA HIS F 397 -46.98 19.08 6.51
C HIS F 397 -48.27 19.01 5.72
N THR F 398 -49.34 18.47 6.30
CA THR F 398 -50.60 18.33 5.59
C THR F 398 -51.40 19.62 5.65
N LYS F 399 -50.78 20.73 5.25
CA LYS F 399 -51.45 22.02 5.20
C LYS F 399 -51.71 22.49 3.79
N ASN F 400 -51.31 21.72 2.78
CA ASN F 400 -51.53 22.11 1.38
C ASN F 400 -52.19 20.98 0.61
N MET F 401 -51.91 19.74 0.98
CA MET F 401 -52.45 18.60 0.26
C MET F 401 -53.97 18.59 0.37
N LYS F 402 -54.63 18.21 -0.73
CA LYS F 402 -56.08 18.15 -0.78
C LYS F 402 -56.56 16.90 -0.03
N LEU F 403 -56.58 17.03 1.30
CA LEU F 403 -57.04 15.93 2.13
C LEU F 403 -58.50 15.61 1.83
N ALA F 404 -58.83 14.33 1.91
CA ALA F 404 -60.20 13.89 1.66
C ALA F 404 -61.14 14.47 2.72
N ASP F 405 -62.43 14.21 2.55
CA ASP F 405 -63.42 14.72 3.49
C ASP F 405 -63.18 14.17 4.89
N ASP F 406 -62.86 12.88 5.00
CA ASP F 406 -62.66 12.23 6.29
C ASP F 406 -61.17 12.10 6.57
N VAL F 407 -60.72 12.73 7.66
CA VAL F 407 -59.33 12.64 8.11
C VAL F 407 -59.33 12.50 9.62
N ASP F 408 -58.48 11.62 10.14
CA ASP F 408 -58.40 11.30 11.56
C ASP F 408 -56.96 11.36 12.04
N LEU F 409 -56.27 12.44 11.70
CA LEU F 409 -54.85 12.61 12.01
C LEU F 409 -54.53 12.19 13.44
N GLU F 410 -55.49 12.31 14.36
CA GLU F 410 -55.27 11.78 15.70
C GLU F 410 -55.02 10.28 15.65
N ALA F 411 -55.80 9.56 14.84
CA ALA F 411 -55.58 8.12 14.69
C ALA F 411 -54.21 7.84 14.08
N LEU F 412 -53.82 8.61 13.07
CA LEU F 412 -52.50 8.41 12.47
C LEU F 412 -51.41 8.61 13.51
N ALA F 413 -51.52 9.67 14.31
CA ALA F 413 -50.52 9.91 15.35
C ALA F 413 -50.51 8.76 16.36
N ALA F 414 -51.68 8.27 16.74
CA ALA F 414 -51.74 7.18 17.70
C ALA F 414 -51.07 5.92 17.17
N GLU F 415 -51.30 5.59 15.90
CA GLU F 415 -50.73 4.36 15.34
C GLU F 415 -49.26 4.50 15.02
N THR F 416 -48.80 5.70 14.64
CA THR F 416 -47.41 5.90 14.26
C THR F 416 -46.58 6.14 15.52
N HIS F 417 -45.63 5.23 15.77
CA HIS F 417 -44.73 5.33 16.91
C HIS F 417 -43.30 5.16 16.44
N GLY F 418 -42.40 5.96 16.99
CA GLY F 418 -41.01 5.89 16.59
C GLY F 418 -40.74 6.47 15.23
N TYR F 419 -41.58 7.38 14.77
CA TYR F 419 -41.41 8.03 13.46
C TYR F 419 -40.83 9.42 13.66
N VAL F 420 -39.73 9.69 12.96
CA VAL F 420 -39.10 11.00 12.98
C VAL F 420 -39.82 11.88 11.97
N GLY F 421 -39.59 13.20 12.02
CA GLY F 421 -40.28 14.11 11.13
C GLY F 421 -40.05 13.76 9.65
N ALA F 422 -38.82 13.42 9.31
CA ALA F 422 -38.54 13.04 7.92
C ALA F 422 -39.39 11.85 7.50
N ASP F 423 -39.55 10.87 8.38
CA ASP F 423 -40.41 9.73 8.07
C ASP F 423 -41.85 10.18 7.86
N ILE F 424 -42.31 11.17 8.63
CA ILE F 424 -43.67 11.68 8.46
C ILE F 424 -43.82 12.32 7.09
N ALA F 425 -42.86 13.14 6.69
CA ALA F 425 -42.93 13.76 5.36
C ALA F 425 -42.92 12.69 4.27
N SER F 426 -42.08 11.68 4.42
CA SER F 426 -42.04 10.60 3.44
C SER F 426 -43.37 9.86 3.38
N LEU F 427 -43.98 9.63 4.54
CA LEU F 427 -45.29 8.98 4.59
C LEU F 427 -46.33 9.79 3.84
N CYS F 428 -46.35 11.11 4.07
CA CYS F 428 -47.31 11.95 3.36
C CYS F 428 -47.08 11.90 1.85
N SER F 429 -45.81 11.96 1.43
CA SER F 429 -45.52 11.90 0.01
C SER F 429 -45.96 10.56 -0.58
N GLU F 430 -45.71 9.46 0.13
CA GLU F 430 -46.11 8.15 -0.36
C GLU F 430 -47.63 8.05 -0.47
N ALA F 431 -48.35 8.61 0.51
CA ALA F 431 -49.81 8.58 0.44
C ALA F 431 -50.31 9.35 -0.78
N ALA F 432 -49.73 10.53 -1.02
CA ALA F 432 -50.12 11.30 -2.20
C ALA F 432 -49.81 10.52 -3.48
N MET F 433 -48.66 9.86 -3.53
CA MET F 433 -48.29 9.08 -4.71
C MET F 433 -49.27 7.93 -4.93
N GLN F 434 -49.67 7.26 -3.85
CA GLN F 434 -50.66 6.18 -3.98
C GLN F 434 -51.99 6.73 -4.50
N GLN F 435 -52.40 7.89 -4.01
CA GLN F 435 -53.62 8.50 -4.52
C GLN F 435 -53.51 8.79 -6.01
N ILE F 436 -52.36 9.32 -6.43
CA ILE F 436 -52.16 9.61 -7.86
C ILE F 436 -52.22 8.33 -8.67
N ARG F 437 -51.58 7.26 -8.19
CA ARG F 437 -51.64 6.00 -8.91
C ARG F 437 -53.07 5.50 -9.04
N GLU F 438 -53.83 5.58 -7.94
CA GLU F 438 -55.21 5.09 -7.99
C GLU F 438 -56.04 5.90 -8.97
N LYS F 439 -55.84 7.22 -9.00
CA LYS F 439 -56.57 8.06 -9.95
C LYS F 439 -56.01 7.97 -11.37
N MET F 440 -54.85 7.34 -11.56
CA MET F 440 -54.26 7.25 -12.89
C MET F 440 -54.92 6.22 -13.78
N ASP F 441 -55.68 5.28 -13.20
CA ASP F 441 -56.33 4.26 -14.01
C ASP F 441 -57.35 4.86 -14.98
N LEU F 442 -57.94 6.00 -14.64
CA LEU F 442 -58.93 6.65 -15.48
C LEU F 442 -58.31 7.59 -16.52
N ILE F 443 -56.99 7.76 -16.48
CA ILE F 443 -56.31 8.66 -17.41
C ILE F 443 -55.50 7.84 -18.41
N ILE F 450 -54.08 17.24 -19.62
CA ILE F 450 -55.00 16.49 -18.78
C ILE F 450 -56.21 17.35 -18.44
N ASP F 451 -57.39 16.74 -18.43
CA ASP F 451 -58.61 17.48 -18.13
C ASP F 451 -58.58 18.01 -16.70
N ALA F 452 -58.99 19.27 -16.54
CA ALA F 452 -59.00 19.88 -15.22
C ALA F 452 -60.03 19.23 -14.30
N GLU F 453 -61.07 18.64 -14.88
CA GLU F 453 -62.11 18.02 -14.05
C GLU F 453 -61.54 16.91 -13.19
N VAL F 454 -60.71 16.05 -13.77
CA VAL F 454 -60.08 14.99 -12.99
C VAL F 454 -59.20 15.58 -11.91
N LEU F 455 -58.42 16.60 -12.26
CA LEU F 455 -57.57 17.25 -11.26
C LEU F 455 -58.40 17.76 -10.09
N ASP F 456 -59.60 18.26 -10.37
CA ASP F 456 -60.47 18.76 -9.31
C ASP F 456 -60.96 17.65 -8.38
N SER F 457 -60.91 16.40 -8.82
CA SER F 457 -61.40 15.27 -8.03
C SER F 457 -60.32 14.63 -7.18
N LEU F 458 -59.08 15.13 -7.22
CA LEU F 458 -58.01 14.55 -6.41
C LEU F 458 -58.32 14.71 -4.93
N GLY F 459 -58.11 13.65 -4.17
CA GLY F 459 -58.32 13.69 -2.74
C GLY F 459 -57.58 12.58 -2.03
N VAL F 460 -56.81 12.93 -1.00
CA VAL F 460 -56.05 11.96 -0.22
C VAL F 460 -56.95 11.43 0.90
N THR F 461 -57.22 10.13 0.88
CA THR F 461 -58.13 9.49 1.81
C THR F 461 -57.33 8.71 2.86
N MET F 462 -58.06 8.14 3.82
CA MET F 462 -57.42 7.34 4.85
C MET F 462 -56.73 6.12 4.25
N ASP F 463 -57.34 5.52 3.23
CA ASP F 463 -56.75 4.33 2.63
C ASP F 463 -55.35 4.61 2.12
N ASN F 464 -55.14 5.79 1.53
CA ASN F 464 -53.82 6.14 1.04
C ASN F 464 -52.80 6.21 2.17
N PHE F 465 -53.19 6.81 3.30
CA PHE F 465 -52.28 6.87 4.44
C PHE F 465 -51.98 5.48 4.98
N ARG F 466 -53.00 4.62 5.04
CA ARG F 466 -52.77 3.25 5.50
C ARG F 466 -51.80 2.52 4.59
N PHE F 467 -51.98 2.67 3.27
CA PHE F 467 -51.06 2.03 2.34
C PHE F 467 -49.65 2.58 2.49
N ALA F 468 -49.51 3.90 2.66
CA ALA F 468 -48.20 4.49 2.83
C ALA F 468 -47.52 3.95 4.08
N LEU F 469 -48.27 3.82 5.17
CA LEU F 469 -47.72 3.19 6.37
C LEU F 469 -47.29 1.76 6.06
N GLY F 470 -48.12 1.02 5.32
CA GLY F 470 -47.77 -0.33 4.95
C GLY F 470 -46.48 -0.40 4.16
N ASN F 471 -46.15 0.67 3.43
CA ASN F 471 -44.93 0.72 2.64
C ASN F 471 -43.82 1.52 3.31
N SER F 472 -44.00 1.90 4.57
CA SER F 472 -43.01 2.69 5.29
C SER F 472 -42.15 1.79 6.19
N ASN F 473 -41.02 2.33 6.62
CA ASN F 473 -40.09 1.60 7.49
C ASN F 473 -39.22 2.58 8.26
N PRO F 474 -39.60 2.96 9.48
CA PRO F 474 -38.78 3.93 10.23
C PRO F 474 -37.40 3.37 10.53
N SER F 475 -36.42 4.26 10.60
CA SER F 475 -35.02 3.91 10.82
C SER F 475 -34.48 4.59 12.07
N ALA F 476 -35.25 4.56 13.16
CA ALA F 476 -34.85 5.18 14.41
C ALA F 476 -34.84 4.23 15.59
N LEU F 477 -35.70 3.20 15.59
CA LEU F 477 -35.80 2.33 16.75
C LEU F 477 -34.50 1.56 16.98
N ARG F 478 -33.85 1.11 15.90
CA ARG F 478 -32.66 0.29 16.05
C ARG F 478 -31.59 0.98 16.89
N GLU F 479 -31.57 2.30 16.89
CA GLU F 479 -30.62 3.08 17.68
C GLU F 479 -31.30 3.55 18.96
N THR F 480 -30.51 3.67 20.02
CA THR F 480 -31.04 4.12 21.30
C THR F 480 -31.47 5.58 21.19
N VAL F 481 -32.71 5.86 21.58
CA VAL F 481 -33.28 7.20 21.45
C VAL F 481 -34.00 7.55 22.75
N VAL F 482 -34.25 8.85 22.92
CA VAL F 482 -34.91 9.38 24.10
C VAL F 482 -36.31 9.82 23.69
N GLU F 483 -37.31 9.39 24.46
CA GLU F 483 -38.71 9.71 24.17
C GLU F 483 -39.43 9.94 25.49
N SER F 484 -40.76 9.96 25.43
CA SER F 484 -41.60 10.12 26.60
C SER F 484 -42.70 9.08 26.58
N VAL F 485 -43.15 8.69 27.78
CA VAL F 485 -44.18 7.68 27.94
C VAL F 485 -45.27 8.22 28.86
N ASN F 486 -46.45 7.62 28.76
CA ASN F 486 -47.63 8.07 29.50
C ASN F 486 -48.37 6.87 30.09
N VAL F 487 -47.63 5.94 30.70
CA VAL F 487 -48.22 4.75 31.30
C VAL F 487 -48.83 5.18 32.64
N THR F 488 -50.15 5.32 32.66
CA THR F 488 -50.83 5.73 33.88
C THR F 488 -50.76 4.70 35.01
N TRP F 489 -50.71 5.20 36.24
CA TRP F 489 -50.55 4.32 37.40
C TRP F 489 -51.71 3.33 37.51
N ASP F 490 -52.94 3.81 37.33
CA ASP F 490 -54.09 2.92 37.44
C ASP F 490 -54.19 1.93 36.28
N ASP F 491 -53.38 2.09 35.24
CA ASP F 491 -53.40 1.16 34.12
C ASP F 491 -53.08 -0.25 34.58
N VAL F 492 -52.04 -0.40 35.40
CA VAL F 492 -51.64 -1.71 35.90
C VAL F 492 -52.59 -2.12 37.02
N GLY F 493 -52.56 -3.39 37.39
CA GLY F 493 -53.42 -3.92 38.44
C GLY F 493 -52.61 -4.56 39.54
N GLY F 494 -53.01 -4.29 40.79
CA GLY F 494 -52.34 -4.87 41.93
C GLY F 494 -50.98 -4.25 42.19
N LEU F 495 -50.20 -4.94 43.04
CA LEU F 495 -48.87 -4.49 43.41
C LEU F 495 -48.93 -3.10 44.06
N ASP F 496 -49.96 -2.88 44.88
CA ASP F 496 -50.13 -1.58 45.51
C ASP F 496 -48.95 -1.24 46.42
N GLU F 497 -48.48 -2.22 47.20
CA GLU F 497 -47.34 -1.96 48.09
C GLU F 497 -46.11 -1.61 47.27
N ILE F 498 -45.91 -2.30 46.14
CA ILE F 498 -44.79 -1.96 45.26
C ILE F 498 -44.96 -0.55 44.71
N LYS F 499 -46.20 -0.19 44.37
CA LYS F 499 -46.46 1.17 43.88
C LYS F 499 -46.06 2.20 44.92
N GLU F 500 -46.48 1.99 46.17
CA GLU F 500 -46.16 2.95 47.22
C GLU F 500 -44.65 3.00 47.48
N GLU F 501 -43.99 1.84 47.46
CA GLU F 501 -42.54 1.81 47.66
C GLU F 501 -41.83 2.59 46.56
N LEU F 502 -42.23 2.37 45.31
CA LEU F 502 -41.60 3.10 44.20
C LEU F 502 -41.88 4.59 44.30
N LYS F 503 -43.11 4.96 44.70
CA LYS F 503 -43.41 6.37 44.90
C LYS F 503 -42.46 6.98 45.93
N GLU F 504 -42.38 6.35 47.11
CA GLU F 504 -41.45 6.83 48.12
C GLU F 504 -40.02 6.91 47.59
N THR F 505 -39.64 5.98 46.71
CA THR F 505 -38.27 5.94 46.24
C THR F 505 -37.97 7.07 45.26
N VAL F 506 -38.90 7.37 44.36
CA VAL F 506 -38.64 8.25 43.22
C VAL F 506 -39.29 9.61 43.39
N GLU F 507 -40.61 9.65 43.63
CA GLU F 507 -41.33 10.90 43.53
C GLU F 507 -40.92 11.87 44.63
N TYR F 508 -40.93 11.41 45.89
CA TYR F 508 -40.69 12.33 47.00
C TYR F 508 -39.32 12.97 46.94
N PRO F 509 -38.23 12.25 46.70
CA PRO F 509 -36.92 12.92 46.58
C PRO F 509 -36.90 13.99 45.51
N VAL F 510 -37.55 13.76 44.38
CA VAL F 510 -37.58 14.75 43.31
C VAL F 510 -38.75 15.71 43.46
N LEU F 511 -39.84 15.27 44.09
CA LEU F 511 -40.98 16.16 44.29
C LEU F 511 -40.70 17.17 45.40
N HIS F 512 -40.06 16.73 46.49
CA HIS F 512 -39.72 17.59 47.61
C HIS F 512 -38.25 17.38 47.96
N PRO F 513 -37.34 17.78 47.06
CA PRO F 513 -35.91 17.64 47.36
C PRO F 513 -35.46 18.46 48.56
N ASP F 514 -36.20 19.50 48.93
CA ASP F 514 -35.81 20.32 50.06
C ASP F 514 -35.81 19.50 51.35
N GLN F 515 -36.79 18.61 51.51
CA GLN F 515 -36.83 17.76 52.70
C GLN F 515 -35.59 16.89 52.80
N TYR F 516 -35.20 16.25 51.70
CA TYR F 516 -34.01 15.41 51.71
C TYR F 516 -32.76 16.23 51.97
N THR F 517 -32.68 17.42 51.37
CA THR F 517 -31.52 18.29 51.63
C THR F 517 -31.43 18.64 53.10
N LYS F 518 -32.56 19.00 53.72
CA LYS F 518 -32.55 19.35 55.13
C LYS F 518 -32.14 18.16 55.98
N PHE F 519 -32.72 16.99 55.72
CA PHE F 519 -32.30 15.78 56.42
C PHE F 519 -30.88 15.39 56.03
N GLY F 520 -30.53 15.57 54.75
CA GLY F 520 -29.23 15.18 54.24
C GLY F 520 -29.21 13.90 53.44
N LEU F 521 -30.28 13.11 53.49
CA LEU F 521 -30.33 11.88 52.72
C LEU F 521 -30.36 12.17 51.23
N SER F 522 -29.58 11.39 50.47
CA SER F 522 -29.55 11.53 49.02
C SER F 522 -30.60 10.63 48.37
N PRO F 523 -31.11 11.00 47.21
CA PRO F 523 -32.13 10.17 46.56
C PRO F 523 -31.59 8.79 46.20
N SER F 524 -32.47 7.79 46.31
CA SER F 524 -32.12 6.43 45.92
C SER F 524 -32.23 6.30 44.41
N LYS F 525 -31.28 5.56 43.82
CA LYS F 525 -31.22 5.41 42.38
C LYS F 525 -30.97 3.98 41.91
N GLY F 526 -30.55 3.08 42.79
CA GLY F 526 -30.27 1.70 42.39
C GLY F 526 -31.41 0.75 42.68
N VAL F 527 -32.20 0.42 41.67
CA VAL F 527 -33.34 -0.47 41.81
C VAL F 527 -33.20 -1.61 40.81
N LEU F 528 -33.53 -2.82 41.23
CA LEU F 528 -33.47 -4.00 40.39
C LEU F 528 -34.77 -4.78 40.53
N PHE F 529 -35.56 -4.83 39.46
CA PHE F 529 -36.76 -5.64 39.43
C PHE F 529 -36.39 -7.07 39.05
N TYR F 530 -36.83 -8.04 39.85
CA TYR F 530 -36.60 -9.45 39.54
C TYR F 530 -37.88 -10.23 39.78
N GLY F 531 -38.09 -11.25 38.96
CA GLY F 531 -39.26 -12.08 39.06
C GLY F 531 -39.50 -12.90 37.82
N PRO F 532 -40.60 -13.65 37.80
CA PRO F 532 -40.90 -14.46 36.62
C PRO F 532 -41.12 -13.65 35.37
N PRO F 533 -40.83 -14.22 34.20
CA PRO F 533 -40.98 -13.46 32.96
C PRO F 533 -42.43 -13.11 32.67
N GLY F 534 -42.60 -12.04 31.90
CA GLY F 534 -43.93 -11.60 31.51
C GLY F 534 -44.77 -11.09 32.66
N THR F 535 -44.16 -10.37 33.59
CA THR F 535 -44.87 -9.77 34.71
C THR F 535 -45.00 -8.26 34.59
N GLY F 536 -44.69 -7.70 33.43
CA GLY F 536 -44.88 -6.29 33.21
C GLY F 536 -43.85 -5.39 33.89
N LYS F 537 -42.60 -5.85 33.99
CA LYS F 537 -41.56 -5.00 34.57
C LYS F 537 -41.38 -3.72 33.77
N THR F 538 -41.35 -3.84 32.44
CA THR F 538 -41.20 -2.66 31.60
C THR F 538 -42.37 -1.70 31.79
N LEU F 539 -43.58 -2.24 31.93
CA LEU F 539 -44.74 -1.38 32.14
C LEU F 539 -44.60 -0.60 33.45
N LEU F 540 -44.16 -1.26 34.52
CA LEU F 540 -43.97 -0.57 35.79
C LEU F 540 -42.89 0.49 35.66
N ALA F 541 -41.80 0.19 34.95
CA ALA F 541 -40.74 1.18 34.78
C ALA F 541 -41.25 2.39 34.01
N LYS F 542 -42.03 2.17 32.96
CA LYS F 542 -42.57 3.27 32.19
C LYS F 542 -43.53 4.11 33.02
N ALA F 543 -44.35 3.45 33.85
CA ALA F 543 -45.25 4.20 34.72
C ALA F 543 -44.46 5.04 35.72
N VAL F 544 -43.40 4.48 36.30
CA VAL F 544 -42.58 5.23 37.24
C VAL F 544 -41.98 6.44 36.55
N ALA F 545 -41.46 6.26 35.34
CA ALA F 545 -40.91 7.40 34.60
C ALA F 545 -41.99 8.43 34.34
N THR F 546 -43.20 7.99 33.99
CA THR F 546 -44.29 8.92 33.75
C THR F 546 -44.64 9.71 35.01
N GLU F 547 -44.42 9.11 36.19
CA GLU F 547 -44.74 9.82 37.42
C GLU F 547 -43.94 11.12 37.53
N VAL F 548 -42.64 11.07 37.22
CA VAL F 548 -41.80 12.26 37.28
C VAL F 548 -41.70 12.98 35.94
N SER F 549 -42.42 12.50 34.92
CA SER F 549 -42.41 13.12 33.60
C SER F 549 -40.98 13.22 33.04
N ALA F 550 -40.19 12.18 33.28
CA ALA F 550 -38.84 12.10 32.75
C ALA F 550 -38.85 11.44 31.38
N ASN F 551 -37.70 11.51 30.70
CA ASN F 551 -37.56 10.96 29.36
C ASN F 551 -37.04 9.53 29.49
N PHE F 552 -37.95 8.57 29.31
CA PHE F 552 -37.60 7.17 29.49
C PHE F 552 -36.67 6.69 28.38
N ILE F 553 -35.64 5.94 28.76
CA ILE F 553 -34.67 5.37 27.83
C ILE F 553 -34.70 3.86 28.01
N SER F 554 -34.64 3.13 26.91
CA SER F 554 -34.69 1.67 26.92
C SER F 554 -33.43 1.09 26.30
N VAL F 555 -32.88 0.07 26.95
CA VAL F 555 -31.76 -0.70 26.43
C VAL F 555 -32.10 -2.17 26.56
N LYS F 556 -32.15 -2.87 25.43
CA LYS F 556 -32.53 -4.28 25.40
C LYS F 556 -31.29 -5.17 25.36
N GLY F 557 -31.51 -6.47 25.59
CA GLY F 557 -30.44 -7.43 25.60
C GLY F 557 -29.66 -7.54 24.32
N PRO F 558 -30.32 -7.52 23.15
CA PRO F 558 -29.55 -7.53 21.89
C PRO F 558 -28.56 -6.37 21.82
N GLU F 559 -28.95 -5.19 22.29
CA GLU F 559 -28.01 -4.08 22.32
C GLU F 559 -26.84 -4.37 23.26
N LEU F 560 -27.12 -4.97 24.41
CA LEU F 560 -26.06 -5.35 25.33
C LEU F 560 -25.06 -6.28 24.65
N LEU F 561 -25.57 -7.30 23.96
CA LEU F 561 -24.68 -8.24 23.29
C LEU F 561 -23.90 -7.57 22.18
N SER F 562 -24.55 -6.70 21.40
CA SER F 562 -23.86 -6.01 20.33
C SER F 562 -22.72 -5.15 20.88
N MET F 563 -22.98 -4.44 21.98
CA MET F 563 -21.92 -3.66 22.61
C MET F 563 -20.81 -4.57 23.13
N TRP F 564 -21.18 -5.72 23.71
CA TRP F 564 -20.18 -6.64 24.23
C TRP F 564 -19.24 -7.11 23.12
N TYR F 565 -19.80 -7.60 22.03
CA TYR F 565 -18.98 -8.13 20.94
C TYR F 565 -18.21 -7.03 20.21
N GLY F 566 -18.51 -5.76 20.47
CA GLY F 566 -17.81 -4.66 19.84
C GLY F 566 -18.46 -4.13 18.58
N GLU F 567 -19.34 -4.91 17.95
CA GLU F 567 -20.05 -4.48 16.75
C GLU F 567 -21.36 -3.85 17.20
N SER F 568 -21.40 -2.51 17.21
CA SER F 568 -22.60 -1.79 17.61
C SER F 568 -22.40 -0.32 17.28
N GLU F 569 -23.51 0.34 16.93
CA GLU F 569 -23.43 1.75 16.58
C GLU F 569 -23.00 2.60 17.77
N SER F 570 -23.50 2.27 18.96
CA SER F 570 -23.22 3.04 20.16
C SER F 570 -22.86 2.10 21.31
N ASN F 571 -22.09 2.62 22.25
CA ASN F 571 -21.71 1.89 23.46
C ASN F 571 -22.43 2.47 24.66
N ILE F 572 -22.29 1.78 25.80
CA ILE F 572 -22.94 2.21 27.02
C ILE F 572 -22.61 3.67 27.35
N ARG F 573 -21.42 4.11 26.93
CA ARG F 573 -21.03 5.50 27.18
C ARG F 573 -22.01 6.47 26.51
N ASP F 574 -22.39 6.18 25.26
CA ASP F 574 -23.35 7.04 24.58
C ASP F 574 -24.68 7.06 25.29
N ILE F 575 -25.15 5.90 25.75
CA ILE F 575 -26.44 5.84 26.43
C ILE F 575 -26.41 6.69 27.69
N PHE F 576 -25.35 6.55 28.49
CA PHE F 576 -25.28 7.32 29.74
C PHE F 576 -25.11 8.80 29.46
N ASP F 577 -24.34 9.16 28.42
CA ASP F 577 -24.18 10.57 28.08
C ASP F 577 -25.51 11.18 27.67
N LYS F 578 -26.29 10.47 26.85
CA LYS F 578 -27.59 10.98 26.47
C LYS F 578 -28.51 11.08 27.68
N ALA F 579 -28.44 10.11 28.59
CA ALA F 579 -29.24 10.18 29.80
C ALA F 579 -28.91 11.43 30.60
N ARG F 580 -27.61 11.73 30.76
CA ARG F 580 -27.23 12.95 31.47
C ARG F 580 -27.71 14.19 30.75
N ALA F 581 -27.55 14.23 29.43
CA ALA F 581 -27.89 15.43 28.68
C ALA F 581 -29.39 15.71 28.74
N ALA F 582 -30.21 14.67 28.64
CA ALA F 582 -31.66 14.81 28.62
C ALA F 582 -32.28 14.70 30.00
N ALA F 583 -31.53 14.99 31.06
CA ALA F 583 -32.04 14.81 32.40
C ALA F 583 -33.24 15.73 32.64
N PRO F 584 -34.20 15.32 33.47
CA PRO F 584 -34.24 14.03 34.17
C PRO F 584 -34.65 12.88 33.26
N THR F 585 -34.08 11.69 33.48
CA THR F 585 -34.36 10.53 32.66
C THR F 585 -34.43 9.29 33.54
N VAL F 586 -35.04 8.25 33.00
CA VAL F 586 -35.11 6.94 33.64
C VAL F 586 -34.58 5.94 32.63
N VAL F 587 -33.38 5.44 32.84
CA VAL F 587 -32.78 4.45 31.97
C VAL F 587 -33.21 3.07 32.44
N PHE F 588 -33.57 2.20 31.50
CA PHE F 588 -34.02 0.85 31.80
C PHE F 588 -33.05 -0.13 31.15
N LEU F 589 -32.47 -1.00 31.97
CA LEU F 589 -31.53 -2.02 31.51
C LEU F 589 -32.25 -3.36 31.58
N ASP F 590 -32.67 -3.86 30.42
CA ASP F 590 -33.40 -5.11 30.34
C ASP F 590 -32.44 -6.27 30.19
N GLU F 591 -32.74 -7.37 30.86
CA GLU F 591 -31.96 -8.60 30.76
C GLU F 591 -30.49 -8.36 31.14
N LEU F 592 -30.29 -7.98 32.40
CA LEU F 592 -28.93 -7.88 32.92
C LEU F 592 -28.28 -9.24 33.07
N ASP F 593 -29.04 -10.32 32.99
CA ASP F 593 -28.48 -11.68 33.05
C ASP F 593 -28.02 -12.18 31.69
N SER F 594 -28.21 -11.40 30.63
CA SER F 594 -27.82 -11.78 29.29
C SER F 594 -26.39 -11.38 28.95
N ILE F 595 -25.63 -10.85 29.92
CA ILE F 595 -24.26 -10.41 29.69
C ILE F 595 -23.30 -11.42 30.30
N ALA F 596 -23.73 -12.67 30.36
CA ALA F 596 -22.89 -13.74 30.90
C ALA F 596 -21.80 -14.12 29.91
N SER F 610 -14.26 -11.37 28.98
CA SER F 610 -15.60 -11.04 29.42
C SER F 610 -15.57 -10.02 30.54
N ASP F 611 -16.75 -9.60 31.00
CA ASP F 611 -16.95 -8.64 32.08
C ASP F 611 -16.58 -7.21 31.67
N ARG F 612 -16.17 -6.98 30.43
CA ARG F 612 -15.84 -5.62 30.00
C ARG F 612 -17.06 -4.71 30.11
N VAL F 613 -18.22 -5.16 29.63
CA VAL F 613 -19.42 -4.35 29.67
C VAL F 613 -19.83 -4.10 31.13
N VAL F 614 -19.72 -5.12 31.98
CA VAL F 614 -20.08 -4.95 33.38
C VAL F 614 -19.18 -3.92 34.03
N ASN F 615 -17.88 -3.98 33.75
CA ASN F 615 -16.95 -3.00 34.31
C ASN F 615 -17.30 -1.59 33.83
N GLN F 616 -17.58 -1.44 32.54
CA GLN F 616 -17.93 -0.12 32.02
C GLN F 616 -19.19 0.40 32.69
N LEU F 617 -20.21 -0.45 32.84
CA LEU F 617 -21.45 -0.02 33.46
C LEU F 617 -21.21 0.40 34.91
N LEU F 618 -20.43 -0.38 35.65
CA LEU F 618 -20.14 -0.02 37.03
C LEU F 618 -19.40 1.32 37.10
N THR F 619 -18.42 1.51 36.23
CA THR F 619 -17.67 2.76 36.24
C THR F 619 -18.58 3.94 35.94
N GLU F 620 -19.42 3.82 34.92
CA GLU F 620 -20.32 4.92 34.58
C GLU F 620 -21.31 5.21 35.71
N MET F 621 -21.87 4.16 36.32
CA MET F 621 -22.82 4.37 37.40
C MET F 621 -22.16 5.06 38.58
N ASP F 622 -20.93 4.66 38.92
CA ASP F 622 -20.23 5.32 40.01
C ASP F 622 -19.90 6.76 39.67
N GLY F 623 -19.51 7.02 38.43
CA GLY F 623 -19.01 8.35 38.08
C GLY F 623 -20.05 9.44 38.22
N MET F 624 -21.29 9.17 37.79
CA MET F 624 -22.31 10.21 37.77
C MET F 624 -22.53 10.78 39.17
N ASN F 625 -22.71 12.09 39.23
CA ASN F 625 -22.95 12.75 40.50
C ASN F 625 -24.31 12.36 41.08
N ALA F 626 -24.37 12.33 42.40
CA ALA F 626 -25.61 11.93 43.07
C ALA F 626 -26.74 12.90 42.79
N LYS F 627 -26.44 14.21 42.78
CA LYS F 627 -27.50 15.20 42.65
C LYS F 627 -28.23 15.07 41.31
N LYS F 628 -27.48 14.77 40.24
CA LYS F 628 -28.08 14.71 38.91
C LYS F 628 -29.24 13.71 38.90
N ASN F 629 -30.33 14.11 38.25
CA ASN F 629 -31.57 13.32 38.27
C ASN F 629 -31.51 12.29 37.14
N VAL F 630 -30.71 11.25 37.38
CA VAL F 630 -30.59 10.10 36.48
C VAL F 630 -30.84 8.85 37.30
N PHE F 631 -31.84 8.07 36.90
CA PHE F 631 -32.23 6.86 37.62
C PHE F 631 -32.05 5.65 36.71
N VAL F 632 -31.68 4.52 37.30
CA VAL F 632 -31.43 3.27 36.60
C VAL F 632 -32.37 2.21 37.15
N ILE F 633 -33.06 1.51 36.25
CA ILE F 633 -33.97 0.44 36.62
C ILE F 633 -33.54 -0.81 35.86
N GLY F 634 -33.17 -1.85 36.59
CA GLY F 634 -32.67 -3.09 36.00
C GLY F 634 -33.72 -4.18 36.06
N ALA F 635 -33.78 -5.00 35.01
CA ALA F 635 -34.70 -6.12 34.93
C ALA F 635 -33.92 -7.38 34.59
N THR F 636 -34.33 -8.50 35.18
CA THR F 636 -33.67 -9.77 34.94
C THR F 636 -34.53 -10.90 35.50
N ASN F 637 -34.68 -11.96 34.73
CA ASN F 637 -35.42 -13.15 35.16
C ASN F 637 -34.51 -14.22 35.74
N ARG F 638 -33.21 -13.97 35.83
CA ARG F 638 -32.23 -14.92 36.37
C ARG F 638 -31.37 -14.18 37.39
N PRO F 639 -31.94 -13.84 38.54
CA PRO F 639 -31.17 -13.04 39.52
C PRO F 639 -29.90 -13.71 39.99
N ASP F 640 -29.82 -15.05 39.93
CA ASP F 640 -28.61 -15.73 40.37
C ASP F 640 -27.40 -15.33 39.53
N GLN F 641 -27.58 -15.23 38.22
CA GLN F 641 -26.44 -14.96 37.34
C GLN F 641 -25.92 -13.53 37.51
N ILE F 642 -26.77 -12.61 37.97
CA ILE F 642 -26.35 -11.21 38.07
C ILE F 642 -25.08 -11.11 38.91
N ASP F 643 -24.15 -10.29 38.45
CA ASP F 643 -22.88 -10.14 39.13
C ASP F 643 -23.10 -9.58 40.53
N PRO F 644 -22.51 -10.18 41.57
CA PRO F 644 -22.66 -9.60 42.92
C PRO F 644 -22.14 -8.18 43.02
N ALA F 645 -21.12 -7.82 42.24
CA ALA F 645 -20.53 -6.50 42.36
C ALA F 645 -21.54 -5.40 42.10
N ILE F 646 -22.53 -5.66 41.23
CA ILE F 646 -23.52 -4.64 40.91
C ILE F 646 -24.46 -4.39 42.10
N LEU F 647 -24.48 -5.28 43.08
CA LEU F 647 -25.40 -5.16 44.21
C LEU F 647 -24.81 -4.38 45.38
N ARG F 648 -23.61 -3.83 45.23
CA ARG F 648 -23.02 -3.05 46.31
C ARG F 648 -23.79 -1.77 46.62
N PRO F 649 -23.73 -1.30 47.87
CA PRO F 649 -24.35 -0.01 48.20
C PRO F 649 -23.77 1.12 47.35
N GLY F 650 -24.62 2.10 47.03
CA GLY F 650 -24.26 3.11 46.07
C GLY F 650 -24.45 2.70 44.63
N ARG F 651 -25.14 1.58 44.40
CA ARG F 651 -25.36 1.02 43.08
C ARG F 651 -26.72 0.33 43.11
N LEU F 652 -26.94 -0.59 42.18
CA LEU F 652 -28.23 -1.27 42.08
C LEU F 652 -28.39 -2.17 43.31
N ASP F 653 -28.72 -1.54 44.43
CA ASP F 653 -28.83 -2.23 45.71
C ASP F 653 -30.24 -2.70 46.01
N GLN F 654 -31.24 -1.87 45.75
CA GLN F 654 -32.62 -2.24 46.07
C GLN F 654 -33.07 -3.41 45.20
N LEU F 655 -33.69 -4.41 45.83
CA LEU F 655 -34.28 -5.53 45.13
C LEU F 655 -35.80 -5.45 45.25
N ILE F 656 -36.49 -5.59 44.12
CA ILE F 656 -37.95 -5.56 44.10
C ILE F 656 -38.43 -6.84 43.44
N TYR F 657 -39.12 -7.68 44.20
CA TYR F 657 -39.72 -8.89 43.66
C TYR F 657 -41.01 -8.55 42.95
N VAL F 658 -41.26 -9.21 41.83
CA VAL F 658 -42.47 -8.98 41.05
C VAL F 658 -43.33 -10.23 41.09
N PRO F 659 -44.32 -10.31 41.97
CA PRO F 659 -45.17 -11.50 42.03
C PRO F 659 -46.14 -11.55 40.86
N LEU F 660 -46.66 -12.76 40.62
CA LEU F 660 -47.64 -12.94 39.56
C LEU F 660 -48.95 -12.25 39.93
N PRO F 661 -49.71 -11.81 38.93
CA PRO F 661 -50.94 -11.07 39.22
C PRO F 661 -51.98 -11.94 39.91
N ASP F 662 -52.81 -11.30 40.72
CA ASP F 662 -53.89 -11.95 41.44
C ASP F 662 -55.17 -11.93 40.61
N GLU F 663 -56.19 -12.64 41.11
CA GLU F 663 -57.47 -12.72 40.40
C GLU F 663 -57.99 -11.33 40.03
N ASN F 664 -57.99 -10.41 41.00
CA ASN F 664 -58.41 -9.05 40.70
C ASN F 664 -57.48 -8.41 39.66
N ALA F 665 -56.17 -8.64 39.80
CA ALA F 665 -55.23 -8.10 38.82
C ALA F 665 -55.47 -8.72 37.45
N ARG F 666 -55.74 -10.02 37.40
CA ARG F 666 -56.03 -10.65 36.11
C ARG F 666 -57.28 -10.05 35.48
N LEU F 667 -58.32 -9.84 36.28
CA LEU F 667 -59.55 -9.24 35.75
C LEU F 667 -59.28 -7.83 35.23
N SER F 668 -58.50 -7.05 35.96
CA SER F 668 -58.19 -5.70 35.51
C SER F 668 -57.39 -5.74 34.21
N ILE F 669 -56.43 -6.66 34.10
CA ILE F 669 -55.65 -6.77 32.88
C ILE F 669 -56.55 -7.13 31.70
N LEU F 670 -57.43 -8.11 31.91
CA LEU F 670 -58.34 -8.51 30.84
C LEU F 670 -59.22 -7.36 30.41
N ASN F 671 -59.77 -6.61 31.37
CA ASN F 671 -60.63 -5.48 31.01
C ASN F 671 -59.83 -4.43 30.24
N ALA F 672 -58.63 -4.11 30.71
CA ALA F 672 -57.84 -3.07 30.05
C ALA F 672 -57.47 -3.47 28.62
N GLN F 673 -57.03 -4.72 28.43
CA GLN F 673 -56.61 -5.15 27.11
C GLN F 673 -57.78 -5.19 26.13
N LEU F 674 -58.99 -5.41 26.63
CA LEU F 674 -60.16 -5.56 25.77
C LEU F 674 -60.94 -4.26 25.57
N ARG F 675 -60.47 -3.15 26.14
CA ARG F 675 -61.19 -1.88 25.97
C ARG F 675 -61.27 -1.51 24.50
N LYS F 676 -60.18 -1.68 23.75
CA LYS F 676 -60.13 -1.31 22.35
C LYS F 676 -60.58 -2.44 21.43
N THR F 677 -61.33 -3.40 21.95
CA THR F 677 -61.88 -4.48 21.16
C THR F 677 -63.33 -4.70 21.53
N PRO F 678 -64.19 -5.01 20.57
CA PRO F 678 -65.60 -5.25 20.88
C PRO F 678 -65.80 -6.56 21.64
N LEU F 679 -66.90 -6.63 22.38
CA LEU F 679 -67.24 -7.81 23.17
C LEU F 679 -68.75 -8.00 23.15
N GLU F 680 -69.17 -9.24 23.38
CA GLU F 680 -70.59 -9.54 23.43
C GLU F 680 -71.23 -8.85 24.63
N PRO F 681 -72.35 -8.14 24.46
CA PRO F 681 -73.02 -7.56 25.63
C PRO F 681 -73.43 -8.65 26.62
N GLY F 682 -73.29 -8.33 27.90
CA GLY F 682 -73.61 -9.27 28.96
C GLY F 682 -72.50 -10.24 29.31
N LEU F 683 -71.39 -10.22 28.58
CA LEU F 683 -70.29 -11.12 28.89
C LEU F 683 -69.71 -10.81 30.27
N GLU F 684 -69.43 -11.86 31.03
CA GLU F 684 -68.84 -11.75 32.35
C GLU F 684 -67.44 -12.34 32.31
N LEU F 685 -66.43 -11.48 32.53
CA LEU F 685 -65.04 -11.90 32.53
C LEU F 685 -64.54 -12.31 33.90
N THR F 686 -65.34 -12.14 34.96
CA THR F 686 -64.90 -12.54 36.29
C THR F 686 -64.68 -14.04 36.37
N ALA F 687 -65.56 -14.81 35.73
CA ALA F 687 -65.35 -16.26 35.68
C ALA F 687 -64.06 -16.59 34.96
N ILE F 688 -63.76 -15.87 33.89
CA ILE F 688 -62.51 -16.10 33.16
C ILE F 688 -61.33 -15.82 34.07
N ALA F 689 -61.38 -14.70 34.80
CA ALA F 689 -60.27 -14.35 35.70
C ALA F 689 -60.10 -15.40 36.79
N LYS F 690 -61.20 -15.87 37.37
CA LYS F 690 -61.10 -16.88 38.42
C LYS F 690 -60.55 -18.19 37.87
N ALA F 691 -60.95 -18.56 36.65
CA ALA F 691 -60.52 -19.80 36.03
C ALA F 691 -59.18 -19.68 35.32
N THR F 692 -58.38 -18.67 35.65
CA THR F 692 -57.07 -18.47 35.06
C THR F 692 -56.02 -18.24 36.15
N GLN F 693 -56.13 -18.97 37.24
CA GLN F 693 -55.15 -18.87 38.32
C GLN F 693 -53.82 -19.47 37.90
N GLY F 694 -52.74 -18.89 38.41
CA GLY F 694 -51.40 -19.36 38.12
C GLY F 694 -50.83 -18.90 36.80
N PHE F 695 -51.55 -18.07 36.04
CA PHE F 695 -51.08 -17.58 34.77
C PHE F 695 -50.33 -16.25 34.96
N SER F 696 -49.93 -15.65 33.85
CA SER F 696 -49.27 -14.36 33.85
C SER F 696 -49.95 -13.46 32.81
N GLY F 697 -49.53 -12.20 32.77
CA GLY F 697 -50.10 -11.28 31.81
C GLY F 697 -49.89 -11.74 30.38
N ALA F 698 -48.74 -12.33 30.10
CA ALA F 698 -48.46 -12.82 28.75
C ALA F 698 -49.46 -13.89 28.34
N ASP F 699 -49.77 -14.82 29.24
CA ASP F 699 -50.74 -15.88 28.93
C ASP F 699 -52.12 -15.28 28.68
N LEU F 700 -52.52 -14.30 29.48
CA LEU F 700 -53.82 -13.67 29.28
C LEU F 700 -53.88 -12.97 27.93
N LEU F 701 -52.81 -12.26 27.56
CA LEU F 701 -52.78 -11.61 26.26
C LEU F 701 -52.83 -12.64 25.14
N TYR F 702 -52.12 -13.75 25.29
CA TYR F 702 -52.15 -14.79 24.28
C TYR F 702 -53.55 -15.36 24.12
N ILE F 703 -54.25 -15.60 25.23
CA ILE F 703 -55.62 -16.11 25.17
C ILE F 703 -56.53 -15.10 24.49
N VAL F 704 -56.39 -13.82 24.84
CA VAL F 704 -57.23 -12.79 24.24
C VAL F 704 -57.01 -12.74 22.73
N GLN F 705 -55.74 -12.79 22.30
CA GLN F 705 -55.46 -12.73 20.88
C GLN F 705 -55.92 -13.98 20.15
N ARG F 706 -55.84 -15.14 20.81
CA ARG F 706 -56.37 -16.36 20.20
C ARG F 706 -57.88 -16.27 20.01
N ALA F 707 -58.58 -15.72 21.01
CA ALA F 707 -60.02 -15.52 20.85
C ALA F 707 -60.32 -14.55 19.72
N ALA F 708 -59.53 -13.49 19.61
CA ALA F 708 -59.71 -12.55 18.51
C ALA F 708 -59.48 -13.22 17.16
N LYS F 709 -58.47 -14.09 17.09
CA LYS F 709 -58.20 -14.81 15.85
C LYS F 709 -59.37 -15.72 15.49
N TYR F 710 -59.95 -16.40 16.49
CA TYR F 710 -61.11 -17.24 16.24
C TYR F 710 -62.28 -16.41 15.74
N ALA F 711 -62.50 -15.24 16.34
CA ALA F 711 -63.57 -14.37 15.88
C ALA F 711 -63.32 -13.93 14.44
N ILE F 712 -62.06 -13.61 14.12
CA ILE F 712 -61.72 -13.22 12.75
C ILE F 712 -62.04 -14.35 11.78
N LYS F 713 -61.64 -15.57 12.13
CA LYS F 713 -61.90 -16.71 11.25
C LYS F 713 -63.40 -16.92 11.06
N ASP F 714 -64.17 -16.84 12.15
CA ASP F 714 -65.61 -17.02 12.04
C ASP F 714 -66.25 -15.95 11.16
N SER F 715 -65.83 -14.70 11.34
CA SER F 715 -66.36 -13.61 10.52
C SER F 715 -66.01 -13.81 9.05
N ILE F 716 -64.77 -14.21 8.77
CA ILE F 716 -64.36 -14.40 7.38
C ILE F 716 -65.17 -15.53 6.75
N GLU F 717 -65.35 -16.63 7.46
CA GLU F 717 -66.14 -17.73 6.92
C GLU F 717 -67.59 -17.31 6.68
N ALA F 718 -68.17 -16.57 7.63
CA ALA F 718 -69.55 -16.13 7.46
C ALA F 718 -69.68 -15.23 6.25
N HIS F 719 -68.76 -14.28 6.08
CA HIS F 719 -68.82 -13.38 4.92
C HIS F 719 -68.63 -14.17 3.63
N ARG F 720 -67.74 -15.17 3.64
CA ARG F 720 -67.58 -16.01 2.46
C ARG F 720 -68.88 -16.72 2.11
N GLN F 721 -69.57 -17.25 3.11
CA GLN F 721 -70.84 -17.92 2.89
C GLN F 721 -71.94 -16.90 2.62
N ASP F 751 -72.09 -7.08 9.58
CA ASP F 751 -71.22 -8.03 10.28
C ASP F 751 -72.07 -9.00 11.11
N PRO F 752 -72.04 -10.29 10.78
CA PRO F 752 -72.80 -11.25 11.58
C PRO F 752 -72.37 -11.30 13.03
N VAL F 753 -71.09 -11.08 13.31
CA VAL F 753 -70.57 -11.12 14.67
C VAL F 753 -69.38 -10.16 14.78
N PRO F 754 -69.63 -8.86 14.92
CA PRO F 754 -68.52 -7.90 15.05
C PRO F 754 -67.87 -7.86 16.44
N TYR F 755 -68.17 -8.84 17.29
CA TYR F 755 -67.61 -8.88 18.64
C TYR F 755 -67.16 -10.31 18.92
N ILE F 756 -66.77 -10.57 20.17
CA ILE F 756 -66.34 -11.89 20.60
C ILE F 756 -67.30 -12.37 21.70
N THR F 757 -67.83 -13.57 21.53
CA THR F 757 -68.79 -14.14 22.46
C THR F 757 -68.09 -15.03 23.49
N LYS F 758 -68.87 -15.49 24.46
CA LYS F 758 -68.32 -16.30 25.54
C LYS F 758 -67.72 -17.59 25.00
N GLU F 759 -68.41 -18.24 24.06
CA GLU F 759 -67.91 -19.50 23.50
C GLU F 759 -66.52 -19.32 22.91
N HIS F 760 -66.23 -18.16 22.32
CA HIS F 760 -64.89 -17.91 21.79
C HIS F 760 -63.86 -17.95 22.91
N PHE F 761 -64.15 -17.31 24.04
CA PHE F 761 -63.23 -17.35 25.17
C PHE F 761 -63.07 -18.77 25.69
N ALA F 762 -64.17 -19.52 25.75
CA ALA F 762 -64.10 -20.91 26.22
C ALA F 762 -63.17 -21.72 25.32
N GLU F 763 -63.35 -21.60 24.00
CA GLU F 763 -62.50 -22.33 23.07
C GLU F 763 -61.05 -21.90 23.20
N ALA F 764 -60.81 -20.60 23.32
CA ALA F 764 -59.44 -20.11 23.44
C ALA F 764 -58.77 -20.68 24.68
N MET F 765 -59.45 -20.64 25.81
CA MET F 765 -58.86 -21.15 27.04
C MET F 765 -58.64 -22.66 26.96
N LYS F 766 -59.58 -23.39 26.36
CA LYS F 766 -59.39 -24.83 26.20
C LYS F 766 -58.26 -25.15 25.24
N THR F 767 -57.91 -24.21 24.35
CA THR F 767 -56.79 -24.39 23.43
C THR F 767 -55.51 -23.75 23.93
N ALA F 768 -55.51 -23.20 25.14
CA ALA F 768 -54.32 -22.57 25.71
C ALA F 768 -54.17 -23.00 27.16
N LYS F 769 -52.94 -22.95 27.65
CA LYS F 769 -52.64 -23.34 29.02
C LYS F 769 -51.47 -22.54 29.53
N ARG F 770 -51.11 -22.78 30.79
CA ARG F 770 -50.07 -21.99 31.44
C ARG F 770 -48.74 -22.18 30.73
N SER F 771 -47.97 -21.10 30.64
CA SER F 771 -46.59 -21.14 30.17
C SER F 771 -45.53 -21.19 31.26
N VAL F 772 -45.93 -21.20 32.53
CA VAL F 772 -45.01 -21.23 33.67
C VAL F 772 -45.28 -22.48 34.48
N SER F 773 -44.23 -23.24 34.76
CA SER F 773 -44.35 -24.45 35.56
C SER F 773 -44.30 -24.10 37.04
N ASP F 774 -44.72 -25.07 37.87
CA ASP F 774 -44.70 -24.87 39.32
C ASP F 774 -43.27 -24.84 39.85
N ALA F 775 -42.33 -25.47 39.15
CA ALA F 775 -40.95 -25.47 39.61
C ALA F 775 -40.38 -24.06 39.62
N GLU F 776 -40.68 -23.26 38.60
CA GLU F 776 -40.20 -21.89 38.57
C GLU F 776 -40.77 -21.08 39.74
N LEU F 777 -42.06 -21.25 40.02
CA LEU F 777 -42.67 -20.54 41.14
C LEU F 777 -42.03 -20.97 42.46
N ARG F 778 -41.78 -22.26 42.63
CA ARG F 778 -41.13 -22.72 43.85
C ARG F 778 -39.73 -22.15 44.00
N ARG F 779 -38.99 -22.10 42.88
CA ARG F 779 -37.65 -21.52 42.93
C ARG F 779 -37.71 -20.04 43.30
N TYR F 780 -38.65 -19.29 42.72
CA TYR F 780 -38.79 -17.89 43.06
C TYR F 780 -39.15 -17.71 44.53
N GLU F 781 -40.04 -18.56 45.05
CA GLU F 781 -40.40 -18.48 46.46
C GLU F 781 -39.20 -18.76 47.35
N ALA F 782 -38.42 -19.78 47.00
CA ALA F 782 -37.24 -20.10 47.79
C ALA F 782 -36.24 -18.95 47.77
N TYR F 783 -36.02 -18.35 46.60
CA TYR F 783 -35.09 -17.23 46.51
C TYR F 783 -35.59 -16.04 47.32
N SER F 784 -36.89 -15.77 47.26
CA SER F 784 -37.46 -14.67 48.03
C SER F 784 -37.30 -14.91 49.53
N GLN F 785 -37.54 -16.13 49.97
CA GLN F 785 -37.36 -16.45 51.38
C GLN F 785 -35.90 -16.30 51.79
N GLN F 786 -34.98 -16.75 50.94
CA GLN F 786 -33.56 -16.59 51.26
C GLN F 786 -33.17 -15.13 51.37
N MET F 787 -33.66 -14.29 50.44
CA MET F 787 -33.38 -12.87 50.52
C MET F 787 -33.97 -12.26 51.78
N LYS F 788 -35.19 -12.68 52.15
CA LYS F 788 -35.80 -12.19 53.38
C LYS F 788 -34.95 -12.56 54.59
N ALA F 789 -34.43 -13.78 54.63
CA ALA F 789 -33.59 -14.23 55.73
C ALA F 789 -32.31 -13.49 56.12
N HIS G 109 38.73 -1.44 -22.61
CA HIS G 109 37.74 -0.56 -23.25
C HIS G 109 37.66 0.76 -22.49
N ARG G 110 36.95 1.73 -23.07
CA ARG G 110 36.87 3.08 -22.51
C ARG G 110 36.35 3.05 -21.07
N TYR G 111 35.09 2.66 -20.90
CA TYR G 111 34.47 2.62 -19.57
C TYR G 111 34.70 3.93 -18.84
N GLY G 112 34.46 5.04 -19.53
CA GLY G 112 34.66 6.35 -18.96
C GLY G 112 34.20 7.46 -19.88
N PRO G 113 34.42 8.71 -19.47
CA PRO G 113 34.00 9.84 -20.30
C PRO G 113 34.64 9.80 -21.67
N LEU G 114 33.88 10.23 -22.67
CA LEU G 114 34.39 10.24 -24.03
C LEU G 114 35.65 11.10 -24.09
N ARG G 115 36.66 10.61 -24.81
CA ARG G 115 37.90 11.35 -25.00
C ARG G 115 37.69 12.35 -26.14
N ILE G 116 36.87 13.35 -25.85
CA ILE G 116 36.45 14.35 -26.82
C ILE G 116 36.72 15.73 -26.24
N LYS G 117 36.79 16.72 -27.13
CA LYS G 117 37.21 18.07 -26.79
C LYS G 117 36.04 19.04 -26.99
N GLU G 118 35.82 19.90 -26.01
CA GLU G 118 34.77 20.91 -26.11
C GLU G 118 35.32 22.29 -25.73
N LEU G 119 34.43 23.27 -25.62
CA LEU G 119 34.85 24.64 -25.38
C LEU G 119 35.71 24.73 -24.13
N ALA G 120 36.63 25.70 -24.13
CA ALA G 120 37.48 25.90 -22.97
C ALA G 120 36.69 26.30 -21.74
N VAL G 121 35.61 27.07 -21.93
CA VAL G 121 34.79 27.48 -20.79
C VAL G 121 34.23 26.26 -20.08
N ASP G 122 33.79 25.25 -20.84
CA ASP G 122 33.27 24.04 -20.22
C ASP G 122 34.30 23.40 -19.32
N GLU G 123 35.54 23.26 -19.80
CA GLU G 123 36.58 22.67 -18.98
C GLU G 123 36.85 23.49 -17.74
N GLU G 124 37.09 24.80 -17.92
CA GLU G 124 37.45 25.64 -16.79
C GLU G 124 36.32 25.78 -15.79
N LEU G 125 35.08 25.50 -16.20
CA LEU G 125 33.95 25.60 -15.28
C LEU G 125 33.66 24.27 -14.59
N GLU G 126 33.78 23.16 -15.30
CA GLU G 126 33.56 21.86 -14.69
C GLU G 126 34.71 21.45 -13.79
N LYS G 127 35.91 21.98 -14.01
CA LYS G 127 37.04 21.63 -13.16
C LYS G 127 36.82 22.06 -11.72
N GLU G 128 35.88 22.95 -11.46
CA GLU G 128 35.60 23.44 -10.13
C GLU G 128 34.53 22.59 -9.47
N ASP G 129 34.09 23.00 -8.27
CA ASP G 129 32.97 22.38 -7.59
C ASP G 129 31.90 23.37 -7.16
N GLY G 130 32.23 24.65 -7.04
CA GLY G 130 31.20 25.67 -6.83
C GLY G 130 30.36 25.47 -5.59
N LEU G 131 30.98 25.09 -4.48
CA LEU G 131 30.24 24.96 -3.24
C LEU G 131 29.90 26.34 -2.67
N ILE G 132 28.74 26.43 -2.04
CA ILE G 132 28.28 27.67 -1.42
C ILE G 132 28.51 27.56 0.09
N PRO G 133 29.66 27.98 0.61
CA PRO G 133 29.91 27.82 2.04
C PRO G 133 28.96 28.66 2.89
N ARG G 134 28.64 28.15 4.07
CA ARG G 134 27.83 28.84 5.05
C ARG G 134 28.67 29.12 6.29
N GLN G 135 28.04 29.71 7.30
CA GLN G 135 28.72 30.14 8.51
C GLN G 135 28.10 29.47 9.73
N LYS G 136 28.89 29.35 10.79
CA LYS G 136 28.46 28.71 12.02
C LYS G 136 27.10 29.23 12.46
N SER G 137 26.10 28.36 12.47
CA SER G 137 24.73 28.76 12.79
C SER G 137 24.50 28.71 14.30
N LYS G 138 23.27 28.99 14.70
CA LYS G 138 22.88 28.92 16.10
C LYS G 138 22.42 27.54 16.52
N LEU G 139 22.24 26.61 15.57
CA LEU G 139 21.85 25.24 15.87
C LEU G 139 23.03 24.28 15.72
N CYS G 140 24.22 24.71 16.11
CA CYS G 140 25.42 23.89 16.10
C CYS G 140 25.85 23.61 17.53
N LYS G 141 25.92 22.34 17.89
CA LYS G 141 26.44 21.94 19.19
C LYS G 141 27.92 21.62 19.14
N HIS G 142 28.48 21.41 17.95
CA HIS G 142 29.90 21.17 17.79
C HIS G 142 30.69 22.46 18.02
N GLY G 143 32.00 22.31 18.18
CA GLY G 143 32.87 23.46 18.31
C GLY G 143 33.15 24.11 16.97
N ASP G 144 34.36 24.60 16.79
CA ASP G 144 34.77 25.18 15.52
C ASP G 144 35.36 24.16 14.56
N ARG G 145 35.47 22.90 14.97
CA ARG G 145 36.08 21.85 14.16
C ARG G 145 34.98 20.90 13.69
N GLY G 146 34.37 21.23 12.56
CA GLY G 146 33.45 20.31 11.91
C GLY G 146 32.01 20.76 11.85
N MET G 147 31.53 21.01 10.65
CA MET G 147 30.12 21.31 10.43
C MET G 147 29.26 20.10 10.76
N CYS G 148 27.99 20.34 11.09
CA CYS G 148 27.09 19.26 11.46
C CYS G 148 25.97 19.07 10.45
N GLU G 149 25.04 20.02 10.35
CA GLU G 149 24.01 19.97 9.31
C GLU G 149 23.65 21.32 8.73
N TYR G 150 23.83 22.42 9.46
CA TYR G 150 23.46 23.74 9.01
C TYR G 150 24.68 24.59 8.71
N CYS G 151 25.83 23.94 8.56
CA CYS G 151 27.08 24.64 8.26
C CYS G 151 27.89 23.91 7.21
N SER G 152 27.33 22.90 6.58
CA SER G 152 28.03 22.22 5.52
C SER G 152 27.92 23.02 4.21
N PRO G 153 28.95 22.98 3.38
CA PRO G 153 28.88 23.72 2.11
C PRO G 153 27.66 23.33 1.28
N LEU G 154 26.77 24.28 1.05
CA LEU G 154 25.57 24.00 0.30
C LEU G 154 25.94 23.67 -1.15
N PRO G 155 25.36 22.62 -1.75
CA PRO G 155 25.74 22.27 -3.12
C PRO G 155 25.30 23.34 -4.10
N PRO G 156 25.97 23.46 -5.25
CA PRO G 156 25.59 24.52 -6.20
C PRO G 156 24.17 24.41 -6.70
N TRP G 157 23.66 23.19 -6.89
CA TRP G 157 22.34 22.99 -7.47
C TRP G 157 21.22 23.10 -6.45
N ASP G 158 21.46 23.73 -5.31
CA ASP G 158 20.43 23.82 -4.29
C ASP G 158 19.18 24.49 -4.85
N LYS G 159 18.02 23.96 -4.49
CA LYS G 159 16.77 24.55 -4.92
C LYS G 159 16.36 25.74 -4.08
N GLU G 160 16.76 25.76 -2.80
CA GLU G 160 16.38 26.86 -1.93
C GLU G 160 17.22 28.11 -2.17
N TYR G 161 18.52 27.93 -2.44
CA TYR G 161 19.40 29.09 -2.64
C TYR G 161 18.96 29.89 -3.84
N HIS G 162 18.69 29.22 -4.96
CA HIS G 162 18.29 29.93 -6.17
C HIS G 162 16.97 30.66 -5.96
N GLU G 163 16.00 30.02 -5.31
CA GLU G 163 14.73 30.70 -5.04
C GLU G 163 14.94 31.91 -4.15
N LYS G 164 15.80 31.78 -3.14
CA LYS G 164 16.04 32.91 -2.24
C LYS G 164 16.67 34.07 -2.99
N ASN G 165 17.61 33.80 -3.88
CA ASN G 165 18.29 34.85 -4.62
C ASN G 165 17.59 35.23 -5.92
N LYS G 166 16.44 34.63 -6.22
CA LYS G 166 15.60 34.96 -7.37
C LYS G 166 16.16 34.45 -8.69
N ILE G 167 17.14 33.54 -8.66
CA ILE G 167 17.63 32.93 -9.90
C ILE G 167 16.63 31.87 -10.33
N LYS G 168 16.20 31.95 -11.59
CA LYS G 168 15.09 31.14 -12.07
C LYS G 168 15.51 29.79 -12.65
N HIS G 169 16.81 29.55 -12.84
CA HIS G 169 17.27 28.29 -13.37
C HIS G 169 18.66 28.01 -12.81
N ILE G 170 19.05 26.73 -12.82
CA ILE G 170 20.21 26.30 -12.06
C ILE G 170 21.47 26.27 -12.92
N SER G 171 21.42 26.85 -14.11
CA SER G 171 22.55 26.79 -15.03
C SER G 171 22.86 25.35 -15.40
N PHE G 172 23.74 25.15 -16.37
CA PHE G 172 23.99 23.80 -16.85
C PHE G 172 24.85 23.00 -15.88
N HIS G 173 26.02 23.52 -15.54
CA HIS G 173 26.99 22.75 -14.76
C HIS G 173 26.61 22.59 -13.30
N SER G 174 25.38 22.96 -12.93
CA SER G 174 24.80 22.50 -11.68
C SER G 174 23.90 21.30 -11.89
N TYR G 175 23.11 21.32 -12.97
CA TYR G 175 22.36 20.14 -13.36
C TYR G 175 23.29 18.97 -13.65
N LEU G 176 24.41 19.24 -14.33
CA LEU G 176 25.35 18.17 -14.62
C LEU G 176 25.93 17.60 -13.33
N LYS G 177 26.31 18.45 -12.38
CA LYS G 177 26.84 17.94 -11.12
C LYS G 177 25.79 17.13 -10.38
N LYS G 178 24.56 17.61 -10.35
CA LYS G 178 23.50 16.87 -9.68
C LYS G 178 23.33 15.48 -10.29
N LEU G 179 23.19 15.42 -11.62
CA LEU G 179 22.99 14.13 -12.26
C LEU G 179 24.19 13.22 -12.08
N ASN G 180 25.40 13.77 -12.20
CA ASN G 180 26.59 12.96 -12.04
C ASN G 180 26.67 12.37 -10.64
N GLU G 181 26.38 13.18 -9.62
CA GLU G 181 26.39 12.67 -8.25
C GLU G 181 25.35 11.57 -8.07
N ASN G 182 24.16 11.77 -8.64
CA ASN G 182 23.07 10.82 -8.42
C ASN G 182 23.12 9.63 -9.38
N ALA G 183 24.09 9.58 -10.30
CA ALA G 183 24.16 8.48 -11.25
C ALA G 183 25.42 7.64 -11.08
N ASN G 184 26.61 8.25 -11.15
CA ASN G 184 27.85 7.50 -11.04
C ASN G 184 28.31 7.49 -9.59
N LYS G 185 27.81 6.52 -8.83
CA LYS G 185 28.25 6.36 -7.46
C LYS G 185 29.73 6.01 -7.42
N LYS G 186 30.45 6.64 -6.51
CA LYS G 186 31.90 6.47 -6.43
C LYS G 186 32.30 5.20 -5.70
N GLU G 187 31.35 4.48 -5.10
CA GLU G 187 31.65 3.30 -4.29
C GLU G 187 30.96 2.03 -4.74
N ASN G 188 29.83 2.13 -5.44
CA ASN G 188 29.10 0.92 -5.82
C ASN G 188 29.96 0.03 -6.72
N GLY G 189 30.65 0.63 -7.69
CA GLY G 189 31.44 -0.14 -8.62
C GLY G 189 30.80 -0.24 -9.98
N SER G 190 30.05 0.78 -10.36
CA SER G 190 29.42 0.83 -11.67
C SER G 190 30.48 1.15 -12.73
N SER G 191 30.03 1.44 -13.94
CA SER G 191 30.94 1.65 -15.08
C SER G 191 30.56 2.88 -15.87
N TYR G 192 30.40 4.01 -15.18
CA TYR G 192 30.25 5.31 -15.85
C TYR G 192 29.01 5.34 -16.76
N ILE G 193 27.85 5.32 -16.11
CA ILE G 193 26.57 5.29 -16.80
C ILE G 193 26.34 6.47 -17.74
N SER G 194 27.22 7.47 -17.73
CA SER G 194 27.10 8.58 -18.68
C SER G 194 25.76 9.30 -18.51
N PRO G 195 25.60 10.09 -17.45
CA PRO G 195 24.28 10.64 -17.08
C PRO G 195 23.88 11.88 -17.87
N LEU G 196 23.77 11.73 -19.19
CA LEU G 196 23.19 12.80 -20.02
C LEU G 196 22.71 12.17 -21.31
N SER G 197 21.40 12.14 -21.52
CA SER G 197 20.80 11.60 -22.73
C SER G 197 19.74 12.55 -23.21
N GLU G 198 19.92 13.08 -24.42
CA GLU G 198 18.94 14.00 -24.97
C GLU G 198 17.64 13.25 -25.25
N PRO G 199 16.50 13.77 -24.82
CA PRO G 199 15.24 13.03 -25.01
C PRO G 199 14.94 12.81 -26.48
N ASP G 200 14.28 11.69 -26.76
CA ASP G 200 13.90 11.32 -28.12
C ASP G 200 12.43 10.94 -28.14
N PHE G 201 11.76 11.27 -29.26
CA PHE G 201 10.35 10.95 -29.43
C PHE G 201 10.07 10.20 -30.73
N ARG G 202 11.07 9.94 -31.56
CA ARG G 202 10.85 9.13 -32.74
C ARG G 202 10.45 7.71 -32.34
N ILE G 203 9.52 7.14 -33.09
CA ILE G 203 9.05 5.79 -32.79
C ILE G 203 10.17 4.81 -33.13
N ASN G 204 10.56 3.99 -32.14
CA ASN G 204 11.66 3.07 -32.34
C ASN G 204 11.25 2.00 -33.35
N LYS G 205 11.88 2.04 -34.52
CA LYS G 205 11.53 1.11 -35.59
C LYS G 205 12.01 -0.31 -35.31
N ARG G 206 12.81 -0.53 -34.28
CA ARG G 206 13.36 -1.85 -33.99
C ARG G 206 13.35 -2.05 -32.48
N CYS G 207 12.63 -3.08 -32.02
CA CYS G 207 12.64 -3.47 -30.62
C CYS G 207 12.78 -4.98 -30.52
N HIS G 208 13.31 -5.43 -29.38
CA HIS G 208 13.61 -6.84 -29.21
C HIS G 208 12.38 -7.72 -29.13
N ASN G 209 11.18 -7.15 -28.99
CA ASN G 209 9.96 -7.94 -28.97
C ASN G 209 9.45 -8.27 -30.36
N GLY G 210 10.14 -7.81 -31.41
CA GLY G 210 9.68 -8.08 -32.76
C GLY G 210 8.39 -7.36 -33.09
N HIS G 211 7.30 -8.14 -33.22
CA HIS G 211 5.97 -7.61 -33.49
C HIS G 211 5.98 -6.56 -34.60
N GLU G 212 6.91 -6.69 -35.54
CA GLU G 212 6.94 -5.84 -36.72
C GLU G 212 7.19 -4.38 -36.34
N PRO G 213 7.54 -3.53 -37.30
CA PRO G 213 7.76 -2.11 -36.97
C PRO G 213 6.47 -1.33 -36.77
N TRP G 214 6.58 -0.02 -36.61
CA TRP G 214 5.41 0.80 -36.32
C TRP G 214 4.29 0.66 -37.34
N PRO G 215 4.53 0.63 -38.64
CA PRO G 215 3.42 0.58 -39.59
C PRO G 215 2.35 -0.43 -39.20
N ARG G 216 2.75 -1.49 -38.50
CA ARG G 216 1.80 -2.49 -38.02
C ARG G 216 2.34 -3.07 -36.71
N GLY G 217 1.85 -2.57 -35.58
CA GLY G 217 2.14 -3.17 -34.29
C GLY G 217 3.20 -2.46 -33.48
N ILE G 218 2.97 -2.34 -32.18
CA ILE G 218 3.91 -1.72 -31.26
C ILE G 218 3.78 -2.38 -29.91
N CYS G 219 4.90 -2.56 -29.22
CA CYS G 219 4.90 -3.18 -27.90
C CYS G 219 4.80 -2.09 -26.83
N SER G 220 4.93 -2.49 -25.56
CA SER G 220 4.82 -1.54 -24.46
C SER G 220 6.09 -0.75 -24.22
N LYS G 221 7.22 -1.12 -24.83
CA LYS G 221 8.46 -0.39 -24.66
C LYS G 221 8.82 0.49 -25.85
N CYS G 222 8.32 0.19 -27.03
CA CYS G 222 8.55 1.02 -28.21
C CYS G 222 7.45 2.06 -28.39
N GLN G 223 6.76 2.43 -27.32
CA GLN G 223 5.69 3.41 -27.38
C GLN G 223 6.12 4.67 -26.64
N PRO G 224 6.31 5.81 -27.30
CA PRO G 224 6.71 7.02 -26.57
C PRO G 224 5.62 7.46 -25.60
N SER G 225 5.99 7.57 -24.33
CA SER G 225 5.01 7.87 -23.30
C SER G 225 4.48 9.29 -23.45
N ALA G 226 3.31 9.53 -22.87
CA ALA G 226 2.69 10.84 -22.95
C ALA G 226 3.55 11.88 -22.25
N ILE G 227 3.50 13.11 -22.75
CA ILE G 227 4.29 14.21 -22.23
C ILE G 227 3.42 15.02 -21.26
N THR G 228 4.08 15.85 -20.46
CA THR G 228 3.38 16.67 -19.47
C THR G 228 3.71 18.16 -19.55
N LEU G 229 4.73 18.56 -20.28
CA LEU G 229 5.03 19.98 -20.49
C LEU G 229 5.28 20.71 -19.16
N GLN G 230 6.36 20.32 -18.51
CA GLN G 230 6.86 21.04 -17.35
C GLN G 230 8.07 21.85 -17.78
N GLN G 231 8.11 23.13 -17.38
CA GLN G 231 9.16 24.02 -17.85
C GLN G 231 10.53 23.49 -17.43
N GLN G 232 11.49 23.62 -18.34
CA GLN G 232 12.84 23.11 -18.08
C GLN G 232 13.46 23.85 -16.90
N GLU G 233 14.38 23.16 -16.23
CA GLU G 233 14.98 23.69 -15.01
C GLU G 233 16.39 24.20 -15.19
N PHE G 234 17.11 23.75 -16.21
CA PHE G 234 18.48 24.17 -16.45
C PHE G 234 18.57 24.95 -17.76
N ARG G 235 19.31 26.04 -17.76
CA ARG G 235 19.52 26.86 -18.94
C ARG G 235 21.01 26.87 -19.26
N MET G 236 21.35 26.64 -20.53
CA MET G 236 22.74 26.45 -20.90
C MET G 236 23.52 27.76 -20.85
N VAL G 237 22.94 28.84 -21.33
CA VAL G 237 23.56 30.16 -21.33
C VAL G 237 22.75 31.07 -20.43
N ASP G 238 23.44 31.79 -19.54
CA ASP G 238 22.79 32.52 -18.46
C ASP G 238 22.76 34.02 -18.62
N HIS G 239 23.55 34.59 -19.52
CA HIS G 239 23.66 36.05 -19.58
C HIS G 239 24.19 36.43 -20.95
N VAL G 240 23.34 37.04 -21.78
CA VAL G 240 23.77 37.51 -23.08
C VAL G 240 24.17 38.98 -22.94
N GLU G 241 25.45 39.26 -23.11
CA GLU G 241 26.03 40.55 -22.80
C GLU G 241 26.48 41.22 -24.09
N PHE G 242 26.00 42.44 -24.32
CA PHE G 242 26.33 43.21 -25.51
C PHE G 242 27.44 44.19 -25.16
N GLN G 243 28.58 44.07 -25.84
CA GLN G 243 29.75 44.85 -25.46
C GLN G 243 29.46 46.34 -25.53
N LYS G 244 28.83 46.80 -26.61
CA LYS G 244 28.56 48.21 -26.81
C LYS G 244 27.12 48.41 -27.23
N SER G 245 26.56 49.56 -26.87
CA SER G 245 25.19 49.88 -27.24
C SER G 245 25.05 50.30 -28.69
N GLU G 246 26.16 50.70 -29.33
CA GLU G 246 26.06 51.18 -30.71
C GLU G 246 25.56 50.08 -31.65
N ILE G 247 25.84 48.82 -31.34
CA ILE G 247 25.38 47.73 -32.21
C ILE G 247 23.86 47.70 -32.28
N ILE G 248 23.21 47.60 -31.11
CA ILE G 248 21.76 47.55 -31.07
C ILE G 248 21.19 48.87 -31.58
N ASN G 249 21.86 49.97 -31.29
CA ASN G 249 21.39 51.26 -31.80
C ASN G 249 21.36 51.27 -33.32
N GLU G 250 22.39 50.71 -33.96
CA GLU G 250 22.44 50.68 -35.42
C GLU G 250 21.38 49.73 -35.98
N PHE G 251 21.18 48.59 -35.34
CA PHE G 251 20.12 47.67 -35.77
C PHE G 251 18.75 48.38 -35.75
N ILE G 252 18.42 48.96 -34.59
CA ILE G 252 17.13 49.63 -34.49
C ILE G 252 17.08 50.83 -35.41
N GLN G 253 18.23 51.44 -35.71
CA GLN G 253 18.24 52.58 -36.64
C GLN G 253 17.92 52.12 -38.05
N ALA G 254 18.40 50.94 -38.44
CA ALA G 254 17.99 50.38 -39.71
C ALA G 254 16.48 50.22 -39.74
N TRP G 255 15.90 49.70 -38.65
CA TRP G 255 14.44 49.63 -38.61
C TRP G 255 13.82 51.02 -38.76
N ARG G 256 14.34 52.00 -38.02
CA ARG G 256 13.77 53.34 -38.04
C ARG G 256 13.73 53.89 -39.46
N TYR G 257 14.85 53.79 -40.17
CA TYR G 257 14.92 54.35 -41.51
C TYR G 257 14.01 53.60 -42.47
N THR G 258 14.10 52.27 -42.49
CA THR G 258 13.29 51.51 -43.44
C THR G 258 11.85 51.34 -42.97
N GLY G 259 11.55 51.65 -41.71
CA GLY G 259 10.19 51.49 -41.21
C GLY G 259 9.68 50.07 -41.27
N MET G 260 10.57 49.08 -41.22
CA MET G 260 10.19 47.69 -41.40
C MET G 260 11.14 46.79 -40.62
N GLN G 261 10.71 45.54 -40.43
CA GLN G 261 11.41 44.63 -39.54
C GLN G 261 12.77 44.24 -40.10
N ARG G 262 13.60 43.67 -39.22
CA ARG G 262 14.95 43.25 -39.58
C ARG G 262 15.30 42.02 -38.77
N PHE G 263 16.28 41.27 -39.26
CA PHE G 263 16.66 39.99 -38.66
C PHE G 263 18.12 39.72 -38.97
N GLY G 264 18.91 39.48 -37.93
CA GLY G 264 20.34 39.31 -38.12
C GLY G 264 20.96 38.41 -37.09
N TYR G 265 21.99 37.67 -37.50
CA TYR G 265 22.70 36.77 -36.62
C TYR G 265 23.67 37.53 -35.73
N MET G 266 24.09 36.88 -34.65
CA MET G 266 25.01 37.47 -33.68
C MET G 266 26.32 36.71 -33.70
N TYR G 267 27.42 37.42 -33.45
CA TYR G 267 28.73 36.81 -33.37
C TYR G 267 29.40 37.21 -32.06
N GLY G 268 30.09 36.27 -31.44
CA GLY G 268 30.75 36.53 -30.18
C GLY G 268 31.42 35.29 -29.63
N SER G 269 31.41 35.14 -28.31
CA SER G 269 32.03 33.99 -27.67
C SER G 269 31.39 33.80 -26.30
N TYR G 270 31.93 32.88 -25.52
CA TYR G 270 31.40 32.55 -24.21
C TYR G 270 32.48 32.71 -23.16
N SER G 271 32.06 32.86 -21.90
CA SER G 271 33.00 32.99 -20.81
C SER G 271 32.27 32.69 -19.50
N LYS G 272 33.05 32.63 -18.43
CA LYS G 272 32.48 32.33 -17.13
C LYS G 272 31.60 33.49 -16.64
N TYR G 273 30.75 33.18 -15.66
CA TYR G 273 29.85 34.16 -15.07
C TYR G 273 29.94 34.04 -13.56
N ASP G 274 29.82 35.17 -12.87
CA ASP G 274 30.07 35.18 -11.43
C ASP G 274 28.81 34.98 -10.60
N ASN G 275 27.74 35.72 -10.89
CA ASN G 275 26.58 35.70 -10.00
C ASN G 275 25.95 34.32 -9.93
N THR G 276 25.65 33.74 -11.07
CA THR G 276 25.00 32.42 -11.09
C THR G 276 26.02 31.34 -10.78
N PRO G 277 25.78 30.47 -9.79
CA PRO G 277 26.77 29.42 -9.50
C PRO G 277 27.08 28.58 -10.73
N LEU G 278 28.29 28.68 -11.24
CA LEU G 278 28.71 27.96 -12.44
C LEU G 278 27.82 28.32 -13.63
N GLY G 279 27.87 29.59 -14.01
CA GLY G 279 27.09 30.10 -15.13
C GLY G 279 27.99 30.49 -16.29
N ILE G 280 27.42 30.46 -17.49
CA ILE G 280 28.14 30.81 -18.71
C ILE G 280 27.45 32.01 -19.35
N LYS G 281 28.22 33.07 -19.59
CA LYS G 281 27.71 34.27 -20.23
C LYS G 281 28.24 34.33 -21.65
N ALA G 282 27.35 34.60 -22.59
CA ALA G 282 27.71 34.75 -23.99
C ALA G 282 27.83 36.24 -24.30
N VAL G 283 29.03 36.67 -24.67
CA VAL G 283 29.30 38.06 -25.00
C VAL G 283 29.29 38.20 -26.51
N VAL G 284 28.49 39.14 -27.01
CA VAL G 284 28.37 39.38 -28.45
C VAL G 284 29.13 40.65 -28.80
N GLU G 285 29.84 40.62 -29.93
CA GLU G 285 30.71 41.71 -30.32
C GLU G 285 30.42 42.26 -31.71
N ALA G 286 29.60 41.58 -32.52
CA ALA G 286 29.25 42.08 -33.83
C ALA G 286 27.99 41.38 -34.31
N ILE G 287 27.36 41.96 -35.33
CA ILE G 287 26.12 41.44 -35.90
C ILE G 287 26.28 41.40 -37.41
N TYR G 288 25.70 40.36 -38.03
CA TYR G 288 25.68 40.23 -39.48
C TYR G 288 24.24 39.95 -39.91
N GLU G 289 23.83 40.58 -41.01
CA GLU G 289 22.46 40.48 -41.49
C GLU G 289 22.41 39.68 -42.79
N PRO G 290 21.72 38.56 -42.85
CA PRO G 290 21.69 37.78 -44.09
C PRO G 290 20.76 38.42 -45.11
N PRO G 291 20.90 38.08 -46.39
CA PRO G 291 19.96 38.61 -47.39
C PRO G 291 18.54 38.23 -47.04
N GLN G 292 17.62 39.17 -47.21
CA GLN G 292 16.24 38.94 -46.80
C GLN G 292 15.35 39.97 -47.48
N HIS G 293 14.04 39.78 -47.32
CA HIS G 293 13.01 40.62 -47.92
C HIS G 293 12.05 41.02 -46.81
N ASP G 294 12.37 42.11 -46.11
CA ASP G 294 11.59 42.51 -44.96
C ASP G 294 10.23 43.06 -45.39
N GLU G 295 9.29 43.04 -44.45
CA GLU G 295 7.97 43.60 -44.68
C GLU G 295 7.43 44.13 -43.36
N GLN G 296 6.47 45.04 -43.46
CA GLN G 296 5.94 45.69 -42.26
C GLN G 296 5.41 44.70 -41.26
N ASP G 297 5.00 43.51 -41.71
CA ASP G 297 4.38 42.53 -40.83
C ASP G 297 5.18 41.25 -40.65
N GLY G 298 6.24 41.06 -41.43
CA GLY G 298 7.05 39.88 -41.28
C GLY G 298 8.28 40.00 -42.16
N LEU G 299 9.20 39.07 -41.96
CA LEU G 299 10.46 39.06 -42.71
C LEU G 299 10.66 37.69 -43.33
N THR G 300 10.97 37.66 -44.62
CA THR G 300 11.10 36.43 -45.38
C THR G 300 12.51 36.33 -45.91
N MET G 301 13.04 35.11 -45.97
CA MET G 301 14.42 34.91 -46.39
C MET G 301 14.57 33.49 -46.93
N ASP G 302 15.15 33.38 -48.13
CA ASP G 302 15.46 32.07 -48.69
C ASP G 302 16.52 31.40 -47.82
N VAL G 303 16.44 30.07 -47.73
CA VAL G 303 17.23 29.34 -46.76
C VAL G 303 18.52 28.79 -47.35
N GLU G 304 18.50 28.27 -48.57
CA GLU G 304 19.72 27.74 -49.16
C GLU G 304 20.76 28.84 -49.36
N GLN G 305 20.33 29.99 -49.89
CA GLN G 305 21.24 31.09 -50.10
C GLN G 305 21.81 31.58 -48.77
N VAL G 306 20.96 31.72 -47.76
CA VAL G 306 21.43 32.17 -46.45
C VAL G 306 22.42 31.17 -45.87
N LYS G 307 22.13 29.88 -46.02
CA LYS G 307 23.01 28.87 -45.46
C LYS G 307 24.38 28.93 -46.10
N ASN G 308 24.43 29.02 -47.44
CA ASN G 308 25.72 29.12 -48.12
C ASN G 308 26.47 30.37 -47.70
N GLU G 309 25.77 31.51 -47.65
CA GLU G 309 26.43 32.75 -47.29
C GLU G 309 27.01 32.69 -45.89
N MET G 310 26.22 32.22 -44.92
CA MET G 310 26.70 32.18 -43.54
C MET G 310 27.77 31.13 -43.35
N LEU G 311 27.72 30.03 -44.12
CA LEU G 311 28.81 29.07 -44.07
C LEU G 311 30.10 29.71 -44.57
N GLN G 312 30.02 30.52 -45.62
CA GLN G 312 31.20 31.25 -46.06
C GLN G 312 31.68 32.21 -44.99
N ILE G 313 30.75 32.91 -44.33
CA ILE G 313 31.13 33.93 -43.35
C ILE G 313 31.77 33.31 -42.11
N ASP G 314 31.32 32.12 -41.72
CA ASP G 314 31.83 31.52 -40.49
C ASP G 314 33.34 31.31 -40.55
N ARG G 315 33.90 31.02 -41.72
CA ARG G 315 35.34 30.83 -41.81
C ARG G 315 36.08 32.09 -41.40
N GLN G 316 35.70 33.23 -41.98
CA GLN G 316 36.34 34.49 -41.60
C GLN G 316 36.10 34.81 -40.14
N ALA G 317 34.87 34.61 -39.65
CA ALA G 317 34.58 34.92 -38.26
C ALA G 317 35.44 34.09 -37.33
N GLN G 318 35.60 32.80 -37.62
CA GLN G 318 36.43 31.93 -36.80
C GLN G 318 37.89 32.34 -36.87
N GLU G 319 38.35 32.72 -38.07
CA GLU G 319 39.72 33.22 -38.17
C GLU G 319 39.93 34.46 -37.32
N MET G 320 38.90 35.28 -37.14
CA MET G 320 38.98 36.42 -36.25
C MET G 320 38.72 36.04 -34.80
N GLY G 321 38.18 34.86 -34.53
CA GLY G 321 37.90 34.43 -33.16
C GLY G 321 36.46 34.65 -32.76
N LEU G 322 35.51 34.38 -33.66
CA LEU G 322 34.10 34.60 -33.40
C LEU G 322 33.30 33.46 -34.02
N SER G 323 32.14 33.19 -33.44
CA SER G 323 31.28 32.11 -33.89
C SER G 323 29.83 32.44 -33.55
N ARG G 324 28.92 32.03 -34.43
CA ARG G 324 27.52 32.36 -34.23
C ARG G 324 27.03 31.84 -32.89
N ILE G 325 26.26 32.67 -32.19
CA ILE G 325 25.70 32.30 -30.90
C ILE G 325 24.23 32.66 -30.75
N GLY G 326 23.60 33.23 -31.77
CA GLY G 326 22.19 33.54 -31.65
C GLY G 326 21.70 34.37 -32.81
N LEU G 327 20.43 34.74 -32.72
CA LEU G 327 19.77 35.52 -33.76
C LEU G 327 18.89 36.57 -33.10
N ILE G 328 18.73 37.70 -33.78
CA ILE G 328 17.91 38.80 -33.29
C ILE G 328 16.91 39.16 -34.38
N PHE G 329 15.69 39.50 -33.97
CA PHE G 329 14.69 40.02 -34.89
C PHE G 329 13.88 41.09 -34.19
N THR G 330 13.50 42.12 -34.94
CA THR G 330 12.80 43.28 -34.41
C THR G 330 11.35 43.26 -34.86
N ASP G 331 10.43 43.49 -33.93
CA ASP G 331 9.00 43.65 -34.23
C ASP G 331 8.47 44.74 -33.30
N LEU G 332 8.49 45.98 -33.77
CA LEU G 332 8.15 47.12 -32.95
C LEU G 332 6.82 47.77 -33.34
N SER G 333 6.70 48.25 -34.57
CA SER G 333 5.46 48.88 -35.03
C SER G 333 5.11 50.10 -34.18
N ASP G 334 5.90 51.15 -34.34
CA ASP G 334 5.66 52.40 -33.63
C ASP G 334 4.18 52.77 -33.68
N ALA G 335 3.70 53.37 -32.60
CA ALA G 335 2.33 53.83 -32.53
C ALA G 335 2.21 54.87 -31.44
N GLY G 336 1.14 55.64 -31.48
CA GLY G 336 0.90 56.72 -30.55
C GLY G 336 1.28 58.07 -31.13
N ALA G 337 1.54 59.01 -30.23
CA ALA G 337 1.92 60.36 -30.62
C ALA G 337 3.40 60.36 -30.98
N GLY G 338 3.98 61.56 -31.13
CA GLY G 338 5.37 61.70 -31.52
C GLY G 338 6.35 61.39 -30.42
N ASP G 339 5.89 60.73 -29.35
CA ASP G 339 6.79 60.32 -28.29
C ASP G 339 7.80 59.29 -28.77
N GLY G 340 7.44 58.50 -29.77
CA GLY G 340 8.30 57.44 -30.28
C GLY G 340 8.14 56.12 -29.57
N SER G 341 7.26 56.03 -28.58
CA SER G 341 7.02 54.76 -27.90
C SER G 341 6.35 53.78 -28.84
N VAL G 342 6.42 52.50 -28.48
CA VAL G 342 5.90 51.42 -29.31
C VAL G 342 4.99 50.52 -28.46
N PHE G 343 4.12 49.79 -29.15
CA PHE G 343 3.20 48.89 -28.47
C PHE G 343 3.97 47.79 -27.76
N CYS G 344 3.37 47.30 -26.67
CA CYS G 344 3.91 46.14 -25.94
C CYS G 344 3.09 44.92 -26.34
N LYS G 345 3.44 44.35 -27.50
CA LYS G 345 2.65 43.26 -28.04
C LYS G 345 2.89 41.93 -27.30
N ARG G 346 4.01 41.80 -26.60
CA ARG G 346 4.42 40.53 -26.00
C ARG G 346 4.46 40.69 -24.49
N HIS G 347 3.47 40.13 -23.81
CA HIS G 347 3.34 40.28 -22.36
C HIS G 347 2.67 39.03 -21.80
N LYS G 348 2.14 39.13 -20.58
CA LYS G 348 1.54 37.97 -19.93
C LYS G 348 0.44 37.37 -20.79
N ASP G 349 -0.63 38.13 -21.02
CA ASP G 349 -1.78 37.57 -21.74
C ASP G 349 -1.40 37.13 -23.14
N SER G 350 -0.62 37.94 -23.84
CA SER G 350 -0.28 37.66 -25.22
C SER G 350 0.84 36.63 -25.28
N PHE G 351 1.45 36.49 -26.45
CA PHE G 351 2.51 35.52 -26.67
C PHE G 351 3.86 36.14 -26.39
N PHE G 352 4.72 35.40 -25.67
CA PHE G 352 6.11 35.81 -25.51
C PHE G 352 6.89 35.56 -26.79
N LEU G 353 6.96 34.30 -27.21
CA LEU G 353 7.46 33.94 -28.52
C LEU G 353 6.42 33.07 -29.19
N SER G 354 5.94 33.49 -30.36
CA SER G 354 4.89 32.76 -31.04
C SER G 354 5.43 31.42 -31.53
N SER G 355 4.56 30.63 -32.16
CA SER G 355 4.93 29.29 -32.57
C SER G 355 6.09 29.31 -33.56
N LEU G 356 6.03 30.19 -34.56
CA LEU G 356 7.05 30.19 -35.60
C LEU G 356 8.43 30.51 -35.03
N GLU G 357 8.51 31.49 -34.13
CA GLU G 357 9.80 31.81 -33.53
C GLU G 357 10.36 30.63 -32.76
N VAL G 358 9.51 29.95 -31.99
CA VAL G 358 9.97 28.80 -31.23
C VAL G 358 10.48 27.71 -32.16
N ILE G 359 9.77 27.46 -33.25
CA ILE G 359 10.20 26.44 -34.19
C ILE G 359 11.55 26.81 -34.80
N MET G 360 11.72 28.08 -35.18
CA MET G 360 12.99 28.49 -35.76
C MET G 360 14.13 28.33 -34.76
N ALA G 361 13.89 28.73 -33.51
CA ALA G 361 14.92 28.60 -32.48
C ALA G 361 15.26 27.13 -32.26
N ALA G 362 14.25 26.25 -32.26
CA ALA G 362 14.53 24.83 -32.06
C ALA G 362 15.35 24.27 -33.22
N ARG G 363 15.01 24.62 -34.46
CA ARG G 363 15.80 24.16 -35.59
C ARG G 363 17.25 24.64 -35.45
N HIS G 364 17.44 25.92 -35.14
CA HIS G 364 18.79 26.43 -35.01
C HIS G 364 19.56 25.69 -33.93
N GLN G 365 18.95 25.51 -32.76
CA GLN G 365 19.63 24.80 -31.69
C GLN G 365 20.01 23.39 -32.12
N THR G 366 19.11 22.71 -32.83
CA THR G 366 19.46 21.40 -33.35
C THR G 366 20.60 21.47 -34.36
N ARG G 367 20.82 22.62 -34.99
CA ARG G 367 21.89 22.78 -35.96
C ARG G 367 23.13 23.43 -35.38
N HIS G 368 23.24 23.55 -34.05
CA HIS G 368 24.44 24.08 -33.42
C HIS G 368 24.77 23.30 -32.17
N PRO G 369 24.91 21.97 -32.24
CA PRO G 369 24.96 21.17 -31.03
C PRO G 369 26.11 21.58 -30.12
N ASN G 370 25.86 21.52 -28.82
CA ASN G 370 26.88 21.77 -27.80
C ASN G 370 27.63 20.47 -27.57
N VAL G 371 28.87 20.39 -28.05
CA VAL G 371 29.65 19.17 -27.92
C VAL G 371 30.00 19.00 -26.44
N SER G 372 29.65 17.84 -25.88
CA SER G 372 29.81 17.58 -24.46
C SER G 372 30.44 16.21 -24.26
N LYS G 373 31.03 16.04 -23.08
CA LYS G 373 31.79 14.84 -22.76
C LYS G 373 30.99 13.78 -22.02
N TYR G 374 29.88 14.15 -21.40
CA TYR G 374 29.15 13.26 -20.51
C TYR G 374 27.90 12.66 -21.14
N SER G 375 27.81 12.64 -22.46
CA SER G 375 26.68 12.04 -23.15
C SER G 375 27.20 11.11 -24.24
N GLU G 376 26.36 10.13 -24.60
CA GLU G 376 26.80 9.09 -25.52
C GLU G 376 27.11 9.66 -26.90
N GLN G 377 26.21 10.50 -27.42
CA GLN G 377 26.43 11.07 -28.75
C GLN G 377 27.39 12.26 -28.73
N GLY G 378 27.71 12.80 -27.57
CA GLY G 378 28.53 13.98 -27.49
C GLY G 378 27.80 15.28 -27.68
N PHE G 379 26.47 15.28 -27.66
CA PHE G 379 25.67 16.49 -27.81
C PHE G 379 24.72 16.63 -26.64
N PHE G 380 24.42 17.87 -26.28
CA PHE G 380 23.32 18.14 -25.37
C PHE G 380 22.97 19.62 -25.42
N SER G 381 21.77 19.94 -25.90
CA SER G 381 21.14 21.25 -25.68
C SER G 381 22.08 22.39 -26.05
N SER G 382 22.31 22.52 -27.36
CA SER G 382 23.17 23.56 -27.90
C SER G 382 23.03 24.89 -27.16
N LYS G 383 24.17 25.56 -26.97
CA LYS G 383 24.20 26.92 -26.43
C LYS G 383 23.95 27.88 -27.59
N PHE G 384 22.73 28.41 -27.69
CA PHE G 384 22.40 29.28 -28.81
C PHE G 384 21.25 30.20 -28.36
N VAL G 385 21.60 31.42 -27.97
CA VAL G 385 20.62 32.35 -27.40
C VAL G 385 19.70 32.87 -28.50
N THR G 386 18.62 33.54 -28.09
CA THR G 386 17.71 34.20 -29.00
C THR G 386 17.28 35.51 -28.35
N CYS G 387 17.08 36.54 -29.17
CA CYS G 387 16.70 37.85 -28.68
C CYS G 387 15.56 38.40 -29.50
N VAL G 388 14.63 39.09 -28.84
CA VAL G 388 13.48 39.71 -29.49
C VAL G 388 13.37 41.13 -28.97
N ILE G 389 13.26 42.09 -29.89
CA ILE G 389 13.17 43.49 -29.53
C ILE G 389 11.77 43.99 -29.84
N SER G 390 10.87 43.94 -28.88
CA SER G 390 9.47 44.28 -29.10
C SER G 390 9.05 45.54 -28.35
N GLY G 391 9.20 45.55 -27.03
CA GLY G 391 8.80 46.70 -26.25
C GLY G 391 8.45 46.33 -24.83
N ASN G 392 8.89 47.15 -23.88
CA ASN G 392 8.70 46.85 -22.48
C ASN G 392 7.26 47.16 -22.09
N LEU G 393 6.98 47.18 -20.79
CA LEU G 393 5.60 47.29 -20.33
C LEU G 393 4.98 48.61 -20.76
N GLU G 394 5.69 49.73 -20.60
CA GLU G 394 5.05 51.02 -20.84
C GLU G 394 5.04 51.39 -22.31
N GLY G 395 6.19 51.79 -22.85
CA GLY G 395 6.24 52.13 -24.26
C GLY G 395 7.58 51.96 -24.96
N GLU G 396 8.61 51.55 -24.22
CA GLU G 396 9.97 51.72 -24.70
C GLU G 396 10.45 50.46 -25.42
N ILE G 397 11.59 50.60 -26.10
CA ILE G 397 12.13 49.55 -26.95
C ILE G 397 13.14 48.76 -26.14
N ASP G 398 12.66 47.76 -25.42
CA ASP G 398 13.51 46.90 -24.61
C ASP G 398 13.82 45.61 -25.35
N ILE G 399 14.92 44.97 -24.97
CA ILE G 399 15.42 43.77 -25.62
C ILE G 399 15.33 42.62 -24.63
N SER G 400 14.55 41.60 -24.98
CA SER G 400 14.38 40.42 -24.15
C SER G 400 14.90 39.20 -24.89
N SER G 401 15.40 38.23 -24.14
CA SER G 401 16.04 37.05 -24.72
C SER G 401 15.39 35.79 -24.16
N TYR G 402 15.53 34.70 -24.92
CA TYR G 402 14.99 33.41 -24.54
C TYR G 402 15.82 32.31 -25.19
N GLN G 403 15.45 31.07 -24.91
CA GLN G 403 15.87 29.96 -25.76
C GLN G 403 15.00 28.75 -25.46
N VAL G 404 14.70 27.97 -26.49
CA VAL G 404 13.72 26.90 -26.35
C VAL G 404 14.29 25.75 -25.54
N SER G 405 13.41 25.09 -24.79
CA SER G 405 13.83 24.00 -23.92
C SER G 405 14.07 22.73 -24.71
N THR G 406 14.60 21.71 -24.03
CA THR G 406 14.97 20.49 -24.71
C THR G 406 13.77 19.80 -25.33
N GLU G 407 12.63 19.81 -24.64
CA GLU G 407 11.45 19.12 -25.15
C GLU G 407 11.10 19.61 -26.55
N ALA G 408 11.07 20.93 -26.75
CA ALA G 408 10.78 21.45 -28.07
C ALA G 408 11.84 21.01 -29.08
N GLU G 409 13.10 21.00 -28.66
CA GLU G 409 14.16 20.57 -29.56
C GLU G 409 14.07 19.09 -29.89
N ALA G 410 13.36 18.31 -29.09
CA ALA G 410 13.12 16.90 -29.38
C ALA G 410 11.80 16.66 -30.09
N LEU G 411 11.01 17.72 -30.32
CA LEU G 411 9.75 17.60 -31.05
C LEU G 411 9.90 18.04 -32.51
N VAL G 412 10.53 19.19 -32.75
CA VAL G 412 10.70 19.66 -34.12
C VAL G 412 11.51 18.65 -34.92
N THR G 413 12.49 18.02 -34.29
CA THR G 413 13.24 16.97 -34.97
C THR G 413 12.32 15.82 -35.37
N ALA G 414 11.40 15.43 -34.48
CA ALA G 414 10.41 14.42 -34.82
C ALA G 414 9.24 14.99 -35.61
N ASP G 415 9.18 16.31 -35.77
CA ASP G 415 8.20 16.95 -36.65
C ASP G 415 6.77 16.75 -36.15
N MET G 416 6.59 16.81 -34.83
CA MET G 416 5.28 16.68 -34.22
C MET G 416 4.61 18.02 -33.95
N ILE G 417 5.21 19.13 -34.40
CA ILE G 417 4.71 20.46 -34.10
C ILE G 417 4.62 21.27 -35.38
N SER G 418 3.72 22.25 -35.39
CA SER G 418 3.59 23.16 -36.52
C SER G 418 2.88 24.41 -36.03
N GLY G 419 3.01 25.48 -36.81
CA GLY G 419 2.44 26.75 -36.42
C GLY G 419 0.92 26.71 -36.38
N SER G 420 0.35 27.65 -35.63
CA SER G 420 -1.09 27.75 -35.47
C SER G 420 -1.53 29.19 -35.62
N THR G 421 -2.79 29.39 -36.03
CA THR G 421 -3.29 30.74 -36.23
C THR G 421 -3.27 31.53 -34.93
N PHE G 422 -3.61 30.89 -33.82
CA PHE G 422 -3.40 31.51 -32.53
C PHE G 422 -1.89 31.74 -32.34
N PRO G 423 -1.50 32.84 -31.72
CA PRO G 423 -0.06 33.12 -31.60
C PRO G 423 0.65 32.14 -30.67
N SER G 424 0.13 31.99 -29.45
CA SER G 424 0.82 31.18 -28.46
C SER G 424 0.65 29.69 -28.73
N MET G 425 -0.56 29.26 -29.08
CA MET G 425 -0.82 27.85 -29.28
C MET G 425 0.01 27.32 -30.44
N ALA G 426 0.61 26.15 -30.24
CA ALA G 426 1.37 25.47 -31.28
C ALA G 426 0.58 24.25 -31.73
N TYR G 427 0.25 24.21 -33.02
CA TYR G 427 -0.57 23.12 -33.53
C TYR G 427 0.19 21.81 -33.47
N ILE G 428 -0.53 20.74 -33.15
CA ILE G 428 0.04 19.40 -32.98
C ILE G 428 -0.52 18.52 -34.08
N ASN G 429 0.34 18.13 -35.01
CA ASN G 429 -0.11 17.32 -36.14
C ASN G 429 -0.18 15.85 -35.74
N ASP G 430 -0.88 15.08 -36.57
CA ASP G 430 -1.33 13.74 -36.23
C ASP G 430 -0.47 12.69 -36.94
N THR G 431 -0.79 11.43 -36.68
CA THR G 431 -0.01 10.30 -37.18
C THR G 431 -0.15 10.16 -38.69
N THR G 432 0.93 9.70 -39.33
CA THR G 432 0.90 9.42 -40.76
C THR G 432 1.62 8.12 -41.09
N ASP G 433 1.53 7.13 -40.22
CA ASP G 433 2.16 5.82 -40.42
C ASP G 433 3.67 5.94 -40.61
N GLU G 434 4.26 7.07 -40.20
CA GLU G 434 5.71 7.24 -40.22
C GLU G 434 6.18 7.73 -38.86
N ARG G 435 5.32 8.46 -38.16
CA ARG G 435 5.62 8.99 -36.84
C ARG G 435 4.45 8.71 -35.91
N TYR G 436 4.76 8.58 -34.62
CA TYR G 436 3.75 8.32 -33.60
C TYR G 436 3.76 9.51 -32.65
N VAL G 437 2.62 10.20 -32.56
CA VAL G 437 2.50 11.40 -31.75
C VAL G 437 1.74 11.04 -30.47
N PRO G 438 2.36 11.12 -29.29
CA PRO G 438 1.62 10.87 -28.06
C PRO G 438 0.70 12.02 -27.70
N GLU G 439 0.06 11.95 -26.53
CA GLU G 439 -0.84 13.00 -26.07
C GLU G 439 -0.09 13.95 -25.16
N ILE G 440 -0.22 15.25 -25.41
CA ILE G 440 0.51 16.29 -24.69
C ILE G 440 -0.43 16.90 -23.64
N PHE G 441 0.03 16.93 -22.40
CA PHE G 441 -0.77 17.40 -21.27
C PHE G 441 -0.19 18.70 -20.71
N TYR G 442 -1.05 19.45 -20.02
CA TYR G 442 -0.64 20.66 -19.34
C TYR G 442 -1.75 21.14 -18.41
N MET G 443 -1.42 21.45 -17.16
CA MET G 443 -2.44 21.85 -16.21
C MET G 443 -2.92 23.26 -16.52
N LYS G 444 -4.25 23.42 -16.60
CA LYS G 444 -4.87 24.71 -16.84
C LYS G 444 -6.00 24.91 -15.84
N SER G 445 -6.19 26.15 -15.41
CA SER G 445 -7.32 26.46 -14.56
C SER G 445 -8.61 26.19 -15.31
N ASN G 446 -9.52 25.46 -14.67
CA ASN G 446 -10.76 25.07 -15.33
C ASN G 446 -11.74 26.23 -15.33
N GLU G 447 -12.81 26.07 -16.12
CA GLU G 447 -13.85 27.10 -16.16
C GLU G 447 -14.49 27.28 -14.79
N TYR G 448 -14.79 26.17 -14.10
CA TYR G 448 -15.42 26.25 -12.79
C TYR G 448 -14.48 26.79 -11.72
N GLY G 449 -13.18 26.85 -12.01
CA GLY G 449 -12.23 27.44 -11.07
C GLY G 449 -11.46 26.42 -10.26
N ILE G 450 -11.06 25.32 -10.90
CA ILE G 450 -10.28 24.29 -10.24
C ILE G 450 -9.20 23.79 -11.20
N THR G 451 -8.00 23.61 -10.68
CA THR G 451 -6.91 23.09 -11.50
C THR G 451 -7.23 21.69 -11.96
N VAL G 452 -6.87 21.37 -13.20
CA VAL G 452 -7.16 20.07 -13.77
C VAL G 452 -6.29 19.86 -15.00
N LYS G 453 -5.85 18.62 -15.20
CA LYS G 453 -5.10 18.30 -16.39
C LYS G 453 -5.94 18.54 -17.64
N GLU G 454 -5.29 18.47 -18.79
CA GLU G 454 -5.99 18.63 -20.07
C GLU G 454 -5.11 18.15 -21.21
N ASN G 455 -5.66 17.30 -22.08
CA ASN G 455 -4.93 16.80 -23.23
C ASN G 455 -5.20 17.76 -24.39
N ALA G 456 -4.15 18.43 -24.86
CA ALA G 456 -4.28 19.42 -25.92
C ALA G 456 -4.57 18.71 -27.23
N LYS G 457 -5.83 18.66 -27.62
CA LYS G 457 -6.20 17.96 -28.84
C LYS G 457 -5.92 18.82 -30.06
N PRO G 458 -6.42 20.06 -30.14
CA PRO G 458 -6.13 20.88 -31.32
C PRO G 458 -4.76 21.53 -31.29
N ALA G 459 -4.31 21.95 -30.12
CA ALA G 459 -3.01 22.60 -29.96
C ALA G 459 -2.79 22.90 -28.49
N PHE G 460 -1.53 23.11 -28.13
CA PHE G 460 -1.13 23.34 -26.75
C PHE G 460 -0.34 24.64 -26.63
N PRO G 461 -0.38 25.28 -25.46
CA PRO G 461 0.42 26.50 -25.27
C PRO G 461 1.91 26.21 -25.39
N VAL G 462 2.63 27.17 -25.95
CA VAL G 462 4.06 27.02 -26.21
C VAL G 462 4.89 27.78 -25.18
N ASP G 463 4.29 28.20 -24.08
CA ASP G 463 5.02 28.88 -23.02
C ASP G 463 5.68 27.91 -22.04
N TYR G 464 5.53 26.62 -22.26
CA TYR G 464 6.24 25.60 -21.48
C TYR G 464 7.56 25.20 -22.10
N LEU G 465 7.91 25.74 -23.26
CA LEU G 465 9.13 25.34 -23.96
C LEU G 465 10.23 26.39 -23.86
N LEU G 466 10.04 27.46 -23.10
CA LEU G 466 10.99 28.55 -23.02
C LEU G 466 11.81 28.48 -21.75
N VAL G 467 13.08 28.87 -21.85
CA VAL G 467 13.90 29.20 -20.69
C VAL G 467 14.45 30.59 -20.94
N THR G 468 14.28 31.47 -19.96
CA THR G 468 14.57 32.89 -20.12
C THR G 468 15.95 33.23 -19.58
N LEU G 469 16.63 34.14 -20.26
CA LEU G 469 17.96 34.59 -19.90
C LEU G 469 17.88 36.04 -19.40
N THR G 470 19.05 36.63 -19.15
CA THR G 470 19.14 38.00 -18.65
C THR G 470 20.19 38.74 -19.46
N HIS G 471 19.77 39.74 -20.23
CA HIS G 471 20.71 40.53 -21.02
C HIS G 471 21.38 41.56 -20.12
N GLY G 472 22.05 42.53 -20.72
CA GLY G 472 22.70 43.57 -19.95
C GLY G 472 23.93 44.13 -20.62
N PHE G 473 24.08 45.45 -20.62
CA PHE G 473 25.20 46.09 -21.27
C PHE G 473 26.25 46.49 -20.25
N PRO G 474 27.53 46.32 -20.55
CA PRO G 474 28.56 46.70 -19.58
C PRO G 474 28.56 48.20 -19.37
N ASN G 475 28.84 48.61 -18.14
CA ASN G 475 28.85 50.02 -17.80
C ASN G 475 29.92 50.73 -18.63
N THR G 476 29.60 51.93 -19.08
CA THR G 476 30.57 52.70 -19.86
C THR G 476 31.75 53.17 -19.03
N ASP G 477 31.67 53.05 -17.70
CA ASP G 477 32.76 53.43 -16.82
C ASP G 477 33.85 52.37 -16.73
N THR G 478 33.61 51.17 -17.26
CA THR G 478 34.61 50.11 -17.28
C THR G 478 35.12 49.82 -18.69
N GLU G 479 34.25 49.85 -19.69
CA GLU G 479 34.66 49.67 -21.08
C GLU G 479 35.63 48.51 -21.22
N THR G 480 36.90 48.76 -20.89
CA THR G 480 37.97 47.75 -20.84
C THR G 480 37.86 46.87 -22.09
N ASN G 481 37.87 45.54 -21.96
CA ASN G 481 37.93 44.65 -23.12
C ASN G 481 36.80 44.90 -24.10
N SER G 482 37.14 44.98 -25.38
CA SER G 482 36.16 45.06 -26.46
C SER G 482 36.86 44.69 -27.76
N LYS G 483 36.47 43.58 -28.39
CA LYS G 483 37.24 43.05 -29.50
C LYS G 483 37.31 44.02 -30.67
N PHE G 484 36.34 44.92 -30.81
CA PHE G 484 36.33 45.92 -31.87
C PHE G 484 36.11 47.29 -31.25
N VAL G 485 36.85 48.29 -31.75
CA VAL G 485 36.82 49.62 -31.15
C VAL G 485 35.55 50.36 -31.55
N SER G 486 35.37 50.61 -32.84
CA SER G 486 34.20 51.32 -33.35
C SER G 486 33.40 50.38 -34.24
N SER G 487 32.08 50.57 -34.23
CA SER G 487 31.15 49.68 -34.92
C SER G 487 30.42 50.33 -36.07
N THR G 488 29.75 51.47 -35.84
CA THR G 488 28.85 52.06 -36.82
C THR G 488 29.57 53.22 -37.52
N GLY G 489 30.31 52.90 -38.58
CA GLY G 489 30.91 53.91 -39.42
C GLY G 489 30.98 53.53 -40.88
N PHE G 490 30.36 52.40 -41.23
CA PHE G 490 30.51 51.82 -42.57
C PHE G 490 29.26 51.04 -42.88
N PRO G 491 28.81 51.03 -44.13
CA PRO G 491 27.58 50.29 -44.46
C PRO G 491 27.71 48.82 -44.10
N TRP G 492 26.62 48.25 -43.60
CA TRP G 492 26.64 46.88 -43.12
C TRP G 492 26.40 45.92 -44.28
N SER G 493 26.18 44.64 -43.96
CA SER G 493 26.23 43.58 -44.95
C SER G 493 25.19 43.73 -46.06
N ASN G 494 23.90 43.65 -45.71
CA ASN G 494 22.87 43.61 -46.73
C ASN G 494 21.87 44.76 -46.57
N ARG G 495 22.37 45.96 -46.33
CA ARG G 495 21.50 47.13 -46.24
C ARG G 495 21.40 47.83 -47.59
N GLN G 496 21.04 47.06 -48.62
CA GLN G 496 20.80 47.63 -49.92
C GLN G 496 19.39 48.18 -50.07
N ALA G 497 18.48 47.78 -49.17
CA ALA G 497 17.14 48.35 -49.20
C ALA G 497 17.18 49.84 -48.92
N MET G 498 17.99 50.26 -47.97
CA MET G 498 18.24 51.68 -47.75
C MET G 498 19.21 52.18 -48.83
N GLY G 499 19.65 53.41 -48.71
CA GLY G 499 20.52 53.99 -49.71
C GLY G 499 21.99 53.70 -49.54
N GLN G 500 22.37 52.92 -48.54
CA GLN G 500 23.79 52.68 -48.23
C GLN G 500 24.13 51.24 -48.60
N SER G 501 24.67 51.06 -49.81
CA SER G 501 25.19 49.79 -50.26
C SER G 501 26.70 49.91 -50.40
N GLN G 502 27.44 49.09 -49.66
CA GLN G 502 28.89 49.20 -49.64
C GLN G 502 29.47 48.98 -51.03
N ASP G 503 30.37 49.86 -51.44
CA ASP G 503 31.02 49.78 -52.74
C ASP G 503 32.33 50.56 -52.67
N TYR G 504 32.94 50.81 -53.83
CA TYR G 504 34.27 51.40 -53.84
C TYR G 504 34.26 52.88 -53.45
N GLN G 505 33.20 53.61 -53.78
CA GLN G 505 33.17 55.03 -53.46
C GLN G 505 33.21 55.25 -51.95
N GLU G 506 32.43 54.45 -51.20
CA GLU G 506 32.41 54.61 -49.75
C GLU G 506 33.77 54.30 -49.15
N LEU G 507 34.37 53.19 -49.59
CA LEU G 507 35.69 52.84 -49.09
C LEU G 507 36.70 53.93 -49.43
N LYS G 508 36.64 54.44 -50.65
CA LYS G 508 37.53 55.51 -51.08
C LYS G 508 37.40 56.67 -50.11
N LYS G 509 36.22 57.28 -50.07
CA LYS G 509 36.01 58.39 -49.15
C LYS G 509 36.60 58.08 -47.79
N TYR G 510 36.03 57.08 -47.12
CA TYR G 510 36.32 56.78 -45.73
C TYR G 510 37.82 56.56 -45.51
N LEU G 511 38.34 55.48 -46.09
CA LEU G 511 39.70 55.07 -45.77
C LEU G 511 40.74 56.01 -46.36
N PHE G 512 40.59 56.41 -47.63
CA PHE G 512 41.59 57.26 -48.23
C PHE G 512 41.67 58.61 -47.52
N ASN G 513 40.52 59.22 -47.22
CA ASN G 513 40.56 60.49 -46.51
C ASN G 513 41.21 60.33 -45.14
N VAL G 514 40.89 59.26 -44.42
CA VAL G 514 41.49 59.09 -43.10
C VAL G 514 43.00 58.86 -43.20
N ALA G 515 43.42 58.03 -44.16
CA ALA G 515 44.81 57.62 -44.26
C ALA G 515 45.71 58.48 -45.13
N SER G 516 45.18 59.58 -45.69
CA SER G 516 46.03 60.47 -46.48
C SER G 516 47.24 60.92 -45.69
N SER G 517 47.08 61.14 -44.39
CA SER G 517 48.20 61.55 -43.54
C SER G 517 49.01 60.35 -43.09
N GLY G 518 48.38 59.44 -42.34
CA GLY G 518 49.05 58.24 -41.87
C GLY G 518 49.18 58.14 -40.36
N ASP G 519 48.24 58.74 -39.63
CA ASP G 519 48.24 58.64 -38.17
C ASP G 519 47.91 57.20 -37.79
N PHE G 520 48.93 56.45 -37.39
CA PHE G 520 48.75 55.01 -37.20
C PHE G 520 47.71 54.69 -36.14
N ASN G 521 47.73 55.40 -35.03
CA ASN G 521 46.75 55.12 -33.98
C ASN G 521 45.33 55.33 -34.49
N LEU G 522 45.10 56.43 -35.19
CA LEU G 522 43.79 56.69 -35.75
C LEU G 522 43.41 55.65 -36.80
N LEU G 523 44.36 55.26 -37.64
CA LEU G 523 44.08 54.26 -38.66
C LEU G 523 43.65 52.96 -38.02
N HIS G 524 44.37 52.51 -36.99
CA HIS G 524 43.98 51.29 -36.29
C HIS G 524 42.62 51.44 -35.65
N GLU G 525 42.37 52.58 -34.99
CA GLU G 525 41.05 52.80 -34.41
C GLU G 525 39.95 52.74 -35.46
N LYS G 526 40.30 53.05 -36.72
CA LYS G 526 39.29 53.10 -37.77
C LYS G 526 39.11 51.77 -38.50
N ILE G 527 40.12 50.91 -38.53
CA ILE G 527 40.02 49.67 -39.31
C ILE G 527 39.69 48.50 -38.39
N SER G 528 39.07 48.77 -37.25
CA SER G 528 38.62 47.72 -36.35
C SER G 528 37.14 47.38 -36.52
N ASN G 529 36.50 47.90 -37.57
CA ASN G 529 35.11 47.60 -37.82
C ASN G 529 34.96 46.21 -38.40
N PHE G 530 34.05 45.42 -37.83
CA PHE G 530 33.82 44.07 -38.32
C PHE G 530 33.48 44.09 -39.80
N HIS G 531 32.48 44.88 -40.17
CA HIS G 531 32.05 44.91 -41.56
C HIS G 531 33.12 45.51 -42.46
N LEU G 532 33.89 46.48 -41.96
CA LEU G 532 34.90 47.11 -42.80
C LEU G 532 35.92 46.07 -43.29
N LEU G 533 36.53 45.35 -42.35
CA LEU G 533 37.55 44.39 -42.75
C LEU G 533 36.93 43.18 -43.44
N LEU G 534 35.70 42.82 -43.06
CA LEU G 534 35.02 41.74 -43.78
C LEU G 534 34.87 42.10 -45.25
N TYR G 535 34.42 43.33 -45.54
CA TYR G 535 34.28 43.77 -46.92
C TYR G 535 35.62 43.86 -47.61
N ILE G 536 36.65 44.34 -46.90
CA ILE G 536 37.97 44.43 -47.52
C ILE G 536 38.42 43.05 -47.98
N ASN G 537 38.23 42.03 -47.13
CA ASN G 537 38.55 40.67 -47.54
C ASN G 537 37.71 40.26 -48.73
N SER G 538 36.41 40.56 -48.70
CA SER G 538 35.55 40.21 -49.83
C SER G 538 35.99 40.92 -51.11
N LEU G 539 36.76 41.98 -50.99
CA LEU G 539 37.28 42.68 -52.17
C LEU G 539 38.32 41.84 -52.90
N GLN G 540 38.91 40.86 -52.24
CA GLN G 540 39.91 39.97 -52.83
C GLN G 540 41.03 40.78 -53.48
N ILE G 541 41.74 41.52 -52.65
CA ILE G 541 42.85 42.35 -53.11
C ILE G 541 44.06 42.16 -52.21
N LEU G 542 43.88 41.51 -51.07
CA LEU G 542 44.95 41.29 -50.10
C LEU G 542 45.32 39.81 -50.07
N SER G 543 46.62 39.54 -50.00
CA SER G 543 47.08 38.16 -49.94
C SER G 543 46.71 37.53 -48.61
N PRO G 544 46.56 36.20 -48.56
CA PRO G 544 46.03 35.57 -47.34
C PRO G 544 46.80 35.93 -46.08
N ASP G 545 48.13 35.94 -46.14
CA ASP G 545 48.91 36.36 -44.98
C ASP G 545 48.68 37.84 -44.68
N GLU G 546 48.56 38.65 -45.74
CA GLU G 546 48.22 40.06 -45.53
C GLU G 546 46.95 40.19 -44.72
N TRP G 547 45.90 39.47 -45.11
CA TRP G 547 44.64 39.57 -44.39
C TRP G 547 44.75 39.01 -42.99
N LYS G 548 45.53 37.94 -42.82
CA LYS G 548 45.73 37.38 -41.48
C LYS G 548 46.33 38.42 -40.54
N LEU G 549 47.42 39.05 -40.97
CA LEU G 549 48.03 40.06 -40.11
C LEU G 549 47.15 41.30 -39.98
N LEU G 550 46.33 41.58 -41.00
CA LEU G 550 45.40 42.70 -40.90
C LEU G 550 44.38 42.47 -39.79
N ILE G 551 43.76 41.28 -39.78
CA ILE G 551 42.78 41.00 -38.73
C ILE G 551 43.48 40.95 -37.38
N GLU G 552 44.71 40.44 -37.35
CA GLU G 552 45.46 40.43 -36.09
C GLU G 552 45.63 41.85 -35.57
N SER G 553 46.06 42.78 -36.43
CA SER G 553 46.26 44.15 -36.00
C SER G 553 44.96 44.79 -35.57
N ALA G 554 43.88 44.56 -36.33
CA ALA G 554 42.62 45.23 -36.03
C ALA G 554 41.91 44.64 -34.82
N VAL G 555 42.25 43.43 -34.41
CA VAL G 555 41.53 42.73 -33.36
C VAL G 555 42.30 42.64 -32.05
N LYS G 556 43.63 42.61 -32.09
CA LYS G 556 44.42 42.33 -30.91
C LYS G 556 45.29 43.53 -30.57
N ASN G 557 45.69 43.60 -29.30
CA ASN G 557 46.62 44.61 -28.84
C ASN G 557 47.98 44.37 -29.46
N GLU G 558 48.95 45.21 -29.09
CA GLU G 558 50.26 45.20 -29.71
C GLU G 558 50.15 45.38 -31.22
N TRP G 559 49.12 46.11 -31.64
CA TRP G 559 48.86 46.30 -33.07
C TRP G 559 49.89 47.17 -33.75
N GLU G 560 50.71 47.90 -32.98
CA GLU G 560 51.65 48.83 -33.60
C GLU G 560 52.58 48.12 -34.57
N GLU G 561 53.18 47.01 -34.13
CA GLU G 561 54.07 46.26 -35.01
C GLU G 561 53.32 45.73 -36.22
N SER G 562 52.19 45.06 -35.99
CA SER G 562 51.44 44.49 -37.09
C SER G 562 50.91 45.59 -38.02
N LEU G 563 50.42 46.69 -37.44
CA LEU G 563 49.91 47.78 -38.27
C LEU G 563 51.01 48.36 -39.15
N LEU G 564 52.18 48.59 -38.57
CA LEU G 564 53.29 49.13 -39.35
C LEU G 564 53.70 48.17 -40.46
N LYS G 565 53.81 46.88 -40.13
CA LYS G 565 54.19 45.89 -41.14
C LYS G 565 53.17 45.86 -42.26
N LEU G 566 51.88 45.90 -41.92
CA LEU G 566 50.84 45.88 -42.95
C LEU G 566 50.94 47.10 -43.85
N VAL G 567 50.98 48.29 -43.25
CA VAL G 567 50.99 49.50 -44.08
C VAL G 567 52.24 49.54 -44.95
N SER G 568 53.32 48.91 -44.49
CA SER G 568 54.53 48.83 -45.31
C SER G 568 54.44 47.74 -46.37
N SER G 569 53.46 46.84 -46.29
CA SER G 569 53.40 45.72 -47.22
C SER G 569 53.03 46.19 -48.62
N ALA G 570 53.22 45.31 -49.59
CA ALA G 570 52.93 45.64 -50.98
C ALA G 570 51.42 45.63 -51.26
N GLY G 571 50.70 44.64 -50.72
CA GLY G 571 49.27 44.56 -51.01
C GLY G 571 48.52 45.77 -50.52
N TRP G 572 48.84 46.25 -49.32
CA TRP G 572 48.18 47.43 -48.80
C TRP G 572 48.47 48.66 -49.66
N GLN G 573 49.71 48.81 -50.10
CA GLN G 573 50.05 49.94 -50.96
C GLN G 573 49.29 49.87 -52.28
N THR G 574 49.20 48.68 -52.88
CA THR G 574 48.42 48.54 -54.10
C THR G 574 46.97 48.88 -53.86
N LEU G 575 46.41 48.42 -52.75
CA LEU G 575 45.01 48.71 -52.44
C LEU G 575 44.78 50.21 -52.31
N VAL G 576 45.64 50.90 -51.56
CA VAL G 576 45.44 52.32 -51.35
C VAL G 576 45.62 53.08 -52.66
N MET G 577 46.55 52.65 -53.50
CA MET G 577 46.72 53.33 -54.78
C MET G 577 45.51 53.16 -55.67
N ILE G 578 45.02 51.92 -55.82
CA ILE G 578 43.84 51.69 -56.65
C ILE G 578 42.65 52.45 -56.10
N LEU G 579 42.56 52.53 -54.78
CA LEU G 579 41.50 53.32 -54.17
C LEU G 579 41.63 54.79 -54.54
N GLN G 580 42.85 55.33 -54.48
CA GLN G 580 43.06 56.73 -54.80
C GLN G 580 42.64 57.04 -56.23
N GLU G 581 43.16 56.27 -57.20
CA GLU G 581 42.89 56.59 -58.59
C GLU G 581 41.41 56.53 -58.91
N SER G 582 40.66 55.66 -58.24
CA SER G 582 39.24 55.51 -58.51
C SER G 582 38.51 56.81 -58.18
N GLY G 583 37.47 57.10 -58.96
CA GLY G 583 36.67 58.29 -58.77
C GLY G 583 35.60 58.09 -57.71
N LEU H 230 -6.55 52.79 -37.31
CA LEU H 230 -5.34 52.50 -36.55
C LEU H 230 -4.18 52.21 -37.51
N ASP H 231 -3.98 50.93 -37.83
CA ASP H 231 -2.92 50.53 -38.75
C ASP H 231 -3.28 49.19 -39.38
N PRO H 232 -3.30 49.08 -40.71
CA PRO H 232 -3.64 47.79 -41.32
C PRO H 232 -2.70 46.67 -40.89
N SER H 233 -1.43 46.99 -40.63
CA SER H 233 -0.43 45.96 -40.38
C SER H 233 -0.42 45.47 -38.94
N VAL H 234 -1.13 46.14 -38.03
CA VAL H 234 -1.19 45.72 -36.64
C VAL H 234 -2.47 44.96 -36.32
N LEU H 235 -3.33 44.72 -37.31
CA LEU H 235 -4.57 43.99 -37.12
C LEU H 235 -4.66 42.76 -38.02
N GLY H 236 -3.53 42.21 -38.44
CA GLY H 236 -3.55 41.08 -39.34
C GLY H 236 -4.16 41.41 -40.68
N GLN H 237 -3.87 42.61 -41.21
CA GLN H 237 -4.43 43.04 -42.49
C GLN H 237 -3.41 43.68 -43.40
N GLY H 238 -2.23 44.06 -42.93
CA GLY H 238 -1.21 44.65 -43.77
C GLY H 238 -0.56 43.63 -44.68
N SER H 239 0.68 43.87 -45.06
CA SER H 239 1.38 42.94 -45.93
C SER H 239 1.62 41.62 -45.21
N MET H 240 1.58 40.54 -45.99
CA MET H 240 1.85 39.19 -45.50
C MET H 240 0.71 38.66 -44.65
N SER H 241 -0.30 39.48 -44.37
CA SER H 241 -1.56 38.98 -43.84
C SER H 241 -2.58 38.75 -44.94
N THR H 242 -2.24 39.09 -46.18
CA THR H 242 -3.07 38.76 -47.33
C THR H 242 -2.40 37.77 -48.27
N ARG H 243 -1.07 37.82 -48.39
CA ARG H 243 -0.36 36.76 -49.11
C ARG H 243 -0.56 35.43 -48.43
N ILE H 244 -0.43 35.40 -47.10
CA ILE H 244 -0.84 34.27 -46.28
C ILE H 244 -2.21 34.62 -45.75
N ASP H 245 -3.26 34.03 -46.33
CA ASP H 245 -4.61 34.51 -46.05
C ASP H 245 -4.99 34.15 -44.63
N TYR H 246 -4.41 34.87 -43.67
CA TYR H 246 -4.66 34.58 -42.26
C TYR H 246 -6.13 34.70 -41.92
N ALA H 247 -6.77 35.77 -42.40
CA ALA H 247 -8.19 35.97 -42.10
C ALA H 247 -9.03 34.82 -42.64
N GLY H 248 -8.76 34.41 -43.88
CA GLY H 248 -9.52 33.32 -44.45
C GLY H 248 -9.35 32.03 -43.67
N ILE H 249 -8.13 31.70 -43.28
CA ILE H 249 -7.89 30.47 -42.53
C ILE H 249 -8.61 30.53 -41.19
N ALA H 250 -8.47 31.65 -40.49
CA ALA H 250 -9.11 31.77 -39.18
C ALA H 250 -10.62 31.63 -39.29
N ASN H 251 -11.23 32.28 -40.28
CA ASN H 251 -12.68 32.17 -40.44
C ASN H 251 -13.10 30.76 -40.83
N SER H 252 -12.36 30.13 -41.75
CA SER H 252 -12.74 28.81 -42.22
C SER H 252 -12.68 27.80 -41.09
N SER H 253 -11.67 27.91 -40.23
CA SER H 253 -11.53 26.92 -39.15
C SER H 253 -12.77 26.91 -38.27
N ARG H 254 -13.30 28.09 -37.92
CA ARG H 254 -14.50 28.16 -37.11
C ARG H 254 -15.77 27.86 -37.90
N ASN H 255 -15.76 28.10 -39.21
CA ASN H 255 -16.91 27.77 -40.04
C ASN H 255 -17.09 26.27 -40.21
N LYS H 256 -16.11 25.47 -39.80
CA LYS H 256 -16.22 24.02 -39.97
C LYS H 256 -17.39 23.45 -39.18
N LEU H 257 -17.59 23.92 -37.94
CA LEU H 257 -18.60 23.34 -37.07
C LEU H 257 -20.01 23.50 -37.61
N SER H 258 -20.24 24.49 -38.47
CA SER H 258 -21.51 24.65 -39.17
C SER H 258 -21.39 24.26 -40.64
N LYS H 259 -20.50 23.32 -40.94
CA LYS H 259 -20.28 22.87 -42.31
C LYS H 259 -21.38 21.90 -42.72
N PHE H 260 -21.78 21.99 -43.98
CA PHE H 260 -22.80 21.09 -44.53
C PHE H 260 -22.92 21.27 -46.04
N MET H 283 -16.75 41.54 -39.51
CA MET H 283 -15.43 41.91 -39.98
C MET H 283 -14.46 42.08 -38.82
N LYS H 284 -13.99 40.95 -38.29
CA LYS H 284 -13.01 41.00 -37.20
C LYS H 284 -12.45 39.60 -37.00
N ILE H 285 -11.17 39.56 -36.60
CA ILE H 285 -10.47 38.31 -36.31
C ILE H 285 -10.08 38.33 -34.84
N THR H 286 -10.43 37.26 -34.13
CA THR H 286 -10.21 37.19 -32.70
C THR H 286 -9.66 35.81 -32.36
N PHE H 287 -9.61 35.52 -31.07
CA PHE H 287 -9.00 34.29 -30.54
C PHE H 287 -10.04 33.44 -29.83
N ASP H 288 -11.21 33.29 -30.44
CA ASP H 288 -12.27 32.45 -29.92
C ASP H 288 -12.46 31.24 -30.85
N GLY H 289 -12.62 30.07 -30.25
CA GLY H 289 -12.80 28.85 -31.02
C GLY H 289 -11.59 27.94 -30.95
N GLU H 290 -11.09 27.52 -32.10
CA GLU H 290 -9.95 26.63 -32.17
C GLU H 290 -8.96 27.13 -33.21
N PRO H 291 -7.66 26.89 -33.01
CA PRO H 291 -6.68 27.30 -34.01
C PRO H 291 -6.72 26.40 -35.24
N ALA H 292 -6.27 26.97 -36.35
CA ALA H 292 -6.08 26.22 -37.58
C ALA H 292 -4.65 25.70 -37.64
N LYS H 293 -4.23 25.20 -38.80
CA LYS H 293 -2.86 24.74 -39.01
C LYS H 293 -2.20 25.73 -39.97
N LEU H 294 -1.59 26.77 -39.39
CA LEU H 294 -0.92 27.82 -40.16
C LEU H 294 0.53 27.42 -40.33
N ASP H 295 0.79 26.52 -41.27
CA ASP H 295 2.13 25.95 -41.47
C ASP H 295 2.84 26.76 -42.54
N LEU H 296 3.64 27.72 -42.10
CA LEU H 296 4.50 28.46 -43.02
C LEU H 296 5.76 27.66 -43.32
N PRO H 297 6.35 27.85 -44.49
CA PRO H 297 7.60 27.13 -44.81
C PRO H 297 8.73 27.55 -43.90
N GLU H 298 9.92 26.95 -44.09
CA GLU H 298 11.07 27.31 -43.28
C GLU H 298 11.48 28.75 -43.55
N GLY H 299 12.00 29.39 -42.50
CA GLY H 299 12.56 30.72 -42.65
C GLY H 299 11.59 31.75 -43.18
N GLN H 300 10.39 31.80 -42.61
CA GLN H 300 9.41 32.81 -42.98
C GLN H 300 8.56 33.11 -41.74
N LEU H 301 8.97 34.13 -41.00
CA LEU H 301 8.31 34.51 -39.77
C LEU H 301 7.13 35.42 -40.06
N PHE H 302 6.15 35.42 -39.16
CA PHE H 302 4.92 36.17 -39.35
C PHE H 302 4.55 36.83 -38.03
N PHE H 303 4.41 38.16 -38.05
CA PHE H 303 4.12 38.94 -36.85
C PHE H 303 2.74 39.60 -36.91
N GLY H 304 1.88 39.14 -37.80
CA GLY H 304 0.60 39.77 -38.05
C GLY H 304 -0.54 39.36 -37.14
N PHE H 305 -0.28 38.55 -36.13
CA PHE H 305 -1.32 38.20 -35.20
C PHE H 305 -1.87 39.49 -34.59
N PRO H 306 -3.19 39.66 -34.50
CA PRO H 306 -3.73 40.90 -33.92
C PRO H 306 -3.24 41.12 -32.49
N MET H 307 -3.03 42.38 -32.16
CA MET H 307 -2.58 42.73 -30.82
C MET H 307 -3.67 42.47 -29.79
N VAL H 308 -3.27 42.46 -28.52
CA VAL H 308 -4.20 42.29 -27.42
C VAL H 308 -3.94 43.33 -26.33
N LEU H 309 -2.80 44.01 -26.40
CA LEU H 309 -2.46 45.06 -25.44
C LEU H 309 -2.32 44.50 -24.03
N PRO H 310 -1.63 45.20 -23.13
CA PRO H 310 -1.50 44.70 -21.76
C PRO H 310 -2.82 44.72 -21.02
N LYS H 311 -2.86 43.96 -19.92
CA LYS H 311 -4.09 43.78 -19.15
C LYS H 311 -4.38 44.94 -18.21
N GLU H 312 -3.44 45.86 -18.03
CA GLU H 312 -3.66 47.01 -17.16
C GLU H 312 -3.94 46.56 -15.73
N ASP H 313 -5.21 46.45 -15.37
CA ASP H 313 -5.61 46.07 -14.02
C ASP H 313 -6.18 44.66 -14.00
N ILE I 13 2.61 0.86 2.37
CA ILE I 13 3.08 1.98 1.57
C ILE I 13 2.02 2.37 0.54
N THR I 14 1.87 3.67 0.31
CA THR I 14 0.91 4.19 -0.65
C THR I 14 1.66 4.88 -1.78
N LEU I 15 1.34 4.50 -3.01
CA LEU I 15 1.99 5.10 -4.17
C LEU I 15 1.58 6.56 -4.31
N GLU I 16 2.53 7.37 -4.78
CA GLU I 16 2.31 8.80 -4.95
C GLU I 16 2.85 9.24 -6.31
N VAL I 17 2.30 10.34 -6.81
CA VAL I 17 2.62 10.85 -8.14
C VAL I 17 2.85 12.35 -8.05
N GLU I 18 3.51 12.89 -9.07
CA GLU I 18 3.87 14.30 -9.14
C GLU I 18 2.81 15.07 -9.91
N SER I 19 3.12 16.33 -10.21
CA SER I 19 2.24 17.17 -10.99
C SER I 19 3.00 18.42 -11.42
N SER I 20 2.72 18.88 -12.63
CA SER I 20 3.36 20.07 -13.17
C SER I 20 2.71 21.32 -12.57
N ASP I 21 3.02 22.49 -13.12
CA ASP I 21 2.53 23.75 -12.61
C ASP I 21 1.58 24.39 -13.61
N THR I 22 0.48 24.94 -13.09
CA THR I 22 -0.54 25.55 -13.94
C THR I 22 0.10 26.55 -14.89
N ILE I 23 -0.55 26.76 -16.04
CA ILE I 23 0.05 27.59 -17.08
C ILE I 23 0.21 29.03 -16.61
N ASP I 24 -0.81 29.55 -15.92
CA ASP I 24 -0.77 30.97 -15.55
C ASP I 24 0.45 31.28 -14.68
N ASN I 25 0.81 30.37 -13.78
CA ASN I 25 2.00 30.58 -12.97
C ASN I 25 3.25 30.64 -13.84
N VAL I 26 3.33 29.77 -14.85
CA VAL I 26 4.48 29.81 -15.74
C VAL I 26 4.53 31.14 -16.50
N LYS I 27 3.39 31.57 -17.02
CA LYS I 27 3.34 32.86 -17.72
C LYS I 27 3.86 33.97 -16.82
N SER I 28 3.38 34.01 -15.57
CA SER I 28 3.83 35.05 -14.66
C SER I 28 5.32 34.94 -14.39
N LYS I 29 5.82 33.72 -14.18
CA LYS I 29 7.22 33.55 -13.85
C LYS I 29 8.13 34.01 -14.97
N ILE I 30 7.75 33.73 -16.23
CA ILE I 30 8.58 34.12 -17.35
C ILE I 30 8.75 35.64 -17.39
N GLN I 31 7.69 36.37 -17.07
CA GLN I 31 7.70 37.83 -17.13
C GLN I 31 8.20 38.37 -15.79
N ASP I 32 9.51 38.55 -15.69
CA ASP I 32 10.10 39.16 -14.50
C ASP I 32 11.50 39.65 -14.86
N LYS I 33 12.08 40.40 -13.93
CA LYS I 33 13.43 40.94 -14.08
C LYS I 33 14.33 40.18 -13.12
N GLU I 34 15.02 39.16 -13.65
CA GLU I 34 15.85 38.30 -12.82
C GLU I 34 16.94 39.08 -12.10
N GLY I 35 17.30 40.26 -12.59
CA GLY I 35 18.27 41.09 -11.91
C GLY I 35 19.66 40.99 -12.49
N ILE I 36 20.23 42.13 -12.85
CA ILE I 36 21.58 42.21 -13.40
C ILE I 36 22.55 42.52 -12.27
N PRO I 37 23.80 42.06 -12.33
CA PRO I 37 24.78 42.49 -11.33
C PRO I 37 24.91 44.01 -11.35
N PRO I 38 25.09 44.65 -10.19
CA PRO I 38 25.05 46.12 -10.15
C PRO I 38 26.08 46.79 -11.05
N ASP I 39 27.05 46.05 -11.57
CA ASP I 39 28.11 46.63 -12.40
C ASP I 39 27.68 46.88 -13.83
N GLN I 40 26.49 46.41 -14.24
CA GLN I 40 26.04 46.51 -15.62
C GLN I 40 24.71 47.25 -15.68
N GLN I 41 24.44 47.85 -16.83
CA GLN I 41 23.21 48.58 -17.08
C GLN I 41 22.35 47.80 -18.07
N ARG I 42 21.10 48.25 -18.20
CA ARG I 42 20.16 47.63 -19.12
C ARG I 42 19.80 48.49 -20.33
N LEU I 43 19.91 49.81 -20.21
CA LEU I 43 19.68 50.71 -21.35
C LEU I 43 18.26 50.58 -21.87
N ILE I 44 17.81 51.57 -22.64
CA ILE I 44 16.41 51.61 -23.06
C ILE I 44 16.28 51.72 -24.58
N PHE I 45 17.08 52.58 -25.20
CA PHE I 45 16.95 52.88 -26.63
C PHE I 45 15.68 53.66 -26.92
N ALA I 46 15.58 54.24 -28.10
CA ALA I 46 14.39 54.94 -28.54
C ALA I 46 14.45 55.13 -30.05
N GLY I 47 13.31 55.44 -30.64
CA GLY I 47 13.25 55.58 -32.08
C GLY I 47 12.02 56.33 -32.54
N LYS I 48 12.03 56.66 -33.83
CA LYS I 48 10.94 57.40 -34.46
C LYS I 48 10.72 58.75 -33.78
N GLN I 49 11.76 59.59 -33.90
CA GLN I 49 11.70 60.95 -33.36
C GLN I 49 10.49 61.70 -33.87
N LEU I 50 10.06 61.43 -35.11
CA LEU I 50 8.89 62.07 -35.67
C LEU I 50 7.73 61.09 -35.80
N MET J 1 8.47 40.60 -74.74
CA MET J 1 7.53 41.62 -74.27
C MET J 1 7.01 41.27 -72.88
N GLN J 2 7.80 41.56 -71.85
CA GLN J 2 7.39 41.28 -70.48
C GLN J 2 8.42 41.88 -69.53
N ILE J 3 8.11 41.80 -68.24
CA ILE J 3 8.95 42.35 -67.19
C ILE J 3 9.09 41.32 -66.07
N PHE J 4 10.14 41.47 -65.27
CA PHE J 4 10.32 40.64 -64.09
C PHE J 4 10.57 41.55 -62.90
N VAL J 5 10.26 41.03 -61.71
CA VAL J 5 10.44 41.75 -60.46
C VAL J 5 11.22 40.84 -59.53
N LYS J 6 12.48 41.18 -59.28
CA LYS J 6 13.34 40.40 -58.40
C LYS J 6 13.33 41.02 -57.02
N THR J 7 13.15 40.20 -55.99
CA THR J 7 13.16 40.66 -54.62
C THR J 7 14.50 40.37 -53.97
N LEU J 8 14.84 41.17 -52.96
CA LEU J 8 16.16 41.05 -52.35
C LEU J 8 16.43 39.63 -51.87
N THR J 9 15.39 38.90 -51.48
CA THR J 9 15.60 37.54 -50.99
C THR J 9 16.16 36.64 -52.09
N GLY J 10 15.69 36.81 -53.32
CA GLY J 10 16.14 36.01 -54.44
C GLY J 10 15.00 35.60 -55.34
N LYS J 11 13.82 35.45 -54.76
CA LYS J 11 12.61 35.12 -55.51
C LYS J 11 12.42 36.10 -56.66
N THR J 12 11.67 35.68 -57.69
CA THR J 12 11.35 36.55 -58.81
C THR J 12 9.89 36.35 -59.20
N ILE J 13 9.30 37.41 -59.77
CA ILE J 13 7.95 37.39 -60.29
C ILE J 13 8.03 37.80 -61.76
N THR J 14 7.07 37.33 -62.55
CA THR J 14 7.02 37.62 -63.98
C THR J 14 5.68 38.25 -64.32
N LEU J 15 5.73 39.35 -65.07
CA LEU J 15 4.55 40.07 -65.50
C LEU J 15 4.58 40.24 -67.01
N GLU J 16 3.40 40.23 -67.61
CA GLU J 16 3.21 40.56 -69.02
C GLU J 16 2.52 41.92 -69.11
N VAL J 17 3.13 42.85 -69.84
CA VAL J 17 2.69 44.24 -69.85
C VAL J 17 2.60 44.72 -71.29
N GLU J 18 1.85 45.80 -71.47
CA GLU J 18 1.88 46.57 -72.70
C GLU J 18 3.15 47.42 -72.74
N SER J 19 3.62 47.71 -73.94
CA SER J 19 4.91 48.39 -74.08
C SER J 19 4.92 49.74 -73.38
N SER J 20 3.79 50.45 -73.39
CA SER J 20 3.74 51.82 -72.89
C SER J 20 2.92 51.94 -71.60
N ASP J 21 2.95 50.90 -70.77
CA ASP J 21 2.22 50.95 -69.51
C ASP J 21 2.81 52.04 -68.61
N THR J 22 2.15 52.27 -67.48
CA THR J 22 2.52 53.33 -66.54
C THR J 22 2.83 52.74 -65.18
N ILE J 23 3.81 53.35 -64.50
CA ILE J 23 4.34 52.79 -63.26
C ILE J 23 3.28 52.68 -62.20
N ASP J 24 2.30 53.58 -62.20
CA ASP J 24 1.19 53.46 -61.27
C ASP J 24 0.42 52.16 -61.49
N ASN J 25 0.18 51.80 -62.76
CA ASN J 25 -0.48 50.53 -63.05
C ASN J 25 0.38 49.35 -62.64
N VAL J 26 1.70 49.45 -62.79
CA VAL J 26 2.59 48.37 -62.38
C VAL J 26 2.51 48.18 -60.87
N LYS J 27 2.54 49.28 -60.11
CA LYS J 27 2.43 49.18 -58.67
C LYS J 27 1.09 48.56 -58.28
N SER J 28 0.01 48.99 -58.93
CA SER J 28 -1.30 48.41 -58.64
C SER J 28 -1.32 46.91 -58.93
N LYS J 29 -0.75 46.49 -60.06
CA LYS J 29 -0.74 45.08 -60.41
C LYS J 29 0.05 44.26 -59.39
N ILE J 30 1.22 44.74 -59.00
CA ILE J 30 2.03 44.00 -58.04
C ILE J 30 1.33 43.94 -56.69
N GLN J 31 0.70 45.03 -56.27
CA GLN J 31 -0.09 44.99 -55.04
C GLN J 31 -1.19 43.95 -55.14
N ASP J 32 -1.87 43.89 -56.28
CA ASP J 32 -2.92 42.90 -56.45
C ASP J 32 -2.36 41.49 -56.32
N LYS J 33 -1.20 41.24 -56.93
CA LYS J 33 -0.68 39.89 -57.03
C LYS J 33 0.18 39.46 -55.85
N GLU J 34 0.48 40.35 -54.91
CA GLU J 34 1.41 40.01 -53.85
C GLU J 34 0.99 40.50 -52.47
N GLY J 35 -0.18 41.09 -52.31
CA GLY J 35 -0.61 41.52 -51.00
C GLY J 35 0.34 42.52 -50.38
N ILE J 36 0.71 43.55 -51.15
CA ILE J 36 1.70 44.53 -50.73
C ILE J 36 1.22 45.91 -51.16
N PRO J 37 1.03 46.86 -50.25
CA PRO J 37 0.46 48.14 -50.64
C PRO J 37 1.30 48.80 -51.71
N PRO J 38 0.70 49.60 -52.58
CA PRO J 38 1.44 50.15 -53.72
C PRO J 38 2.30 51.35 -53.34
N ASP J 39 1.82 52.17 -52.41
CA ASP J 39 2.58 53.35 -52.02
C ASP J 39 3.88 52.97 -51.33
N GLN J 40 3.85 51.95 -50.46
CA GLN J 40 5.06 51.52 -49.79
C GLN J 40 6.13 51.10 -50.78
N GLN J 41 5.74 50.53 -51.90
CA GLN J 41 6.69 49.93 -52.83
C GLN J 41 7.76 50.93 -53.23
N ARG J 42 8.86 50.38 -53.76
CA ARG J 42 9.89 51.15 -54.42
C ARG J 42 10.54 50.24 -55.46
N LEU J 43 10.79 50.78 -56.64
CA LEU J 43 11.32 50.01 -57.76
C LEU J 43 12.71 50.52 -58.11
N ILE J 44 13.58 49.61 -58.52
CA ILE J 44 14.96 49.95 -58.87
C ILE J 44 15.26 49.33 -60.23
N PHE J 45 15.84 50.13 -61.13
CA PHE J 45 16.26 49.66 -62.44
C PHE J 45 17.70 50.09 -62.67
N ALA J 46 18.64 49.16 -62.47
CA ALA J 46 20.06 49.43 -62.67
C ALA J 46 20.52 50.61 -61.83
N GLY J 47 20.02 50.71 -60.60
CA GLY J 47 20.44 51.72 -59.66
C GLY J 47 19.77 53.07 -59.81
N LYS J 48 18.82 53.21 -60.72
CA LYS J 48 18.12 54.47 -60.94
C LYS J 48 16.70 54.35 -60.42
N GLN J 49 16.27 55.34 -59.65
CA GLN J 49 14.92 55.31 -59.08
C GLN J 49 13.88 55.42 -60.19
N LEU J 50 12.74 54.76 -59.97
CA LEU J 50 11.63 54.78 -60.92
C LEU J 50 10.50 55.60 -60.30
N GLU J 51 10.33 56.81 -60.80
CA GLU J 51 9.27 57.68 -60.29
C GLU J 51 7.91 57.16 -60.75
N ASP J 52 6.87 57.60 -60.05
CA ASP J 52 5.52 57.16 -60.38
C ASP J 52 5.04 57.73 -61.71
N GLY J 53 5.01 59.06 -61.81
CA GLY J 53 4.43 59.71 -62.97
C GLY J 53 5.28 59.66 -64.21
N ARG J 54 5.47 58.46 -64.76
CA ARG J 54 6.17 58.31 -66.03
C ARG J 54 5.74 57.00 -66.67
N THR J 55 6.08 56.85 -67.95
CA THR J 55 5.74 55.68 -68.73
C THR J 55 7.00 54.86 -69.00
N LEU J 56 6.84 53.53 -68.98
CA LEU J 56 8.01 52.65 -69.11
C LEU J 56 8.74 52.85 -70.42
N SER J 57 8.10 53.46 -71.42
CA SER J 57 8.79 53.71 -72.68
C SER J 57 9.95 54.69 -72.48
N ASP J 58 9.75 55.73 -71.67
CA ASP J 58 10.78 56.76 -71.52
C ASP J 58 11.95 56.29 -70.67
N TYR J 59 11.73 55.35 -69.75
CA TYR J 59 12.79 54.88 -68.87
C TYR J 59 13.85 54.07 -69.61
N ASN J 60 13.69 53.84 -70.91
CA ASN J 60 14.58 53.05 -71.74
C ASN J 60 14.36 51.57 -71.49
N ILE J 61 13.37 51.19 -70.67
CA ILE J 61 13.19 49.79 -70.31
C ILE J 61 12.99 48.98 -71.57
N GLN J 62 13.93 48.08 -71.84
CA GLN J 62 13.76 47.11 -72.91
C GLN J 62 13.07 45.87 -72.35
N LYS J 63 12.32 45.19 -73.22
CA LYS J 63 11.54 44.04 -72.77
C LYS J 63 12.47 42.95 -72.25
N GLU J 64 11.90 41.86 -71.74
CA GLU J 64 12.63 40.82 -71.03
C GLU J 64 13.70 41.44 -70.13
N SER J 65 13.27 42.41 -69.32
CA SER J 65 14.12 43.09 -68.36
C SER J 65 13.45 43.03 -66.99
N THR J 66 14.27 43.17 -65.95
CA THR J 66 13.82 42.96 -64.58
C THR J 66 14.09 44.20 -63.74
N LEU J 67 13.06 44.67 -63.04
CA LEU J 67 13.22 45.62 -61.96
C LEU J 67 13.44 44.88 -60.65
N HIS J 68 13.89 45.62 -59.64
CA HIS J 68 14.06 45.08 -58.30
C HIS J 68 13.07 45.77 -57.37
N LEU J 69 12.55 45.00 -56.41
CA LEU J 69 11.56 45.50 -55.48
C LEU J 69 12.21 45.80 -54.13
N VAL J 70 11.76 46.89 -53.50
CA VAL J 70 12.19 47.29 -52.17
C VAL J 70 11.02 47.97 -51.49
N LEU J 71 11.10 48.16 -50.18
CA LEU J 71 10.03 48.77 -49.41
C LEU J 71 10.58 49.81 -48.45
N ARG J 72 9.91 50.96 -48.37
CA ARG J 72 10.25 52.00 -47.39
C ARG J 72 8.96 52.71 -47.02
N LEU J 73 8.33 52.28 -45.93
CA LEU J 73 7.11 52.92 -45.49
C LEU J 73 7.35 54.40 -45.28
N ARG J 74 6.41 55.22 -45.73
CA ARG J 74 6.57 56.66 -45.67
C ARG J 74 6.83 57.10 -44.24
N GLY J 75 7.86 57.93 -44.06
CA GLY J 75 8.26 58.34 -42.73
C GLY J 75 9.20 57.34 -42.10
N GLY J 76 8.69 56.14 -41.81
CA GLY J 76 9.51 55.07 -41.25
C GLY J 76 9.20 54.80 -39.80
N MET K 1 52.22 30.87 -67.98
CA MET K 1 52.94 32.06 -68.41
C MET K 1 51.97 33.09 -68.96
N GLN K 2 51.15 33.66 -68.08
CA GLN K 2 50.19 34.69 -68.46
C GLN K 2 50.14 35.75 -67.38
N ILE K 3 49.40 36.82 -67.66
CA ILE K 3 49.22 37.96 -66.78
C ILE K 3 47.74 38.16 -66.55
N PHE K 4 47.35 38.33 -65.30
CA PHE K 4 45.95 38.49 -64.92
C PHE K 4 45.63 39.97 -64.79
N VAL K 5 44.36 40.31 -65.01
CA VAL K 5 43.90 41.69 -64.96
C VAL K 5 42.53 41.68 -64.28
N LYS K 6 42.47 42.15 -63.04
CA LYS K 6 41.24 42.14 -62.28
C LYS K 6 40.43 43.39 -62.60
N THR K 7 39.22 43.20 -63.10
CA THR K 7 38.28 44.30 -63.24
C THR K 7 37.57 44.54 -61.91
N LEU K 8 37.25 45.80 -61.65
CA LEU K 8 36.75 46.18 -60.33
C LEU K 8 35.53 45.38 -59.86
N THR K 9 34.62 45.05 -60.79
CA THR K 9 33.38 44.38 -60.44
C THR K 9 33.52 42.87 -60.32
N GLY K 10 34.75 42.36 -60.17
CA GLY K 10 34.99 40.95 -60.03
C GLY K 10 35.33 40.23 -61.32
N LYS K 11 35.00 40.82 -62.47
CA LYS K 11 35.38 40.22 -63.74
C LYS K 11 36.89 40.19 -63.85
N THR K 12 37.40 39.15 -64.51
CA THR K 12 38.83 38.95 -64.67
C THR K 12 39.17 38.76 -66.14
N ILE K 13 40.38 39.16 -66.51
CA ILE K 13 40.92 39.00 -67.85
C ILE K 13 42.27 38.33 -67.73
N THR K 14 42.68 37.63 -68.79
CA THR K 14 43.99 37.00 -68.85
C THR K 14 44.63 37.30 -70.19
N LEU K 15 45.93 37.55 -70.17
CA LEU K 15 46.67 37.95 -71.36
C LEU K 15 47.98 37.20 -71.39
N GLU K 16 48.53 37.02 -72.59
CA GLU K 16 49.81 36.34 -72.76
C GLU K 16 50.64 37.13 -73.77
N VAL K 17 51.85 37.51 -73.35
CA VAL K 17 52.77 38.20 -74.25
C VAL K 17 54.15 38.14 -73.63
N GLU K 18 55.18 38.32 -74.46
CA GLU K 18 56.54 38.37 -73.95
C GLU K 18 56.70 39.54 -72.98
N SER K 19 57.48 39.32 -71.92
CA SER K 19 57.60 40.33 -70.87
C SER K 19 58.11 41.65 -71.43
N SER K 20 59.04 41.60 -72.39
CA SER K 20 59.62 42.83 -72.92
C SER K 20 58.58 43.72 -73.57
N ASP K 21 57.41 43.18 -73.92
CA ASP K 21 56.36 43.99 -74.51
C ASP K 21 56.03 45.17 -73.59
N THR K 22 55.91 46.35 -74.19
CA THR K 22 55.63 47.56 -73.43
C THR K 22 54.19 47.54 -72.94
N ILE K 23 53.79 48.63 -72.29
CA ILE K 23 52.45 48.72 -71.72
C ILE K 23 51.45 49.35 -72.68
N ASP K 24 51.91 50.08 -73.70
CA ASP K 24 50.98 50.61 -74.70
C ASP K 24 50.26 49.46 -75.42
N ASN K 25 51.00 48.42 -75.78
CA ASN K 25 50.38 47.25 -76.38
C ASN K 25 49.40 46.59 -75.41
N VAL K 26 49.73 46.59 -74.11
CA VAL K 26 48.83 46.02 -73.11
C VAL K 26 47.54 46.81 -73.07
N LYS K 27 47.64 48.14 -73.07
CA LYS K 27 46.43 48.97 -73.06
C LYS K 27 45.60 48.73 -74.30
N SER K 28 46.25 48.64 -75.46
CA SER K 28 45.50 48.38 -76.70
C SER K 28 44.82 47.01 -76.63
N LYS K 29 45.53 46.02 -76.11
CA LYS K 29 44.96 44.67 -76.01
C LYS K 29 43.72 44.66 -75.12
N ILE K 30 43.80 45.30 -73.95
CA ILE K 30 42.64 45.33 -73.07
C ILE K 30 41.50 46.12 -73.73
N GLN K 31 41.84 47.26 -74.32
CA GLN K 31 40.84 48.09 -74.99
C GLN K 31 40.07 47.28 -76.03
N ASP K 32 40.78 46.53 -76.87
CA ASP K 32 40.09 45.74 -77.89
C ASP K 32 39.35 44.56 -77.26
N LYS K 33 39.93 43.94 -76.22
CA LYS K 33 39.30 42.79 -75.61
C LYS K 33 37.93 43.14 -75.05
N GLU K 34 37.83 44.29 -74.38
CA GLU K 34 36.56 44.73 -73.82
C GLU K 34 35.93 45.87 -74.62
N GLY K 35 36.58 46.35 -75.67
CA GLY K 35 36.00 47.37 -76.51
C GLY K 35 35.66 48.65 -75.78
N ILE K 36 36.59 49.17 -74.98
CA ILE K 36 36.37 50.39 -74.22
C ILE K 36 37.46 51.39 -74.61
N PRO K 37 37.17 52.70 -74.59
CA PRO K 37 38.14 53.65 -75.13
C PRO K 37 39.43 53.61 -74.35
N PRO K 38 40.56 53.94 -74.98
CA PRO K 38 41.85 53.84 -74.29
C PRO K 38 41.98 54.76 -73.09
N ASP K 39 41.22 55.85 -73.04
CA ASP K 39 41.38 56.86 -72.00
C ASP K 39 40.69 56.48 -70.70
N GLN K 40 40.32 55.22 -70.51
CA GLN K 40 39.65 54.78 -69.30
C GLN K 40 40.41 53.74 -68.51
N GLN K 41 41.21 52.88 -69.15
CA GLN K 41 41.87 51.79 -68.47
C GLN K 41 43.12 52.30 -67.76
N ARG K 42 43.10 52.30 -66.43
CA ARG K 42 44.26 52.63 -65.62
C ARG K 42 44.79 51.36 -64.97
N LEU K 43 46.09 51.12 -65.12
CA LEU K 43 46.72 49.91 -64.61
C LEU K 43 47.31 50.19 -63.24
N ILE K 44 47.01 49.32 -62.28
CA ILE K 44 47.56 49.42 -60.94
C ILE K 44 48.34 48.13 -60.65
N PHE K 45 49.56 48.28 -60.17
CA PHE K 45 50.39 47.15 -59.80
C PHE K 45 51.60 47.60 -58.98
N ALA K 46 51.87 46.93 -57.87
CA ALA K 46 52.98 47.27 -56.99
C ALA K 46 52.87 48.72 -56.51
N GLY K 47 51.64 49.16 -56.28
CA GLY K 47 51.41 50.52 -55.80
C GLY K 47 51.95 51.58 -56.73
N LYS K 48 51.83 51.38 -58.04
CA LYS K 48 52.30 52.34 -59.01
C LYS K 48 51.42 52.29 -60.25
N GLN K 49 50.97 53.45 -60.71
CA GLN K 49 50.29 53.57 -62.00
C GLN K 49 51.36 53.39 -63.07
N LEU K 50 51.39 52.20 -63.69
CA LEU K 50 52.44 51.88 -64.63
C LEU K 50 52.45 52.87 -65.79
N GLU K 51 53.64 53.34 -66.15
CA GLU K 51 53.79 54.26 -67.28
C GLU K 51 53.86 53.46 -68.57
N ASP K 52 53.07 53.87 -69.56
CA ASP K 52 52.92 53.07 -70.77
C ASP K 52 54.25 52.94 -71.51
N GLY K 53 55.04 54.01 -71.55
CA GLY K 53 56.30 53.98 -72.27
C GLY K 53 57.43 53.35 -71.48
N ARG K 54 57.26 52.09 -71.09
CA ARG K 54 58.23 51.38 -70.26
C ARG K 54 58.30 49.93 -70.74
N THR K 55 58.93 49.09 -69.92
CA THR K 55 58.98 47.65 -70.16
C THR K 55 58.81 46.93 -68.83
N LEU K 56 58.41 45.66 -68.91
CA LEU K 56 58.20 44.88 -67.69
C LEU K 56 59.48 44.71 -66.88
N SER K 57 60.64 44.88 -67.51
CA SER K 57 61.90 44.75 -66.77
C SER K 57 62.05 45.75 -65.63
N ASP K 58 61.82 47.04 -65.91
CA ASP K 58 61.94 48.03 -64.85
C ASP K 58 60.89 47.82 -63.77
N TYR K 59 59.65 47.55 -64.18
CA TYR K 59 58.60 47.20 -63.22
C TYR K 59 58.74 45.77 -62.71
N ASN K 60 59.62 44.97 -63.32
CA ASN K 60 59.87 43.61 -62.84
C ASN K 60 58.57 42.83 -62.73
N ILE K 61 57.70 43.00 -63.72
CA ILE K 61 56.40 42.33 -63.71
C ILE K 61 56.61 40.89 -64.18
N GLN K 62 56.91 40.00 -63.24
CA GLN K 62 57.11 38.61 -63.57
C GLN K 62 55.79 37.97 -63.99
N LYS K 63 55.89 36.93 -64.80
CA LYS K 63 54.69 36.27 -65.32
C LYS K 63 53.82 35.61 -64.26
N GLU K 64 52.51 35.64 -64.50
CA GLU K 64 51.43 35.33 -63.57
C GLU K 64 51.09 36.45 -62.59
N SER K 65 51.84 37.54 -62.55
CA SER K 65 51.48 38.69 -61.74
C SER K 65 50.19 39.30 -62.27
N THR K 66 49.39 39.86 -61.37
CA THR K 66 48.08 40.39 -61.70
C THR K 66 48.07 41.91 -61.54
N LEU K 67 47.61 42.60 -62.57
CA LEU K 67 47.32 44.02 -62.51
C LEU K 67 45.85 44.23 -62.21
N HIS K 68 45.50 45.47 -61.86
CA HIS K 68 44.13 45.83 -61.58
C HIS K 68 43.71 46.99 -62.48
N LEU K 69 42.51 46.90 -63.03
CA LEU K 69 42.05 47.83 -64.04
C LEU K 69 41.02 48.78 -63.43
N VAL K 70 41.26 50.08 -63.59
CA VAL K 70 40.35 51.11 -63.12
C VAL K 70 39.75 51.79 -64.34
N LEU K 71 38.42 51.77 -64.42
CA LEU K 71 37.70 52.40 -65.51
C LEU K 71 36.96 53.62 -64.99
N ARG K 72 37.05 54.74 -65.71
CA ARG K 72 36.40 55.98 -65.32
C ARG K 72 34.90 55.81 -65.54
N LEU K 73 34.17 55.51 -64.47
CA LEU K 73 32.76 55.21 -64.55
C LEU K 73 31.91 56.44 -64.28
N ARG K 74 30.64 56.35 -64.68
CA ARG K 74 29.67 57.41 -64.45
C ARG K 74 28.42 56.80 -63.83
N GLY K 75 27.83 57.51 -62.86
CA GLY K 75 26.70 57.01 -62.11
C GLY K 75 25.38 57.34 -62.80
N GLY K 76 24.40 56.46 -62.61
CA GLY K 76 23.09 56.63 -63.21
C GLY K 76 22.95 55.87 -64.53
N MET L 1 70.92 57.87 -22.10
CA MET L 1 72.20 58.04 -22.78
C MET L 1 72.06 57.70 -24.25
N GLN L 2 71.26 56.68 -24.56
CA GLN L 2 70.99 56.28 -25.93
C GLN L 2 69.49 56.28 -26.24
N ILE L 3 69.18 55.87 -27.47
CA ILE L 3 67.81 55.72 -27.93
C ILE L 3 67.69 54.37 -28.61
N PHE L 4 66.59 53.67 -28.33
CA PHE L 4 66.34 52.35 -28.88
C PHE L 4 65.42 52.49 -30.08
N VAL L 5 65.75 51.79 -31.18
CA VAL L 5 64.97 51.85 -32.40
C VAL L 5 64.75 50.44 -32.91
N LYS L 6 63.51 50.12 -33.26
CA LYS L 6 63.15 48.85 -33.85
C LYS L 6 62.83 49.07 -35.33
N THR L 7 63.48 48.30 -36.19
CA THR L 7 63.29 48.46 -37.62
C THR L 7 62.16 47.55 -38.11
N LEU L 8 61.71 47.80 -39.34
CA LEU L 8 60.63 46.99 -39.92
C LEU L 8 60.89 45.49 -39.86
N THR L 9 62.08 45.06 -40.25
CA THR L 9 62.42 43.64 -40.17
C THR L 9 62.49 43.13 -38.75
N GLY L 10 62.57 44.02 -37.76
CA GLY L 10 62.69 43.63 -36.37
C GLY L 10 64.10 43.78 -35.81
N LYS L 11 65.10 43.96 -36.67
CA LYS L 11 66.46 44.15 -36.19
C LYS L 11 66.55 45.40 -35.33
N THR L 12 67.21 45.27 -34.18
CA THR L 12 67.31 46.36 -33.23
C THR L 12 68.45 47.31 -33.62
N ILE L 13 68.36 48.54 -33.11
CA ILE L 13 69.36 49.56 -33.38
C ILE L 13 69.45 50.49 -32.17
N THR L 14 70.65 51.01 -31.94
CA THR L 14 70.92 51.94 -30.85
C THR L 14 71.49 53.23 -31.43
N LEU L 15 70.93 54.36 -31.00
CA LEU L 15 71.33 55.67 -31.50
C LEU L 15 71.81 56.53 -30.33
N GLU L 16 72.67 57.50 -30.63
CA GLU L 16 73.24 58.41 -29.63
C GLU L 16 73.06 59.84 -30.13
N VAL L 17 71.91 60.44 -29.81
CA VAL L 17 71.56 61.77 -30.30
C VAL L 17 71.09 62.70 -29.18
N GLU L 18 71.57 63.94 -29.20
CA GLU L 18 71.18 64.93 -28.21
C GLU L 18 69.66 65.15 -28.13
N SER L 19 69.24 65.77 -27.02
CA SER L 19 67.82 65.91 -26.75
C SER L 19 67.16 66.97 -27.62
N SER L 20 67.82 68.10 -27.84
CA SER L 20 67.20 69.25 -28.48
C SER L 20 67.38 69.29 -29.99
N ASP L 21 68.18 68.40 -30.56
CA ASP L 21 68.48 68.47 -31.97
C ASP L 21 67.37 67.85 -32.80
N THR L 22 67.35 68.19 -34.08
CA THR L 22 66.42 67.57 -35.02
C THR L 22 66.82 66.15 -35.39
N ILE L 23 65.92 65.46 -36.11
CA ILE L 23 65.89 64.16 -36.78
C ILE L 23 66.89 64.11 -37.92
N ASP L 24 67.31 65.27 -38.43
CA ASP L 24 68.28 65.29 -39.51
C ASP L 24 69.59 64.67 -39.08
N ASN L 25 70.14 65.14 -37.96
CA ASN L 25 71.35 64.54 -37.43
C ASN L 25 71.10 63.09 -37.03
N VAL L 26 69.87 62.76 -36.65
CA VAL L 26 69.55 61.37 -36.31
C VAL L 26 69.74 60.46 -37.51
N LYS L 27 69.19 60.85 -38.65
CA LYS L 27 69.36 60.05 -39.86
C LYS L 27 70.82 60.03 -40.29
N SER L 28 71.51 61.16 -40.15
CA SER L 28 72.93 61.21 -40.49
C SER L 28 73.72 60.22 -39.64
N LYS L 29 73.44 60.16 -38.34
CA LYS L 29 74.10 59.18 -37.49
C LYS L 29 73.70 57.75 -37.87
N ILE L 30 72.45 57.56 -38.24
CA ILE L 30 71.98 56.21 -38.59
C ILE L 30 72.77 55.67 -39.78
N GLN L 31 72.84 56.45 -40.86
CA GLN L 31 73.51 56.25 -42.14
C GLN L 31 75.03 56.23 -41.97
N ASP L 32 75.54 56.89 -40.94
CA ASP L 32 76.96 56.74 -40.62
C ASP L 32 77.30 55.43 -39.89
N LYS L 33 76.39 54.95 -39.04
CA LYS L 33 76.67 53.77 -38.23
C LYS L 33 76.14 52.48 -38.86
N GLU L 34 75.44 52.55 -39.98
CA GLU L 34 74.84 51.56 -40.87
C GLU L 34 75.12 51.75 -42.35
N GLY L 35 75.42 52.97 -42.80
CA GLY L 35 75.63 53.20 -44.21
C GLY L 35 74.35 53.32 -45.02
N ILE L 36 73.20 53.24 -44.39
CA ILE L 36 71.92 53.25 -45.11
C ILE L 36 71.65 54.64 -45.69
N PRO L 37 71.19 54.73 -46.94
CA PRO L 37 70.96 56.05 -47.55
C PRO L 37 70.02 56.88 -46.69
N PRO L 38 70.49 57.99 -46.12
CA PRO L 38 69.60 58.81 -45.28
C PRO L 38 68.43 59.39 -46.06
N ASP L 39 68.47 59.38 -47.39
CA ASP L 39 67.39 59.89 -48.21
C ASP L 39 66.14 59.00 -48.30
N GLN L 40 66.04 57.96 -47.47
CA GLN L 40 64.89 57.06 -47.54
C GLN L 40 64.28 56.61 -46.22
N GLN L 41 64.66 57.21 -45.09
CA GLN L 41 64.24 56.74 -43.78
C GLN L 41 63.06 57.54 -43.26
N ARG L 42 62.19 56.85 -42.51
CA ARG L 42 61.05 57.46 -41.84
C ARG L 42 61.03 56.98 -40.40
N LEU L 43 60.80 57.89 -39.47
CA LEU L 43 60.82 57.61 -38.04
C LEU L 43 59.44 57.80 -37.47
N ILE L 44 59.00 56.85 -36.65
CA ILE L 44 57.71 56.92 -35.97
C ILE L 44 57.94 56.71 -34.47
N PHE L 45 57.18 57.43 -33.66
CA PHE L 45 57.27 57.34 -32.20
C PHE L 45 55.87 57.08 -31.68
N ALA L 46 55.64 55.86 -31.19
CA ALA L 46 54.47 55.18 -30.62
C ALA L 46 53.14 55.56 -31.30
N GLY L 47 53.15 55.52 -32.62
CA GLY L 47 51.93 55.74 -33.38
C GLY L 47 51.70 57.18 -33.78
N LYS L 48 52.68 57.78 -34.45
CA LYS L 48 52.52 59.14 -34.94
C LYS L 48 53.61 59.43 -35.96
N GLN L 49 53.23 59.99 -37.10
CA GLN L 49 54.18 60.29 -38.15
C GLN L 49 55.15 61.37 -37.72
N LEU L 50 56.42 61.21 -38.09
CA LEU L 50 57.44 62.22 -37.89
C LEU L 50 58.25 62.39 -39.18
N GLU L 51 58.50 63.64 -39.56
CA GLU L 51 59.26 63.94 -40.77
C GLU L 51 60.76 64.03 -40.53
N ASP L 52 61.51 64.41 -41.58
CA ASP L 52 62.95 64.58 -41.44
C ASP L 52 63.29 65.86 -40.68
N GLY L 53 62.60 66.96 -40.99
CA GLY L 53 62.90 68.24 -40.38
C GLY L 53 62.17 68.46 -39.08
N ARG L 54 62.39 67.59 -38.10
CA ARG L 54 61.74 67.66 -36.80
C ARG L 54 62.79 67.50 -35.72
N THR L 55 62.46 68.01 -34.53
CA THR L 55 63.35 67.95 -33.38
C THR L 55 62.78 67.00 -32.33
N LEU L 56 63.64 66.64 -31.37
CA LEU L 56 63.32 65.63 -30.38
C LEU L 56 62.76 66.23 -29.09
N SER L 57 63.47 67.19 -28.50
CA SER L 57 63.00 67.79 -27.26
C SER L 57 61.66 68.48 -27.46
N ASP L 58 61.52 69.25 -28.55
CA ASP L 58 60.25 69.93 -28.81
C ASP L 58 59.11 68.94 -28.98
N TYR L 59 59.40 67.77 -29.51
CA TYR L 59 58.41 66.71 -29.69
C TYR L 59 58.32 65.79 -28.49
N ASN L 60 59.04 66.10 -27.41
CA ASN L 60 59.05 65.37 -26.14
C ASN L 60 59.89 64.12 -26.22
N ILE L 61 60.68 63.93 -27.27
CA ILE L 61 61.54 62.75 -27.38
C ILE L 61 62.81 62.99 -26.58
N GLN L 62 63.22 61.97 -25.82
CA GLN L 62 64.44 62.03 -25.03
C GLN L 62 65.17 60.70 -25.13
N LYS L 63 66.40 60.67 -24.62
CA LYS L 63 67.20 59.46 -24.65
C LYS L 63 66.60 58.39 -23.74
N GLU L 64 66.95 57.14 -24.04
CA GLU L 64 66.68 55.81 -23.49
C GLU L 64 65.28 55.30 -23.82
N SER L 65 64.62 55.88 -24.81
CA SER L 65 63.37 55.86 -25.56
C SER L 65 63.37 54.72 -26.57
N THR L 66 62.17 54.33 -26.98
CA THR L 66 61.98 53.33 -28.03
C THR L 66 61.10 53.82 -29.17
N LEU L 67 61.60 53.70 -30.39
CA LEU L 67 60.92 54.21 -31.58
C LEU L 67 60.94 53.14 -32.67
N HIS L 68 60.28 53.44 -33.78
CA HIS L 68 60.18 52.53 -34.92
C HIS L 68 60.72 53.20 -36.17
N LEU L 69 61.42 52.44 -36.99
CA LEU L 69 62.04 52.96 -38.20
C LEU L 69 61.56 52.18 -39.42
N VAL L 70 61.37 52.89 -40.53
CA VAL L 70 61.00 52.28 -41.80
C VAL L 70 61.80 53.01 -42.89
N LEU L 71 61.73 52.47 -44.11
CA LEU L 71 62.36 53.08 -45.25
C LEU L 71 61.32 53.53 -46.26
N ARG L 72 61.73 54.42 -47.16
CA ARG L 72 60.90 54.81 -48.31
C ARG L 72 60.93 53.65 -49.31
N LEU L 73 60.24 52.58 -48.92
CA LEU L 73 60.22 51.33 -49.68
C LEU L 73 59.26 51.38 -50.86
N ARG L 74 58.55 52.50 -51.05
CA ARG L 74 57.58 52.59 -52.14
C ARG L 74 58.25 52.41 -53.49
N GLY L 75 59.41 53.03 -53.68
CA GLY L 75 60.10 52.95 -54.96
C GLY L 75 59.37 53.62 -56.09
N GLY L 76 58.74 54.77 -55.83
CA GLY L 76 58.07 55.54 -56.85
C GLY L 76 57.13 54.73 -57.74
PG ATP M . -24.46 -2.67 -15.99
O1G ATP M . -24.24 -2.90 -14.54
O2G ATP M . -23.22 -2.91 -16.85
O3G ATP M . -25.03 -1.28 -16.32
PB ATP M . -26.45 -4.90 -16.07
O1B ATP M . -25.63 -5.98 -15.49
O2B ATP M . -27.54 -4.33 -15.17
O3B ATP M . -25.55 -3.69 -16.57
PA ATP M . -26.77 -5.37 -18.97
O1A ATP M . -25.62 -6.25 -19.24
O2A ATP M . -26.59 -3.91 -19.40
O3A ATP M . -27.15 -5.35 -17.43
O5' ATP M . -28.10 -5.91 -19.63
C5' ATP M . -28.22 -6.00 -21.06
C4' ATP M . -27.58 -7.27 -21.53
O4' ATP M . -28.59 -8.30 -21.42
C3' ATP M . -27.29 -7.21 -23.03
O3' ATP M . -26.52 -8.36 -23.32
C2' ATP M . -28.68 -7.47 -23.61
O2' ATP M . -28.45 -8.11 -24.87
C1' ATP M . -29.15 -8.59 -22.69
N9 ATP M . -30.60 -8.58 -22.54
C8 ATP M . -31.54 -8.51 -23.54
N7 ATP M . -32.77 -8.51 -23.11
C5 ATP M . -32.65 -8.57 -21.73
C6 ATP M . -33.59 -8.59 -20.70
N6 ATP M . -34.92 -8.56 -20.90
N1 ATP M . -33.14 -8.66 -19.43
C2 ATP M . -31.82 -8.70 -19.22
N3 ATP M . -30.83 -8.67 -20.11
C4 ATP M . -31.31 -8.61 -21.36
PB ADP N . -37.49 -31.34 2.88
O1B ADP N . -38.20 -32.08 3.97
O2B ADP N . -37.74 -29.86 2.91
O3B ADP N . -36.03 -31.68 2.81
PA ADP N . -37.94 -31.38 0.03
O1A ADP N . -38.47 -29.99 -0.07
O2A ADP N . -36.52 -31.63 -0.38
O3A ADP N . -38.14 -31.88 1.53
O5' ADP N . -38.91 -32.36 -0.78
C5' ADP N . -38.61 -33.77 -0.82
C4' ADP N . -39.55 -34.44 -1.78
O4' ADP N . -40.86 -34.54 -1.16
C3' ADP N . -39.79 -33.72 -3.12
O3' ADP N . -39.35 -34.53 -4.19
C2' ADP N . -41.30 -33.49 -3.17
O2' ADP N . -41.85 -33.68 -4.46
C1' ADP N . -41.82 -34.55 -2.20
N9 ADP N . -43.11 -34.25 -1.62
C8 ADP N . -44.21 -33.71 -2.26
N7 ADP N . -45.24 -33.56 -1.47
C5 ADP N . -44.80 -34.02 -0.23
C6 ADP N . -45.43 -34.13 1.02
N6 ADP N . -46.69 -33.74 1.26
N1 ADP N . -44.71 -34.63 2.05
C2 ADP N . -43.45 -35.00 1.81
N3 ADP N . -42.75 -34.96 0.68
C4 ADP N . -43.50 -34.45 -0.31
PG ATP O . 4.25 -15.75 -18.91
O1G ATP O . 5.50 -15.06 -18.51
O2G ATP O . 3.48 -15.00 -20.01
O3G ATP O . 3.30 -16.03 -17.74
PB ATP O . 4.28 -18.71 -19.25
O1B ATP O . 4.51 -19.05 -17.84
O2B ATP O . 2.89 -19.03 -19.80
O3B ATP O . 4.56 -17.18 -19.53
PA ATP O . 6.06 -19.05 -21.58
O1A ATP O . 6.51 -17.65 -21.59
O2A ATP O . 5.07 -19.42 -22.69
O3A ATP O . 5.34 -19.40 -20.21
O5' ATP O . 7.26 -20.05 -21.62
C5' ATP O . 7.20 -21.26 -22.41
C4' ATP O . 8.57 -21.90 -22.41
O4' ATP O . 8.39 -23.26 -22.89
C3' ATP O . 9.45 -21.26 -23.47
O3' ATP O . 10.78 -21.72 -23.21
C2' ATP O . 9.01 -21.97 -24.73
O2' ATP O . 10.13 -22.02 -25.59
C1' ATP O . 8.89 -23.40 -24.20
N9 ATP O . 7.91 -24.17 -24.94
C8 ATP O . 8.00 -24.56 -26.25
N7 ATP O . 6.97 -25.25 -26.68
C5 ATP O . 6.14 -25.31 -25.58
C6 ATP O . 4.88 -25.91 -25.37
N6 ATP O . 4.21 -26.58 -26.32
N1 ATP O . 4.32 -25.79 -24.15
C2 ATP O . 4.99 -25.12 -23.20
N3 ATP O . 6.18 -24.52 -23.28
C4 ATP O . 6.70 -24.65 -24.49
PB ADP P . -5.79 -46.42 -1.77
O1B ADP P . -6.69 -47.33 -0.97
O2B ADP P . -6.47 -45.86 -2.99
O3B ADP P . -5.13 -45.37 -0.94
PA ADP P . -3.57 -47.08 -3.52
O1A ADP P . -2.77 -45.87 -3.19
O2A ADP P . -4.32 -47.09 -4.82
O3A ADP P . -4.62 -47.36 -2.35
O5' ADP P . -2.65 -48.38 -3.44
C5' ADP P . -3.29 -49.67 -3.60
C4' ADP P . -2.30 -50.66 -4.13
O4' ADP P . -2.98 -51.92 -4.39
C3' ADP P . -1.64 -50.29 -5.47
O3' ADP P . -0.38 -50.93 -5.61
C2' ADP P . -2.66 -50.88 -6.46
O2' ADP P . -2.13 -51.08 -7.75
C1' ADP P . -2.98 -52.20 -5.77
N9 ADP P . -4.28 -52.75 -6.13
C8 ADP P . -4.88 -52.72 -7.37
N7 ADP P . -6.05 -53.30 -7.39
C5 ADP P . -6.24 -53.74 -6.09
C6 ADP P . -7.30 -54.43 -5.47
N6 ADP P . -8.40 -54.82 -6.09
N1 ADP P . -7.16 -54.73 -4.15
C2 ADP P . -6.05 -54.34 -3.52
N3 ADP P . -5.00 -53.69 -3.99
C4 ADP P . -5.15 -53.41 -5.30
PG ATP Q . 27.43 -9.56 1.02
O1G ATP Q . 27.34 -8.95 -0.34
O2G ATP Q . 26.48 -10.74 1.22
O3G ATP Q . 27.21 -8.56 2.16
PB ATP Q . 29.57 -11.54 1.64
O1B ATP Q . 28.95 -12.17 2.81
O2B ATP Q . 29.61 -12.38 0.37
O3B ATP Q . 28.88 -10.16 1.28
PA ATP Q . 31.86 -9.72 1.99
O1A ATP Q . 31.93 -9.19 3.37
O2A ATP Q . 31.20 -8.79 0.97
O3A ATP Q . 31.07 -11.08 1.94
O5' ATP Q . 33.28 -10.13 1.45
C5' ATP Q . 33.99 -11.26 2.02
C4' ATP Q . 34.73 -10.79 3.24
O4' ATP Q . 35.67 -11.84 3.57
C3' ATP Q . 35.62 -9.62 2.91
O3' ATP Q . 36.14 -9.15 4.15
C2' ATP Q . 36.78 -10.30 2.20
O2' ATP Q . 37.93 -9.50 2.46
C1' ATP Q . 36.97 -11.51 3.11
N9 ATP Q . 37.46 -12.66 2.36
C8 ATP Q . 38.65 -12.76 1.69
N7 ATP Q . 38.85 -13.91 1.10
C5 ATP Q . 37.70 -14.63 1.40
C6 ATP Q . 37.29 -15.94 1.07
N6 ATP Q . 38.01 -16.78 0.33
N1 ATP Q . 36.09 -16.35 1.53
C2 ATP Q . 35.36 -15.51 2.27
N3 ATP Q . 35.65 -14.26 2.65
C4 ATP Q . 36.84 -13.88 2.17
PB ADP R . 21.57 -39.22 20.42
O1B ADP R . 20.73 -39.45 21.64
O2B ADP R . 21.39 -37.84 19.85
O3B ADP R . 21.41 -40.31 19.39
PA ADP R . 24.43 -39.07 20.02
O1A ADP R . 24.46 -37.64 19.58
O2A ADP R . 24.51 -40.14 18.98
O3A ADP R . 23.11 -39.31 20.89
O5' ADP R . 25.57 -39.32 21.11
C5' ADP R . 26.04 -40.68 21.24
C4' ADP R . 27.16 -40.72 22.24
O4' ADP R . 27.71 -42.06 22.26
C3' ADP R . 28.36 -39.81 21.93
O3' ADP R . 29.03 -39.44 23.12
C2' ADP R . 29.21 -40.73 21.06
O2' ADP R . 30.56 -40.32 20.95
C1' ADP R . 29.06 -42.03 21.86
N9 ADP R . 29.36 -43.21 21.08
C8 ADP R . 30.37 -43.37 20.17
N7 ADP R . 30.40 -44.56 19.63
C5 ADP R . 29.34 -45.23 20.20
C6 ADP R . 28.84 -46.54 20.03
N6 ADP R . 29.38 -47.43 19.21
N1 ADP R . 27.75 -46.89 20.77
C2 ADP R . 27.22 -45.99 21.59
N3 ADP R . 27.61 -44.74 21.84
C4 ADP R . 28.68 -44.41 21.10
PG ATP S . 22.86 11.12 24.57
O1G ATP S . 21.82 12.17 24.45
O2G ATP S . 23.86 11.12 23.42
O3G ATP S . 22.29 9.71 24.74
PB ATP S . 24.23 10.58 27.15
O1B ATP S . 23.10 9.98 27.88
O2B ATP S . 25.33 9.62 26.71
O3B ATP S . 23.75 11.36 25.88
PA ATP S . 24.88 13.33 28.02
O1A ATP S . 23.61 13.81 28.60
O2A ATP S . 25.17 13.80 26.60
O3A ATP S . 24.93 11.75 27.98
O5' ATP S . 26.11 13.69 28.94
C5' ATP S . 26.25 13.13 30.27
C4' ATP S . 25.56 14.03 31.26
O4' ATP S . 26.20 13.80 32.53
C3' ATP S . 25.86 15.49 30.97
O3' ATP S . 25.07 16.23 31.90
C2' ATP S . 27.29 15.59 31.50
O2' ATP S . 27.46 16.94 31.91
C1' ATP S . 27.16 14.80 32.80
N9 ATP S . 28.41 14.12 33.12
C8 ATP S . 29.56 14.70 33.57
N7 ATP S . 30.54 13.85 33.79
C5 ATP S . 29.99 12.62 33.48
C6 ATP S . 30.51 11.31 33.49
N6 ATP S . 31.76 11.02 33.87
N1 ATP S . 29.68 10.31 33.12
C2 ATP S . 28.44 10.60 32.75
N3 ATP S . 27.84 11.80 32.69
C4 ATP S . 28.67 12.77 33.06
PB ADP T . 15.88 -16.44 47.19
O1B ADP T . 15.08 -17.65 47.59
O2B ADP T . 16.70 -16.64 45.95
O3B ADP T . 15.03 -15.18 47.13
PA ADP T . 18.14 -15.12 48.44
O1A ADP T . 17.56 -13.73 48.36
O2A ADP T . 19.15 -15.53 47.42
O3A ADP T . 16.94 -16.17 48.38
O5' ADP T . 18.72 -15.37 49.90
C5' ADP T . 19.78 -14.49 50.35
C4' ADP T . 19.59 -14.18 51.82
O4' ADP T . 19.94 -15.35 52.60
C3' ADP T . 20.45 -13.07 52.41
O3' ADP T . 19.95 -11.78 52.10
C2' ADP T . 20.32 -13.40 53.89
O2' ADP T . 19.10 -12.96 54.42
C1' ADP T . 20.39 -14.93 53.87
N9 ADP T . 21.73 -15.46 54.09
C8 ADP T . 22.92 -14.82 53.84
N7 ADP T . 23.96 -15.56 54.13
C5 ADP T . 23.43 -16.75 54.60
C6 ADP T . 24.02 -17.93 55.08
N6 ADP T . 25.34 -18.12 55.16
N1 ADP T . 23.20 -18.93 55.47
C2 ADP T . 21.89 -18.74 55.39
N3 ADP T . 21.21 -17.67 54.96
C4 ADP T . 22.05 -16.70 54.58
PB ADP U . -6.59 25.64 31.12
O1B ADP U . -6.31 24.46 32.00
O2B ADP U . -5.46 25.93 30.16
O3B ADP U . -7.91 25.56 30.43
PA ADP U . -7.56 28.22 31.74
O1A ADP U . -7.16 29.32 32.65
O2A ADP U . -7.48 28.46 30.28
O3A ADP U . -6.71 26.91 32.06
O5' ADP U . -9.03 27.73 32.12
C5' ADP U . -9.38 27.65 33.52
C4' ADP U . -10.57 28.54 33.78
O4' ADP U . -10.67 28.80 35.20
C3' ADP U . -10.52 29.93 33.13
O3' ADP U . -11.84 30.43 32.93
C2' ADP U . -9.81 30.74 34.22
O2' ADP U . -10.02 32.12 34.09
C1' ADP U . -10.52 30.18 35.44
N9 ADP U . -9.78 30.37 36.68
C8 ADP U . -9.70 31.52 37.41
N7 ADP U . -8.97 31.40 38.50
C5 ADP U . -8.55 30.08 38.48
C6 ADP U . -7.76 29.34 39.36
N6 ADP U . -7.22 29.83 40.47
N1 ADP U . -7.54 28.04 39.07
C2 ADP U . -8.08 27.54 37.95
N3 ADP U . -8.85 28.15 37.04
C4 ADP U . -9.05 29.42 37.37
PB ADP V . -14.97 -0.33 53.66
O1B ADP V . -14.94 -1.44 54.66
O2B ADP V . -15.75 -0.67 52.42
O3B ADP V . -13.61 0.24 53.35
PA ADP V . -15.72 2.43 54.17
O1A ADP V . -14.47 2.95 54.80
O2A ADP V . -16.01 2.72 52.74
O3A ADP V . -15.76 0.85 54.40
O5' ADP V . -16.98 2.89 55.06
C5' ADP V . -16.89 2.66 56.48
C4' ADP V . -18.18 3.09 57.13
O4' ADP V . -18.12 2.79 58.54
C3' ADP V . -18.49 4.60 57.08
O3' ADP V . -19.87 4.84 57.23
C2' ADP V . -17.72 5.09 58.31
O2' ADP V . -18.16 6.35 58.77
C1' ADP V . -18.04 3.97 59.29
N9 ADP V . -17.01 3.80 60.31
C8 ADP V . -16.40 4.80 61.03
N7 ADP V . -15.51 4.34 61.87
C5 ADP V . -15.53 2.97 61.70
C6 ADP V . -14.80 1.93 62.30
N6 ADP V . -13.87 2.12 63.24
N1 ADP V . -15.05 0.67 61.88
C2 ADP V . -15.98 0.49 60.94
N3 ADP V . -16.73 1.38 60.31
C4 ADP V . -16.45 2.62 60.73
PG ATP W . -29.34 16.33 8.83
O1G ATP W . -28.89 15.18 8.01
O2G ATP W . -28.66 17.65 8.47
O3G ATP W . -29.19 16.08 10.34
PB ATP W . -32.18 17.00 9.46
O1B ATP W . -32.41 16.09 10.60
O2B ATP W . -32.05 18.48 9.82
O3B ATP W . -30.89 16.60 8.63
PA ATP W . -33.92 17.79 7.22
O1A ATP W . -34.43 16.99 6.09
O2A ATP W . -32.86 18.82 6.86
O3A ATP W . -33.32 16.88 8.37
O5' ATP W . -35.09 18.54 7.96
C5' ATP W . -36.09 17.81 8.72
C4' ATP W . -36.94 17.03 7.76
O4' ATP W . -38.22 16.84 8.42
C3' ATP W . -37.31 17.87 6.56
O3' ATP W . -38.05 17.01 5.69
C2' ATP W . -38.33 18.82 7.16
O2' ATP W . -39.23 19.15 6.11
C1' ATP W . -39.12 17.86 8.05
N9 ATP W . -39.55 18.52 9.27
C8 ATP W . -40.35 19.63 9.38
N7 ATP W . -40.58 20.01 10.61
C5 ATP W . -39.88 19.09 11.37
C6 ATP W . -39.71 18.94 12.76
N6 ATP W . -40.26 19.75 13.67
N1 ATP W . -38.96 17.91 13.20
C2 ATP W . -38.40 17.10 12.30
N3 ATP W . -38.48 17.14 10.97
C4 ATP W . -39.24 18.16 10.57
PB ADP X . -41.44 -7.66 31.22
O1B ADP X . -41.73 -6.51 32.15
O2B ADP X . -40.69 -7.27 29.97
O3B ADP X . -40.93 -8.91 31.91
PA ADP X . -43.14 -8.51 29.16
O1A ADP X . -42.71 -9.95 29.02
O2A ADP X . -42.52 -7.46 28.28
O3A ADP X . -42.91 -8.08 30.69
O5' ADP X . -44.73 -8.44 29.01
C5' ADP X . -45.43 -7.19 29.08
C4' ADP X . -46.92 -7.46 28.94
O4' ADP X . -47.55 -7.49 30.22
C3' ADP X . -47.64 -6.39 28.13
O3' ADP X . -47.95 -6.87 26.82
C2' ADP X . -48.90 -6.07 28.90
O2' ADP X . -50.07 -6.27 28.11
C1' ADP X . -48.89 -7.00 30.11
N9 ADP X . -49.34 -6.34 31.36
C8 ADP X . -50.12 -5.25 31.46
N7 ADP X . -50.34 -4.92 32.76
C5 ADP X . -49.69 -5.83 33.52
C6 ADP X . -49.52 -6.07 34.97
N6 ADP X . -50.09 -5.25 35.89
N1 ADP X . -48.77 -7.14 35.34
C2 ADP X . -48.21 -7.95 34.43
N3 ADP X . -48.33 -7.79 33.10
C4 ADP X . -49.06 -6.76 32.60
ZN ZN Y . 27.20 23.08 12.74
ZN ZN Z . 7.78 -2.53 -30.12
#